data_6J2Y
#
_entry.id   6J2Y
#
_entity_poly.entity_id   1
_entity_poly.type   'polypeptide(L)'
_entity_poly.pdbx_seq_one_letter_code
;MIVYKDVISGDEVVSDALKITPVMEGGEEVPGLFEVDSAMVAVGGGDIDIGCGNAFGGAGDDEGADDATQKENNVSGPSS
FAYTAMPFSSKGEFKSWVKDYVRNVRQALKGSGVAVEDIKKFMEEAPTFVKWLVDKYDDLEFFMSKSMNPDAGLIFSYYK
EGAHCPTFVYVKSGYKVVKFLEHHHHHH
;
_entity_poly.pdbx_strand_id   A
#
# COMPACT_ATOMS: atom_id res chain seq x y z
N MET A 1 -5.13 15.23 -4.46
CA MET A 1 -4.67 14.04 -3.74
C MET A 1 -5.40 12.81 -4.24
N ILE A 2 -4.67 11.95 -4.90
CA ILE A 2 -5.21 10.71 -5.38
C ILE A 2 -4.94 9.69 -4.30
N VAL A 3 -5.94 8.99 -3.88
CA VAL A 3 -5.77 8.04 -2.86
C VAL A 3 -6.37 6.71 -3.27
N TYR A 4 -5.75 5.66 -2.85
CA TYR A 4 -6.21 4.33 -3.12
C TYR A 4 -6.87 3.78 -1.88
N LYS A 5 -8.15 3.57 -1.96
CA LYS A 5 -8.91 3.01 -0.87
C LYS A 5 -9.18 1.55 -1.12
N ASP A 6 -8.87 0.73 -0.15
CA ASP A 6 -9.14 -0.70 -0.21
C ASP A 6 -10.63 -0.96 -0.28
N VAL A 7 -11.02 -1.98 -1.00
CA VAL A 7 -12.43 -2.27 -1.23
C VAL A 7 -13.05 -2.92 0.01
N ILE A 8 -12.23 -3.57 0.81
CA ILE A 8 -12.74 -4.29 1.96
C ILE A 8 -12.94 -3.33 3.14
N SER A 9 -11.91 -2.57 3.45
CA SER A 9 -11.95 -1.64 4.57
C SER A 9 -12.52 -0.28 4.17
N GLY A 10 -12.13 0.21 3.02
CA GLY A 10 -12.48 1.55 2.62
C GLY A 10 -11.42 2.54 3.09
N ASP A 11 -10.35 2.02 3.69
CA ASP A 11 -9.30 2.85 4.23
C ASP A 11 -8.22 3.10 3.21
N GLU A 12 -7.46 4.13 3.47
CA GLU A 12 -6.40 4.59 2.59
C GLU A 12 -5.18 3.67 2.71
N VAL A 13 -4.80 3.06 1.61
CA VAL A 13 -3.63 2.19 1.60
C VAL A 13 -2.37 2.97 1.21
N VAL A 14 -2.56 4.06 0.45
CA VAL A 14 -1.47 4.90 -0.01
C VAL A 14 -2.08 6.09 -0.75
N SER A 15 -1.35 7.19 -0.83
CA SER A 15 -1.78 8.36 -1.53
C SER A 15 -0.68 8.78 -2.50
N ASP A 16 -0.97 9.73 -3.38
CA ASP A 16 -0.01 10.22 -4.40
C ASP A 16 1.11 11.06 -3.78
N ALA A 17 1.01 11.30 -2.48
CA ALA A 17 2.03 12.03 -1.73
C ALA A 17 3.14 11.07 -1.32
N LEU A 18 2.87 9.79 -1.43
CA LEU A 18 3.80 8.74 -1.11
C LEU A 18 4.35 8.15 -2.41
N LYS A 19 5.20 7.15 -2.32
CA LYS A 19 5.78 6.53 -3.51
C LYS A 19 4.81 5.53 -4.14
N ILE A 20 4.45 5.77 -5.38
CA ILE A 20 3.57 4.89 -6.13
C ILE A 20 4.18 4.64 -7.49
N THR A 21 4.60 3.44 -7.74
CA THR A 21 5.14 3.09 -9.03
C THR A 21 4.42 1.87 -9.59
N PRO A 22 4.06 1.87 -10.88
CA PRO A 22 3.47 0.68 -11.51
C PRO A 22 4.49 -0.46 -11.47
N VAL A 23 4.02 -1.69 -11.25
CA VAL A 23 4.91 -2.83 -11.10
C VAL A 23 5.77 -3.05 -12.32
N MET A 24 7.05 -2.84 -12.16
CA MET A 24 7.98 -3.13 -13.21
C MET A 24 8.99 -4.11 -12.67
N GLU A 25 8.90 -5.30 -13.15
CA GLU A 25 9.76 -6.39 -12.77
C GLU A 25 10.90 -6.45 -13.77
N GLY A 26 11.74 -7.47 -13.65
CA GLY A 26 12.88 -7.64 -14.54
C GLY A 26 12.53 -7.74 -16.02
N GLY A 27 12.53 -6.61 -16.69
CA GLY A 27 12.32 -6.55 -18.11
C GLY A 27 10.86 -6.39 -18.54
N GLU A 28 9.93 -6.40 -17.61
CA GLU A 28 8.53 -6.34 -17.99
C GLU A 28 7.69 -5.63 -16.93
N GLU A 29 6.55 -5.10 -17.34
CA GLU A 29 5.65 -4.46 -16.43
C GLU A 29 4.53 -5.43 -16.10
N VAL A 30 3.94 -5.27 -14.97
CA VAL A 30 2.79 -6.06 -14.61
C VAL A 30 1.60 -5.09 -14.47
N PRO A 31 0.60 -5.22 -15.36
CA PRO A 31 -0.55 -4.33 -15.38
C PRO A 31 -1.54 -4.58 -14.24
N GLY A 32 -2.17 -3.50 -13.79
CA GLY A 32 -3.21 -3.58 -12.79
C GLY A 32 -2.70 -3.53 -11.39
N LEU A 33 -1.42 -3.53 -11.23
CA LEU A 33 -0.79 -3.61 -9.94
C LEU A 33 0.27 -2.54 -9.81
N PHE A 34 0.52 -2.10 -8.59
CA PHE A 34 1.58 -1.16 -8.37
C PHE A 34 2.36 -1.55 -7.14
N GLU A 35 3.59 -1.23 -7.16
CA GLU A 35 4.49 -1.59 -6.13
C GLU A 35 5.01 -0.30 -5.51
N VAL A 36 5.25 -0.32 -4.25
CA VAL A 36 5.64 0.86 -3.55
C VAL A 36 7.08 0.79 -3.09
N ASP A 37 7.85 1.76 -3.54
CA ASP A 37 9.25 1.88 -3.21
C ASP A 37 9.46 2.15 -1.74
N SER A 38 10.61 1.79 -1.27
CA SER A 38 11.00 2.13 0.04
C SER A 38 11.91 3.34 -0.05
N ALA A 39 11.70 4.30 0.79
CA ALA A 39 12.55 5.45 0.89
C ALA A 39 12.64 5.80 2.32
N MET A 40 13.84 5.87 2.81
CA MET A 40 14.09 6.01 4.22
C MET A 40 14.28 7.47 4.58
N VAL A 41 13.32 8.00 5.27
CA VAL A 41 13.32 9.38 5.69
C VAL A 41 13.44 9.45 7.21
N ALA A 42 13.97 10.54 7.71
CA ALA A 42 14.05 10.79 9.13
C ALA A 42 12.66 10.96 9.75
N VAL A 43 12.32 10.06 10.60
CA VAL A 43 11.07 10.03 11.33
C VAL A 43 11.32 10.55 12.73
N GLY A 44 10.38 11.37 13.23
CA GLY A 44 10.45 11.86 14.58
C GLY A 44 9.89 10.83 15.52
N GLY A 45 10.70 9.85 15.84
CA GLY A 45 10.27 8.75 16.66
C GLY A 45 10.52 8.99 18.12
N GLY A 46 11.57 9.71 18.45
CA GLY A 46 11.90 10.02 19.82
C GLY A 46 12.69 8.91 20.49
N ASP A 47 12.17 7.67 20.39
CA ASP A 47 12.79 6.45 21.00
C ASP A 47 12.79 6.56 22.50
N ILE A 48 11.73 7.16 23.00
CA ILE A 48 11.56 7.41 24.42
C ILE A 48 11.11 6.14 25.11
N ASP A 49 10.04 5.55 24.59
CA ASP A 49 9.47 4.35 25.15
C ASP A 49 9.95 3.13 24.39
N ILE A 50 10.03 3.26 23.08
CA ILE A 50 10.45 2.15 22.24
C ILE A 50 11.67 2.53 21.44
N GLY A 51 12.75 1.83 21.66
CA GLY A 51 13.93 2.01 20.85
C GLY A 51 13.79 1.18 19.60
N CYS A 52 13.59 1.83 18.49
CA CYS A 52 13.34 1.16 17.23
C CYS A 52 14.62 0.63 16.59
N GLY A 53 14.77 -0.68 16.64
CA GLY A 53 15.93 -1.32 16.09
C GLY A 53 16.99 -1.53 17.13
N ASN A 54 17.58 -0.42 17.57
CA ASN A 54 18.68 -0.40 18.55
C ASN A 54 19.93 -1.07 17.99
N ALA A 55 20.70 -0.30 17.25
CA ALA A 55 21.89 -0.80 16.64
C ALA A 55 23.03 0.19 16.81
N PHE A 56 24.22 -0.34 16.98
CA PHE A 56 25.41 0.47 17.10
C PHE A 56 26.01 0.69 15.73
N GLY A 57 26.13 1.93 15.35
CA GLY A 57 26.68 2.26 14.06
C GLY A 57 28.18 2.37 14.13
N GLY A 58 28.86 1.44 13.49
CA GLY A 58 30.31 1.49 13.45
C GLY A 58 30.80 2.05 12.14
N ALA A 59 30.08 1.72 11.09
CA ALA A 59 30.41 2.19 9.77
C ALA A 59 29.86 3.60 9.58
N GLY A 60 30.66 4.44 9.02
CA GLY A 60 30.25 5.80 8.81
C GLY A 60 31.29 6.74 9.33
N ASP A 61 31.39 6.82 10.63
CA ASP A 61 32.35 7.69 11.29
C ASP A 61 32.59 7.12 12.68
N ASP A 62 33.43 7.74 13.46
CA ASP A 62 33.69 7.26 14.80
C ASP A 62 33.13 8.18 15.85
N GLU A 63 33.68 9.37 15.91
CA GLU A 63 33.32 10.31 16.94
C GLU A 63 32.40 11.42 16.43
N GLY A 64 31.96 11.28 15.21
CA GLY A 64 30.96 12.15 14.67
C GLY A 64 29.80 11.31 14.22
N ALA A 65 29.12 10.73 15.18
CA ALA A 65 28.07 9.77 14.87
C ALA A 65 26.84 9.96 15.76
N ASP A 66 26.63 11.14 16.29
CA ASP A 66 25.43 11.37 17.10
C ASP A 66 24.24 11.57 16.17
N ASP A 67 23.35 10.62 16.19
CA ASP A 67 22.23 10.59 15.28
C ASP A 67 20.95 10.23 16.03
N ALA A 68 19.96 11.09 15.94
CA ALA A 68 18.66 10.84 16.54
C ALA A 68 17.61 10.76 15.44
N THR A 69 18.06 10.55 14.23
CA THR A 69 17.19 10.53 13.12
C THR A 69 16.91 9.11 12.62
N GLN A 70 15.86 8.53 13.13
CA GLN A 70 15.43 7.21 12.71
C GLN A 70 14.99 7.26 11.28
N LYS A 71 15.63 6.50 10.44
CA LYS A 71 15.25 6.49 9.06
C LYS A 71 14.35 5.31 8.84
N GLU A 72 13.17 5.59 8.39
CA GLU A 72 12.17 4.58 8.20
C GLU A 72 11.47 4.94 6.90
N ASN A 73 10.70 4.05 6.36
CA ASN A 73 10.05 4.27 5.09
C ASN A 73 8.93 5.30 5.24
N ASN A 74 8.91 6.21 4.30
CA ASN A 74 7.94 7.33 4.26
C ASN A 74 6.48 6.83 4.14
N VAL A 75 6.32 5.65 3.60
CA VAL A 75 5.01 5.07 3.38
C VAL A 75 4.45 4.46 4.66
N SER A 76 5.33 3.90 5.46
CA SER A 76 4.93 3.30 6.68
C SER A 76 4.78 4.33 7.80
N GLY A 77 5.85 5.10 8.05
CA GLY A 77 5.85 6.20 9.00
C GLY A 77 5.27 5.85 10.39
N PRO A 78 6.09 5.35 11.34
CA PRO A 78 5.63 4.96 12.70
C PRO A 78 4.91 6.08 13.46
N SER A 79 5.27 7.31 13.21
CA SER A 79 4.69 8.45 13.89
C SER A 79 3.48 9.02 13.12
N SER A 80 3.17 8.46 11.95
CA SER A 80 2.09 8.95 11.14
C SER A 80 1.04 7.86 10.84
N PHE A 81 1.38 6.92 9.97
CA PHE A 81 0.43 5.89 9.55
C PHE A 81 0.49 4.71 10.50
N ALA A 82 1.74 4.28 10.80
CA ALA A 82 2.04 3.17 11.73
C ALA A 82 1.47 1.84 11.26
N TYR A 83 2.31 1.04 10.64
CA TYR A 83 1.88 -0.23 10.14
C TYR A 83 2.16 -1.34 11.12
N THR A 84 1.11 -2.02 11.48
CA THR A 84 1.14 -3.11 12.40
C THR A 84 1.28 -4.38 11.56
N ALA A 85 2.17 -5.26 11.95
CA ALA A 85 2.46 -6.44 11.18
C ALA A 85 1.61 -7.63 11.58
N MET A 86 1.41 -8.50 10.63
CA MET A 86 0.69 -9.74 10.79
C MET A 86 1.51 -10.88 10.19
N PRO A 87 1.70 -11.95 10.95
CA PRO A 87 2.44 -13.15 10.51
C PRO A 87 1.59 -14.10 9.67
N PHE A 88 2.23 -15.06 9.01
CA PHE A 88 1.52 -16.11 8.29
C PHE A 88 0.68 -16.90 9.28
N SER A 89 -0.60 -16.81 9.12
CA SER A 89 -1.47 -17.58 9.92
C SER A 89 -1.83 -18.87 9.19
N SER A 90 -2.13 -18.70 7.87
CA SER A 90 -2.54 -19.79 6.96
C SER A 90 -3.80 -20.48 7.51
N LYS A 91 -4.52 -19.73 8.30
CA LYS A 91 -5.66 -20.22 9.02
C LYS A 91 -6.91 -19.98 8.16
N GLY A 92 -8.01 -20.64 8.53
CA GLY A 92 -9.24 -20.58 7.74
C GLY A 92 -9.76 -19.18 7.51
N GLU A 93 -9.69 -18.33 8.53
CA GLU A 93 -10.13 -16.95 8.44
C GLU A 93 -9.34 -16.20 7.37
N PHE A 94 -8.04 -16.44 7.35
CA PHE A 94 -7.14 -15.82 6.38
C PHE A 94 -7.45 -16.31 4.96
N LYS A 95 -7.73 -17.58 4.84
CA LYS A 95 -8.03 -18.17 3.54
C LYS A 95 -9.39 -17.69 3.02
N SER A 96 -10.33 -17.52 3.94
CA SER A 96 -11.64 -16.99 3.62
C SER A 96 -11.50 -15.52 3.18
N TRP A 97 -10.54 -14.83 3.81
CA TRP A 97 -10.22 -13.46 3.48
C TRP A 97 -9.72 -13.37 2.04
N VAL A 98 -8.78 -14.24 1.67
CA VAL A 98 -8.21 -14.28 0.31
C VAL A 98 -9.33 -14.42 -0.74
N LYS A 99 -10.30 -15.28 -0.43
CA LYS A 99 -11.43 -15.51 -1.31
C LYS A 99 -12.25 -14.24 -1.49
N ASP A 100 -12.64 -13.63 -0.38
CA ASP A 100 -13.47 -12.43 -0.40
C ASP A 100 -12.74 -11.21 -0.92
N TYR A 101 -11.44 -11.20 -0.74
CA TYR A 101 -10.58 -10.14 -1.23
C TYR A 101 -10.66 -10.08 -2.75
N VAL A 102 -10.33 -11.20 -3.40
CA VAL A 102 -10.36 -11.28 -4.86
C VAL A 102 -11.81 -11.12 -5.37
N ARG A 103 -12.75 -11.63 -4.58
CA ARG A 103 -14.19 -11.54 -4.85
C ARG A 103 -14.61 -10.09 -4.99
N ASN A 104 -14.36 -9.31 -3.94
CA ASN A 104 -14.78 -7.92 -3.88
C ASN A 104 -13.98 -7.04 -4.80
N VAL A 105 -12.73 -7.41 -5.06
CA VAL A 105 -11.94 -6.71 -6.07
C VAL A 105 -12.61 -6.90 -7.44
N ARG A 106 -12.99 -8.13 -7.75
CA ARG A 106 -13.70 -8.43 -8.99
C ARG A 106 -15.09 -7.77 -9.04
N GLN A 107 -15.64 -7.45 -7.88
CA GLN A 107 -16.92 -6.77 -7.83
C GLN A 107 -16.72 -5.27 -8.07
N ALA A 108 -15.59 -4.75 -7.59
CA ALA A 108 -15.23 -3.34 -7.81
C ALA A 108 -14.98 -3.11 -9.29
N LEU A 109 -14.34 -4.09 -9.93
CA LEU A 109 -14.12 -4.09 -11.37
C LEU A 109 -15.43 -4.03 -12.15
N LYS A 110 -16.45 -4.70 -11.63
CA LYS A 110 -17.79 -4.66 -12.24
C LYS A 110 -18.48 -3.32 -11.99
N GLY A 111 -18.41 -2.87 -10.75
CA GLY A 111 -19.09 -1.65 -10.30
C GLY A 111 -18.46 -0.36 -10.80
N SER A 112 -17.38 -0.46 -11.55
CA SER A 112 -16.70 0.70 -12.06
C SER A 112 -17.50 1.38 -13.20
N GLY A 113 -18.39 0.58 -13.84
CA GLY A 113 -19.23 1.08 -14.92
C GLY A 113 -18.46 1.48 -16.17
N VAL A 114 -17.33 0.85 -16.38
CA VAL A 114 -16.48 1.15 -17.53
C VAL A 114 -17.03 0.46 -18.81
N ALA A 115 -16.71 1.02 -19.99
CA ALA A 115 -17.10 0.48 -21.30
C ALA A 115 -16.66 -0.98 -21.48
N VAL A 116 -17.42 -1.73 -22.29
CA VAL A 116 -17.30 -3.21 -22.42
C VAL A 116 -15.88 -3.69 -22.78
N GLU A 117 -15.29 -3.11 -23.80
CA GLU A 117 -13.96 -3.53 -24.27
C GLU A 117 -12.89 -3.21 -23.26
N ASP A 118 -13.11 -2.16 -22.50
CA ASP A 118 -12.19 -1.75 -21.46
C ASP A 118 -12.39 -2.61 -20.24
N ILE A 119 -13.63 -3.06 -20.01
CA ILE A 119 -13.95 -4.04 -18.99
C ILE A 119 -13.18 -5.31 -19.27
N LYS A 120 -13.11 -5.70 -20.55
CA LYS A 120 -12.35 -6.90 -20.94
C LYS A 120 -10.90 -6.79 -20.48
N LYS A 121 -10.30 -5.64 -20.72
CA LYS A 121 -8.91 -5.41 -20.33
C LYS A 121 -8.75 -5.31 -18.83
N PHE A 122 -9.76 -4.78 -18.18
CA PHE A 122 -9.81 -4.62 -16.74
C PHE A 122 -9.85 -6.03 -16.10
N MET A 123 -10.59 -6.91 -16.76
CA MET A 123 -10.78 -8.29 -16.34
C MET A 123 -9.58 -9.16 -16.75
N GLU A 124 -8.73 -8.63 -17.58
CA GLU A 124 -7.48 -9.30 -17.93
C GLU A 124 -6.44 -8.99 -16.87
N GLU A 125 -6.61 -7.85 -16.24
CA GLU A 125 -5.80 -7.45 -15.11
C GLU A 125 -6.17 -8.30 -13.87
N ALA A 126 -7.45 -8.71 -13.80
CA ALA A 126 -8.00 -9.51 -12.68
C ALA A 126 -7.19 -10.82 -12.33
N PRO A 127 -6.94 -11.77 -13.29
CA PRO A 127 -6.14 -12.97 -12.98
C PRO A 127 -4.66 -12.62 -12.78
N THR A 128 -4.26 -11.49 -13.34
CA THR A 128 -2.91 -11.01 -13.22
C THR A 128 -2.65 -10.55 -11.77
N PHE A 129 -3.70 -10.01 -11.11
CA PHE A 129 -3.63 -9.64 -9.69
C PHE A 129 -3.30 -10.89 -8.90
N VAL A 130 -4.16 -11.90 -9.08
CA VAL A 130 -4.10 -13.17 -8.36
C VAL A 130 -2.73 -13.83 -8.52
N LYS A 131 -2.31 -14.01 -9.77
CA LYS A 131 -1.06 -14.67 -10.12
C LYS A 131 0.15 -13.98 -9.46
N TRP A 132 0.23 -12.67 -9.59
CA TRP A 132 1.37 -11.94 -9.08
C TRP A 132 1.40 -11.92 -7.53
N LEU A 133 0.21 -11.91 -6.91
CA LEU A 133 0.12 -11.97 -5.45
C LEU A 133 0.59 -13.33 -4.94
N VAL A 134 0.22 -14.38 -5.66
CA VAL A 134 0.64 -15.75 -5.33
C VAL A 134 2.16 -15.91 -5.50
N ASP A 135 2.71 -15.19 -6.46
CA ASP A 135 4.15 -15.19 -6.75
C ASP A 135 5.00 -14.63 -5.64
N LYS A 136 4.47 -13.70 -4.86
CA LYS A 136 5.23 -13.16 -3.73
C LYS A 136 4.70 -13.65 -2.39
N TYR A 137 3.64 -14.45 -2.44
CA TYR A 137 2.89 -14.94 -1.27
C TYR A 137 3.75 -15.53 -0.15
N ASP A 138 4.74 -16.30 -0.53
CA ASP A 138 5.58 -17.03 0.42
C ASP A 138 6.60 -16.13 1.10
N ASP A 139 6.77 -14.93 0.61
CA ASP A 139 7.75 -14.00 1.16
C ASP A 139 7.07 -12.80 1.79
N LEU A 140 5.76 -12.87 1.93
CA LEU A 140 5.00 -11.75 2.40
C LEU A 140 4.98 -11.59 3.90
N GLU A 141 5.15 -10.38 4.29
CA GLU A 141 4.92 -9.93 5.59
C GLU A 141 3.64 -9.17 5.47
N PHE A 142 2.73 -9.40 6.32
CA PHE A 142 1.46 -8.77 6.19
C PHE A 142 1.41 -7.56 7.06
N PHE A 143 0.85 -6.51 6.57
CA PHE A 143 0.73 -5.29 7.32
C PHE A 143 -0.66 -4.78 7.27
N MET A 144 -0.95 -3.91 8.17
CA MET A 144 -2.18 -3.20 8.24
C MET A 144 -1.77 -1.86 8.72
N SER A 145 -2.47 -0.83 8.37
CA SER A 145 -2.22 0.41 9.06
C SER A 145 -2.94 0.28 10.42
N LYS A 146 -2.65 1.14 11.37
CA LYS A 146 -3.23 0.98 12.71
C LYS A 146 -4.79 1.07 12.65
N SER A 147 -5.29 1.80 11.68
CA SER A 147 -6.71 1.94 11.44
C SER A 147 -7.33 0.71 10.70
N MET A 148 -6.49 -0.20 10.25
CA MET A 148 -6.93 -1.36 9.48
C MET A 148 -7.09 -2.61 10.31
N ASN A 149 -7.66 -3.62 9.71
CA ASN A 149 -7.99 -4.88 10.36
C ASN A 149 -7.44 -6.02 9.53
N PRO A 150 -7.24 -7.23 10.11
CA PRO A 150 -6.71 -8.38 9.33
C PRO A 150 -7.70 -8.85 8.26
N ASP A 151 -8.95 -8.52 8.46
CA ASP A 151 -10.01 -8.89 7.54
C ASP A 151 -10.32 -7.75 6.60
N ALA A 152 -9.77 -6.59 6.87
CA ALA A 152 -10.09 -5.41 6.10
C ALA A 152 -8.91 -4.49 6.05
N GLY A 153 -8.23 -4.49 4.93
CA GLY A 153 -7.03 -3.71 4.81
C GLY A 153 -5.80 -4.49 5.20
N LEU A 154 -5.74 -5.74 4.76
CA LEU A 154 -4.58 -6.54 5.02
C LEU A 154 -3.66 -6.38 3.82
N ILE A 155 -2.58 -5.76 4.06
CA ILE A 155 -1.63 -5.37 3.07
C ILE A 155 -0.52 -6.40 2.95
N PHE A 156 -0.12 -6.65 1.73
CA PHE A 156 0.94 -7.57 1.45
C PHE A 156 2.22 -6.76 1.29
N SER A 157 3.31 -7.23 1.84
CA SER A 157 4.60 -6.56 1.68
C SER A 157 5.72 -7.60 1.69
N TYR A 158 6.83 -7.28 1.10
CA TYR A 158 8.00 -8.15 1.10
C TYR A 158 9.22 -7.27 0.92
N TYR A 159 10.39 -7.83 0.90
CA TYR A 159 11.60 -7.01 0.76
C TYR A 159 12.34 -7.37 -0.51
N LYS A 160 12.25 -6.54 -1.54
CA LYS A 160 13.03 -6.80 -2.75
C LYS A 160 14.36 -6.07 -2.71
N GLU A 161 15.17 -6.29 -3.72
CA GLU A 161 16.48 -5.68 -3.83
C GLU A 161 16.38 -4.18 -3.99
N GLY A 162 17.09 -3.47 -3.14
CA GLY A 162 17.09 -2.03 -3.16
C GLY A 162 16.24 -1.47 -2.06
N ALA A 163 15.33 -2.27 -1.56
CA ALA A 163 14.43 -1.85 -0.54
C ALA A 163 15.03 -2.12 0.82
N HIS A 164 15.10 -1.09 1.63
CA HIS A 164 15.64 -1.21 3.00
C HIS A 164 14.51 -1.21 3.99
N CYS A 165 13.31 -1.34 3.49
CA CYS A 165 12.10 -1.35 4.24
C CYS A 165 11.14 -2.27 3.49
N PRO A 166 9.96 -2.63 4.05
CA PRO A 166 8.97 -3.43 3.34
C PRO A 166 8.46 -2.73 2.07
N THR A 167 8.53 -3.44 0.99
CA THR A 167 8.03 -3.02 -0.27
C THR A 167 6.55 -3.35 -0.26
N PHE A 168 5.70 -2.33 -0.32
CA PHE A 168 4.28 -2.55 -0.23
C PHE A 168 3.70 -2.97 -1.56
N VAL A 169 2.91 -4.00 -1.49
CA VAL A 169 2.29 -4.62 -2.63
C VAL A 169 0.82 -4.22 -2.68
N TYR A 170 0.44 -3.52 -3.74
CA TYR A 170 -0.91 -3.03 -3.86
C TYR A 170 -1.52 -3.31 -5.23
N VAL A 171 -2.83 -3.38 -5.25
CA VAL A 171 -3.58 -3.63 -6.46
C VAL A 171 -4.08 -2.29 -7.02
N LYS A 172 -3.49 -1.85 -8.12
CA LYS A 172 -3.76 -0.50 -8.69
C LYS A 172 -5.19 -0.38 -9.17
N SER A 173 -5.58 -1.26 -10.04
CA SER A 173 -6.86 -1.18 -10.68
C SER A 173 -7.95 -1.85 -9.84
N GLY A 174 -7.59 -2.38 -8.68
CA GLY A 174 -8.54 -3.13 -7.91
C GLY A 174 -9.12 -2.35 -6.78
N TYR A 175 -8.52 -1.24 -6.46
CA TYR A 175 -8.98 -0.42 -5.36
C TYR A 175 -9.84 0.71 -5.85
N LYS A 176 -10.44 1.40 -4.92
CA LYS A 176 -11.24 2.56 -5.23
C LYS A 176 -10.34 3.74 -5.31
N VAL A 177 -10.11 4.18 -6.51
CA VAL A 177 -9.24 5.29 -6.76
C VAL A 177 -10.04 6.57 -6.60
N VAL A 178 -9.84 7.23 -5.50
CA VAL A 178 -10.54 8.43 -5.22
C VAL A 178 -9.59 9.58 -5.45
N LYS A 179 -9.97 10.47 -6.31
CA LYS A 179 -9.13 11.57 -6.64
C LYS A 179 -9.71 12.82 -6.00
N PHE A 180 -9.07 13.29 -4.97
CA PHE A 180 -9.52 14.46 -4.26
C PHE A 180 -8.97 15.71 -4.88
N LEU A 181 -9.87 16.56 -5.31
CA LEU A 181 -9.57 17.85 -5.89
C LEU A 181 -10.88 18.60 -6.02
N GLU A 182 -11.77 18.04 -6.81
CA GLU A 182 -13.07 18.63 -7.03
C GLU A 182 -14.05 18.10 -6.00
N HIS A 183 -14.14 18.76 -4.88
CA HIS A 183 -15.08 18.34 -3.86
C HIS A 183 -16.43 18.93 -4.14
N HIS A 184 -16.50 20.24 -4.21
CA HIS A 184 -17.73 20.91 -4.48
C HIS A 184 -17.75 21.32 -5.94
N HIS A 185 -18.44 20.55 -6.73
CA HIS A 185 -18.52 20.79 -8.16
C HIS A 185 -19.78 20.19 -8.67
N HIS A 186 -20.16 20.57 -9.85
CA HIS A 186 -21.30 20.01 -10.51
C HIS A 186 -20.99 19.98 -11.99
N HIS A 187 -20.43 18.90 -12.42
CA HIS A 187 -19.99 18.75 -13.78
C HIS A 187 -21.13 18.21 -14.63
N HIS A 188 -21.67 19.06 -15.46
CA HIS A 188 -22.72 18.66 -16.35
C HIS A 188 -22.35 19.11 -17.73
N MET A 1 -5.59 15.71 -4.72
CA MET A 1 -5.03 14.57 -3.99
C MET A 1 -5.78 13.32 -4.36
N ILE A 2 -5.08 12.37 -4.92
CA ILE A 2 -5.67 11.11 -5.27
C ILE A 2 -5.42 10.15 -4.14
N VAL A 3 -6.40 9.37 -3.80
CA VAL A 3 -6.23 8.42 -2.75
C VAL A 3 -6.82 7.08 -3.18
N TYR A 4 -6.11 6.02 -2.87
CA TYR A 4 -6.57 4.69 -3.20
C TYR A 4 -7.24 4.09 -1.99
N LYS A 5 -8.49 3.79 -2.16
CA LYS A 5 -9.32 3.28 -1.10
C LYS A 5 -9.47 1.80 -1.24
N ASP A 6 -9.24 1.09 -0.17
CA ASP A 6 -9.48 -0.34 -0.15
C ASP A 6 -10.97 -0.57 -0.15
N VAL A 7 -11.40 -1.55 -0.87
CA VAL A 7 -12.81 -1.85 -1.02
C VAL A 7 -13.29 -2.69 0.15
N ILE A 8 -12.37 -3.38 0.80
CA ILE A 8 -12.74 -4.26 1.90
C ILE A 8 -13.00 -3.43 3.18
N SER A 9 -12.04 -2.63 3.59
CA SER A 9 -12.14 -1.81 4.79
C SER A 9 -12.70 -0.42 4.51
N GLY A 10 -12.39 0.12 3.35
CA GLY A 10 -12.78 1.48 3.02
C GLY A 10 -11.70 2.46 3.44
N ASP A 11 -10.54 1.93 3.83
CA ASP A 11 -9.46 2.76 4.35
C ASP A 11 -8.56 3.23 3.18
N GLU A 12 -7.49 3.92 3.51
CA GLU A 12 -6.62 4.53 2.55
C GLU A 12 -5.32 3.76 2.51
N VAL A 13 -5.02 3.15 1.37
CA VAL A 13 -3.83 2.31 1.24
C VAL A 13 -2.60 3.13 0.80
N VAL A 14 -2.84 4.24 0.13
CA VAL A 14 -1.77 5.10 -0.37
C VAL A 14 -2.43 6.36 -0.96
N SER A 15 -1.68 7.41 -1.11
CA SER A 15 -2.17 8.61 -1.69
C SER A 15 -1.18 9.13 -2.73
N ASP A 16 -1.54 10.18 -3.41
CA ASP A 16 -0.71 10.81 -4.46
C ASP A 16 0.32 11.77 -3.83
N ALA A 17 0.37 11.73 -2.53
CA ALA A 17 1.38 12.45 -1.78
C ALA A 17 2.59 11.55 -1.62
N LEU A 18 2.39 10.29 -1.95
CA LEU A 18 3.37 9.28 -1.76
C LEU A 18 3.92 8.82 -3.10
N LYS A 19 4.91 7.97 -3.05
CA LYS A 19 5.57 7.50 -4.25
C LYS A 19 4.98 6.18 -4.68
N ILE A 20 4.61 6.13 -5.92
CA ILE A 20 3.98 4.97 -6.52
C ILE A 20 4.68 4.65 -7.84
N THR A 21 5.08 3.42 -8.01
CA THR A 21 5.68 2.95 -9.25
C THR A 21 4.83 1.83 -9.90
N PRO A 22 4.96 1.62 -11.22
CA PRO A 22 4.32 0.48 -11.89
C PRO A 22 5.12 -0.79 -11.59
N VAL A 23 4.44 -1.89 -11.34
CA VAL A 23 5.11 -3.15 -11.00
C VAL A 23 5.97 -3.67 -12.12
N MET A 24 7.24 -3.74 -11.88
CA MET A 24 8.12 -4.39 -12.81
C MET A 24 8.85 -5.50 -12.09
N GLU A 25 8.47 -6.71 -12.43
CA GLU A 25 8.96 -7.92 -11.81
C GLU A 25 9.06 -8.99 -12.86
N GLY A 26 10.21 -9.63 -12.93
CA GLY A 26 10.41 -10.68 -13.92
C GLY A 26 10.86 -10.12 -15.25
N GLY A 27 11.13 -8.82 -15.27
CA GLY A 27 11.57 -8.15 -16.47
C GLY A 27 10.41 -7.59 -17.26
N GLU A 28 9.22 -7.70 -16.72
CA GLU A 28 8.02 -7.26 -17.39
C GLU A 28 7.20 -6.39 -16.47
N GLU A 29 6.30 -5.63 -17.06
CA GLU A 29 5.38 -4.82 -16.30
C GLU A 29 4.20 -5.69 -15.90
N VAL A 30 3.68 -5.47 -14.74
CA VAL A 30 2.53 -6.21 -14.33
C VAL A 30 1.34 -5.24 -14.21
N PRO A 31 0.34 -5.39 -15.08
CA PRO A 31 -0.81 -4.49 -15.13
C PRO A 31 -1.84 -4.72 -14.00
N GLY A 32 -2.49 -3.62 -13.59
CA GLY A 32 -3.55 -3.68 -12.60
C GLY A 32 -3.07 -3.71 -11.19
N LEU A 33 -1.80 -3.59 -11.02
CA LEU A 33 -1.15 -3.69 -9.75
C LEU A 33 -0.12 -2.61 -9.65
N PHE A 34 0.08 -2.06 -8.47
CA PHE A 34 1.09 -1.04 -8.34
C PHE A 34 2.08 -1.38 -7.27
N GLU A 35 3.26 -0.92 -7.51
CA GLU A 35 4.42 -1.20 -6.77
C GLU A 35 4.74 0.02 -5.96
N VAL A 36 5.36 -0.18 -4.84
CA VAL A 36 5.77 0.94 -4.09
C VAL A 36 7.29 0.96 -3.98
N ASP A 37 7.86 1.96 -4.59
CA ASP A 37 9.27 2.18 -4.57
C ASP A 37 9.64 2.84 -3.26
N SER A 38 10.76 2.47 -2.72
CA SER A 38 11.13 2.93 -1.42
C SER A 38 12.10 4.09 -1.51
N ALA A 39 11.84 5.09 -0.72
CA ALA A 39 12.63 6.28 -0.64
C ALA A 39 12.80 6.62 0.80
N MET A 40 14.02 6.80 1.23
CA MET A 40 14.33 7.06 2.62
C MET A 40 14.21 8.53 2.87
N VAL A 41 13.19 8.92 3.59
CA VAL A 41 12.96 10.31 3.90
C VAL A 41 13.04 10.50 5.40
N ALA A 42 13.42 11.68 5.83
CA ALA A 42 13.50 11.96 7.23
C ALA A 42 12.11 12.18 7.82
N VAL A 43 11.77 11.34 8.74
CA VAL A 43 10.52 11.40 9.41
C VAL A 43 10.80 11.83 10.83
N GLY A 44 10.35 13.01 11.17
CA GLY A 44 10.50 13.49 12.52
C GLY A 44 9.55 12.76 13.45
N GLY A 45 9.83 12.81 14.74
CA GLY A 45 9.01 12.13 15.72
C GLY A 45 7.68 12.83 15.92
N GLY A 46 6.71 12.48 15.10
CA GLY A 46 5.39 13.07 15.17
C GLY A 46 4.53 12.37 16.19
N ASP A 47 4.91 11.17 16.52
CA ASP A 47 4.21 10.40 17.54
C ASP A 47 4.62 10.91 18.90
N ILE A 48 3.76 11.71 19.47
CA ILE A 48 3.98 12.31 20.77
C ILE A 48 3.96 11.22 21.83
N ASP A 49 5.08 10.96 22.42
CA ASP A 49 5.16 10.00 23.50
C ASP A 49 5.02 10.79 24.78
N ILE A 50 4.45 10.19 25.80
CA ILE A 50 4.23 10.87 27.07
C ILE A 50 5.59 11.17 27.75
N GLY A 51 6.54 10.31 27.50
CA GLY A 51 7.84 10.41 28.10
C GLY A 51 8.16 9.11 28.72
N CYS A 52 7.19 8.60 29.44
CA CYS A 52 7.22 7.32 30.10
C CYS A 52 5.90 7.14 30.82
N GLY A 53 5.41 8.23 31.36
CA GLY A 53 4.20 8.21 32.15
C GLY A 53 4.52 8.51 33.59
N ASN A 54 5.80 8.75 33.83
CA ASN A 54 6.35 9.04 35.15
C ASN A 54 7.74 9.65 34.98
N ALA A 55 8.13 10.49 35.91
CA ALA A 55 9.44 11.10 35.90
C ALA A 55 10.38 10.31 36.79
N PHE A 56 11.65 10.35 36.48
CA PHE A 56 12.65 9.60 37.21
C PHE A 56 13.45 10.51 38.12
N GLY A 57 13.72 11.69 37.65
CA GLY A 57 14.47 12.65 38.40
C GLY A 57 15.20 13.57 37.47
N GLY A 58 15.31 14.82 37.87
CA GLY A 58 15.94 15.82 37.03
C GLY A 58 15.06 16.11 35.84
N ALA A 59 15.60 15.90 34.66
CA ALA A 59 14.91 16.06 33.40
C ALA A 59 15.78 15.50 32.29
N GLY A 60 15.16 14.85 31.34
CA GLY A 60 15.87 14.39 30.15
C GLY A 60 15.78 15.45 29.09
N ASP A 61 14.71 16.20 29.18
CA ASP A 61 14.37 17.33 28.34
C ASP A 61 13.19 17.97 29.02
N ASP A 62 12.82 19.18 28.66
CA ASP A 62 11.71 19.86 29.33
C ASP A 62 10.39 19.20 29.03
N GLU A 63 9.96 19.23 27.79
CA GLU A 63 8.71 18.62 27.44
C GLU A 63 8.88 17.28 26.76
N GLY A 64 10.08 17.01 26.26
CA GLY A 64 10.29 15.82 25.47
C GLY A 64 9.66 16.06 24.12
N ALA A 65 10.11 17.14 23.50
CA ALA A 65 9.53 17.66 22.26
C ALA A 65 9.58 16.64 21.13
N ASP A 66 10.75 16.32 20.67
CA ASP A 66 10.91 15.36 19.60
C ASP A 66 12.20 14.62 19.79
N ASP A 67 12.27 13.46 19.22
CA ASP A 67 13.46 12.64 19.26
C ASP A 67 13.24 11.61 18.18
N ALA A 68 14.29 10.90 17.81
CA ALA A 68 14.27 9.84 16.79
C ALA A 68 13.79 10.32 15.41
N THR A 69 14.64 11.04 14.73
CA THR A 69 14.34 11.42 13.38
C THR A 69 14.83 10.30 12.48
N GLN A 70 13.94 9.43 12.16
CA GLN A 70 14.22 8.24 11.43
C GLN A 70 14.17 8.50 9.96
N LYS A 71 14.98 7.82 9.22
CA LYS A 71 14.80 7.82 7.81
C LYS A 71 14.01 6.60 7.52
N GLU A 72 12.88 6.78 6.96
CA GLU A 72 11.93 5.74 6.79
C GLU A 72 11.35 5.88 5.40
N ASN A 73 10.58 4.92 4.96
CA ASN A 73 9.97 5.00 3.65
C ASN A 73 8.83 6.01 3.67
N ASN A 74 8.78 6.81 2.61
CA ASN A 74 7.80 7.89 2.44
C ASN A 74 6.34 7.39 2.51
N VAL A 75 6.14 6.15 2.13
CA VAL A 75 4.79 5.58 2.06
C VAL A 75 4.32 5.05 3.41
N SER A 76 5.23 4.58 4.23
CA SER A 76 4.84 4.03 5.48
C SER A 76 4.57 5.11 6.51
N GLY A 77 5.59 5.92 6.82
CA GLY A 77 5.47 7.02 7.77
C GLY A 77 4.80 6.62 9.10
N PRO A 78 5.57 6.21 10.13
CA PRO A 78 5.02 5.81 11.45
C PRO A 78 4.11 6.88 12.08
N SER A 79 4.43 8.12 11.82
CA SER A 79 3.67 9.25 12.34
C SER A 79 2.55 9.68 11.36
N SER A 80 2.37 8.93 10.29
CA SER A 80 1.37 9.26 9.30
C SER A 80 0.33 8.12 9.14
N PHE A 81 0.71 7.04 8.46
CA PHE A 81 -0.19 5.90 8.29
C PHE A 81 0.01 4.87 9.38
N ALA A 82 1.28 4.70 9.79
CA ALA A 82 1.71 3.74 10.82
C ALA A 82 1.39 2.30 10.46
N TYR A 83 2.35 1.63 9.88
CA TYR A 83 2.17 0.29 9.45
C TYR A 83 2.56 -0.68 10.56
N THR A 84 1.64 -1.52 10.89
CA THR A 84 1.82 -2.53 11.90
C THR A 84 1.97 -3.87 11.17
N ALA A 85 3.04 -4.58 11.46
CA ALA A 85 3.34 -5.84 10.79
C ALA A 85 2.55 -6.99 11.38
N MET A 86 2.11 -7.87 10.51
CA MET A 86 1.34 -9.03 10.86
C MET A 86 1.87 -10.25 10.09
N PRO A 87 2.02 -11.38 10.76
CA PRO A 87 2.40 -12.62 10.12
C PRO A 87 1.18 -13.31 9.49
N PHE A 88 1.41 -14.31 8.64
CA PHE A 88 0.34 -15.10 8.06
C PHE A 88 -0.40 -15.83 9.16
N SER A 89 -1.70 -15.69 9.18
CA SER A 89 -2.51 -16.39 10.13
C SER A 89 -2.59 -17.88 9.75
N SER A 90 -2.45 -18.15 8.41
CA SER A 90 -2.35 -19.51 7.77
C SER A 90 -3.64 -20.35 7.84
N LYS A 91 -4.31 -20.25 8.95
CA LYS A 91 -5.55 -20.92 9.26
C LYS A 91 -6.70 -20.29 8.48
N GLY A 92 -7.89 -20.90 8.58
CA GLY A 92 -9.10 -20.50 7.85
C GLY A 92 -9.38 -19.00 7.74
N GLU A 93 -8.91 -18.21 8.73
CA GLU A 93 -9.04 -16.76 8.73
C GLU A 93 -8.50 -16.17 7.43
N PHE A 94 -7.26 -16.51 7.14
CA PHE A 94 -6.56 -15.99 5.97
C PHE A 94 -7.12 -16.59 4.69
N LYS A 95 -7.54 -17.82 4.76
CA LYS A 95 -8.02 -18.52 3.60
C LYS A 95 -9.39 -18.01 3.18
N SER A 96 -10.24 -17.76 4.16
CA SER A 96 -11.53 -17.20 3.89
C SER A 96 -11.38 -15.72 3.52
N TRP A 97 -10.29 -15.10 4.00
CA TRP A 97 -10.00 -13.72 3.66
C TRP A 97 -9.66 -13.62 2.18
N VAL A 98 -8.70 -14.45 1.71
CA VAL A 98 -8.31 -14.51 0.28
C VAL A 98 -9.53 -14.81 -0.59
N LYS A 99 -10.36 -15.70 -0.09
CA LYS A 99 -11.63 -16.08 -0.70
C LYS A 99 -12.55 -14.86 -0.95
N ASP A 100 -12.85 -14.12 0.10
CA ASP A 100 -13.76 -12.99 -0.03
C ASP A 100 -13.11 -11.76 -0.60
N TYR A 101 -11.79 -11.65 -0.43
CA TYR A 101 -11.00 -10.54 -0.97
C TYR A 101 -11.13 -10.50 -2.49
N VAL A 102 -10.76 -11.61 -3.14
CA VAL A 102 -10.77 -11.70 -4.60
C VAL A 102 -12.21 -11.54 -5.14
N ARG A 103 -13.18 -12.04 -4.37
CA ARG A 103 -14.60 -11.88 -4.70
C ARG A 103 -14.98 -10.41 -4.76
N ASN A 104 -14.76 -9.70 -3.64
CA ASN A 104 -15.14 -8.28 -3.51
C ASN A 104 -14.40 -7.41 -4.50
N VAL A 105 -13.16 -7.79 -4.79
CA VAL A 105 -12.35 -7.11 -5.80
C VAL A 105 -13.03 -7.21 -7.19
N ARG A 106 -13.57 -8.37 -7.52
CA ARG A 106 -14.27 -8.54 -8.79
C ARG A 106 -15.58 -7.74 -8.85
N GLN A 107 -16.23 -7.54 -7.70
CA GLN A 107 -17.39 -6.64 -7.64
C GLN A 107 -16.94 -5.20 -7.90
N ALA A 108 -15.76 -4.86 -7.42
CA ALA A 108 -15.18 -3.54 -7.62
C ALA A 108 -14.76 -3.34 -9.07
N LEU A 109 -14.35 -4.41 -9.73
CA LEU A 109 -14.02 -4.35 -11.15
C LEU A 109 -15.22 -4.05 -12.02
N LYS A 110 -16.28 -4.81 -11.87
CA LYS A 110 -17.44 -4.62 -12.72
C LYS A 110 -18.22 -3.34 -12.36
N GLY A 111 -18.15 -2.97 -11.10
CA GLY A 111 -18.85 -1.83 -10.59
C GLY A 111 -18.14 -0.51 -10.82
N SER A 112 -16.97 -0.54 -11.44
CA SER A 112 -16.13 0.65 -11.57
C SER A 112 -16.69 1.68 -12.58
N GLY A 113 -17.53 1.25 -13.52
CA GLY A 113 -18.09 2.17 -14.49
C GLY A 113 -17.07 2.65 -15.52
N VAL A 114 -16.01 1.89 -15.68
CA VAL A 114 -14.95 2.20 -16.62
C VAL A 114 -15.39 1.76 -18.05
N ALA A 115 -14.86 2.42 -19.08
CA ALA A 115 -15.16 2.10 -20.47
C ALA A 115 -14.94 0.62 -20.79
N VAL A 116 -15.80 0.07 -21.65
CA VAL A 116 -15.83 -1.36 -22.00
C VAL A 116 -14.46 -1.89 -22.48
N GLU A 117 -13.81 -1.15 -23.36
CA GLU A 117 -12.49 -1.53 -23.90
C GLU A 117 -11.46 -1.65 -22.77
N ASP A 118 -11.53 -0.73 -21.82
CA ASP A 118 -10.66 -0.75 -20.66
C ASP A 118 -11.04 -1.89 -19.75
N ILE A 119 -12.34 -2.19 -19.66
CA ILE A 119 -12.86 -3.33 -18.87
C ILE A 119 -12.30 -4.66 -19.40
N LYS A 120 -12.08 -4.71 -20.72
CA LYS A 120 -11.48 -5.90 -21.35
C LYS A 120 -10.11 -6.17 -20.74
N LYS A 121 -9.31 -5.11 -20.70
CA LYS A 121 -7.97 -5.18 -20.13
C LYS A 121 -8.03 -5.38 -18.62
N PHE A 122 -8.96 -4.68 -18.00
CA PHE A 122 -9.21 -4.66 -16.56
C PHE A 122 -9.51 -6.08 -16.05
N MET A 123 -10.28 -6.83 -16.82
CA MET A 123 -10.61 -8.21 -16.47
C MET A 123 -9.48 -9.16 -16.83
N GLU A 124 -8.56 -8.72 -17.68
CA GLU A 124 -7.34 -9.51 -17.97
C GLU A 124 -6.38 -9.37 -16.82
N GLU A 125 -6.46 -8.23 -16.14
CA GLU A 125 -5.64 -7.93 -15.00
C GLU A 125 -6.08 -8.76 -13.80
N ALA A 126 -7.37 -9.11 -13.76
CA ALA A 126 -7.97 -9.91 -12.66
C ALA A 126 -7.20 -11.25 -12.36
N PRO A 127 -6.98 -12.18 -13.34
CA PRO A 127 -6.19 -13.40 -13.09
C PRO A 127 -4.73 -13.06 -12.79
N THR A 128 -4.27 -11.92 -13.28
CA THR A 128 -2.93 -11.47 -13.07
C THR A 128 -2.74 -10.99 -11.61
N PHE A 129 -3.81 -10.47 -10.98
CA PHE A 129 -3.79 -10.11 -9.56
C PHE A 129 -3.43 -11.34 -8.78
N VAL A 130 -4.17 -12.40 -9.06
CA VAL A 130 -3.99 -13.69 -8.42
C VAL A 130 -2.58 -14.22 -8.67
N LYS A 131 -2.18 -14.23 -9.93
CA LYS A 131 -0.87 -14.72 -10.39
C LYS A 131 0.30 -14.05 -9.64
N TRP A 132 0.27 -12.72 -9.55
CA TRP A 132 1.34 -11.98 -8.92
C TRP A 132 1.32 -12.17 -7.39
N LEU A 133 0.13 -12.32 -6.82
CA LEU A 133 -0.02 -12.57 -5.39
C LEU A 133 0.48 -13.97 -5.03
N VAL A 134 0.35 -14.92 -5.96
CA VAL A 134 0.86 -16.27 -5.74
C VAL A 134 2.40 -16.27 -5.80
N ASP A 135 2.95 -15.54 -6.76
CA ASP A 135 4.41 -15.44 -6.90
C ASP A 135 5.05 -14.80 -5.70
N LYS A 136 4.47 -13.72 -5.24
CA LYS A 136 5.05 -13.00 -4.14
C LYS A 136 4.63 -13.50 -2.79
N TYR A 137 3.72 -14.49 -2.76
CA TYR A 137 3.18 -15.08 -1.51
C TYR A 137 4.31 -15.48 -0.55
N ASP A 138 5.33 -16.11 -1.11
CA ASP A 138 6.51 -16.57 -0.35
C ASP A 138 7.27 -15.40 0.25
N ASP A 139 7.26 -14.28 -0.44
CA ASP A 139 8.02 -13.10 -0.04
C ASP A 139 7.20 -12.16 0.82
N LEU A 140 5.91 -12.43 0.95
CA LEU A 140 5.03 -11.51 1.61
C LEU A 140 5.03 -11.65 3.12
N GLU A 141 4.68 -10.57 3.74
CA GLU A 141 4.41 -10.42 5.11
C GLU A 141 3.28 -9.39 5.11
N PHE A 142 2.51 -9.30 6.14
CA PHE A 142 1.38 -8.42 6.13
C PHE A 142 1.57 -7.21 6.95
N PHE A 143 0.90 -6.16 6.56
CA PHE A 143 0.88 -4.93 7.28
C PHE A 143 -0.54 -4.43 7.35
N MET A 144 -0.74 -3.45 8.17
CA MET A 144 -2.00 -2.78 8.39
C MET A 144 -1.68 -1.38 8.77
N SER A 145 -2.47 -0.43 8.36
CA SER A 145 -2.25 0.91 8.83
C SER A 145 -2.94 1.05 10.19
N LYS A 146 -2.75 2.18 10.83
CA LYS A 146 -3.33 2.48 12.14
C LYS A 146 -4.86 2.23 12.17
N SER A 147 -5.53 2.64 11.14
CA SER A 147 -6.96 2.53 11.05
C SER A 147 -7.49 1.20 10.42
N MET A 148 -6.59 0.32 9.97
CA MET A 148 -7.03 -0.93 9.29
C MET A 148 -7.30 -2.10 10.24
N ASN A 149 -7.76 -3.20 9.67
CA ASN A 149 -8.14 -4.41 10.38
C ASN A 149 -7.53 -5.63 9.70
N PRO A 150 -7.28 -6.73 10.44
CA PRO A 150 -6.77 -7.97 9.83
C PRO A 150 -7.81 -8.64 8.92
N ASP A 151 -9.07 -8.34 9.18
CA ASP A 151 -10.20 -8.86 8.39
C ASP A 151 -10.50 -7.97 7.20
N ALA A 152 -9.98 -6.76 7.23
CA ALA A 152 -10.28 -5.78 6.22
C ALA A 152 -9.18 -4.74 6.18
N GLY A 153 -8.43 -4.74 5.11
CA GLY A 153 -7.29 -3.86 5.03
C GLY A 153 -6.03 -4.56 5.48
N LEU A 154 -5.88 -5.79 5.04
CA LEU A 154 -4.68 -6.52 5.34
C LEU A 154 -3.77 -6.35 4.13
N ILE A 155 -2.71 -5.65 4.33
CA ILE A 155 -1.81 -5.25 3.29
C ILE A 155 -0.76 -6.32 3.02
N PHE A 156 -0.58 -6.63 1.75
CA PHE A 156 0.44 -7.55 1.33
C PHE A 156 1.70 -6.72 1.12
N SER A 157 2.83 -7.16 1.62
CA SER A 157 4.07 -6.43 1.40
C SER A 157 5.25 -7.39 1.33
N TYR A 158 6.25 -7.03 0.57
CA TYR A 158 7.46 -7.82 0.49
C TYR A 158 8.60 -6.85 0.34
N TYR A 159 9.80 -7.30 0.43
CA TYR A 159 10.92 -6.43 0.24
C TYR A 159 11.43 -6.68 -1.15
N LYS A 160 11.18 -5.73 -2.05
CA LYS A 160 11.60 -5.88 -3.42
C LYS A 160 13.10 -5.72 -3.47
N GLU A 161 13.73 -6.48 -4.34
CA GLU A 161 15.16 -6.45 -4.50
C GLU A 161 15.62 -5.03 -4.84
N GLY A 162 16.47 -4.49 -3.99
CA GLY A 162 16.96 -3.15 -4.17
C GLY A 162 16.36 -2.18 -3.16
N ALA A 163 15.25 -2.58 -2.55
CA ALA A 163 14.59 -1.76 -1.57
C ALA A 163 14.96 -2.23 -0.16
N HIS A 164 15.08 -1.29 0.76
CA HIS A 164 15.41 -1.61 2.16
C HIS A 164 14.21 -1.36 3.05
N CYS A 165 13.08 -1.23 2.44
CA CYS A 165 11.84 -1.01 3.13
C CYS A 165 10.78 -1.85 2.46
N PRO A 166 9.71 -2.22 3.20
CA PRO A 166 8.62 -2.99 2.66
C PRO A 166 7.98 -2.33 1.45
N THR A 167 8.04 -3.04 0.37
CA THR A 167 7.42 -2.68 -0.84
C THR A 167 5.98 -3.11 -0.72
N PHE A 168 5.11 -2.15 -0.70
CA PHE A 168 3.74 -2.40 -0.47
C PHE A 168 3.06 -2.86 -1.74
N VAL A 169 2.35 -3.93 -1.61
CA VAL A 169 1.70 -4.62 -2.70
C VAL A 169 0.25 -4.22 -2.71
N TYR A 170 -0.13 -3.43 -3.69
CA TYR A 170 -1.48 -2.98 -3.80
C TYR A 170 -2.06 -3.26 -5.15
N VAL A 171 -3.33 -3.61 -5.15
CA VAL A 171 -4.05 -3.92 -6.36
C VAL A 171 -4.67 -2.64 -6.93
N LYS A 172 -4.00 -2.05 -7.92
CA LYS A 172 -4.37 -0.76 -8.51
C LYS A 172 -5.79 -0.77 -9.06
N SER A 173 -6.08 -1.77 -9.85
CA SER A 173 -7.37 -1.91 -10.48
C SER A 173 -8.43 -2.49 -9.53
N GLY A 174 -8.00 -2.92 -8.35
CA GLY A 174 -8.90 -3.57 -7.42
C GLY A 174 -9.45 -2.61 -6.43
N TYR A 175 -8.72 -1.55 -6.20
CA TYR A 175 -9.10 -0.56 -5.24
C TYR A 175 -9.80 0.58 -5.93
N LYS A 176 -10.34 1.48 -5.17
CA LYS A 176 -11.08 2.56 -5.76
C LYS A 176 -10.38 3.87 -5.61
N VAL A 177 -10.23 4.54 -6.71
CA VAL A 177 -9.57 5.80 -6.79
C VAL A 177 -10.54 6.93 -6.43
N VAL A 178 -10.35 7.49 -5.27
CA VAL A 178 -11.13 8.62 -4.85
C VAL A 178 -10.31 9.84 -5.09
N LYS A 179 -10.86 10.76 -5.80
CA LYS A 179 -10.14 11.93 -6.12
C LYS A 179 -10.64 13.12 -5.36
N PHE A 180 -9.80 13.61 -4.50
CA PHE A 180 -10.04 14.86 -3.87
C PHE A 180 -9.52 15.91 -4.83
N LEU A 181 -10.40 16.81 -5.21
CA LEU A 181 -10.16 17.84 -6.20
C LEU A 181 -10.17 17.25 -7.62
N GLU A 182 -9.04 16.68 -8.06
CA GLU A 182 -8.89 16.06 -9.38
C GLU A 182 -7.45 15.55 -9.50
N HIS A 183 -7.17 14.65 -10.47
CA HIS A 183 -5.81 14.17 -10.68
C HIS A 183 -5.01 15.16 -11.51
N HIS A 184 -4.58 16.18 -10.84
CA HIS A 184 -3.77 17.24 -11.40
C HIS A 184 -2.84 17.71 -10.33
N HIS A 185 -2.13 18.80 -10.62
CA HIS A 185 -1.13 19.41 -9.77
C HIS A 185 0.20 18.73 -9.92
N HIS A 186 1.24 19.28 -9.36
CA HIS A 186 2.56 18.76 -9.64
C HIS A 186 2.97 17.66 -8.72
N HIS A 187 2.68 16.45 -9.12
CA HIS A 187 3.21 15.32 -8.44
C HIS A 187 4.25 14.69 -9.34
N HIS A 188 5.37 14.37 -8.78
CA HIS A 188 6.46 13.82 -9.51
C HIS A 188 7.18 12.90 -8.60
N MET A 1 -6.00 15.36 -3.82
CA MET A 1 -5.68 14.15 -3.06
C MET A 1 -6.21 12.92 -3.78
N ILE A 2 -5.37 12.25 -4.48
CA ILE A 2 -5.74 11.03 -5.14
C ILE A 2 -5.27 9.90 -4.25
N VAL A 3 -6.20 9.15 -3.75
CA VAL A 3 -5.87 8.14 -2.80
C VAL A 3 -6.46 6.79 -3.18
N TYR A 4 -5.70 5.76 -2.93
CA TYR A 4 -6.14 4.40 -3.13
C TYR A 4 -6.83 3.93 -1.88
N LYS A 5 -8.10 3.69 -2.00
CA LYS A 5 -8.91 3.27 -0.89
C LYS A 5 -9.27 1.81 -1.06
N ASP A 6 -9.18 1.08 0.02
CA ASP A 6 -9.43 -0.35 0.02
C ASP A 6 -10.90 -0.69 -0.17
N VAL A 7 -11.16 -1.74 -0.89
CA VAL A 7 -12.50 -2.18 -1.20
C VAL A 7 -13.09 -2.94 0.00
N ILE A 8 -12.23 -3.54 0.78
CA ILE A 8 -12.68 -4.39 1.87
C ILE A 8 -13.04 -3.55 3.11
N SER A 9 -12.16 -2.65 3.51
CA SER A 9 -12.40 -1.79 4.66
C SER A 9 -13.01 -0.45 4.26
N GLY A 10 -12.49 0.12 3.19
CA GLY A 10 -12.88 1.45 2.80
C GLY A 10 -11.88 2.45 3.32
N ASP A 11 -10.86 1.95 4.00
CA ASP A 11 -9.83 2.79 4.58
C ASP A 11 -8.80 3.12 3.49
N GLU A 12 -7.77 3.85 3.80
CA GLU A 12 -6.89 4.37 2.76
C GLU A 12 -5.49 3.78 2.87
N VAL A 13 -5.01 3.19 1.78
CA VAL A 13 -3.74 2.48 1.80
C VAL A 13 -2.54 3.33 1.39
N VAL A 14 -2.72 4.28 0.47
CA VAL A 14 -1.62 5.13 0.00
C VAL A 14 -2.19 6.28 -0.86
N SER A 15 -1.56 7.43 -0.81
CA SER A 15 -2.02 8.58 -1.57
C SER A 15 -0.94 9.06 -2.55
N ASP A 16 -1.31 9.98 -3.43
CA ASP A 16 -0.43 10.50 -4.50
C ASP A 16 0.69 11.41 -3.96
N ALA A 17 0.65 11.69 -2.67
CA ALA A 17 1.67 12.48 -2.01
C ALA A 17 2.81 11.59 -1.54
N LEU A 18 2.60 10.30 -1.64
CA LEU A 18 3.56 9.31 -1.23
C LEU A 18 4.16 8.69 -2.50
N LYS A 19 4.96 7.63 -2.38
CA LYS A 19 5.56 7.04 -3.56
C LYS A 19 4.75 5.88 -4.08
N ILE A 20 4.37 5.97 -5.33
CA ILE A 20 3.54 5.00 -6.02
C ILE A 20 4.15 4.67 -7.40
N THR A 21 4.71 3.50 -7.55
CA THR A 21 5.25 3.08 -8.83
C THR A 21 4.63 1.74 -9.26
N PRO A 22 4.47 1.45 -10.57
CA PRO A 22 3.90 0.17 -11.03
C PRO A 22 4.83 -1.01 -10.73
N VAL A 23 4.27 -2.21 -10.60
CA VAL A 23 5.10 -3.39 -10.36
C VAL A 23 5.87 -3.72 -11.60
N MET A 24 7.17 -3.63 -11.54
CA MET A 24 7.99 -3.98 -12.66
C MET A 24 8.97 -5.03 -12.23
N GLU A 25 8.81 -6.20 -12.77
CA GLU A 25 9.69 -7.31 -12.53
C GLU A 25 10.01 -7.95 -13.86
N GLY A 26 11.28 -8.03 -14.18
CA GLY A 26 11.70 -8.68 -15.40
C GLY A 26 11.55 -7.81 -16.62
N GLY A 27 11.62 -6.51 -16.42
CA GLY A 27 11.57 -5.56 -17.51
C GLY A 27 10.18 -5.05 -17.81
N GLU A 28 9.21 -5.89 -17.61
CA GLU A 28 7.85 -5.57 -17.90
C GLU A 28 7.12 -5.17 -16.64
N GLU A 29 6.09 -4.40 -16.81
CA GLU A 29 5.25 -4.09 -15.70
C GLU A 29 4.22 -5.18 -15.59
N VAL A 30 3.81 -5.46 -14.40
CA VAL A 30 2.76 -6.39 -14.19
C VAL A 30 1.48 -5.56 -14.19
N PRO A 31 0.61 -5.76 -15.19
CA PRO A 31 -0.56 -4.91 -15.40
C PRO A 31 -1.59 -4.97 -14.27
N GLY A 32 -1.94 -3.81 -13.78
CA GLY A 32 -2.96 -3.70 -12.79
C GLY A 32 -2.44 -3.71 -11.38
N LEU A 33 -1.16 -3.70 -11.22
CA LEU A 33 -0.54 -3.79 -9.92
C LEU A 33 0.51 -2.73 -9.74
N PHE A 34 0.65 -2.23 -8.52
CA PHE A 34 1.67 -1.28 -8.25
C PHE A 34 2.41 -1.65 -7.00
N GLU A 35 3.64 -1.29 -6.94
CA GLU A 35 4.51 -1.66 -5.90
C GLU A 35 4.93 -0.38 -5.20
N VAL A 36 5.21 -0.45 -3.96
CA VAL A 36 5.70 0.70 -3.32
C VAL A 36 7.14 0.50 -3.00
N ASP A 37 7.93 1.27 -3.66
CA ASP A 37 9.36 1.27 -3.52
C ASP A 37 9.70 2.20 -2.37
N SER A 38 10.80 2.01 -1.73
CA SER A 38 11.04 2.79 -0.55
C SER A 38 11.93 4.00 -0.83
N ALA A 39 11.52 5.11 -0.28
CA ALA A 39 12.26 6.35 -0.34
C ALA A 39 12.35 6.84 1.05
N MET A 40 13.54 7.04 1.50
CA MET A 40 13.79 7.32 2.88
C MET A 40 13.90 8.78 3.15
N VAL A 41 13.04 9.24 4.00
CA VAL A 41 13.01 10.61 4.42
C VAL A 41 13.38 10.68 5.88
N ALA A 42 13.92 11.79 6.30
CA ALA A 42 14.30 12.00 7.67
C ALA A 42 13.08 12.41 8.48
N VAL A 43 12.71 11.57 9.40
CA VAL A 43 11.62 11.82 10.30
C VAL A 43 12.17 12.61 11.47
N GLY A 44 11.74 13.83 11.61
CA GLY A 44 12.26 14.68 12.64
C GLY A 44 13.21 15.68 12.04
N GLY A 45 12.66 16.66 11.37
CA GLY A 45 13.46 17.67 10.75
C GLY A 45 13.11 17.83 9.30
N GLY A 46 12.66 19.01 8.94
CA GLY A 46 12.30 19.27 7.57
C GLY A 46 13.45 19.85 6.81
N ASP A 47 14.36 18.99 6.43
CA ASP A 47 15.56 19.38 5.71
C ASP A 47 15.28 19.65 4.25
N ILE A 48 16.06 20.52 3.67
CA ILE A 48 15.89 20.93 2.30
C ILE A 48 16.71 20.06 1.37
N ASP A 49 16.05 19.53 0.35
CA ASP A 49 16.66 18.75 -0.77
C ASP A 49 17.12 17.35 -0.32
N ILE A 50 16.76 16.99 0.88
CA ILE A 50 17.07 15.66 1.41
C ILE A 50 15.92 14.70 1.05
N GLY A 51 14.77 15.30 0.74
CA GLY A 51 13.61 14.55 0.32
C GLY A 51 13.81 13.94 -1.06
N CYS A 52 12.86 13.09 -1.48
CA CYS A 52 12.89 12.34 -2.74
C CYS A 52 13.86 11.14 -2.67
N GLY A 53 15.04 11.38 -2.15
CA GLY A 53 16.04 10.36 -2.01
C GLY A 53 17.42 10.96 -2.20
N ASN A 54 18.07 11.27 -1.11
CA ASN A 54 19.37 11.90 -1.18
C ASN A 54 20.35 11.13 -0.30
N ALA A 55 21.13 10.26 -0.91
CA ALA A 55 22.16 9.50 -0.22
C ALA A 55 23.24 9.15 -1.22
N PHE A 56 22.82 8.47 -2.30
CA PHE A 56 23.63 8.07 -3.46
C PHE A 56 24.66 6.96 -3.15
N GLY A 57 25.50 7.20 -2.18
CA GLY A 57 26.47 6.23 -1.80
C GLY A 57 27.66 6.82 -1.12
N GLY A 58 28.81 6.33 -1.46
CA GLY A 58 30.04 6.77 -0.86
C GLY A 58 30.45 5.81 0.23
N ALA A 59 29.69 5.83 1.29
CA ALA A 59 29.88 4.97 2.42
C ALA A 59 28.52 4.60 2.96
N GLY A 60 28.15 3.36 2.82
CA GLY A 60 26.87 2.91 3.26
C GLY A 60 27.00 1.67 4.12
N ASP A 61 26.56 1.79 5.34
CA ASP A 61 26.62 0.69 6.31
C ASP A 61 25.52 0.93 7.36
N ASP A 62 25.35 0.01 8.28
CA ASP A 62 24.39 0.15 9.37
C ASP A 62 24.84 1.26 10.31
N GLU A 63 26.14 1.37 10.51
CA GLU A 63 26.72 2.41 11.30
C GLU A 63 27.74 3.17 10.48
N GLY A 64 27.52 4.46 10.34
CA GLY A 64 28.42 5.27 9.56
C GLY A 64 28.76 6.54 10.28
N ALA A 65 29.20 7.52 9.53
CA ALA A 65 29.58 8.82 10.08
C ALA A 65 28.37 9.74 10.16
N ASP A 66 27.33 9.39 9.41
CA ASP A 66 26.06 10.13 9.41
C ASP A 66 25.40 10.02 10.76
N ASP A 67 24.95 11.14 11.30
CA ASP A 67 24.31 11.15 12.59
C ASP A 67 22.97 10.46 12.52
N ALA A 68 22.78 9.54 13.46
CA ALA A 68 21.61 8.70 13.54
C ALA A 68 20.32 9.48 13.62
N THR A 69 19.67 9.52 12.50
CA THR A 69 18.40 10.13 12.35
C THR A 69 17.48 9.09 11.79
N GLN A 70 16.22 9.15 12.14
CA GLN A 70 15.27 8.21 11.65
C GLN A 70 14.99 8.46 10.18
N LYS A 71 15.50 7.59 9.37
CA LYS A 71 15.27 7.64 7.96
C LYS A 71 14.48 6.43 7.58
N GLU A 72 13.33 6.63 7.03
CA GLU A 72 12.50 5.54 6.58
C GLU A 72 11.58 5.98 5.47
N ASN A 73 10.90 5.02 4.88
CA ASN A 73 10.06 5.24 3.72
C ASN A 73 8.92 6.22 3.99
N ASN A 74 8.82 7.22 3.10
CA ASN A 74 7.79 8.27 3.14
C ASN A 74 6.36 7.70 3.23
N VAL A 75 6.17 6.50 2.73
CA VAL A 75 4.87 5.84 2.73
C VAL A 75 4.58 5.23 4.10
N SER A 76 5.57 4.54 4.67
CA SER A 76 5.38 3.81 5.90
C SER A 76 5.09 4.72 7.10
N GLY A 77 6.02 5.65 7.40
CA GLY A 77 5.85 6.69 8.42
C GLY A 77 5.16 6.26 9.71
N PRO A 78 5.91 5.79 10.74
CA PRO A 78 5.34 5.33 12.02
C PRO A 78 4.60 6.46 12.74
N SER A 79 4.96 7.68 12.41
CA SER A 79 4.34 8.85 12.96
C SER A 79 3.01 9.17 12.25
N SER A 80 2.90 8.78 10.99
CA SER A 80 1.75 9.13 10.19
C SER A 80 0.72 7.98 10.12
N PHE A 81 1.02 6.94 9.34
CA PHE A 81 0.08 5.83 9.17
C PHE A 81 0.30 4.77 10.20
N ALA A 82 1.57 4.39 10.37
CA ALA A 82 2.01 3.32 11.27
C ALA A 82 1.51 1.97 10.80
N TYR A 83 2.28 1.34 9.96
CA TYR A 83 1.96 0.03 9.46
C TYR A 83 2.48 -1.01 10.43
N THR A 84 1.60 -1.79 10.97
CA THR A 84 1.94 -2.82 11.90
C THR A 84 1.99 -4.15 11.16
N ALA A 85 3.04 -4.91 11.38
CA ALA A 85 3.23 -6.18 10.72
C ALA A 85 2.38 -7.27 11.34
N MET A 86 1.78 -8.05 10.49
CA MET A 86 0.95 -9.16 10.84
C MET A 86 1.44 -10.40 10.10
N PRO A 87 1.81 -11.45 10.81
CA PRO A 87 2.25 -12.67 10.17
C PRO A 87 1.08 -13.60 9.78
N PHE A 88 1.03 -13.96 8.53
CA PHE A 88 0.04 -14.89 8.00
C PHE A 88 0.71 -15.74 6.95
N SER A 89 0.80 -17.00 7.18
CA SER A 89 1.39 -17.90 6.23
C SER A 89 0.35 -18.83 5.62
N SER A 90 -0.32 -19.60 6.45
CA SER A 90 -1.26 -20.58 5.97
C SER A 90 -2.57 -20.55 6.75
N LYS A 91 -2.82 -19.45 7.44
CA LYS A 91 -4.00 -19.29 8.29
C LYS A 91 -5.31 -19.46 7.49
N GLY A 92 -6.22 -20.28 8.00
CA GLY A 92 -7.50 -20.56 7.34
C GLY A 92 -8.37 -19.33 7.22
N GLU A 93 -8.31 -18.49 8.24
CA GLU A 93 -9.00 -17.21 8.25
C GLU A 93 -8.49 -16.34 7.09
N PHE A 94 -7.18 -16.37 6.88
CA PHE A 94 -6.55 -15.62 5.81
C PHE A 94 -6.99 -16.16 4.44
N LYS A 95 -7.13 -17.48 4.33
CA LYS A 95 -7.60 -18.11 3.10
C LYS A 95 -9.02 -17.67 2.76
N SER A 96 -9.83 -17.55 3.79
CA SER A 96 -11.19 -17.09 3.65
C SER A 96 -11.20 -15.61 3.22
N TRP A 97 -10.27 -14.83 3.78
CA TRP A 97 -10.09 -13.43 3.46
C TRP A 97 -9.68 -13.26 1.97
N VAL A 98 -8.81 -14.16 1.48
CA VAL A 98 -8.38 -14.17 0.07
C VAL A 98 -9.59 -14.31 -0.86
N LYS A 99 -10.54 -15.17 -0.47
CA LYS A 99 -11.76 -15.36 -1.22
C LYS A 99 -12.58 -14.09 -1.29
N ASP A 100 -12.75 -13.43 -0.13
CA ASP A 100 -13.50 -12.16 -0.06
C ASP A 100 -12.80 -11.07 -0.84
N TYR A 101 -11.49 -11.06 -0.76
CA TYR A 101 -10.66 -10.08 -1.43
C TYR A 101 -10.84 -10.15 -2.94
N VAL A 102 -10.53 -11.31 -3.54
CA VAL A 102 -10.59 -11.48 -5.00
C VAL A 102 -12.03 -11.28 -5.51
N ARG A 103 -13.01 -11.74 -4.72
CA ARG A 103 -14.42 -11.61 -5.04
C ARG A 103 -14.81 -10.13 -5.17
N ASN A 104 -14.56 -9.35 -4.10
CA ASN A 104 -14.96 -7.94 -4.07
C ASN A 104 -14.14 -7.08 -5.01
N VAL A 105 -12.92 -7.50 -5.31
CA VAL A 105 -12.11 -6.82 -6.30
C VAL A 105 -12.77 -6.93 -7.68
N ARG A 106 -13.36 -8.08 -7.98
CA ARG A 106 -14.11 -8.25 -9.22
C ARG A 106 -15.34 -7.35 -9.28
N GLN A 107 -15.97 -7.12 -8.12
CA GLN A 107 -17.09 -6.18 -8.03
C GLN A 107 -16.62 -4.75 -8.27
N ALA A 108 -15.42 -4.42 -7.81
CA ALA A 108 -14.84 -3.10 -8.01
C ALA A 108 -14.50 -2.88 -9.48
N LEU A 109 -13.97 -3.94 -10.11
CA LEU A 109 -13.63 -3.90 -11.53
C LEU A 109 -14.84 -3.73 -12.43
N LYS A 110 -15.84 -4.56 -12.25
CA LYS A 110 -17.02 -4.52 -13.12
C LYS A 110 -17.95 -3.36 -12.78
N GLY A 111 -18.00 -3.00 -11.50
CA GLY A 111 -18.90 -1.97 -11.02
C GLY A 111 -18.40 -0.56 -11.26
N SER A 112 -17.23 -0.43 -11.87
CA SER A 112 -16.57 0.85 -12.07
C SER A 112 -17.31 1.73 -13.10
N GLY A 113 -18.10 1.09 -13.96
CA GLY A 113 -18.89 1.83 -14.93
C GLY A 113 -18.12 2.15 -16.21
N VAL A 114 -16.92 1.60 -16.33
CA VAL A 114 -16.09 1.77 -17.52
C VAL A 114 -16.76 1.02 -18.70
N ALA A 115 -16.52 1.50 -19.91
CA ALA A 115 -17.07 0.88 -21.12
C ALA A 115 -16.64 -0.59 -21.24
N VAL A 116 -17.54 -1.43 -21.75
CA VAL A 116 -17.39 -2.89 -21.82
C VAL A 116 -16.05 -3.35 -22.45
N GLU A 117 -15.60 -2.68 -23.52
CA GLU A 117 -14.31 -3.03 -24.16
C GLU A 117 -13.16 -2.94 -23.17
N ASP A 118 -13.13 -1.86 -22.43
CA ASP A 118 -12.08 -1.62 -21.48
C ASP A 118 -12.28 -2.44 -20.22
N ILE A 119 -13.51 -2.86 -19.95
CA ILE A 119 -13.81 -3.78 -18.85
C ILE A 119 -13.18 -5.15 -19.13
N LYS A 120 -13.20 -5.58 -20.39
CA LYS A 120 -12.59 -6.86 -20.79
C LYS A 120 -11.12 -6.87 -20.44
N LYS A 121 -10.46 -5.79 -20.82
CA LYS A 121 -9.02 -5.59 -20.60
C LYS A 121 -8.73 -5.54 -19.10
N PHE A 122 -9.61 -4.87 -18.39
CA PHE A 122 -9.52 -4.63 -16.95
C PHE A 122 -9.67 -5.97 -16.21
N MET A 123 -10.54 -6.83 -16.72
CA MET A 123 -10.77 -8.15 -16.14
C MET A 123 -9.65 -9.11 -16.47
N GLU A 124 -8.79 -8.75 -17.42
CA GLU A 124 -7.61 -9.55 -17.72
C GLU A 124 -6.52 -9.23 -16.72
N GLU A 125 -6.60 -8.04 -16.16
CA GLU A 125 -5.73 -7.65 -15.08
C GLU A 125 -6.10 -8.44 -13.81
N ALA A 126 -7.38 -8.79 -13.69
CA ALA A 126 -7.90 -9.57 -12.53
C ALA A 126 -7.11 -10.90 -12.22
N PRO A 127 -6.92 -11.86 -13.18
CA PRO A 127 -6.15 -13.08 -12.90
C PRO A 127 -4.65 -12.77 -12.73
N THR A 128 -4.25 -11.63 -13.24
CA THR A 128 -2.90 -11.18 -13.14
C THR A 128 -2.59 -10.74 -11.69
N PHE A 129 -3.62 -10.13 -11.02
CA PHE A 129 -3.50 -9.74 -9.61
C PHE A 129 -3.21 -10.98 -8.80
N VAL A 130 -4.10 -11.96 -8.97
CA VAL A 130 -4.05 -13.23 -8.27
C VAL A 130 -2.72 -13.94 -8.54
N LYS A 131 -2.27 -13.90 -9.80
CA LYS A 131 -1.03 -14.53 -10.22
C LYS A 131 0.16 -14.01 -9.42
N TRP A 132 0.33 -12.69 -9.40
CA TRP A 132 1.47 -12.09 -8.73
C TRP A 132 1.37 -12.25 -7.21
N LEU A 133 0.15 -12.28 -6.69
CA LEU A 133 -0.07 -12.52 -5.26
C LEU A 133 0.34 -13.95 -4.89
N VAL A 134 0.02 -14.90 -5.76
CA VAL A 134 0.42 -16.29 -5.56
C VAL A 134 1.94 -16.44 -5.73
N ASP A 135 2.50 -15.69 -6.66
CA ASP A 135 3.95 -15.72 -6.93
C ASP A 135 4.75 -15.16 -5.78
N LYS A 136 4.21 -14.17 -5.12
CA LYS A 136 4.94 -13.51 -4.05
C LYS A 136 4.42 -13.93 -2.66
N TYR A 137 3.48 -14.88 -2.66
CA TYR A 137 2.75 -15.37 -1.45
C TYR A 137 3.65 -15.67 -0.24
N ASP A 138 4.70 -16.45 -0.45
CA ASP A 138 5.59 -16.84 0.66
C ASP A 138 6.50 -15.71 1.10
N ASP A 139 6.57 -14.69 0.29
CA ASP A 139 7.38 -13.50 0.58
C ASP A 139 6.56 -12.40 1.24
N LEU A 140 5.27 -12.61 1.34
CA LEU A 140 4.39 -11.58 1.82
C LEU A 140 4.30 -11.54 3.33
N GLU A 141 4.65 -10.40 3.84
CA GLU A 141 4.46 -10.05 5.21
C GLU A 141 3.30 -9.09 5.16
N PHE A 142 2.43 -9.18 6.08
CA PHE A 142 1.23 -8.41 6.00
C PHE A 142 1.27 -7.27 6.93
N PHE A 143 0.59 -6.23 6.59
CA PHE A 143 0.55 -5.05 7.38
C PHE A 143 -0.85 -4.54 7.51
N MET A 144 -1.03 -3.74 8.49
CA MET A 144 -2.26 -3.05 8.77
C MET A 144 -1.86 -1.67 9.14
N SER A 145 -2.59 -0.68 8.74
CA SER A 145 -2.29 0.62 9.23
C SER A 145 -3.02 0.76 10.58
N LYS A 146 -2.71 1.79 11.31
CA LYS A 146 -3.29 2.03 12.63
C LYS A 146 -4.84 2.04 12.61
N SER A 147 -5.41 2.54 11.53
CA SER A 147 -6.84 2.65 11.39
C SER A 147 -7.51 1.37 10.81
N MET A 148 -6.72 0.41 10.38
CA MET A 148 -7.25 -0.76 9.69
C MET A 148 -7.45 -1.97 10.59
N ASN A 149 -7.93 -3.04 9.98
CA ASN A 149 -8.22 -4.29 10.64
C ASN A 149 -7.61 -5.42 9.82
N PRO A 150 -7.39 -6.61 10.39
CA PRO A 150 -6.85 -7.74 9.61
C PRO A 150 -7.91 -8.36 8.71
N ASP A 151 -9.17 -8.09 9.03
CA ASP A 151 -10.31 -8.59 8.27
C ASP A 151 -10.62 -7.66 7.13
N ALA A 152 -10.16 -6.44 7.25
CA ALA A 152 -10.45 -5.42 6.30
C ALA A 152 -9.36 -4.37 6.35
N GLY A 153 -8.62 -4.24 5.28
CA GLY A 153 -7.49 -3.34 5.28
C GLY A 153 -6.21 -4.06 5.60
N LEU A 154 -6.04 -5.21 5.02
CA LEU A 154 -4.83 -5.97 5.21
C LEU A 154 -3.92 -5.74 4.02
N ILE A 155 -2.80 -5.14 4.28
CA ILE A 155 -1.83 -4.78 3.27
C ILE A 155 -0.87 -5.94 3.04
N PHE A 156 -0.62 -6.25 1.80
CA PHE A 156 0.38 -7.23 1.44
C PHE A 156 1.70 -6.47 1.29
N SER A 157 2.80 -7.03 1.71
CA SER A 157 4.09 -6.39 1.51
C SER A 157 5.15 -7.48 1.39
N TYR A 158 6.28 -7.18 0.77
CA TYR A 158 7.37 -8.12 0.71
C TYR A 158 8.66 -7.37 0.83
N TYR A 159 9.75 -8.07 0.92
CA TYR A 159 11.04 -7.44 1.06
C TYR A 159 11.94 -7.86 -0.08
N LYS A 160 12.07 -6.97 -1.03
CA LYS A 160 12.94 -7.19 -2.19
C LYS A 160 14.34 -6.68 -1.87
N GLU A 161 15.28 -6.93 -2.76
CA GLU A 161 16.62 -6.40 -2.60
C GLU A 161 16.60 -4.95 -3.02
N GLY A 162 17.23 -4.09 -2.25
CA GLY A 162 17.22 -2.67 -2.55
C GLY A 162 16.11 -1.97 -1.81
N ALA A 163 15.43 -2.73 -0.96
CA ALA A 163 14.36 -2.20 -0.16
C ALA A 163 14.90 -1.92 1.21
N HIS A 164 14.61 -0.75 1.71
CA HIS A 164 15.13 -0.37 3.02
C HIS A 164 14.01 -0.29 4.02
N CYS A 165 12.84 -0.65 3.54
CA CYS A 165 11.61 -0.66 4.27
C CYS A 165 10.72 -1.67 3.57
N PRO A 166 9.61 -2.14 4.19
CA PRO A 166 8.65 -3.04 3.55
C PRO A 166 8.18 -2.51 2.20
N THR A 167 8.30 -3.33 1.20
CA THR A 167 7.90 -3.01 -0.13
C THR A 167 6.43 -3.37 -0.24
N PHE A 168 5.58 -2.38 -0.31
CA PHE A 168 4.16 -2.63 -0.21
C PHE A 168 3.59 -3.10 -1.53
N VAL A 169 2.71 -4.02 -1.41
CA VAL A 169 2.06 -4.70 -2.49
C VAL A 169 0.62 -4.25 -2.55
N TYR A 170 0.26 -3.54 -3.59
CA TYR A 170 -1.08 -3.05 -3.75
C TYR A 170 -1.59 -3.32 -5.14
N VAL A 171 -2.88 -3.42 -5.26
CA VAL A 171 -3.51 -3.66 -6.52
C VAL A 171 -4.00 -2.34 -7.13
N LYS A 172 -3.33 -1.90 -8.18
CA LYS A 172 -3.59 -0.62 -8.86
C LYS A 172 -5.02 -0.55 -9.38
N SER A 173 -5.38 -1.57 -10.10
CA SER A 173 -6.66 -1.60 -10.76
C SER A 173 -7.74 -2.22 -9.87
N GLY A 174 -7.40 -2.60 -8.65
CA GLY A 174 -8.34 -3.28 -7.79
C GLY A 174 -8.81 -2.47 -6.61
N TYR A 175 -8.09 -1.41 -6.32
CA TYR A 175 -8.46 -0.52 -5.23
C TYR A 175 -9.20 0.66 -5.79
N LYS A 176 -9.92 1.35 -4.95
CA LYS A 176 -10.69 2.47 -5.39
C LYS A 176 -9.83 3.70 -5.42
N VAL A 177 -9.45 4.08 -6.59
CA VAL A 177 -8.70 5.28 -6.82
C VAL A 177 -9.69 6.42 -6.74
N VAL A 178 -9.68 7.13 -5.64
CA VAL A 178 -10.61 8.19 -5.40
C VAL A 178 -9.88 9.51 -5.35
N LYS A 179 -10.28 10.43 -6.17
CA LYS A 179 -9.70 11.73 -6.15
C LYS A 179 -10.56 12.70 -5.34
N PHE A 180 -10.06 13.05 -4.18
CA PHE A 180 -10.67 14.06 -3.37
C PHE A 180 -10.03 15.38 -3.72
N LEU A 181 -10.82 16.45 -3.70
CA LEU A 181 -10.39 17.81 -4.04
C LEU A 181 -10.18 17.97 -5.56
N GLU A 182 -10.16 19.20 -6.01
CA GLU A 182 -9.91 19.54 -7.39
C GLU A 182 -8.37 19.42 -7.57
N HIS A 183 -7.85 19.56 -8.77
CA HIS A 183 -6.42 19.40 -9.02
C HIS A 183 -5.60 20.64 -8.54
N HIS A 184 -6.28 21.56 -7.84
CA HIS A 184 -5.63 22.74 -7.28
C HIS A 184 -4.91 22.34 -5.98
N HIS A 185 -3.89 21.59 -6.16
CA HIS A 185 -2.99 21.16 -5.12
C HIS A 185 -1.57 21.24 -5.67
N HIS A 186 -1.49 21.58 -6.98
CA HIS A 186 -0.25 21.65 -7.81
C HIS A 186 0.55 20.34 -7.83
N HIS A 187 1.50 20.22 -8.73
CA HIS A 187 2.27 19.02 -8.77
C HIS A 187 3.66 19.22 -8.17
N HIS A 188 3.75 18.90 -6.92
CA HIS A 188 4.98 18.89 -6.15
C HIS A 188 4.67 18.14 -4.89
N MET A 1 -5.28 15.07 -4.31
CA MET A 1 -4.75 13.80 -3.85
C MET A 1 -5.51 12.66 -4.47
N ILE A 2 -4.82 11.83 -5.18
CA ILE A 2 -5.35 10.63 -5.71
C ILE A 2 -5.05 9.56 -4.71
N VAL A 3 -6.06 8.96 -4.16
CA VAL A 3 -5.85 8.03 -3.11
C VAL A 3 -6.51 6.69 -3.44
N TYR A 4 -5.84 5.64 -3.07
CA TYR A 4 -6.35 4.32 -3.25
C TYR A 4 -7.00 3.88 -1.98
N LYS A 5 -8.26 3.59 -2.04
CA LYS A 5 -8.96 3.10 -0.90
C LYS A 5 -9.14 1.60 -1.06
N ASP A 6 -8.95 0.88 0.01
CA ASP A 6 -9.12 -0.57 0.01
C ASP A 6 -10.59 -0.89 -0.10
N VAL A 7 -10.90 -1.96 -0.78
CA VAL A 7 -12.28 -2.32 -1.03
C VAL A 7 -12.93 -3.02 0.18
N ILE A 8 -12.13 -3.71 0.97
CA ILE A 8 -12.68 -4.50 2.06
C ILE A 8 -12.96 -3.60 3.27
N SER A 9 -11.99 -2.78 3.62
CA SER A 9 -12.11 -1.84 4.72
C SER A 9 -12.92 -0.62 4.28
N GLY A 10 -12.64 -0.16 3.08
CA GLY A 10 -13.34 0.96 2.54
C GLY A 10 -12.58 2.25 2.73
N ASP A 11 -11.40 2.19 3.31
CA ASP A 11 -10.67 3.41 3.61
C ASP A 11 -9.30 3.45 2.89
N GLU A 12 -8.60 4.55 3.05
CA GLU A 12 -7.40 4.92 2.29
C GLU A 12 -6.17 4.16 2.76
N VAL A 13 -5.45 3.57 1.82
CA VAL A 13 -4.24 2.83 2.15
C VAL A 13 -2.96 3.53 1.64
N VAL A 14 -3.03 4.19 0.48
CA VAL A 14 -1.85 4.84 -0.11
C VAL A 14 -2.29 6.01 -1.01
N SER A 15 -1.50 7.08 -1.05
CA SER A 15 -1.82 8.25 -1.82
C SER A 15 -0.76 8.52 -2.90
N ASP A 16 -1.05 9.47 -3.80
CA ASP A 16 -0.14 9.83 -4.93
C ASP A 16 1.11 10.56 -4.45
N ALA A 17 1.13 10.99 -3.20
CA ALA A 17 2.27 11.68 -2.63
C ALA A 17 3.33 10.68 -2.21
N LEU A 18 2.96 9.43 -2.21
CA LEU A 18 3.85 8.35 -1.86
C LEU A 18 4.39 7.74 -3.14
N LYS A 19 5.29 6.80 -3.04
CA LYS A 19 5.92 6.23 -4.23
C LYS A 19 5.04 5.16 -4.86
N ILE A 20 4.43 5.49 -5.97
CA ILE A 20 3.56 4.58 -6.67
C ILE A 20 4.21 4.20 -7.99
N THR A 21 4.68 3.01 -8.09
CA THR A 21 5.33 2.54 -9.29
C THR A 21 4.59 1.34 -9.85
N PRO A 22 4.45 1.22 -11.18
CA PRO A 22 3.85 0.05 -11.79
C PRO A 22 4.73 -1.18 -11.51
N VAL A 23 4.11 -2.32 -11.29
CA VAL A 23 4.85 -3.54 -10.99
C VAL A 23 5.68 -3.94 -12.18
N MET A 24 6.97 -3.88 -12.03
CA MET A 24 7.88 -4.28 -13.05
C MET A 24 8.78 -5.36 -12.50
N GLU A 25 8.56 -6.55 -12.96
CA GLU A 25 9.29 -7.71 -12.52
C GLU A 25 10.26 -8.12 -13.60
N GLY A 26 11.51 -7.82 -13.38
CA GLY A 26 12.55 -8.23 -14.30
C GLY A 26 12.52 -7.47 -15.62
N GLY A 27 12.04 -6.25 -15.58
CA GLY A 27 12.03 -5.43 -16.77
C GLY A 27 10.65 -5.23 -17.35
N GLU A 28 9.81 -6.22 -17.25
CA GLU A 28 8.49 -6.12 -17.83
C GLU A 28 7.45 -5.82 -16.77
N GLU A 29 6.38 -5.16 -17.15
CA GLU A 29 5.34 -4.80 -16.22
C GLU A 29 4.38 -5.95 -16.00
N VAL A 30 3.76 -5.95 -14.87
CA VAL A 30 2.74 -6.87 -14.53
C VAL A 30 1.42 -6.08 -14.43
N PRO A 31 0.56 -6.20 -15.47
CA PRO A 31 -0.67 -5.43 -15.57
C PRO A 31 -1.67 -5.64 -14.43
N GLY A 32 -2.17 -4.54 -13.90
CA GLY A 32 -3.19 -4.61 -12.89
C GLY A 32 -2.72 -4.33 -11.51
N LEU A 33 -1.44 -4.24 -11.34
CA LEU A 33 -0.88 -4.13 -10.03
C LEU A 33 0.11 -2.99 -9.96
N PHE A 34 0.29 -2.46 -8.77
CA PHE A 34 1.25 -1.42 -8.56
C PHE A 34 1.98 -1.71 -7.28
N GLU A 35 3.21 -1.39 -7.28
CA GLU A 35 4.05 -1.61 -6.17
C GLU A 35 4.31 -0.27 -5.54
N VAL A 36 4.42 -0.23 -4.27
CA VAL A 36 4.68 0.99 -3.62
C VAL A 36 6.08 0.92 -3.11
N ASP A 37 6.87 1.76 -3.70
CA ASP A 37 8.31 1.76 -3.56
C ASP A 37 8.75 2.40 -2.26
N SER A 38 9.85 1.93 -1.74
CA SER A 38 10.32 2.39 -0.47
C SER A 38 11.41 3.45 -0.69
N ALA A 39 11.31 4.53 0.06
CA ALA A 39 12.27 5.59 0.00
C ALA A 39 12.38 6.20 1.37
N MET A 40 13.58 6.22 1.89
CA MET A 40 13.85 6.73 3.21
C MET A 40 14.10 8.22 3.17
N VAL A 41 13.22 8.96 3.77
CA VAL A 41 13.30 10.40 3.82
C VAL A 41 13.63 10.82 5.25
N ALA A 42 14.09 12.03 5.42
CA ALA A 42 14.41 12.53 6.73
C ALA A 42 13.15 13.03 7.43
N VAL A 43 12.79 12.36 8.50
CA VAL A 43 11.59 12.69 9.22
C VAL A 43 11.95 13.54 10.45
N GLY A 44 12.22 12.91 11.58
CA GLY A 44 12.59 13.63 12.76
C GLY A 44 11.38 13.90 13.64
N GLY A 45 11.63 14.24 14.88
CA GLY A 45 10.55 14.49 15.81
C GLY A 45 10.88 13.97 17.20
N GLY A 46 11.81 13.03 17.27
CA GLY A 46 12.21 12.47 18.53
C GLY A 46 13.21 11.38 18.34
N ASP A 47 13.86 10.98 19.44
CA ASP A 47 14.92 9.93 19.49
C ASP A 47 16.10 10.24 18.59
N ILE A 48 17.15 10.76 19.19
CA ILE A 48 18.36 11.09 18.45
C ILE A 48 19.18 9.81 18.28
N ASP A 49 19.34 9.36 17.08
CA ASP A 49 20.09 8.13 16.83
C ASP A 49 21.44 8.43 16.27
N ILE A 50 22.22 9.14 17.07
CA ILE A 50 23.56 9.60 16.71
C ILE A 50 23.48 10.69 15.63
N GLY A 51 23.80 11.91 16.02
CA GLY A 51 23.73 13.04 15.10
C GLY A 51 24.79 12.96 14.01
N CYS A 52 25.84 12.23 14.30
CA CYS A 52 26.94 12.02 13.37
C CYS A 52 26.61 10.86 12.39
N GLY A 53 25.41 10.29 12.53
CA GLY A 53 25.00 9.17 11.69
C GLY A 53 24.44 9.63 10.36
N ASN A 54 24.31 10.92 10.19
CA ASN A 54 23.85 11.48 8.95
C ASN A 54 25.04 12.00 8.16
N ALA A 55 25.51 11.21 7.25
CA ALA A 55 26.60 11.60 6.39
C ALA A 55 26.05 11.90 5.01
N PHE A 56 25.38 10.93 4.43
CA PHE A 56 24.76 11.04 3.14
C PHE A 56 23.34 10.56 3.26
N GLY A 57 22.41 11.44 3.09
CA GLY A 57 21.04 11.08 3.20
C GLY A 57 20.21 12.22 3.69
N GLY A 58 18.95 12.20 3.35
CA GLY A 58 18.04 13.23 3.71
C GLY A 58 17.41 13.83 2.49
N ALA A 59 18.26 14.39 1.63
CA ALA A 59 17.90 15.04 0.35
C ALA A 59 17.20 16.38 0.56
N GLY A 60 16.10 16.38 1.26
CA GLY A 60 15.40 17.59 1.53
C GLY A 60 13.92 17.43 1.41
N ASP A 61 13.21 18.04 2.32
CA ASP A 61 11.77 18.02 2.31
C ASP A 61 11.30 19.36 2.87
N ASP A 62 10.14 19.80 2.46
CA ASP A 62 9.65 21.12 2.83
C ASP A 62 8.86 21.10 4.14
N GLU A 63 8.23 19.99 4.47
CA GLU A 63 7.33 19.95 5.60
C GLU A 63 7.66 18.84 6.59
N GLY A 64 8.05 17.70 6.06
CA GLY A 64 8.28 16.53 6.88
C GLY A 64 9.63 16.53 7.54
N ALA A 65 10.62 17.14 6.88
CA ALA A 65 11.97 17.16 7.39
C ALA A 65 12.13 18.10 8.58
N ASP A 66 12.07 17.53 9.74
CA ASP A 66 12.26 18.25 11.00
C ASP A 66 13.74 18.46 11.18
N ASP A 67 14.47 17.39 11.02
CA ASP A 67 15.90 17.35 11.12
C ASP A 67 16.31 16.06 10.48
N ALA A 68 17.57 15.89 10.20
CA ALA A 68 18.09 14.68 9.57
C ALA A 68 18.26 13.53 10.58
N THR A 69 17.51 13.60 11.67
CA THR A 69 17.54 12.63 12.76
C THR A 69 17.12 11.25 12.27
N GLN A 70 15.87 11.15 11.86
CA GLN A 70 15.29 9.91 11.43
C GLN A 70 15.27 9.83 9.94
N LYS A 71 15.52 8.67 9.43
CA LYS A 71 15.30 8.38 8.06
C LYS A 71 14.42 7.18 8.01
N GLU A 72 13.28 7.32 7.43
CA GLU A 72 12.31 6.26 7.39
C GLU A 72 11.58 6.38 6.06
N ASN A 73 10.93 5.33 5.67
CA ASN A 73 10.22 5.29 4.43
C ASN A 73 9.03 6.21 4.47
N ASN A 74 8.97 7.07 3.46
CA ASN A 74 7.88 8.05 3.28
C ASN A 74 6.49 7.42 3.23
N VAL A 75 6.44 6.14 2.84
CA VAL A 75 5.18 5.44 2.74
C VAL A 75 4.71 4.94 4.10
N SER A 76 5.61 4.24 4.81
CA SER A 76 5.26 3.64 6.09
C SER A 76 4.89 4.70 7.12
N GLY A 77 5.78 5.70 7.27
CA GLY A 77 5.56 6.87 8.10
C GLY A 77 4.96 6.60 9.48
N PRO A 78 5.78 6.35 10.51
CA PRO A 78 5.28 6.06 11.87
C PRO A 78 4.43 7.20 12.45
N SER A 79 4.69 8.41 12.01
CA SER A 79 3.97 9.58 12.48
C SER A 79 2.74 9.89 11.59
N SER A 80 2.67 9.30 10.42
CA SER A 80 1.65 9.59 9.47
C SER A 80 0.60 8.48 9.34
N PHE A 81 0.94 7.44 8.61
CA PHE A 81 0.01 6.35 8.35
C PHE A 81 0.09 5.29 9.42
N ALA A 82 1.35 4.92 9.73
CA ALA A 82 1.68 3.89 10.72
C ALA A 82 1.14 2.50 10.37
N TYR A 83 2.01 1.66 9.88
CA TYR A 83 1.67 0.31 9.49
C TYR A 83 2.26 -0.66 10.51
N THR A 84 1.42 -1.40 11.16
CA THR A 84 1.84 -2.40 12.12
C THR A 84 2.01 -3.73 11.38
N ALA A 85 3.09 -4.45 11.67
CA ALA A 85 3.38 -5.69 10.98
C ALA A 85 2.66 -6.88 11.61
N MET A 86 2.37 -7.86 10.80
CA MET A 86 1.74 -9.09 11.17
C MET A 86 2.53 -10.25 10.57
N PRO A 87 2.61 -11.39 11.28
CA PRO A 87 3.28 -12.61 10.80
C PRO A 87 2.36 -13.39 9.85
N PHE A 88 2.95 -14.37 9.12
CA PHE A 88 2.17 -15.27 8.25
C PHE A 88 1.14 -15.98 9.10
N SER A 89 -0.11 -15.73 8.84
CA SER A 89 -1.16 -16.37 9.56
C SER A 89 -1.28 -17.83 9.11
N SER A 90 -1.55 -18.00 7.80
CA SER A 90 -1.70 -19.31 7.14
C SER A 90 -2.87 -20.09 7.74
N LYS A 91 -3.76 -19.37 8.37
CA LYS A 91 -4.89 -19.94 9.05
C LYS A 91 -6.08 -19.98 8.12
N GLY A 92 -7.16 -20.65 8.55
CA GLY A 92 -8.39 -20.69 7.77
C GLY A 92 -8.99 -19.31 7.63
N GLU A 93 -8.73 -18.48 8.65
CA GLU A 93 -9.08 -17.06 8.68
C GLU A 93 -8.55 -16.37 7.41
N PHE A 94 -7.29 -16.64 7.09
CA PHE A 94 -6.62 -16.03 5.97
C PHE A 94 -7.18 -16.56 4.65
N LYS A 95 -7.42 -17.85 4.59
CA LYS A 95 -7.91 -18.48 3.36
C LYS A 95 -9.30 -17.98 2.98
N SER A 96 -10.15 -17.84 3.98
CA SER A 96 -11.48 -17.34 3.78
C SER A 96 -11.43 -15.85 3.40
N TRP A 97 -10.45 -15.14 3.96
CA TRP A 97 -10.22 -13.75 3.64
C TRP A 97 -9.84 -13.60 2.17
N VAL A 98 -8.92 -14.45 1.68
CA VAL A 98 -8.47 -14.43 0.27
C VAL A 98 -9.64 -14.61 -0.70
N LYS A 99 -10.53 -15.54 -0.36
CA LYS A 99 -11.71 -15.84 -1.16
C LYS A 99 -12.59 -14.60 -1.30
N ASP A 100 -12.86 -13.95 -0.18
CA ASP A 100 -13.70 -12.75 -0.19
C ASP A 100 -12.99 -11.52 -0.71
N TYR A 101 -11.67 -11.52 -0.59
CA TYR A 101 -10.85 -10.44 -1.13
C TYR A 101 -11.00 -10.40 -2.64
N VAL A 102 -10.75 -11.54 -3.29
CA VAL A 102 -10.87 -11.65 -4.75
C VAL A 102 -12.34 -11.41 -5.19
N ARG A 103 -13.25 -11.87 -4.36
CA ARG A 103 -14.70 -11.72 -4.56
C ARG A 103 -15.09 -10.25 -4.64
N ASN A 104 -14.80 -9.52 -3.56
CA ASN A 104 -15.19 -8.11 -3.44
C ASN A 104 -14.48 -7.24 -4.46
N VAL A 105 -13.29 -7.66 -4.88
CA VAL A 105 -12.55 -7.00 -5.96
C VAL A 105 -13.32 -7.14 -7.28
N ARG A 106 -13.91 -8.31 -7.53
CA ARG A 106 -14.71 -8.55 -8.74
C ARG A 106 -15.92 -7.63 -8.80
N GLN A 107 -16.53 -7.39 -7.64
CA GLN A 107 -17.66 -6.46 -7.55
C GLN A 107 -17.20 -5.03 -7.77
N ALA A 108 -16.00 -4.71 -7.32
CA ALA A 108 -15.43 -3.38 -7.51
C ALA A 108 -15.18 -3.11 -8.99
N LEU A 109 -14.70 -4.13 -9.70
CA LEU A 109 -14.48 -4.05 -11.14
C LEU A 109 -15.77 -3.80 -11.92
N LYS A 110 -16.84 -4.42 -11.49
CA LYS A 110 -18.12 -4.29 -12.19
C LYS A 110 -18.90 -3.04 -11.79
N GLY A 111 -19.04 -2.84 -10.49
CA GLY A 111 -19.87 -1.78 -9.95
C GLY A 111 -19.30 -0.39 -10.07
N SER A 112 -18.08 -0.27 -10.56
CA SER A 112 -17.48 1.03 -10.75
C SER A 112 -18.00 1.72 -12.02
N GLY A 113 -18.53 0.91 -12.96
CA GLY A 113 -19.12 1.46 -14.16
C GLY A 113 -18.09 1.87 -15.21
N VAL A 114 -17.04 1.09 -15.33
CA VAL A 114 -15.98 1.37 -16.29
C VAL A 114 -16.46 1.09 -17.75
N ALA A 115 -15.91 1.84 -18.73
CA ALA A 115 -16.25 1.66 -20.17
C ALA A 115 -15.90 0.26 -20.68
N VAL A 116 -16.56 -0.18 -21.76
CA VAL A 116 -16.45 -1.56 -22.29
C VAL A 116 -15.00 -1.96 -22.64
N GLU A 117 -14.32 -1.09 -23.38
CA GLU A 117 -12.95 -1.35 -23.85
C GLU A 117 -12.03 -1.45 -22.67
N ASP A 118 -12.23 -0.52 -21.77
CA ASP A 118 -11.48 -0.43 -20.55
C ASP A 118 -11.74 -1.66 -19.68
N ILE A 119 -13.01 -2.11 -19.63
CA ILE A 119 -13.41 -3.36 -18.90
C ILE A 119 -12.64 -4.57 -19.42
N LYS A 120 -12.48 -4.66 -20.73
CA LYS A 120 -11.77 -5.78 -21.33
C LYS A 120 -10.31 -5.83 -20.85
N LYS A 121 -9.67 -4.67 -20.82
CA LYS A 121 -8.28 -4.52 -20.34
C LYS A 121 -8.22 -4.75 -18.84
N PHE A 122 -9.23 -4.29 -18.16
CA PHE A 122 -9.39 -4.34 -16.71
C PHE A 122 -9.50 -5.82 -16.26
N MET A 123 -10.14 -6.63 -17.10
CA MET A 123 -10.30 -8.05 -16.85
C MET A 123 -9.10 -8.85 -17.30
N GLU A 124 -8.24 -8.25 -18.12
CA GLU A 124 -6.96 -8.88 -18.50
C GLU A 124 -6.04 -8.82 -17.31
N GLU A 125 -6.20 -7.76 -16.56
CA GLU A 125 -5.44 -7.51 -15.38
C GLU A 125 -5.85 -8.45 -14.24
N ALA A 126 -7.15 -8.82 -14.20
CA ALA A 126 -7.73 -9.71 -13.15
C ALA A 126 -6.91 -11.03 -12.83
N PRO A 127 -6.63 -11.94 -13.82
CA PRO A 127 -5.88 -13.18 -13.53
C PRO A 127 -4.43 -12.87 -13.16
N THR A 128 -3.97 -11.73 -13.60
CA THR A 128 -2.64 -11.29 -13.37
C THR A 128 -2.48 -10.80 -11.92
N PHE A 129 -3.60 -10.29 -11.32
CA PHE A 129 -3.60 -9.89 -9.90
C PHE A 129 -3.24 -11.11 -9.09
N VAL A 130 -4.00 -12.18 -9.36
CA VAL A 130 -3.88 -13.46 -8.68
C VAL A 130 -2.44 -14.00 -8.77
N LYS A 131 -1.89 -14.01 -9.99
CA LYS A 131 -0.55 -14.53 -10.26
C LYS A 131 0.55 -13.89 -9.39
N TRP A 132 0.59 -12.57 -9.34
CA TRP A 132 1.65 -11.87 -8.62
C TRP A 132 1.50 -12.05 -7.12
N LEU A 133 0.25 -12.17 -6.65
CA LEU A 133 -0.02 -12.41 -5.24
C LEU A 133 0.45 -13.82 -4.86
N VAL A 134 0.28 -14.76 -5.77
CA VAL A 134 0.73 -16.13 -5.55
C VAL A 134 2.27 -16.22 -5.61
N ASP A 135 2.88 -15.49 -6.55
CA ASP A 135 4.34 -15.48 -6.69
C ASP A 135 5.05 -14.80 -5.54
N LYS A 136 4.45 -13.77 -4.99
CA LYS A 136 5.07 -13.05 -3.87
C LYS A 136 4.69 -13.62 -2.53
N TYR A 137 3.70 -14.53 -2.51
CA TYR A 137 3.09 -15.10 -1.28
C TYR A 137 4.09 -15.50 -0.17
N ASP A 138 5.13 -16.22 -0.53
CA ASP A 138 6.04 -16.75 0.48
C ASP A 138 7.05 -15.69 0.98
N ASP A 139 7.06 -14.54 0.33
CA ASP A 139 7.98 -13.45 0.69
C ASP A 139 7.22 -12.29 1.34
N LEU A 140 5.93 -12.44 1.51
CA LEU A 140 5.11 -11.36 2.02
C LEU A 140 5.11 -11.25 3.52
N GLU A 141 5.16 -10.05 3.97
CA GLU A 141 4.99 -9.70 5.33
C GLU A 141 3.74 -8.87 5.35
N PHE A 142 2.92 -9.15 6.29
CA PHE A 142 1.63 -8.52 6.33
C PHE A 142 1.66 -7.29 7.17
N PHE A 143 0.98 -6.29 6.73
CA PHE A 143 0.90 -5.05 7.41
C PHE A 143 -0.51 -4.60 7.52
N MET A 144 -0.75 -3.80 8.48
CA MET A 144 -2.04 -3.19 8.68
C MET A 144 -1.81 -1.77 9.01
N SER A 145 -2.45 -0.89 8.31
CA SER A 145 -2.43 0.48 8.67
C SER A 145 -3.34 0.63 9.88
N LYS A 146 -2.92 1.45 10.84
CA LYS A 146 -3.53 1.54 12.19
C LYS A 146 -5.07 1.52 12.26
N SER A 147 -5.75 2.15 11.33
CA SER A 147 -7.21 2.20 11.37
C SER A 147 -7.90 0.93 10.81
N MET A 148 -7.16 0.08 10.14
CA MET A 148 -7.73 -1.09 9.45
C MET A 148 -7.97 -2.29 10.37
N ASN A 149 -8.54 -3.32 9.80
CA ASN A 149 -8.90 -4.55 10.50
C ASN A 149 -8.08 -5.67 9.84
N PRO A 150 -7.69 -6.74 10.56
CA PRO A 150 -6.97 -7.88 9.92
C PRO A 150 -7.83 -8.57 8.83
N ASP A 151 -9.13 -8.35 8.91
CA ASP A 151 -10.06 -8.90 7.96
C ASP A 151 -10.45 -7.88 6.91
N ALA A 152 -10.01 -6.65 7.06
CA ALA A 152 -10.38 -5.60 6.15
C ALA A 152 -9.26 -4.60 6.03
N GLY A 153 -8.55 -4.65 4.94
CA GLY A 153 -7.41 -3.79 4.78
C GLY A 153 -6.13 -4.47 5.23
N LEU A 154 -6.03 -5.75 4.90
CA LEU A 154 -4.84 -6.50 5.23
C LEU A 154 -3.86 -6.28 4.09
N ILE A 155 -2.80 -5.61 4.39
CA ILE A 155 -1.86 -5.15 3.43
C ILE A 155 -0.74 -6.16 3.24
N PHE A 156 -0.46 -6.43 1.99
CA PHE A 156 0.64 -7.29 1.63
C PHE A 156 1.86 -6.39 1.42
N SER A 157 3.00 -6.80 1.87
CA SER A 157 4.21 -6.06 1.63
C SER A 157 5.35 -7.05 1.55
N TYR A 158 6.44 -6.67 0.95
CA TYR A 158 7.62 -7.49 0.95
C TYR A 158 8.83 -6.61 0.97
N TYR A 159 9.95 -7.17 1.22
CA TYR A 159 11.17 -6.42 1.27
C TYR A 159 12.02 -6.80 0.09
N LYS A 160 12.02 -5.94 -0.90
CA LYS A 160 12.82 -6.19 -2.08
C LYS A 160 14.28 -5.94 -1.79
N GLU A 161 15.12 -6.58 -2.56
CA GLU A 161 16.53 -6.53 -2.40
C GLU A 161 17.07 -5.11 -2.59
N GLY A 162 17.64 -4.59 -1.52
CA GLY A 162 18.19 -3.27 -1.53
C GLY A 162 17.33 -2.29 -0.74
N ALA A 163 16.18 -2.74 -0.26
CA ALA A 163 15.30 -1.90 0.51
C ALA A 163 15.47 -2.16 2.00
N HIS A 164 15.41 -1.10 2.79
CA HIS A 164 15.53 -1.20 4.25
C HIS A 164 14.14 -1.31 4.84
N CYS A 165 13.23 -0.64 4.19
CA CYS A 165 11.88 -0.51 4.64
C CYS A 165 10.95 -1.35 3.76
N PRO A 166 9.73 -1.70 4.26
CA PRO A 166 8.77 -2.52 3.51
C PRO A 166 8.30 -1.88 2.20
N THR A 167 8.23 -2.69 1.19
CA THR A 167 7.74 -2.31 -0.10
C THR A 167 6.32 -2.85 -0.21
N PHE A 168 5.36 -1.97 -0.28
CA PHE A 168 3.97 -2.36 -0.18
C PHE A 168 3.39 -2.86 -1.47
N VAL A 169 2.51 -3.83 -1.34
CA VAL A 169 1.88 -4.53 -2.44
C VAL A 169 0.39 -4.21 -2.44
N TYR A 170 -0.08 -3.64 -3.54
CA TYR A 170 -1.49 -3.32 -3.68
C TYR A 170 -1.96 -3.65 -5.08
N VAL A 171 -3.25 -3.81 -5.22
CA VAL A 171 -3.83 -4.11 -6.50
C VAL A 171 -4.32 -2.80 -7.14
N LYS A 172 -3.75 -2.46 -8.28
CA LYS A 172 -4.03 -1.19 -8.98
C LYS A 172 -5.47 -1.10 -9.42
N SER A 173 -5.87 -2.08 -10.18
CA SER A 173 -7.19 -2.08 -10.76
C SER A 173 -8.23 -2.71 -9.83
N GLY A 174 -7.76 -3.21 -8.70
CA GLY A 174 -8.65 -3.88 -7.78
C GLY A 174 -9.08 -2.98 -6.66
N TYR A 175 -8.36 -1.90 -6.47
CA TYR A 175 -8.68 -0.93 -5.44
C TYR A 175 -9.43 0.21 -6.03
N LYS A 176 -10.15 0.91 -5.21
CA LYS A 176 -10.94 2.01 -5.68
C LYS A 176 -10.14 3.31 -5.59
N VAL A 177 -9.81 3.79 -6.75
CA VAL A 177 -9.03 5.00 -6.91
C VAL A 177 -9.95 6.19 -6.83
N VAL A 178 -9.83 6.93 -5.78
CA VAL A 178 -10.64 8.11 -5.59
C VAL A 178 -9.76 9.33 -5.70
N LYS A 179 -10.10 10.19 -6.60
CA LYS A 179 -9.31 11.35 -6.89
C LYS A 179 -9.97 12.58 -6.25
N PHE A 180 -9.36 13.08 -5.20
CA PHE A 180 -9.87 14.24 -4.50
C PHE A 180 -9.13 15.49 -4.92
N LEU A 181 -9.82 16.42 -5.52
CA LEU A 181 -9.23 17.72 -5.76
C LEU A 181 -9.56 18.57 -4.55
N GLU A 182 -8.70 18.49 -3.55
CA GLU A 182 -8.92 19.19 -2.30
C GLU A 182 -8.74 20.68 -2.47
N HIS A 183 -9.52 21.42 -1.69
CA HIS A 183 -9.64 22.87 -1.74
C HIS A 183 -10.37 23.23 -3.02
N HIS A 184 -11.65 23.58 -2.86
CA HIS A 184 -12.57 23.89 -3.96
C HIS A 184 -11.93 24.74 -5.06
N HIS A 185 -11.87 24.16 -6.23
CA HIS A 185 -11.32 24.83 -7.39
C HIS A 185 -12.44 25.60 -8.04
N HIS A 186 -12.53 26.85 -7.70
CA HIS A 186 -13.57 27.66 -8.24
C HIS A 186 -12.97 28.74 -9.10
N HIS A 187 -12.96 28.51 -10.38
CA HIS A 187 -12.48 29.48 -11.31
C HIS A 187 -13.69 30.14 -11.92
N HIS A 188 -13.64 31.43 -12.06
CA HIS A 188 -14.72 32.14 -12.64
C HIS A 188 -14.27 32.60 -14.01
N MET A 1 -5.19 14.23 -6.26
CA MET A 1 -4.79 13.07 -5.50
C MET A 1 -5.62 11.89 -5.88
N ILE A 2 -4.96 10.86 -6.32
CA ILE A 2 -5.55 9.62 -6.58
C ILE A 2 -5.35 8.78 -5.35
N VAL A 3 -6.40 8.52 -4.66
CA VAL A 3 -6.31 7.74 -3.47
C VAL A 3 -6.87 6.36 -3.74
N TYR A 4 -6.25 5.38 -3.18
CA TYR A 4 -6.66 4.02 -3.34
C TYR A 4 -7.34 3.57 -2.08
N LYS A 5 -8.59 3.22 -2.19
CA LYS A 5 -9.35 2.69 -1.10
C LYS A 5 -9.43 1.19 -1.20
N ASP A 6 -9.27 0.54 -0.09
CA ASP A 6 -9.38 -0.90 0.00
C ASP A 6 -10.84 -1.29 -0.13
N VAL A 7 -11.10 -2.36 -0.84
CA VAL A 7 -12.46 -2.80 -1.09
C VAL A 7 -13.05 -3.50 0.15
N ILE A 8 -12.18 -4.02 0.99
CA ILE A 8 -12.62 -4.77 2.15
C ILE A 8 -13.01 -3.81 3.29
N SER A 9 -12.09 -2.94 3.64
CA SER A 9 -12.31 -1.99 4.73
C SER A 9 -13.01 -0.70 4.25
N GLY A 10 -12.62 -0.23 3.09
CA GLY A 10 -13.15 1.02 2.58
C GLY A 10 -12.23 2.17 2.92
N ASP A 11 -11.13 1.86 3.59
CA ASP A 11 -10.18 2.86 4.02
C ASP A 11 -9.07 3.06 3.03
N GLU A 12 -8.28 4.06 3.26
CA GLU A 12 -7.23 4.50 2.37
C GLU A 12 -5.98 3.66 2.58
N VAL A 13 -5.44 3.10 1.51
CA VAL A 13 -4.21 2.34 1.59
C VAL A 13 -3.00 3.18 1.21
N VAL A 14 -3.19 4.09 0.27
CA VAL A 14 -2.10 4.92 -0.22
C VAL A 14 -2.68 5.94 -1.21
N SER A 15 -1.94 6.94 -1.53
CA SER A 15 -2.33 7.91 -2.48
C SER A 15 -1.17 8.17 -3.43
N ASP A 16 -1.43 8.83 -4.54
CA ASP A 16 -0.38 9.13 -5.55
C ASP A 16 0.54 10.26 -5.07
N ALA A 17 0.28 10.76 -3.87
CA ALA A 17 1.13 11.75 -3.24
C ALA A 17 2.33 11.07 -2.62
N LEU A 18 2.16 9.79 -2.35
CA LEU A 18 3.16 8.98 -1.73
C LEU A 18 3.94 8.22 -2.80
N LYS A 19 5.01 7.56 -2.40
CA LYS A 19 5.89 6.83 -3.33
C LYS A 19 5.17 5.61 -3.93
N ILE A 20 4.84 5.70 -5.19
CA ILE A 20 4.21 4.61 -5.92
C ILE A 20 5.00 4.33 -7.19
N THR A 21 5.49 3.14 -7.30
CA THR A 21 6.20 2.70 -8.48
C THR A 21 5.40 1.58 -9.19
N PRO A 22 5.34 1.56 -10.52
CA PRO A 22 4.69 0.45 -11.23
C PRO A 22 5.50 -0.85 -11.05
N VAL A 23 4.83 -1.99 -10.90
CA VAL A 23 5.51 -3.25 -10.67
C VAL A 23 6.25 -3.69 -11.92
N MET A 24 7.55 -3.69 -11.85
CA MET A 24 8.35 -4.14 -12.95
C MET A 24 9.25 -5.27 -12.51
N GLU A 25 9.04 -6.43 -13.09
CA GLU A 25 9.85 -7.59 -12.81
C GLU A 25 10.42 -8.14 -14.10
N GLY A 26 11.73 -8.15 -14.20
CA GLY A 26 12.38 -8.66 -15.40
C GLY A 26 12.33 -7.66 -16.54
N GLY A 27 12.16 -6.40 -16.18
CA GLY A 27 12.12 -5.33 -17.16
C GLY A 27 10.72 -4.98 -17.62
N GLU A 28 9.83 -5.92 -17.50
CA GLU A 28 8.46 -5.74 -17.94
C GLU A 28 7.56 -5.40 -16.76
N GLU A 29 6.49 -4.67 -17.01
CA GLU A 29 5.58 -4.34 -15.96
C GLU A 29 4.55 -5.45 -15.79
N VAL A 30 4.03 -5.55 -14.61
CA VAL A 30 2.97 -6.48 -14.36
C VAL A 30 1.69 -5.64 -14.37
N PRO A 31 0.79 -5.92 -15.33
CA PRO A 31 -0.38 -5.07 -15.60
C PRO A 31 -1.39 -4.91 -14.45
N GLY A 32 -1.76 -3.65 -14.22
CA GLY A 32 -2.79 -3.27 -13.26
C GLY A 32 -2.37 -3.41 -11.81
N LEU A 33 -1.08 -3.41 -11.57
CA LEU A 33 -0.54 -3.58 -10.25
C LEU A 33 0.48 -2.51 -9.97
N PHE A 34 0.57 -2.08 -8.73
CA PHE A 34 1.56 -1.10 -8.38
C PHE A 34 2.29 -1.54 -7.14
N GLU A 35 3.47 -1.07 -7.05
CA GLU A 35 4.36 -1.38 -6.01
C GLU A 35 4.56 -0.11 -5.21
N VAL A 36 4.79 -0.25 -3.96
CA VAL A 36 5.12 0.87 -3.19
C VAL A 36 6.56 0.75 -2.76
N ASP A 37 7.35 1.65 -3.27
CA ASP A 37 8.74 1.72 -2.98
C ASP A 37 8.90 2.55 -1.71
N SER A 38 9.99 2.44 -1.04
CA SER A 38 10.11 3.10 0.22
C SER A 38 10.86 4.41 0.05
N ALA A 39 10.35 5.43 0.66
CA ALA A 39 10.99 6.71 0.62
C ALA A 39 10.97 7.30 1.99
N MET A 40 12.12 7.62 2.51
CA MET A 40 12.26 8.19 3.82
C MET A 40 12.16 9.67 3.77
N VAL A 41 11.09 10.16 4.33
CA VAL A 41 10.84 11.56 4.41
C VAL A 41 10.79 11.94 5.88
N ALA A 42 10.91 13.20 6.15
CA ALA A 42 10.80 13.68 7.48
C ALA A 42 9.37 14.10 7.71
N VAL A 43 8.75 13.50 8.70
CA VAL A 43 7.39 13.85 9.05
C VAL A 43 7.40 15.26 9.68
N GLY A 44 8.46 15.53 10.39
CA GLY A 44 8.71 16.80 10.99
C GLY A 44 10.21 16.98 11.05
N GLY A 45 10.68 18.21 11.05
CA GLY A 45 12.10 18.46 11.11
C GLY A 45 12.50 19.26 12.34
N GLY A 46 11.69 20.24 12.70
CA GLY A 46 11.98 21.04 13.85
C GLY A 46 11.10 20.67 15.00
N ASP A 47 11.62 19.82 15.87
CA ASP A 47 10.92 19.25 17.07
C ASP A 47 10.18 20.32 17.87
N ILE A 48 8.84 20.33 17.73
CA ILE A 48 7.89 21.17 18.52
C ILE A 48 8.00 22.71 18.25
N ASP A 49 9.23 23.26 18.33
CA ASP A 49 9.52 24.70 18.17
C ASP A 49 8.91 25.27 16.91
N ILE A 50 9.04 24.56 15.81
CA ILE A 50 8.41 25.01 14.59
C ILE A 50 6.95 24.61 14.67
N GLY A 51 6.11 25.56 15.04
CA GLY A 51 4.71 25.31 15.22
C GLY A 51 3.96 25.41 13.94
N CYS A 52 4.37 24.63 12.98
CA CYS A 52 3.78 24.61 11.69
C CYS A 52 3.34 23.20 11.37
N GLY A 53 2.09 22.95 11.61
CA GLY A 53 1.48 21.71 11.24
C GLY A 53 0.42 21.94 10.21
N ASN A 54 0.11 23.20 10.00
CA ASN A 54 -0.88 23.60 9.03
C ASN A 54 -0.21 23.92 7.73
N ALA A 55 -0.46 23.11 6.75
CA ALA A 55 0.17 23.24 5.48
C ALA A 55 -0.87 23.18 4.38
N PHE A 56 -0.53 23.71 3.24
CA PHE A 56 -1.40 23.67 2.08
C PHE A 56 -1.03 22.44 1.27
N GLY A 57 -1.67 21.32 1.60
CA GLY A 57 -1.40 20.06 0.92
C GLY A 57 -0.17 19.35 1.45
N GLY A 58 0.92 20.06 1.46
CA GLY A 58 2.18 19.59 1.94
C GLY A 58 3.18 20.72 1.91
N ALA A 59 3.70 21.07 3.07
CA ALA A 59 4.65 22.17 3.19
C ALA A 59 5.47 21.99 4.45
N GLY A 60 6.40 22.89 4.65
CA GLY A 60 7.29 22.85 5.78
C GLY A 60 8.71 22.94 5.29
N ASP A 61 9.65 23.25 6.15
CA ASP A 61 11.04 23.42 5.72
C ASP A 61 11.62 22.03 5.40
N ASP A 62 11.45 21.12 6.34
CA ASP A 62 11.79 19.70 6.15
C ASP A 62 10.48 18.93 6.06
N GLU A 63 9.42 19.67 5.74
CA GLU A 63 8.02 19.22 5.80
C GLU A 63 7.53 19.13 7.26
N GLY A 64 6.29 19.45 7.45
CA GLY A 64 5.73 19.41 8.77
C GLY A 64 4.26 19.14 8.75
N ALA A 65 3.89 17.97 8.26
CA ALA A 65 2.50 17.57 8.21
C ALA A 65 2.01 17.19 9.61
N ASP A 66 2.87 16.54 10.35
CA ASP A 66 2.61 16.13 11.73
C ASP A 66 3.84 16.47 12.53
N ASP A 67 3.71 16.77 13.81
CA ASP A 67 4.90 17.08 14.58
C ASP A 67 5.46 15.84 15.22
N ALA A 68 6.18 15.14 14.42
CA ALA A 68 6.89 13.98 14.81
C ALA A 68 8.10 13.94 13.95
N THR A 69 9.23 14.16 14.55
CA THR A 69 10.49 14.25 13.87
C THR A 69 11.04 12.83 13.51
N GLN A 70 10.19 12.03 12.95
CA GLN A 70 10.55 10.71 12.54
C GLN A 70 10.81 10.70 11.07
N LYS A 71 11.91 10.15 10.68
CA LYS A 71 12.16 9.95 9.28
C LYS A 71 11.89 8.51 9.00
N GLU A 72 10.96 8.28 8.14
CA GLU A 72 10.52 6.95 7.86
C GLU A 72 9.87 6.98 6.48
N ASN A 73 9.55 5.82 5.97
CA ASN A 73 8.88 5.70 4.70
C ASN A 73 7.54 6.39 4.76
N ASN A 74 7.36 7.32 3.85
CA ASN A 74 6.15 8.15 3.69
C ASN A 74 4.82 7.36 3.65
N VAL A 75 4.87 6.10 3.24
CA VAL A 75 3.66 5.30 3.15
C VAL A 75 3.36 4.59 4.45
N SER A 76 4.37 4.07 5.11
CA SER A 76 4.17 3.38 6.36
C SER A 76 3.93 4.37 7.49
N GLY A 77 4.76 5.45 7.49
CA GLY A 77 4.65 6.60 8.40
C GLY A 77 4.03 6.32 9.76
N PRO A 78 4.82 5.87 10.77
CA PRO A 78 4.30 5.51 12.12
C PRO A 78 3.59 6.69 12.81
N SER A 79 3.94 7.87 12.40
CA SER A 79 3.42 9.09 12.92
C SER A 79 2.02 9.40 12.32
N SER A 80 1.72 8.81 11.18
CA SER A 80 0.52 9.17 10.44
C SER A 80 -0.33 7.95 10.08
N PHE A 81 0.20 7.09 9.21
CA PHE A 81 -0.55 5.94 8.67
C PHE A 81 -0.40 4.71 9.56
N ALA A 82 0.77 4.58 10.19
CA ALA A 82 1.13 3.53 11.17
C ALA A 82 0.89 2.09 10.69
N TYR A 83 1.89 1.54 10.04
CA TYR A 83 1.82 0.17 9.57
C TYR A 83 2.40 -0.79 10.58
N THR A 84 1.56 -1.62 11.13
CA THR A 84 1.97 -2.62 12.09
C THR A 84 2.03 -3.98 11.38
N ALA A 85 3.04 -4.78 11.67
CA ALA A 85 3.27 -6.04 10.96
C ALA A 85 2.46 -7.19 11.52
N MET A 86 2.08 -8.06 10.62
CA MET A 86 1.33 -9.28 10.88
C MET A 86 2.07 -10.45 10.25
N PRO A 87 2.36 -11.50 11.03
CA PRO A 87 2.97 -12.71 10.50
C PRO A 87 1.91 -13.61 9.84
N PHE A 88 2.35 -14.61 9.08
CA PHE A 88 1.42 -15.56 8.47
C PHE A 88 0.71 -16.35 9.55
N SER A 89 -0.57 -16.17 9.64
CA SER A 89 -1.36 -16.95 10.54
C SER A 89 -1.78 -18.23 9.84
N SER A 90 -2.12 -18.09 8.53
CA SER A 90 -2.51 -19.17 7.62
C SER A 90 -3.68 -20.03 8.14
N LYS A 91 -4.46 -19.46 9.03
CA LYS A 91 -5.57 -20.15 9.62
C LYS A 91 -6.82 -19.86 8.77
N GLY A 92 -7.91 -20.55 9.07
CA GLY A 92 -9.16 -20.43 8.31
C GLY A 92 -9.63 -19.00 8.06
N GLU A 93 -9.60 -18.12 9.08
CA GLU A 93 -10.03 -16.72 8.92
C GLU A 93 -9.20 -16.03 7.86
N PHE A 94 -7.89 -16.22 7.94
CA PHE A 94 -6.93 -15.66 7.02
C PHE A 94 -7.20 -16.14 5.59
N LYS A 95 -7.50 -17.43 5.45
CA LYS A 95 -7.76 -18.00 4.14
C LYS A 95 -9.12 -17.56 3.61
N SER A 96 -10.04 -17.33 4.52
CA SER A 96 -11.35 -16.83 4.16
C SER A 96 -11.24 -15.37 3.72
N TRP A 97 -10.30 -14.64 4.31
CA TRP A 97 -10.00 -13.28 3.91
C TRP A 97 -9.51 -13.28 2.48
N VAL A 98 -8.59 -14.21 2.17
CA VAL A 98 -8.06 -14.38 0.82
C VAL A 98 -9.21 -14.65 -0.17
N LYS A 99 -10.16 -15.47 0.26
CA LYS A 99 -11.34 -15.76 -0.53
C LYS A 99 -12.15 -14.49 -0.79
N ASP A 100 -12.53 -13.81 0.29
CA ASP A 100 -13.38 -12.60 0.22
C ASP A 100 -12.69 -11.47 -0.50
N TYR A 101 -11.38 -11.41 -0.40
CA TYR A 101 -10.60 -10.41 -1.07
C TYR A 101 -10.77 -10.54 -2.58
N VAL A 102 -10.53 -11.73 -3.10
CA VAL A 102 -10.64 -11.99 -4.53
C VAL A 102 -12.10 -11.85 -5.00
N ARG A 103 -13.05 -12.24 -4.14
CA ARG A 103 -14.48 -12.09 -4.40
C ARG A 103 -14.83 -10.61 -4.58
N ASN A 104 -14.52 -9.83 -3.56
CA ASN A 104 -14.83 -8.39 -3.50
C ASN A 104 -14.20 -7.61 -4.63
N VAL A 105 -13.00 -8.02 -5.05
CA VAL A 105 -12.33 -7.41 -6.19
C VAL A 105 -13.16 -7.60 -7.48
N ARG A 106 -13.78 -8.77 -7.65
CA ARG A 106 -14.65 -9.01 -8.81
C ARG A 106 -15.87 -8.10 -8.83
N GLN A 107 -16.44 -7.85 -7.66
CA GLN A 107 -17.59 -6.95 -7.57
C GLN A 107 -17.15 -5.50 -7.79
N ALA A 108 -15.92 -5.19 -7.35
CA ALA A 108 -15.35 -3.85 -7.52
C ALA A 108 -15.15 -3.54 -8.98
N LEU A 109 -14.61 -4.52 -9.71
CA LEU A 109 -14.38 -4.38 -11.15
C LEU A 109 -15.67 -4.12 -11.93
N LYS A 110 -16.74 -4.74 -11.52
CA LYS A 110 -18.00 -4.59 -12.22
C LYS A 110 -18.77 -3.33 -11.81
N GLY A 111 -18.79 -3.07 -10.51
CA GLY A 111 -19.60 -1.97 -9.97
C GLY A 111 -18.92 -0.62 -10.00
N SER A 112 -17.69 -0.54 -10.45
CA SER A 112 -16.95 0.71 -10.47
C SER A 112 -17.38 1.66 -11.59
N GLY A 113 -18.00 1.11 -12.65
CA GLY A 113 -18.49 1.93 -13.75
C GLY A 113 -17.38 2.47 -14.64
N VAL A 114 -16.39 1.65 -14.89
CA VAL A 114 -15.29 2.02 -15.76
C VAL A 114 -15.74 1.76 -17.23
N ALA A 115 -15.17 2.48 -18.20
CA ALA A 115 -15.56 2.34 -19.62
C ALA A 115 -15.32 0.93 -20.14
N VAL A 116 -16.15 0.48 -21.08
CA VAL A 116 -16.10 -0.90 -21.63
C VAL A 116 -14.72 -1.28 -22.19
N GLU A 117 -14.08 -0.33 -22.85
CA GLU A 117 -12.74 -0.53 -23.44
C GLU A 117 -11.76 -0.88 -22.33
N ASP A 118 -11.84 -0.08 -21.27
CA ASP A 118 -11.00 -0.27 -20.10
C ASP A 118 -11.38 -1.57 -19.43
N ILE A 119 -12.69 -1.86 -19.35
CA ILE A 119 -13.24 -3.11 -18.75
C ILE A 119 -12.62 -4.35 -19.43
N LYS A 120 -12.40 -4.28 -20.74
CA LYS A 120 -11.77 -5.38 -21.48
C LYS A 120 -10.40 -5.67 -20.92
N LYS A 121 -9.59 -4.64 -20.81
CA LYS A 121 -8.25 -4.73 -20.21
C LYS A 121 -8.34 -5.16 -18.75
N PHE A 122 -9.20 -4.47 -18.04
CA PHE A 122 -9.46 -4.59 -16.60
C PHE A 122 -9.77 -6.08 -16.22
N MET A 123 -10.55 -6.74 -17.07
CA MET A 123 -10.91 -8.14 -16.86
C MET A 123 -9.81 -9.10 -17.31
N GLU A 124 -9.00 -8.68 -18.26
CA GLU A 124 -7.87 -9.49 -18.76
C GLU A 124 -6.73 -9.49 -17.78
N GLU A 125 -6.51 -8.36 -17.18
CA GLU A 125 -5.45 -8.17 -16.24
C GLU A 125 -5.85 -8.70 -14.85
N ALA A 126 -7.16 -8.88 -14.64
CA ALA A 126 -7.71 -9.40 -13.36
C ALA A 126 -7.08 -10.74 -12.88
N PRO A 127 -6.99 -11.82 -13.73
CA PRO A 127 -6.32 -13.07 -13.34
C PRO A 127 -4.84 -12.85 -12.98
N THR A 128 -4.24 -11.87 -13.64
CA THR A 128 -2.84 -11.54 -13.47
C THR A 128 -2.60 -10.89 -12.08
N PHE A 129 -3.64 -10.23 -11.53
CA PHE A 129 -3.56 -9.64 -10.19
C PHE A 129 -3.43 -10.76 -9.18
N VAL A 130 -4.30 -11.76 -9.35
CA VAL A 130 -4.32 -12.93 -8.49
C VAL A 130 -3.01 -13.71 -8.62
N LYS A 131 -2.56 -13.83 -9.87
CA LYS A 131 -1.28 -14.46 -10.19
C LYS A 131 -0.12 -13.88 -9.42
N TRP A 132 0.05 -12.57 -9.51
CA TRP A 132 1.17 -11.90 -8.87
C TRP A 132 1.07 -11.99 -7.35
N LEU A 133 -0.14 -11.96 -6.80
CA LEU A 133 -0.33 -12.09 -5.35
C LEU A 133 0.08 -13.49 -4.85
N VAL A 134 -0.26 -14.50 -5.63
CA VAL A 134 0.08 -15.88 -5.27
C VAL A 134 1.57 -16.16 -5.50
N ASP A 135 2.11 -15.65 -6.59
CA ASP A 135 3.53 -15.85 -6.93
C ASP A 135 4.46 -14.99 -6.09
N LYS A 136 3.94 -13.97 -5.44
CA LYS A 136 4.77 -13.13 -4.59
C LYS A 136 4.51 -13.45 -3.11
N TYR A 137 3.50 -14.30 -2.86
CA TYR A 137 3.05 -14.69 -1.51
C TYR A 137 4.18 -15.19 -0.59
N ASP A 138 5.15 -15.92 -1.14
CA ASP A 138 6.26 -16.44 -0.32
C ASP A 138 7.31 -15.39 -0.01
N ASP A 139 7.15 -14.20 -0.54
CA ASP A 139 8.03 -13.08 -0.23
C ASP A 139 7.28 -12.06 0.61
N LEU A 140 5.99 -12.29 0.78
CA LEU A 140 5.14 -11.36 1.47
C LEU A 140 5.18 -11.52 2.96
N GLU A 141 4.84 -10.45 3.60
CA GLU A 141 4.58 -10.31 5.00
C GLU A 141 3.43 -9.35 5.07
N PHE A 142 2.70 -9.34 6.14
CA PHE A 142 1.49 -8.57 6.17
C PHE A 142 1.59 -7.40 7.10
N PHE A 143 0.84 -6.37 6.79
CA PHE A 143 0.78 -5.16 7.56
C PHE A 143 -0.65 -4.70 7.69
N MET A 144 -0.87 -3.75 8.56
CA MET A 144 -2.16 -3.12 8.77
C MET A 144 -1.88 -1.67 9.00
N SER A 145 -2.69 -0.80 8.49
CA SER A 145 -2.54 0.59 8.79
C SER A 145 -3.34 0.90 10.06
N LYS A 146 -3.16 2.08 10.61
CA LYS A 146 -3.87 2.58 11.80
C LYS A 146 -5.39 2.45 11.60
N SER A 147 -5.81 2.72 10.40
CA SER A 147 -7.20 2.71 10.03
C SER A 147 -7.71 1.31 9.70
N MET A 148 -6.86 0.31 9.71
CA MET A 148 -7.24 -1.01 9.23
C MET A 148 -7.14 -2.10 10.27
N ASN A 149 -7.61 -3.27 9.86
CA ASN A 149 -7.74 -4.44 10.72
C ASN A 149 -7.16 -5.62 9.97
N PRO A 150 -6.91 -6.78 10.62
CA PRO A 150 -6.44 -7.98 9.90
C PRO A 150 -7.57 -8.60 9.05
N ASP A 151 -8.80 -8.30 9.44
CA ASP A 151 -10.00 -8.79 8.76
C ASP A 151 -10.40 -7.89 7.62
N ALA A 152 -9.91 -6.67 7.64
CA ALA A 152 -10.28 -5.66 6.68
C ALA A 152 -9.17 -4.68 6.52
N GLY A 153 -8.50 -4.73 5.39
CA GLY A 153 -7.36 -3.87 5.17
C GLY A 153 -6.05 -4.54 5.55
N LEU A 154 -5.93 -5.80 5.17
CA LEU A 154 -4.72 -6.53 5.42
C LEU A 154 -3.78 -6.27 4.26
N ILE A 155 -2.72 -5.59 4.56
CA ILE A 155 -1.77 -5.10 3.59
C ILE A 155 -0.70 -6.14 3.29
N PHE A 156 -0.39 -6.29 2.01
CA PHE A 156 0.64 -7.20 1.55
C PHE A 156 1.94 -6.40 1.39
N SER A 157 3.08 -6.94 1.79
CA SER A 157 4.34 -6.26 1.58
C SER A 157 5.47 -7.28 1.41
N TYR A 158 6.48 -6.95 0.63
CA TYR A 158 7.66 -7.77 0.50
C TYR A 158 8.86 -6.86 0.66
N TYR A 159 10.05 -7.39 0.59
CA TYR A 159 11.22 -6.53 0.74
C TYR A 159 12.11 -6.63 -0.48
N LYS A 160 12.13 -5.59 -1.28
CA LYS A 160 13.05 -5.54 -2.42
C LYS A 160 14.43 -5.12 -1.90
N GLU A 161 15.47 -5.53 -2.56
CA GLU A 161 16.78 -5.07 -2.18
C GLU A 161 16.99 -3.64 -2.63
N GLY A 162 17.48 -2.84 -1.71
CA GLY A 162 17.66 -1.43 -1.98
C GLY A 162 16.64 -0.58 -1.26
N ALA A 163 15.61 -1.22 -0.74
CA ALA A 163 14.58 -0.52 0.00
C ALA A 163 14.95 -0.44 1.45
N HIS A 164 14.80 0.72 2.05
CA HIS A 164 15.07 0.89 3.48
C HIS A 164 13.92 0.35 4.30
N CYS A 165 12.75 0.40 3.73
CA CYS A 165 11.55 0.02 4.43
C CYS A 165 10.80 -1.01 3.58
N PRO A 166 9.81 -1.75 4.17
CA PRO A 166 8.99 -2.71 3.44
C PRO A 166 8.34 -2.15 2.15
N THR A 167 8.34 -2.97 1.14
CA THR A 167 7.83 -2.65 -0.16
C THR A 167 6.38 -3.12 -0.23
N PHE A 168 5.46 -2.20 -0.25
CA PHE A 168 4.06 -2.55 -0.15
C PHE A 168 3.48 -2.99 -1.48
N VAL A 169 2.58 -3.92 -1.39
CA VAL A 169 1.97 -4.59 -2.51
C VAL A 169 0.48 -4.28 -2.53
N TYR A 170 0.03 -3.62 -3.59
CA TYR A 170 -1.37 -3.30 -3.75
C TYR A 170 -1.78 -3.49 -5.20
N VAL A 171 -3.03 -3.81 -5.41
CA VAL A 171 -3.55 -3.97 -6.74
C VAL A 171 -4.09 -2.63 -7.25
N LYS A 172 -3.51 -2.11 -8.32
CA LYS A 172 -3.86 -0.79 -8.84
C LYS A 172 -5.29 -0.77 -9.35
N SER A 173 -5.60 -1.73 -10.15
CA SER A 173 -6.90 -1.83 -10.77
C SER A 173 -7.90 -2.64 -9.91
N GLY A 174 -7.49 -3.04 -8.72
CA GLY A 174 -8.37 -3.85 -7.89
C GLY A 174 -8.93 -3.07 -6.74
N TYR A 175 -8.31 -1.95 -6.44
CA TYR A 175 -8.74 -1.10 -5.37
C TYR A 175 -9.58 0.03 -5.90
N LYS A 176 -10.24 0.74 -5.03
CA LYS A 176 -11.12 1.79 -5.43
C LYS A 176 -10.35 3.08 -5.63
N VAL A 177 -10.13 3.39 -6.88
CA VAL A 177 -9.41 4.58 -7.31
C VAL A 177 -10.33 5.80 -7.23
N VAL A 178 -10.07 6.67 -6.29
CA VAL A 178 -10.89 7.86 -6.07
C VAL A 178 -10.00 9.10 -6.22
N LYS A 179 -10.46 10.13 -6.91
CA LYS A 179 -9.67 11.33 -7.05
C LYS A 179 -10.21 12.46 -6.17
N PHE A 180 -9.35 13.02 -5.37
CA PHE A 180 -9.68 14.17 -4.55
C PHE A 180 -8.77 15.34 -4.87
N LEU A 181 -9.20 16.50 -4.47
CA LEU A 181 -8.42 17.71 -4.58
C LEU A 181 -7.77 17.93 -3.22
N GLU A 182 -6.47 17.82 -3.19
CA GLU A 182 -5.75 17.72 -1.93
C GLU A 182 -4.93 18.95 -1.58
N HIS A 183 -4.90 19.93 -2.44
CA HIS A 183 -3.95 20.99 -2.24
C HIS A 183 -4.45 22.02 -1.24
N HIS A 184 -5.74 22.34 -1.30
CA HIS A 184 -6.39 23.27 -0.36
C HIS A 184 -5.64 24.63 -0.31
N HIS A 185 -5.55 25.27 -1.48
CA HIS A 185 -4.85 26.55 -1.70
C HIS A 185 -3.34 26.41 -1.75
N HIS A 186 -2.69 27.52 -2.01
CA HIS A 186 -1.25 27.63 -2.02
C HIS A 186 -0.94 29.10 -2.01
N HIS A 187 -0.57 29.61 -0.86
CA HIS A 187 -0.28 31.02 -0.73
C HIS A 187 1.10 31.34 -1.26
N HIS A 188 1.14 31.71 -2.50
CA HIS A 188 2.32 32.11 -3.18
C HIS A 188 1.91 33.19 -4.15
N MET A 1 -6.25 15.38 -4.33
CA MET A 1 -5.21 14.39 -4.42
C MET A 1 -5.85 13.05 -4.77
N ILE A 2 -5.07 12.10 -5.15
CA ILE A 2 -5.58 10.79 -5.47
C ILE A 2 -5.26 9.88 -4.31
N VAL A 3 -6.22 9.11 -3.91
CA VAL A 3 -6.03 8.20 -2.83
C VAL A 3 -6.57 6.82 -3.20
N TYR A 4 -5.87 5.80 -2.78
CA TYR A 4 -6.28 4.45 -3.00
C TYR A 4 -7.00 3.95 -1.78
N LYS A 5 -8.25 3.72 -1.95
CA LYS A 5 -9.11 3.26 -0.90
C LYS A 5 -9.41 1.79 -1.10
N ASP A 6 -9.25 1.03 -0.06
CA ASP A 6 -9.44 -0.40 -0.10
C ASP A 6 -10.92 -0.77 -0.19
N VAL A 7 -11.20 -1.82 -0.90
CA VAL A 7 -12.56 -2.27 -1.15
C VAL A 7 -13.05 -3.14 0.02
N ILE A 8 -12.12 -3.76 0.73
CA ILE A 8 -12.48 -4.66 1.80
C ILE A 8 -12.87 -3.86 3.05
N SER A 9 -11.98 -2.99 3.49
CA SER A 9 -12.19 -2.17 4.65
C SER A 9 -13.01 -0.93 4.32
N GLY A 10 -12.69 -0.32 3.20
CA GLY A 10 -13.29 0.94 2.84
C GLY A 10 -12.50 2.07 3.44
N ASP A 11 -11.25 1.81 3.75
CA ASP A 11 -10.36 2.80 4.35
C ASP A 11 -9.20 3.06 3.37
N GLU A 12 -8.29 3.92 3.73
CA GLU A 12 -7.25 4.41 2.83
C GLU A 12 -5.93 3.65 3.04
N VAL A 13 -5.29 3.24 1.94
CA VAL A 13 -4.00 2.53 2.03
C VAL A 13 -2.80 3.39 1.60
N VAL A 14 -2.98 4.26 0.63
CA VAL A 14 -1.88 5.07 0.11
C VAL A 14 -2.44 6.23 -0.71
N SER A 15 -1.68 7.29 -0.84
CA SER A 15 -2.06 8.43 -1.60
C SER A 15 -0.99 8.73 -2.65
N ASP A 16 -1.31 9.60 -3.62
CA ASP A 16 -0.40 9.91 -4.75
C ASP A 16 0.84 10.70 -4.35
N ALA A 17 0.82 11.27 -3.14
CA ALA A 17 1.97 12.01 -2.64
C ALA A 17 3.04 11.06 -2.12
N LEU A 18 2.68 9.81 -1.97
CA LEU A 18 3.57 8.80 -1.49
C LEU A 18 4.23 8.11 -2.69
N LYS A 19 5.18 7.23 -2.43
CA LYS A 19 5.93 6.61 -3.51
C LYS A 19 5.15 5.43 -4.08
N ILE A 20 4.61 5.63 -5.25
CA ILE A 20 3.87 4.63 -5.95
C ILE A 20 4.62 4.30 -7.23
N THR A 21 5.06 3.09 -7.35
CA THR A 21 5.75 2.65 -8.54
C THR A 21 4.96 1.50 -9.19
N PRO A 22 4.96 1.38 -10.51
CA PRO A 22 4.32 0.24 -11.17
C PRO A 22 5.14 -1.04 -10.95
N VAL A 23 4.48 -2.18 -10.82
CA VAL A 23 5.19 -3.45 -10.65
C VAL A 23 5.89 -3.80 -11.94
N MET A 24 7.17 -3.74 -11.95
CA MET A 24 7.93 -4.15 -13.09
C MET A 24 8.79 -5.34 -12.74
N GLU A 25 8.45 -6.46 -13.33
CA GLU A 25 9.21 -7.68 -13.16
C GLU A 25 9.37 -8.33 -14.51
N GLY A 26 10.61 -8.56 -14.90
CA GLY A 26 10.89 -9.19 -16.17
C GLY A 26 11.12 -8.16 -17.27
N GLY A 27 11.38 -6.92 -16.88
CA GLY A 27 11.65 -5.88 -17.84
C GLY A 27 10.40 -5.31 -18.46
N GLU A 28 9.28 -5.48 -17.79
CA GLU A 28 8.00 -4.99 -18.24
C GLU A 28 7.10 -4.82 -17.04
N GLU A 29 6.00 -4.12 -17.21
CA GLU A 29 5.10 -3.90 -16.12
C GLU A 29 4.10 -5.04 -16.01
N VAL A 30 3.62 -5.25 -14.84
CA VAL A 30 2.57 -6.17 -14.59
C VAL A 30 1.31 -5.32 -14.45
N PRO A 31 0.35 -5.49 -15.36
CA PRO A 31 -0.83 -4.62 -15.44
C PRO A 31 -1.81 -4.75 -14.27
N GLY A 32 -2.18 -3.60 -13.71
CA GLY A 32 -3.18 -3.56 -12.68
C GLY A 32 -2.63 -3.62 -11.28
N LEU A 33 -1.33 -3.63 -11.16
CA LEU A 33 -0.70 -3.78 -9.85
C LEU A 33 0.36 -2.70 -9.65
N PHE A 34 0.53 -2.25 -8.41
CA PHE A 34 1.56 -1.28 -8.12
C PHE A 34 2.36 -1.75 -6.92
N GLU A 35 3.56 -1.30 -6.87
CA GLU A 35 4.50 -1.67 -5.88
C GLU A 35 4.94 -0.41 -5.18
N VAL A 36 5.32 -0.51 -3.96
CA VAL A 36 5.75 0.66 -3.25
C VAL A 36 7.24 0.61 -2.96
N ASP A 37 7.94 1.55 -3.56
CA ASP A 37 9.36 1.74 -3.35
C ASP A 37 9.57 2.48 -2.02
N SER A 38 10.69 2.28 -1.39
CA SER A 38 10.90 2.82 -0.09
C SER A 38 11.71 4.12 -0.09
N ALA A 39 11.23 5.07 0.69
CA ALA A 39 11.90 6.32 0.90
C ALA A 39 11.92 6.57 2.39
N MET A 40 13.09 6.77 2.94
CA MET A 40 13.24 6.90 4.38
C MET A 40 13.00 8.27 4.93
N VAL A 41 12.27 8.29 6.02
CA VAL A 41 12.05 9.48 6.80
C VAL A 41 12.53 9.19 8.23
N ALA A 42 13.13 10.18 8.84
CA ALA A 42 13.65 10.08 10.18
C ALA A 42 12.52 10.26 11.18
N VAL A 43 12.29 9.25 11.96
CA VAL A 43 11.25 9.26 12.96
C VAL A 43 11.89 9.22 14.33
N GLY A 44 11.48 10.12 15.18
CA GLY A 44 11.99 10.16 16.52
C GLY A 44 11.22 9.20 17.40
N GLY A 45 11.73 8.00 17.52
CA GLY A 45 11.08 6.97 18.28
C GLY A 45 11.38 7.02 19.74
N GLY A 46 10.88 8.04 20.39
CA GLY A 46 11.00 8.15 21.80
C GLY A 46 9.71 7.68 22.43
N ASP A 47 9.74 6.42 22.90
CA ASP A 47 8.58 5.67 23.47
C ASP A 47 7.58 5.32 22.37
N ILE A 48 6.71 4.36 22.64
CA ILE A 48 5.61 4.12 21.71
C ILE A 48 4.58 5.22 21.97
N ASP A 49 4.42 5.51 23.24
CA ASP A 49 3.64 6.65 23.70
C ASP A 49 4.18 6.95 25.08
N ILE A 50 4.08 5.95 25.95
CA ILE A 50 4.66 5.97 27.28
C ILE A 50 5.21 4.56 27.51
N GLY A 51 6.47 4.40 27.22
CA GLY A 51 7.06 3.07 27.25
C GLY A 51 6.51 2.24 26.11
N CYS A 52 6.09 1.04 26.40
CA CYS A 52 5.47 0.20 25.42
C CYS A 52 3.96 0.17 25.67
N GLY A 53 3.58 -0.01 26.92
CA GLY A 53 2.21 -0.10 27.31
C GLY A 53 2.07 -0.92 28.58
N ASN A 54 2.17 -2.22 28.42
CA ASN A 54 2.06 -3.16 29.53
C ASN A 54 3.38 -3.21 30.32
N ALA A 55 3.31 -3.54 31.61
CA ALA A 55 4.48 -3.59 32.50
C ALA A 55 5.50 -4.65 32.05
N PHE A 56 5.03 -5.75 31.53
CA PHE A 56 5.88 -6.82 31.05
C PHE A 56 5.92 -6.82 29.54
N GLY A 57 5.32 -5.80 28.97
CA GLY A 57 5.25 -5.68 27.55
C GLY A 57 6.36 -4.84 27.04
N GLY A 58 6.93 -5.26 25.95
CA GLY A 58 8.01 -4.55 25.36
C GLY A 58 8.90 -5.48 24.61
N ALA A 59 9.55 -6.37 25.35
CA ALA A 59 10.44 -7.41 24.83
C ALA A 59 11.61 -6.84 24.01
N GLY A 60 11.40 -6.66 22.71
CA GLY A 60 12.44 -6.14 21.84
C GLY A 60 12.14 -4.73 21.38
N ASP A 61 11.03 -4.19 21.84
CA ASP A 61 10.60 -2.81 21.53
C ASP A 61 10.56 -2.01 22.82
N ASP A 62 11.18 -2.55 23.85
CA ASP A 62 11.11 -1.97 25.20
C ASP A 62 12.02 -0.77 25.34
N GLU A 63 13.28 -0.96 25.04
CA GLU A 63 14.25 0.07 25.26
C GLU A 63 14.28 1.05 24.12
N GLY A 64 13.68 2.18 24.34
CA GLY A 64 13.62 3.20 23.35
C GLY A 64 13.02 4.44 23.92
N ALA A 65 13.65 4.94 24.97
CA ALA A 65 13.18 6.12 25.68
C ALA A 65 13.22 7.36 24.80
N ASP A 66 14.36 7.64 24.20
CA ASP A 66 14.47 8.76 23.27
C ASP A 66 15.65 8.61 22.34
N ASP A 67 15.40 8.09 21.18
CA ASP A 67 16.43 7.92 20.18
C ASP A 67 15.84 8.14 18.80
N ALA A 68 16.64 7.98 17.79
CA ALA A 68 16.23 8.17 16.42
C ALA A 68 16.80 7.04 15.56
N THR A 69 16.70 5.82 16.06
CA THR A 69 17.18 4.64 15.33
C THR A 69 16.13 4.24 14.25
N GLN A 70 15.03 4.96 14.25
CA GLN A 70 13.92 4.65 13.42
C GLN A 70 13.90 5.47 12.16
N LYS A 71 14.12 4.82 11.08
CA LYS A 71 13.95 5.39 9.79
C LYS A 71 13.06 4.47 9.04
N GLU A 72 11.96 4.97 8.64
CA GLU A 72 10.93 4.17 8.10
C GLU A 72 10.51 4.76 6.78
N ASN A 73 9.77 4.02 6.01
CA ASN A 73 9.31 4.47 4.74
C ASN A 73 8.20 5.50 4.93
N ASN A 74 8.23 6.54 4.13
CA ASN A 74 7.20 7.61 4.17
C ASN A 74 5.78 7.09 3.90
N VAL A 75 5.67 5.89 3.35
CA VAL A 75 4.38 5.30 3.03
C VAL A 75 3.79 4.62 4.26
N SER A 76 4.64 4.07 5.09
CA SER A 76 4.24 3.46 6.31
C SER A 76 4.07 4.51 7.40
N GLY A 77 5.13 5.32 7.60
CA GLY A 77 5.15 6.47 8.51
C GLY A 77 4.46 6.27 9.86
N PRO A 78 5.21 5.89 10.92
CA PRO A 78 4.64 5.63 12.27
C PRO A 78 3.81 6.80 12.83
N SER A 79 4.21 8.00 12.52
CA SER A 79 3.55 9.20 12.98
C SER A 79 2.39 9.63 12.04
N SER A 80 2.32 9.00 10.88
CA SER A 80 1.35 9.37 9.89
C SER A 80 0.26 8.26 9.75
N PHE A 81 0.58 7.18 9.05
CA PHE A 81 -0.37 6.09 8.82
C PHE A 81 -0.26 5.01 9.89
N ALA A 82 0.98 4.78 10.33
CA ALA A 82 1.35 3.79 11.36
C ALA A 82 1.06 2.36 10.93
N TYR A 83 2.04 1.77 10.32
CA TYR A 83 1.93 0.41 9.87
C TYR A 83 2.44 -0.53 10.95
N THR A 84 1.54 -1.27 11.51
CA THR A 84 1.85 -2.24 12.52
C THR A 84 2.11 -3.57 11.82
N ALA A 85 3.21 -4.20 12.13
CA ALA A 85 3.63 -5.41 11.45
C ALA A 85 2.95 -6.65 12.00
N MET A 86 2.60 -7.55 11.10
CA MET A 86 2.03 -8.82 11.43
C MET A 86 2.88 -9.91 10.78
N PRO A 87 3.10 -11.03 11.46
CA PRO A 87 3.82 -12.16 10.88
C PRO A 87 2.98 -12.88 9.82
N PHE A 88 3.64 -13.76 9.02
CA PHE A 88 2.96 -14.60 8.00
C PHE A 88 1.74 -15.29 8.62
N SER A 89 0.58 -14.96 8.13
CA SER A 89 -0.63 -15.51 8.64
C SER A 89 -0.89 -16.90 8.06
N SER A 90 -1.27 -16.95 6.78
CA SER A 90 -1.54 -18.19 6.04
C SER A 90 -2.65 -19.06 6.65
N LYS A 91 -3.46 -18.47 7.51
CA LYS A 91 -4.51 -19.18 8.22
C LYS A 91 -5.74 -19.42 7.34
N GLY A 92 -6.67 -20.21 7.85
CA GLY A 92 -7.88 -20.55 7.13
C GLY A 92 -8.77 -19.35 6.90
N GLU A 93 -8.90 -18.50 7.92
CA GLU A 93 -9.69 -17.29 7.84
C GLU A 93 -9.06 -16.33 6.84
N PHE A 94 -7.74 -16.42 6.74
CA PHE A 94 -6.98 -15.65 5.81
C PHE A 94 -7.20 -16.15 4.39
N LYS A 95 -7.36 -17.45 4.22
CA LYS A 95 -7.66 -18.02 2.91
C LYS A 95 -9.04 -17.56 2.45
N SER A 96 -9.98 -17.57 3.38
CA SER A 96 -11.32 -17.09 3.12
C SER A 96 -11.32 -15.56 2.87
N TRP A 97 -10.36 -14.87 3.49
CA TRP A 97 -10.13 -13.45 3.26
C TRP A 97 -9.66 -13.25 1.83
N VAL A 98 -8.71 -14.09 1.37
CA VAL A 98 -8.19 -14.04 0.01
C VAL A 98 -9.32 -14.30 -1.00
N LYS A 99 -10.21 -15.23 -0.65
CA LYS A 99 -11.39 -15.52 -1.46
C LYS A 99 -12.26 -14.27 -1.59
N ASP A 100 -12.63 -13.66 -0.46
CA ASP A 100 -13.45 -12.44 -0.46
C ASP A 100 -12.74 -11.26 -1.07
N TYR A 101 -11.43 -11.26 -0.99
CA TYR A 101 -10.60 -10.25 -1.59
C TYR A 101 -10.78 -10.30 -3.10
N VAL A 102 -10.62 -11.49 -3.67
CA VAL A 102 -10.80 -11.69 -5.11
C VAL A 102 -12.26 -11.40 -5.52
N ARG A 103 -13.21 -11.81 -4.67
CA ARG A 103 -14.64 -11.57 -4.89
C ARG A 103 -14.92 -10.07 -4.98
N ASN A 104 -14.56 -9.35 -3.92
CA ASN A 104 -14.84 -7.92 -3.82
C ASN A 104 -14.14 -7.11 -4.87
N VAL A 105 -12.93 -7.53 -5.23
CA VAL A 105 -12.20 -6.89 -6.31
C VAL A 105 -12.94 -7.10 -7.64
N ARG A 106 -13.40 -8.33 -7.90
CA ARG A 106 -14.17 -8.62 -9.12
C ARG A 106 -15.51 -7.87 -9.16
N GLN A 107 -16.11 -7.66 -8.00
CA GLN A 107 -17.31 -6.84 -7.91
C GLN A 107 -16.99 -5.37 -8.19
N ALA A 108 -15.83 -4.91 -7.76
CA ALA A 108 -15.36 -3.55 -8.01
C ALA A 108 -15.13 -3.34 -9.51
N LEU A 109 -14.58 -4.37 -10.17
CA LEU A 109 -14.39 -4.38 -11.63
C LEU A 109 -15.70 -4.16 -12.36
N LYS A 110 -16.73 -4.83 -11.92
CA LYS A 110 -18.04 -4.72 -12.55
C LYS A 110 -18.72 -3.40 -12.21
N GLY A 111 -18.65 -3.04 -10.95
CA GLY A 111 -19.35 -1.87 -10.42
C GLY A 111 -18.69 -0.55 -10.74
N SER A 112 -17.57 -0.60 -11.44
CA SER A 112 -16.79 0.58 -11.76
C SER A 112 -17.51 1.46 -12.81
N GLY A 113 -18.40 0.84 -13.60
CA GLY A 113 -19.16 1.56 -14.61
C GLY A 113 -18.29 2.10 -15.75
N VAL A 114 -17.18 1.44 -15.97
CA VAL A 114 -16.25 1.83 -17.01
C VAL A 114 -16.65 1.11 -18.32
N ALA A 115 -16.29 1.69 -19.46
CA ALA A 115 -16.60 1.17 -20.82
C ALA A 115 -16.22 -0.31 -21.00
N VAL A 116 -16.91 -0.97 -21.91
CA VAL A 116 -16.78 -2.41 -22.15
C VAL A 116 -15.37 -2.82 -22.62
N GLU A 117 -14.78 -2.00 -23.48
CA GLU A 117 -13.43 -2.24 -24.02
C GLU A 117 -12.44 -2.24 -22.87
N ASP A 118 -12.63 -1.29 -21.99
CA ASP A 118 -11.83 -1.13 -20.81
C ASP A 118 -12.05 -2.27 -19.84
N ILE A 119 -13.31 -2.71 -19.72
CA ILE A 119 -13.68 -3.84 -18.86
C ILE A 119 -12.97 -5.11 -19.33
N LYS A 120 -12.81 -5.29 -20.63
CA LYS A 120 -12.08 -6.44 -21.17
C LYS A 120 -10.66 -6.49 -20.61
N LYS A 121 -9.95 -5.37 -20.72
CA LYS A 121 -8.58 -5.23 -20.19
C LYS A 121 -8.55 -5.35 -18.69
N PHE A 122 -9.59 -4.84 -18.07
CA PHE A 122 -9.72 -4.81 -16.62
C PHE A 122 -9.89 -6.27 -16.13
N MET A 123 -10.57 -7.08 -16.93
CA MET A 123 -10.77 -8.50 -16.63
C MET A 123 -9.53 -9.31 -16.97
N GLU A 124 -8.66 -8.76 -17.80
CA GLU A 124 -7.38 -9.39 -18.10
C GLU A 124 -6.42 -9.13 -16.94
N GLU A 125 -6.60 -7.97 -16.32
CA GLU A 125 -5.87 -7.58 -15.12
C GLU A 125 -6.32 -8.42 -13.91
N ALA A 126 -7.56 -8.91 -13.95
CA ALA A 126 -8.14 -9.73 -12.85
C ALA A 126 -7.30 -11.00 -12.47
N PRO A 127 -7.00 -11.95 -13.42
CA PRO A 127 -6.16 -13.12 -13.10
C PRO A 127 -4.73 -12.70 -12.85
N THR A 128 -4.36 -11.53 -13.35
CA THR A 128 -3.05 -10.97 -13.18
C THR A 128 -2.81 -10.61 -11.70
N PHE A 129 -3.88 -10.08 -11.05
CA PHE A 129 -3.81 -9.74 -9.62
C PHE A 129 -3.54 -11.01 -8.84
N VAL A 130 -4.39 -12.00 -9.10
CA VAL A 130 -4.36 -13.28 -8.41
C VAL A 130 -3.02 -14.00 -8.64
N LYS A 131 -2.58 -14.06 -9.90
CA LYS A 131 -1.35 -14.75 -10.29
C LYS A 131 -0.14 -14.22 -9.52
N TRP A 132 0.05 -12.92 -9.57
CA TRP A 132 1.19 -12.27 -8.96
C TRP A 132 1.13 -12.38 -7.43
N LEU A 133 -0.06 -12.29 -6.86
CA LEU A 133 -0.24 -12.43 -5.41
C LEU A 133 0.09 -13.86 -4.94
N VAL A 134 -0.27 -14.85 -5.76
CA VAL A 134 0.05 -16.25 -5.45
C VAL A 134 1.57 -16.50 -5.55
N ASP A 135 2.20 -15.89 -6.55
CA ASP A 135 3.63 -16.07 -6.75
C ASP A 135 4.47 -15.26 -5.77
N LYS A 136 3.90 -14.23 -5.18
CA LYS A 136 4.63 -13.41 -4.24
C LYS A 136 4.24 -13.77 -2.78
N TYR A 137 3.27 -14.69 -2.67
CA TYR A 137 2.64 -15.11 -1.38
C TYR A 137 3.63 -15.40 -0.23
N ASP A 138 4.68 -16.16 -0.51
CA ASP A 138 5.61 -16.59 0.55
C ASP A 138 6.62 -15.52 0.86
N ASP A 139 6.60 -14.45 0.13
CA ASP A 139 7.47 -13.35 0.38
C ASP A 139 6.72 -12.27 1.13
N LEU A 140 5.40 -12.39 1.14
CA LEU A 140 4.54 -11.39 1.70
C LEU A 140 4.33 -11.51 3.19
N GLU A 141 4.69 -10.44 3.87
CA GLU A 141 4.40 -10.27 5.26
C GLU A 141 3.27 -9.29 5.32
N PHE A 142 2.69 -9.10 6.47
CA PHE A 142 1.49 -8.33 6.52
C PHE A 142 1.63 -7.13 7.43
N PHE A 143 0.94 -6.10 7.08
CA PHE A 143 0.89 -4.89 7.84
C PHE A 143 -0.53 -4.45 8.06
N MET A 144 -0.70 -3.65 9.05
CA MET A 144 -1.95 -3.04 9.40
C MET A 144 -1.73 -1.58 9.48
N SER A 145 -2.62 -0.81 8.98
CA SER A 145 -2.56 0.59 9.22
C SER A 145 -3.33 0.82 10.52
N LYS A 146 -3.20 1.98 11.12
CA LYS A 146 -3.83 2.25 12.42
C LYS A 146 -5.36 2.12 12.35
N SER A 147 -5.92 2.43 11.19
CA SER A 147 -7.34 2.42 10.97
C SER A 147 -7.92 1.05 10.51
N MET A 148 -7.08 0.07 10.20
CA MET A 148 -7.59 -1.17 9.58
C MET A 148 -7.68 -2.38 10.51
N ASN A 149 -8.18 -3.49 9.97
CA ASN A 149 -8.45 -4.73 10.72
C ASN A 149 -7.86 -5.89 9.88
N PRO A 150 -7.39 -7.02 10.48
CA PRO A 150 -6.81 -8.14 9.70
C PRO A 150 -7.82 -8.78 8.74
N ASP A 151 -9.10 -8.53 8.98
CA ASP A 151 -10.18 -9.05 8.15
C ASP A 151 -10.55 -8.06 7.06
N ALA A 152 -10.04 -6.84 7.14
CA ALA A 152 -10.39 -5.81 6.22
C ALA A 152 -9.29 -4.78 6.12
N GLY A 153 -8.56 -4.81 5.02
CA GLY A 153 -7.47 -3.86 4.86
C GLY A 153 -6.14 -4.43 5.30
N LEU A 154 -5.86 -5.65 4.93
CA LEU A 154 -4.60 -6.28 5.30
C LEU A 154 -3.54 -5.96 4.23
N ILE A 155 -2.49 -5.27 4.64
CA ILE A 155 -1.44 -4.81 3.74
C ILE A 155 -0.42 -5.92 3.45
N PHE A 156 -0.15 -6.15 2.19
CA PHE A 156 0.89 -7.10 1.76
C PHE A 156 2.24 -6.36 1.66
N SER A 157 3.34 -7.01 2.04
CA SER A 157 4.66 -6.39 1.95
C SER A 157 5.75 -7.44 1.74
N TYR A 158 6.87 -7.05 1.17
CA TYR A 158 8.03 -7.94 1.06
C TYR A 158 9.30 -7.09 1.09
N TYR A 159 10.47 -7.68 1.08
CA TYR A 159 11.69 -6.90 1.04
C TYR A 159 12.37 -7.01 -0.31
N LYS A 160 12.37 -5.93 -1.05
CA LYS A 160 13.08 -5.86 -2.31
C LYS A 160 14.55 -5.64 -2.03
N GLU A 161 15.40 -6.25 -2.82
CA GLU A 161 16.83 -6.06 -2.69
C GLU A 161 17.18 -4.63 -3.07
N GLY A 162 17.70 -3.91 -2.12
CA GLY A 162 18.06 -2.53 -2.34
C GLY A 162 17.07 -1.60 -1.67
N ALA A 163 15.94 -2.14 -1.26
CA ALA A 163 14.95 -1.36 -0.56
C ALA A 163 15.36 -1.28 0.89
N HIS A 164 15.30 -0.10 1.44
CA HIS A 164 15.77 0.10 2.80
C HIS A 164 14.65 -0.06 3.81
N CYS A 165 13.45 -0.19 3.32
CA CYS A 165 12.28 -0.40 4.14
C CYS A 165 11.40 -1.42 3.43
N PRO A 166 10.34 -1.98 4.08
CA PRO A 166 9.44 -2.94 3.43
C PRO A 166 8.78 -2.38 2.16
N THR A 167 8.83 -3.18 1.14
CA THR A 167 8.26 -2.89 -0.13
C THR A 167 6.79 -3.31 -0.08
N PHE A 168 5.90 -2.35 -0.12
CA PHE A 168 4.49 -2.64 0.04
C PHE A 168 3.87 -3.07 -1.27
N VAL A 169 2.93 -3.95 -1.16
CA VAL A 169 2.29 -4.59 -2.27
C VAL A 169 0.80 -4.28 -2.25
N TYR A 170 0.31 -3.67 -3.32
CA TYR A 170 -1.10 -3.31 -3.44
C TYR A 170 -1.61 -3.57 -4.85
N VAL A 171 -2.89 -3.79 -4.94
CA VAL A 171 -3.54 -3.96 -6.21
C VAL A 171 -4.01 -2.58 -6.71
N LYS A 172 -3.57 -2.17 -7.87
CA LYS A 172 -3.83 -0.82 -8.38
C LYS A 172 -5.26 -0.65 -8.87
N SER A 173 -5.64 -1.47 -9.83
CA SER A 173 -6.93 -1.32 -10.49
C SER A 173 -8.06 -1.96 -9.67
N GLY A 174 -7.69 -2.76 -8.70
CA GLY A 174 -8.66 -3.49 -7.91
C GLY A 174 -9.12 -2.69 -6.72
N TYR A 175 -8.40 -1.63 -6.41
CA TYR A 175 -8.76 -0.77 -5.32
C TYR A 175 -9.50 0.44 -5.85
N LYS A 176 -10.07 1.20 -4.98
CA LYS A 176 -10.79 2.36 -5.37
C LYS A 176 -9.85 3.51 -5.51
N VAL A 177 -9.51 3.79 -6.74
CA VAL A 177 -8.68 4.90 -7.05
C VAL A 177 -9.60 6.09 -7.10
N VAL A 178 -9.57 6.87 -6.06
CA VAL A 178 -10.44 7.99 -5.98
C VAL A 178 -9.63 9.24 -6.06
N LYS A 179 -9.79 9.93 -7.15
CA LYS A 179 -9.13 11.16 -7.34
C LYS A 179 -10.02 12.27 -6.83
N PHE A 180 -9.64 12.81 -5.71
CA PHE A 180 -10.35 13.92 -5.19
C PHE A 180 -9.78 15.15 -5.79
N LEU A 181 -10.47 15.69 -6.74
CA LEU A 181 -10.06 16.89 -7.35
C LEU A 181 -10.53 18.02 -6.50
N GLU A 182 -9.58 18.72 -5.92
CA GLU A 182 -9.82 19.88 -5.09
C GLU A 182 -10.56 20.92 -5.92
N HIS A 183 -10.13 21.06 -7.15
CA HIS A 183 -10.72 21.98 -8.07
C HIS A 183 -11.27 21.20 -9.23
N HIS A 184 -12.57 21.00 -9.26
CA HIS A 184 -13.21 20.37 -10.40
C HIS A 184 -13.43 21.42 -11.45
N HIS A 185 -12.38 21.71 -12.17
CA HIS A 185 -12.40 22.72 -13.17
C HIS A 185 -12.43 22.04 -14.52
N HIS A 186 -13.48 22.25 -15.26
CA HIS A 186 -13.58 21.61 -16.55
C HIS A 186 -12.78 22.40 -17.59
N HIS A 187 -11.64 21.89 -17.95
CA HIS A 187 -10.96 22.47 -19.07
C HIS A 187 -11.47 21.68 -20.26
N HIS A 188 -12.56 22.15 -20.80
CA HIS A 188 -13.32 21.48 -21.82
C HIS A 188 -14.51 22.37 -22.10
N MET A 1 -3.64 15.56 -5.49
CA MET A 1 -3.47 14.48 -4.52
C MET A 1 -4.27 13.25 -4.94
N ILE A 2 -3.59 12.34 -5.58
CA ILE A 2 -4.19 11.07 -5.96
C ILE A 2 -4.04 10.15 -4.76
N VAL A 3 -5.04 9.38 -4.47
CA VAL A 3 -5.02 8.50 -3.36
C VAL A 3 -5.67 7.18 -3.75
N TYR A 4 -5.24 6.12 -3.14
CA TYR A 4 -5.82 4.83 -3.40
C TYR A 4 -6.59 4.36 -2.19
N LYS A 5 -7.87 4.16 -2.39
CA LYS A 5 -8.74 3.64 -1.37
C LYS A 5 -8.98 2.17 -1.60
N ASP A 6 -8.87 1.42 -0.55
CA ASP A 6 -9.17 -0.02 -0.58
C ASP A 6 -10.68 -0.24 -0.75
N VAL A 7 -11.05 -1.31 -1.39
CA VAL A 7 -12.46 -1.63 -1.64
C VAL A 7 -13.10 -2.25 -0.40
N ILE A 8 -12.29 -2.90 0.42
CA ILE A 8 -12.81 -3.59 1.58
C ILE A 8 -13.11 -2.58 2.70
N SER A 9 -12.14 -1.76 3.02
CA SER A 9 -12.27 -0.76 4.07
C SER A 9 -12.76 0.58 3.55
N GLY A 10 -12.23 0.99 2.42
CA GLY A 10 -12.51 2.31 1.91
C GLY A 10 -11.50 3.31 2.41
N ASP A 11 -10.47 2.81 3.09
CA ASP A 11 -9.44 3.66 3.68
C ASP A 11 -8.28 3.89 2.73
N GLU A 12 -7.44 4.84 3.09
CA GLU A 12 -6.29 5.27 2.32
C GLU A 12 -5.13 4.32 2.52
N VAL A 13 -4.71 3.66 1.46
CA VAL A 13 -3.60 2.73 1.56
C VAL A 13 -2.28 3.35 1.09
N VAL A 14 -2.37 4.45 0.34
CA VAL A 14 -1.21 5.18 -0.17
C VAL A 14 -1.70 6.48 -0.83
N SER A 15 -0.87 7.50 -0.85
CA SER A 15 -1.24 8.78 -1.40
C SER A 15 -0.12 9.31 -2.31
N ASP A 16 -0.42 10.40 -3.03
CA ASP A 16 0.50 11.09 -3.98
C ASP A 16 1.82 11.51 -3.33
N ALA A 17 1.77 11.78 -2.04
CA ALA A 17 2.95 12.24 -1.30
C ALA A 17 3.94 11.09 -1.04
N LEU A 18 3.54 9.88 -1.39
CA LEU A 18 4.37 8.71 -1.18
C LEU A 18 4.83 8.17 -2.53
N LYS A 19 5.63 7.12 -2.51
CA LYS A 19 6.16 6.55 -3.75
C LYS A 19 5.17 5.56 -4.36
N ILE A 20 4.54 5.97 -5.41
CA ILE A 20 3.59 5.12 -6.10
C ILE A 20 4.25 4.66 -7.40
N THR A 21 4.61 3.41 -7.46
CA THR A 21 5.26 2.87 -8.61
C THR A 21 4.51 1.65 -9.14
N PRO A 22 4.54 1.38 -10.45
CA PRO A 22 3.95 0.16 -10.98
C PRO A 22 4.84 -1.04 -10.60
N VAL A 23 4.28 -2.24 -10.59
CA VAL A 23 5.11 -3.40 -10.30
C VAL A 23 5.95 -3.68 -11.50
N MET A 24 7.20 -3.42 -11.41
CA MET A 24 8.06 -3.64 -12.52
C MET A 24 8.83 -4.92 -12.34
N GLU A 25 8.46 -5.92 -13.11
CA GLU A 25 9.14 -7.19 -13.11
C GLU A 25 9.35 -7.61 -14.53
N GLY A 26 10.57 -7.48 -14.99
CA GLY A 26 10.90 -7.83 -16.35
C GLY A 26 11.10 -6.60 -17.22
N GLY A 27 10.91 -5.44 -16.63
CA GLY A 27 11.08 -4.19 -17.35
C GLY A 27 9.79 -3.41 -17.42
N GLU A 28 8.70 -4.09 -17.68
CA GLU A 28 7.41 -3.45 -17.75
C GLU A 28 6.62 -3.73 -16.48
N GLU A 29 5.42 -3.16 -16.39
CA GLU A 29 4.58 -3.40 -15.25
C GLU A 29 3.87 -4.72 -15.39
N VAL A 30 3.62 -5.33 -14.26
CA VAL A 30 2.74 -6.44 -14.19
C VAL A 30 1.35 -5.77 -14.21
N PRO A 31 0.59 -5.95 -15.33
CA PRO A 31 -0.61 -5.15 -15.62
C PRO A 31 -1.67 -5.09 -14.53
N GLY A 32 -2.00 -3.87 -14.16
CA GLY A 32 -3.05 -3.61 -13.21
C GLY A 32 -2.61 -3.61 -11.77
N LEU A 33 -1.33 -3.74 -11.56
CA LEU A 33 -0.79 -3.82 -10.22
C LEU A 33 0.26 -2.76 -9.99
N PHE A 34 0.43 -2.36 -8.75
CA PHE A 34 1.44 -1.40 -8.41
C PHE A 34 1.99 -1.76 -7.05
N GLU A 35 3.22 -1.46 -6.84
CA GLU A 35 3.85 -1.74 -5.60
C GLU A 35 4.32 -0.42 -5.04
N VAL A 36 4.48 -0.34 -3.79
CA VAL A 36 4.95 0.88 -3.22
C VAL A 36 6.33 0.63 -2.76
N ASP A 37 7.23 1.29 -3.42
CA ASP A 37 8.64 1.07 -3.27
C ASP A 37 9.16 1.64 -1.97
N SER A 38 10.18 1.02 -1.45
CA SER A 38 10.70 1.37 -0.19
C SER A 38 11.93 2.26 -0.33
N ALA A 39 11.96 3.30 0.46
CA ALA A 39 13.08 4.21 0.57
C ALA A 39 13.12 4.67 1.99
N MET A 40 14.24 4.50 2.63
CA MET A 40 14.38 4.83 4.03
C MET A 40 14.80 6.27 4.18
N VAL A 41 13.90 7.06 4.65
CA VAL A 41 14.11 8.49 4.80
C VAL A 41 14.19 8.81 6.28
N ALA A 42 14.81 9.91 6.60
CA ALA A 42 14.88 10.37 7.96
C ALA A 42 13.52 10.86 8.42
N VAL A 43 12.97 10.15 9.36
CA VAL A 43 11.67 10.42 9.94
C VAL A 43 11.73 11.69 10.79
N GLY A 44 12.79 11.83 11.55
CA GLY A 44 12.96 13.02 12.37
C GLY A 44 13.59 14.12 11.55
N GLY A 45 14.88 14.02 11.38
CA GLY A 45 15.63 14.95 10.61
C GLY A 45 16.93 14.34 10.22
N GLY A 46 17.41 14.63 9.04
CA GLY A 46 18.66 14.09 8.60
C GLY A 46 18.79 14.09 7.09
N ASP A 47 17.67 14.01 6.41
CA ASP A 47 17.67 13.99 4.93
C ASP A 47 17.79 15.36 4.29
N ILE A 48 18.89 16.01 4.61
CA ILE A 48 19.30 17.30 4.05
C ILE A 48 20.82 17.27 3.98
N ASP A 49 21.35 17.02 2.77
CA ASP A 49 22.82 16.95 2.49
C ASP A 49 23.52 15.76 3.16
N ILE A 50 24.07 14.87 2.33
CA ILE A 50 24.83 13.65 2.75
C ILE A 50 23.92 12.55 3.36
N GLY A 51 22.92 12.95 4.12
CA GLY A 51 21.99 12.05 4.75
C GLY A 51 21.05 11.35 3.77
N CYS A 52 21.04 11.78 2.54
CA CYS A 52 20.18 11.16 1.54
C CYS A 52 20.92 10.05 0.80
N GLY A 53 22.20 9.92 1.08
CA GLY A 53 23.00 8.88 0.50
C GLY A 53 22.83 7.60 1.26
N ASN A 54 21.94 6.75 0.79
CA ASN A 54 21.69 5.48 1.45
C ASN A 54 22.73 4.48 1.02
N ALA A 55 23.88 4.57 1.64
CA ALA A 55 25.00 3.73 1.32
C ALA A 55 25.49 3.02 2.58
N PHE A 56 24.62 2.88 3.55
CA PHE A 56 24.98 2.18 4.77
C PHE A 56 24.39 0.79 4.70
N GLY A 57 23.08 0.74 4.64
CA GLY A 57 22.38 -0.51 4.58
C GLY A 57 21.27 -0.51 5.59
N GLY A 58 21.65 -0.61 6.83
CA GLY A 58 20.72 -0.63 7.92
C GLY A 58 21.43 -1.12 9.15
N ALA A 59 21.87 -0.20 9.96
CA ALA A 59 22.65 -0.52 11.13
C ALA A 59 21.76 -1.01 12.27
N GLY A 60 21.63 -2.31 12.38
CA GLY A 60 20.83 -2.88 13.43
C GLY A 60 20.04 -4.07 12.94
N ASP A 61 18.74 -3.99 13.12
CA ASP A 61 17.81 -5.06 12.73
C ASP A 61 16.42 -4.48 12.63
N ASP A 62 15.91 -4.05 13.74
CA ASP A 62 14.60 -3.44 13.84
C ASP A 62 14.75 -1.96 13.56
N GLU A 63 15.71 -1.41 14.22
CA GLU A 63 16.09 -0.05 14.09
C GLU A 63 17.35 -0.11 13.21
N GLY A 64 17.51 0.81 12.28
CA GLY A 64 18.57 0.65 11.29
C GLY A 64 19.45 1.87 11.09
N ALA A 65 19.59 2.66 12.13
CA ALA A 65 20.42 3.84 12.11
C ALA A 65 20.84 4.15 13.55
N ASP A 66 21.10 5.39 13.85
CA ASP A 66 21.41 5.84 15.20
C ASP A 66 20.47 6.98 15.51
N ASP A 67 20.45 7.44 16.75
CA ASP A 67 19.55 8.52 17.10
C ASP A 67 20.18 9.85 16.74
N ALA A 68 20.03 10.17 15.50
CA ALA A 68 20.46 11.40 14.89
C ALA A 68 19.60 11.56 13.68
N THR A 69 19.52 10.49 12.94
CA THR A 69 18.70 10.40 11.81
C THR A 69 18.11 9.00 11.72
N GLN A 70 16.85 8.88 12.08
CA GLN A 70 16.16 7.62 11.99
C GLN A 70 15.62 7.42 10.61
N LYS A 71 16.16 6.47 9.94
CA LYS A 71 15.72 6.14 8.62
C LYS A 71 14.77 4.98 8.66
N GLU A 72 13.60 5.21 8.15
CA GLU A 72 12.59 4.21 8.04
C GLU A 72 11.90 4.51 6.73
N ASN A 73 11.17 3.59 6.18
CA ASN A 73 10.52 3.80 4.90
C ASN A 73 9.45 4.88 4.99
N ASN A 74 9.48 5.78 4.01
CA ASN A 74 8.60 6.97 3.91
C ASN A 74 7.11 6.62 4.02
N VAL A 75 6.77 5.40 3.68
CA VAL A 75 5.41 4.94 3.70
C VAL A 75 5.05 4.29 5.05
N SER A 76 5.94 3.44 5.55
CA SER A 76 5.69 2.66 6.76
C SER A 76 5.74 3.50 8.04
N GLY A 77 6.39 4.69 7.91
CA GLY A 77 6.59 5.67 8.98
C GLY A 77 5.48 5.73 10.05
N PRO A 78 5.83 5.37 11.31
CA PRO A 78 4.88 5.36 12.45
C PRO A 78 4.35 6.74 12.82
N SER A 79 4.89 7.78 12.24
CA SER A 79 4.43 9.12 12.52
C SER A 79 3.12 9.42 11.77
N SER A 80 2.84 8.67 10.72
CA SER A 80 1.65 8.94 9.95
C SER A 80 0.73 7.71 9.86
N PHE A 81 1.15 6.69 9.13
CA PHE A 81 0.30 5.54 8.88
C PHE A 81 0.51 4.45 9.93
N ALA A 82 1.78 4.18 10.23
CA ALA A 82 2.20 3.17 11.21
C ALA A 82 1.72 1.76 10.84
N TYR A 83 2.52 1.07 10.07
CA TYR A 83 2.17 -0.25 9.63
C TYR A 83 2.78 -1.30 10.54
N THR A 84 1.93 -2.02 11.23
CA THR A 84 2.33 -3.07 12.13
C THR A 84 2.43 -4.40 11.37
N ALA A 85 3.58 -5.07 11.47
CA ALA A 85 3.83 -6.33 10.78
C ALA A 85 3.28 -7.52 11.52
N MET A 86 2.47 -8.27 10.85
CA MET A 86 1.91 -9.50 11.37
C MET A 86 2.51 -10.67 10.59
N PRO A 87 3.06 -11.67 11.30
CA PRO A 87 3.64 -12.87 10.68
C PRO A 87 2.55 -13.82 10.13
N PHE A 88 2.97 -14.79 9.31
CA PHE A 88 2.06 -15.80 8.77
C PHE A 88 1.30 -16.52 9.88
N SER A 89 0.00 -16.49 9.78
CA SER A 89 -0.83 -17.26 10.65
C SER A 89 -1.12 -18.59 9.95
N SER A 90 -1.24 -18.51 8.60
CA SER A 90 -1.46 -19.65 7.69
C SER A 90 -2.79 -20.37 7.98
N LYS A 91 -3.63 -19.70 8.76
CA LYS A 91 -4.86 -20.25 9.25
C LYS A 91 -5.94 -20.16 8.15
N GLY A 92 -6.91 -21.06 8.18
CA GLY A 92 -7.98 -21.10 7.20
C GLY A 92 -8.79 -19.83 7.15
N GLU A 93 -8.86 -19.14 8.27
CA GLU A 93 -9.56 -17.85 8.38
C GLU A 93 -8.88 -16.76 7.56
N PHE A 94 -7.59 -16.87 7.42
CA PHE A 94 -6.84 -15.95 6.59
C PHE A 94 -7.15 -16.25 5.12
N LYS A 95 -7.31 -17.52 4.81
CA LYS A 95 -7.60 -17.93 3.46
C LYS A 95 -9.03 -17.57 3.08
N SER A 96 -9.91 -17.53 4.09
CA SER A 96 -11.26 -17.02 3.94
C SER A 96 -11.18 -15.55 3.50
N TRP A 97 -10.30 -14.79 4.16
CA TRP A 97 -10.09 -13.39 3.86
C TRP A 97 -9.59 -13.24 2.42
N VAL A 98 -8.59 -14.04 2.03
CA VAL A 98 -8.00 -14.01 0.68
C VAL A 98 -9.08 -14.19 -0.38
N LYS A 99 -9.94 -15.17 -0.15
CA LYS A 99 -11.06 -15.46 -1.02
C LYS A 99 -11.96 -14.25 -1.18
N ASP A 100 -12.44 -13.71 -0.07
CA ASP A 100 -13.39 -12.60 -0.09
C ASP A 100 -12.75 -11.31 -0.60
N TYR A 101 -11.46 -11.16 -0.37
CA TYR A 101 -10.69 -10.04 -0.90
C TYR A 101 -10.74 -10.06 -2.42
N VAL A 102 -10.40 -11.21 -3.01
CA VAL A 102 -10.43 -11.40 -4.45
C VAL A 102 -11.87 -11.25 -4.98
N ARG A 103 -12.83 -11.78 -4.22
CA ARG A 103 -14.25 -11.69 -4.57
C ARG A 103 -14.73 -10.24 -4.66
N ASN A 104 -14.50 -9.47 -3.60
CA ASN A 104 -14.91 -8.05 -3.57
C ASN A 104 -14.30 -7.26 -4.70
N VAL A 105 -13.03 -7.50 -4.96
CA VAL A 105 -12.35 -6.84 -6.07
C VAL A 105 -12.98 -7.26 -7.41
N ARG A 106 -13.14 -8.57 -7.61
CA ARG A 106 -13.72 -9.15 -8.83
C ARG A 106 -15.12 -8.59 -9.12
N GLN A 107 -15.96 -8.53 -8.09
CA GLN A 107 -17.29 -7.97 -8.21
C GLN A 107 -17.26 -6.48 -8.47
N ALA A 108 -16.31 -5.78 -7.85
CA ALA A 108 -16.14 -4.34 -8.06
C ALA A 108 -15.78 -4.05 -9.52
N LEU A 109 -14.89 -4.88 -10.09
CA LEU A 109 -14.52 -4.78 -11.53
C LEU A 109 -15.74 -4.73 -12.44
N LYS A 110 -16.64 -5.66 -12.24
CA LYS A 110 -17.81 -5.76 -13.10
C LYS A 110 -18.98 -4.83 -12.69
N GLY A 111 -19.13 -4.57 -11.40
CA GLY A 111 -20.24 -3.75 -10.89
C GLY A 111 -19.99 -2.24 -10.84
N SER A 112 -18.80 -1.78 -11.13
CA SER A 112 -18.46 -0.35 -11.00
C SER A 112 -19.00 0.53 -12.14
N GLY A 113 -19.30 -0.08 -13.27
CA GLY A 113 -19.84 0.66 -14.40
C GLY A 113 -18.76 1.21 -15.31
N VAL A 114 -17.71 0.44 -15.50
CA VAL A 114 -16.61 0.83 -16.38
C VAL A 114 -17.02 0.48 -17.82
N ALA A 115 -16.50 1.21 -18.80
CA ALA A 115 -16.82 1.01 -20.21
C ALA A 115 -16.39 -0.37 -20.72
N VAL A 116 -17.06 -0.86 -21.75
CA VAL A 116 -16.89 -2.25 -22.28
C VAL A 116 -15.43 -2.55 -22.71
N GLU A 117 -14.83 -1.62 -23.45
CA GLU A 117 -13.43 -1.79 -23.92
C GLU A 117 -12.49 -1.88 -22.73
N ASP A 118 -12.74 -1.02 -21.76
CA ASP A 118 -11.95 -0.96 -20.54
C ASP A 118 -12.13 -2.23 -19.75
N ILE A 119 -13.36 -2.77 -19.75
CA ILE A 119 -13.68 -4.04 -19.10
C ILE A 119 -12.83 -5.18 -19.66
N LYS A 120 -12.62 -5.18 -20.97
CA LYS A 120 -11.79 -6.20 -21.62
C LYS A 120 -10.40 -6.21 -21.04
N LYS A 121 -9.80 -5.05 -21.00
CA LYS A 121 -8.45 -4.87 -20.45
C LYS A 121 -8.43 -5.17 -18.96
N PHE A 122 -9.49 -4.78 -18.29
CA PHE A 122 -9.64 -4.88 -16.84
C PHE A 122 -9.74 -6.38 -16.46
N MET A 123 -10.37 -7.16 -17.34
CA MET A 123 -10.51 -8.59 -17.14
C MET A 123 -9.23 -9.33 -17.50
N GLU A 124 -8.35 -8.70 -18.24
CA GLU A 124 -7.03 -9.25 -18.57
C GLU A 124 -6.13 -9.09 -17.34
N GLU A 125 -6.37 -8.01 -16.62
CA GLU A 125 -5.67 -7.68 -15.42
C GLU A 125 -6.15 -8.55 -14.25
N ALA A 126 -7.43 -8.95 -14.28
CA ALA A 126 -8.07 -9.78 -13.22
C ALA A 126 -7.26 -11.05 -12.80
N PRO A 127 -6.93 -12.01 -13.74
CA PRO A 127 -6.16 -13.20 -13.37
C PRO A 127 -4.71 -12.85 -12.99
N THR A 128 -4.26 -11.71 -13.49
CA THR A 128 -2.93 -11.24 -13.25
C THR A 128 -2.77 -10.77 -11.78
N PHE A 129 -3.87 -10.18 -11.23
CA PHE A 129 -3.91 -9.76 -9.83
C PHE A 129 -3.67 -10.97 -8.95
N VAL A 130 -4.51 -11.98 -9.17
CA VAL A 130 -4.47 -13.24 -8.44
C VAL A 130 -3.10 -13.90 -8.57
N LYS A 131 -2.63 -14.01 -9.80
CA LYS A 131 -1.35 -14.65 -10.13
C LYS A 131 -0.18 -14.04 -9.37
N TRP A 132 -0.07 -12.71 -9.41
CA TRP A 132 1.05 -12.00 -8.77
C TRP A 132 0.99 -12.08 -7.24
N LEU A 133 -0.21 -12.12 -6.67
CA LEU A 133 -0.38 -12.27 -5.22
C LEU A 133 0.11 -13.66 -4.79
N VAL A 134 -0.18 -14.65 -5.64
CA VAL A 134 0.28 -16.02 -5.40
C VAL A 134 1.80 -16.12 -5.59
N ASP A 135 2.33 -15.39 -6.57
CA ASP A 135 3.78 -15.38 -6.83
C ASP A 135 4.56 -14.80 -5.66
N LYS A 136 3.99 -13.82 -5.00
CA LYS A 136 4.64 -13.20 -3.84
C LYS A 136 4.16 -13.78 -2.51
N TYR A 137 3.28 -14.78 -2.54
CA TYR A 137 2.69 -15.41 -1.30
C TYR A 137 3.75 -15.86 -0.26
N ASP A 138 4.96 -16.15 -0.74
CA ASP A 138 6.08 -16.56 0.13
C ASP A 138 6.77 -15.33 0.73
N ASP A 139 6.71 -14.25 0.01
CA ASP A 139 7.43 -13.03 0.35
C ASP A 139 6.55 -12.08 1.15
N LEU A 140 5.29 -12.41 1.27
CA LEU A 140 4.33 -11.54 1.90
C LEU A 140 4.31 -11.64 3.40
N GLU A 141 4.30 -10.49 4.01
CA GLU A 141 4.02 -10.33 5.40
C GLU A 141 2.86 -9.38 5.46
N PHE A 142 2.08 -9.46 6.50
CA PHE A 142 0.83 -8.76 6.50
C PHE A 142 0.88 -7.57 7.41
N PHE A 143 0.65 -6.43 6.86
CA PHE A 143 0.74 -5.21 7.60
C PHE A 143 -0.61 -4.60 7.80
N MET A 144 -0.77 -3.97 8.91
CA MET A 144 -1.98 -3.28 9.24
C MET A 144 -1.58 -1.91 9.70
N SER A 145 -2.15 -0.90 9.12
CA SER A 145 -1.89 0.43 9.58
C SER A 145 -2.75 0.67 10.81
N LYS A 146 -2.31 1.54 11.68
CA LYS A 146 -2.95 1.77 12.98
C LYS A 146 -4.44 2.09 12.91
N SER A 147 -4.83 2.81 11.91
CA SER A 147 -6.20 3.24 11.77
C SER A 147 -7.08 2.23 10.99
N MET A 148 -6.49 1.15 10.50
CA MET A 148 -7.24 0.22 9.66
C MET A 148 -7.55 -1.11 10.35
N ASN A 149 -8.32 -1.94 9.68
CA ASN A 149 -8.85 -3.18 10.26
C ASN A 149 -8.18 -4.39 9.61
N PRO A 150 -7.86 -5.45 10.39
CA PRO A 150 -7.33 -6.72 9.85
C PRO A 150 -8.26 -7.39 8.82
N ASP A 151 -9.55 -7.00 8.80
CA ASP A 151 -10.51 -7.61 7.87
C ASP A 151 -10.70 -6.73 6.69
N ALA A 152 -10.47 -5.47 6.88
CA ALA A 152 -10.73 -4.52 5.88
C ALA A 152 -9.52 -3.68 5.65
N GLY A 153 -8.80 -4.00 4.61
CA GLY A 153 -7.61 -3.28 4.36
C GLY A 153 -6.40 -3.93 4.98
N LEU A 154 -6.31 -5.24 4.84
CA LEU A 154 -5.14 -5.94 5.31
C LEU A 154 -4.09 -5.82 4.23
N ILE A 155 -3.05 -5.12 4.54
CA ILE A 155 -2.03 -4.78 3.61
C ILE A 155 -1.04 -5.93 3.41
N PHE A 156 -0.83 -6.30 2.17
CA PHE A 156 0.20 -7.24 1.83
C PHE A 156 1.49 -6.45 1.63
N SER A 157 2.60 -6.97 2.07
CA SER A 157 3.88 -6.33 1.81
C SER A 157 4.93 -7.39 1.63
N TYR A 158 5.95 -7.08 0.88
CA TYR A 158 7.02 -8.01 0.65
C TYR A 158 8.35 -7.31 0.70
N TYR A 159 9.41 -8.05 0.83
CA TYR A 159 10.73 -7.48 0.87
C TYR A 159 11.49 -7.92 -0.35
N LYS A 160 11.62 -7.04 -1.32
CA LYS A 160 12.35 -7.36 -2.52
C LYS A 160 13.81 -6.92 -2.41
N GLU A 161 14.57 -7.19 -3.44
CA GLU A 161 15.96 -6.81 -3.50
C GLU A 161 16.14 -5.29 -3.47
N GLY A 162 16.88 -4.84 -2.49
CA GLY A 162 17.12 -3.44 -2.31
C GLY A 162 16.28 -2.87 -1.20
N ALA A 163 15.20 -3.55 -0.87
CA ALA A 163 14.30 -3.06 0.13
C ALA A 163 14.66 -3.65 1.48
N HIS A 164 14.90 -2.78 2.44
CA HIS A 164 15.20 -3.19 3.83
C HIS A 164 13.95 -3.04 4.67
N CYS A 165 12.99 -2.37 4.08
CA CYS A 165 11.72 -2.09 4.68
C CYS A 165 10.67 -2.70 3.77
N PRO A 166 9.44 -2.93 4.26
CA PRO A 166 8.36 -3.52 3.46
C PRO A 166 8.01 -2.71 2.20
N THR A 167 7.95 -3.40 1.10
CA THR A 167 7.45 -2.88 -0.12
C THR A 167 5.98 -3.27 -0.15
N PHE A 168 5.11 -2.31 -0.24
CA PHE A 168 3.71 -2.56 -0.11
C PHE A 168 3.08 -3.07 -1.39
N VAL A 169 2.22 -4.03 -1.22
CA VAL A 169 1.57 -4.74 -2.29
C VAL A 169 0.10 -4.32 -2.36
N TYR A 170 -0.27 -3.64 -3.43
CA TYR A 170 -1.63 -3.21 -3.62
C TYR A 170 -2.06 -3.47 -5.04
N VAL A 171 -3.34 -3.49 -5.27
CA VAL A 171 -3.88 -3.73 -6.58
C VAL A 171 -4.26 -2.37 -7.18
N LYS A 172 -3.64 -2.01 -8.29
CA LYS A 172 -3.81 -0.67 -8.88
C LYS A 172 -5.21 -0.46 -9.43
N SER A 173 -5.63 -1.35 -10.30
CA SER A 173 -6.92 -1.22 -10.94
C SER A 173 -8.02 -1.80 -10.03
N GLY A 174 -7.61 -2.55 -9.04
CA GLY A 174 -8.55 -3.23 -8.17
C GLY A 174 -8.99 -2.36 -7.03
N TYR A 175 -8.21 -1.34 -6.74
CA TYR A 175 -8.54 -0.41 -5.70
C TYR A 175 -9.18 0.81 -6.31
N LYS A 176 -9.70 1.67 -5.49
CA LYS A 176 -10.39 2.81 -5.99
C LYS A 176 -9.47 4.02 -5.99
N VAL A 177 -9.12 4.44 -7.18
CA VAL A 177 -8.22 5.56 -7.39
C VAL A 177 -9.01 6.84 -7.29
N VAL A 178 -8.86 7.54 -6.21
CA VAL A 178 -9.61 8.72 -5.95
C VAL A 178 -8.67 9.92 -5.93
N LYS A 179 -9.15 11.04 -6.36
CA LYS A 179 -8.41 12.26 -6.33
C LYS A 179 -9.07 13.21 -5.33
N PHE A 180 -8.33 13.59 -4.30
CA PHE A 180 -8.86 14.48 -3.28
C PHE A 180 -8.97 15.89 -3.81
N LEU A 181 -10.16 16.28 -4.14
CA LEU A 181 -10.42 17.61 -4.67
C LEU A 181 -11.42 18.27 -3.75
N GLU A 182 -12.45 17.53 -3.44
CA GLU A 182 -13.48 17.94 -2.52
C GLU A 182 -13.02 17.72 -1.08
N HIS A 183 -12.34 16.61 -0.85
CA HIS A 183 -11.79 16.32 0.45
C HIS A 183 -10.50 17.07 0.65
N HIS A 184 -10.48 17.93 1.64
CA HIS A 184 -9.30 18.71 1.95
C HIS A 184 -8.79 18.33 3.30
N HIS A 185 -7.53 18.07 3.37
CA HIS A 185 -6.88 17.68 4.61
C HIS A 185 -6.23 18.86 5.26
N HIS A 186 -6.01 18.75 6.54
CA HIS A 186 -5.41 19.83 7.30
C HIS A 186 -3.91 19.91 6.99
N HIS A 187 -3.54 20.97 6.36
CA HIS A 187 -2.18 21.23 5.95
C HIS A 187 -1.49 21.96 7.10
N HIS A 188 -0.40 21.35 7.63
CA HIS A 188 0.35 21.85 8.80
C HIS A 188 -0.49 21.70 10.06
N MET A 1 -4.43 14.92 -7.23
CA MET A 1 -4.22 14.10 -6.05
C MET A 1 -4.99 12.80 -6.19
N ILE A 2 -4.32 11.80 -6.69
CA ILE A 2 -4.91 10.51 -6.86
C ILE A 2 -4.72 9.73 -5.56
N VAL A 3 -5.70 8.98 -5.16
CA VAL A 3 -5.58 8.20 -3.96
C VAL A 3 -6.22 6.84 -4.17
N TYR A 4 -5.64 5.84 -3.56
CA TYR A 4 -6.15 4.50 -3.63
C TYR A 4 -6.88 4.17 -2.35
N LYS A 5 -8.16 3.98 -2.48
CA LYS A 5 -9.04 3.69 -1.38
C LYS A 5 -9.38 2.21 -1.42
N ASP A 6 -9.05 1.50 -0.36
CA ASP A 6 -9.34 0.06 -0.28
C ASP A 6 -10.84 -0.21 -0.30
N VAL A 7 -11.22 -1.33 -0.84
CA VAL A 7 -12.62 -1.69 -0.96
C VAL A 7 -13.09 -2.37 0.33
N ILE A 8 -12.19 -3.06 1.00
CA ILE A 8 -12.55 -3.85 2.15
C ILE A 8 -12.73 -2.96 3.39
N SER A 9 -11.74 -2.14 3.69
CA SER A 9 -11.81 -1.22 4.81
C SER A 9 -12.47 0.09 4.38
N GLY A 10 -12.08 0.57 3.20
CA GLY A 10 -12.63 1.80 2.69
C GLY A 10 -11.71 2.99 2.83
N ASP A 11 -10.52 2.79 3.37
CA ASP A 11 -9.60 3.91 3.59
C ASP A 11 -8.37 3.87 2.70
N GLU A 12 -7.57 4.90 2.82
CA GLU A 12 -6.36 5.13 2.05
C GLU A 12 -5.31 4.06 2.29
N VAL A 13 -4.78 3.53 1.21
CA VAL A 13 -3.67 2.59 1.28
C VAL A 13 -2.35 3.29 0.88
N VAL A 14 -2.49 4.41 0.17
CA VAL A 14 -1.37 5.21 -0.31
C VAL A 14 -1.97 6.45 -0.98
N SER A 15 -1.20 7.51 -1.12
CA SER A 15 -1.67 8.71 -1.74
C SER A 15 -0.63 9.26 -2.73
N ASP A 16 -1.11 10.14 -3.60
CA ASP A 16 -0.37 10.80 -4.72
C ASP A 16 1.01 11.31 -4.33
N ALA A 17 1.10 12.00 -3.18
CA ALA A 17 2.36 12.62 -2.74
C ALA A 17 3.40 11.59 -2.27
N LEU A 18 3.02 10.33 -2.20
CA LEU A 18 3.91 9.28 -1.77
C LEU A 18 4.47 8.56 -3.00
N LYS A 19 5.27 7.53 -2.77
CA LYS A 19 5.90 6.82 -3.85
C LYS A 19 4.93 5.77 -4.43
N ILE A 20 4.40 6.07 -5.59
CA ILE A 20 3.52 5.18 -6.31
C ILE A 20 4.22 4.75 -7.59
N THR A 21 4.55 3.49 -7.68
CA THR A 21 5.27 2.94 -8.81
C THR A 21 4.55 1.71 -9.42
N PRO A 22 4.83 1.34 -10.67
CA PRO A 22 4.26 0.13 -11.27
C PRO A 22 5.03 -1.12 -10.80
N VAL A 23 4.46 -2.28 -11.03
CA VAL A 23 5.13 -3.52 -10.73
C VAL A 23 5.91 -3.96 -11.95
N MET A 24 7.20 -4.11 -11.82
CA MET A 24 7.98 -4.62 -12.92
C MET A 24 8.72 -5.87 -12.52
N GLU A 25 8.28 -6.99 -13.04
CA GLU A 25 8.91 -8.27 -12.79
C GLU A 25 9.66 -8.67 -14.03
N GLY A 26 10.96 -8.54 -13.99
CA GLY A 26 11.78 -8.92 -15.13
C GLY A 26 11.88 -7.83 -16.18
N GLY A 27 11.15 -6.74 -15.98
CA GLY A 27 11.19 -5.64 -16.92
C GLY A 27 9.84 -5.34 -17.54
N GLU A 28 8.89 -6.24 -17.39
CA GLU A 28 7.55 -6.00 -17.91
C GLU A 28 6.67 -5.53 -16.76
N GLU A 29 5.55 -4.92 -17.05
CA GLU A 29 4.67 -4.51 -15.99
C GLU A 29 3.74 -5.66 -15.66
N VAL A 30 3.26 -5.69 -14.46
CA VAL A 30 2.27 -6.66 -14.09
C VAL A 30 0.92 -5.95 -14.08
N PRO A 31 0.07 -6.25 -15.10
CA PRO A 31 -1.19 -5.54 -15.29
C PRO A 31 -2.17 -5.66 -14.13
N GLY A 32 -2.60 -4.52 -13.65
CA GLY A 32 -3.58 -4.46 -12.62
C GLY A 32 -3.02 -4.14 -11.26
N LEU A 33 -1.74 -4.23 -11.12
CA LEU A 33 -1.12 -4.07 -9.83
C LEU A 33 -0.12 -2.95 -9.84
N PHE A 34 0.18 -2.42 -8.68
CA PHE A 34 1.19 -1.41 -8.57
C PHE A 34 1.96 -1.68 -7.31
N GLU A 35 3.18 -1.31 -7.29
CA GLU A 35 4.02 -1.58 -6.18
C GLU A 35 4.34 -0.28 -5.54
N VAL A 36 4.54 -0.31 -4.30
CA VAL A 36 4.97 0.85 -3.64
C VAL A 36 6.38 0.60 -3.26
N ASP A 37 7.22 1.36 -3.89
CA ASP A 37 8.63 1.28 -3.69
C ASP A 37 8.96 1.87 -2.35
N SER A 38 9.86 1.25 -1.68
CA SER A 38 10.16 1.66 -0.38
C SER A 38 11.38 2.55 -0.36
N ALA A 39 11.26 3.62 0.36
CA ALA A 39 12.29 4.61 0.52
C ALA A 39 12.41 4.88 1.99
N MET A 40 13.59 4.72 2.51
CA MET A 40 13.83 4.84 3.93
C MET A 40 14.05 6.28 4.34
N VAL A 41 13.08 6.83 5.03
CA VAL A 41 13.16 8.19 5.52
C VAL A 41 13.29 8.16 7.04
N ALA A 42 14.03 9.09 7.57
CA ALA A 42 14.27 9.14 8.98
C ALA A 42 13.20 9.94 9.71
N VAL A 43 12.62 9.33 10.68
CA VAL A 43 11.62 9.94 11.51
C VAL A 43 12.30 10.43 12.78
N GLY A 44 12.60 11.71 12.81
CA GLY A 44 13.23 12.31 13.96
C GLY A 44 12.22 12.46 15.06
N GLY A 45 12.59 12.01 16.24
CA GLY A 45 11.70 12.04 17.37
C GLY A 45 10.59 11.02 17.20
N GLY A 46 9.42 11.33 17.70
CA GLY A 46 8.25 10.46 17.53
C GLY A 46 8.20 9.35 18.55
N ASP A 47 9.30 8.58 18.63
CA ASP A 47 9.43 7.41 19.51
C ASP A 47 8.39 6.37 19.22
N ILE A 48 8.52 5.72 18.10
CA ILE A 48 7.55 4.74 17.72
C ILE A 48 8.16 3.36 17.86
N ASP A 49 9.00 3.00 16.87
CA ASP A 49 9.62 1.66 16.74
C ASP A 49 8.57 0.56 16.52
N ILE A 50 8.80 -0.30 15.57
CA ILE A 50 7.87 -1.37 15.27
C ILE A 50 8.05 -2.52 16.27
N GLY A 51 7.57 -2.28 17.44
CA GLY A 51 7.54 -3.24 18.50
C GLY A 51 6.49 -2.86 19.51
N CYS A 52 5.56 -2.04 19.06
CA CYS A 52 4.49 -1.54 19.88
C CYS A 52 3.32 -2.53 19.84
N GLY A 53 3.07 -3.14 20.95
CA GLY A 53 1.99 -4.08 21.07
C GLY A 53 2.47 -5.35 21.67
N ASN A 54 3.35 -6.01 20.99
CA ASN A 54 3.91 -7.25 21.46
C ASN A 54 5.18 -6.97 22.20
N ALA A 55 5.04 -6.75 23.48
CA ALA A 55 6.16 -6.50 24.33
C ALA A 55 6.65 -7.81 24.88
N PHE A 56 7.80 -8.24 24.43
CA PHE A 56 8.36 -9.50 24.84
C PHE A 56 8.91 -9.38 26.24
N GLY A 57 9.63 -8.30 26.49
CA GLY A 57 10.21 -8.06 27.77
C GLY A 57 11.57 -8.64 27.89
N GLY A 58 12.55 -7.87 27.51
CA GLY A 58 13.92 -8.28 27.61
C GLY A 58 14.47 -8.05 28.99
N ALA A 59 15.47 -8.82 29.36
CA ALA A 59 16.06 -8.71 30.66
C ALA A 59 16.96 -7.49 30.73
N GLY A 60 16.75 -6.67 31.71
CA GLY A 60 17.52 -5.47 31.88
C GLY A 60 16.91 -4.30 31.12
N ASP A 61 17.00 -4.34 29.82
CA ASP A 61 16.49 -3.27 28.96
C ASP A 61 16.04 -3.85 27.63
N ASP A 62 14.91 -3.37 27.15
CA ASP A 62 14.37 -3.74 25.84
C ASP A 62 15.04 -2.92 24.77
N GLU A 63 16.27 -3.33 24.43
CA GLU A 63 17.15 -2.70 23.42
C GLU A 63 16.37 -2.10 22.24
N GLY A 64 16.32 -0.78 22.22
CA GLY A 64 15.66 -0.05 21.18
C GLY A 64 16.64 0.87 20.48
N ALA A 65 16.64 2.14 20.88
CA ALA A 65 17.53 3.12 20.28
C ALA A 65 17.63 4.38 21.15
N ASP A 66 18.45 5.29 20.70
CA ASP A 66 18.67 6.61 21.32
C ASP A 66 18.77 7.58 20.17
N ASP A 67 18.50 8.87 20.40
CA ASP A 67 18.57 9.96 19.37
C ASP A 67 17.39 9.95 18.40
N ALA A 68 16.79 8.77 18.21
CA ALA A 68 15.63 8.53 17.35
C ALA A 68 15.99 8.79 15.91
N THR A 69 16.52 7.78 15.28
CA THR A 69 17.01 7.87 13.94
C THR A 69 16.24 6.86 13.07
N GLN A 70 15.03 6.51 13.57
CA GLN A 70 14.08 5.54 12.98
C GLN A 70 13.93 5.73 11.49
N LYS A 71 14.30 4.77 10.71
CA LYS A 71 14.12 4.88 9.29
C LYS A 71 13.10 3.91 8.84
N GLU A 72 12.07 4.42 8.25
CA GLU A 72 10.96 3.63 7.83
C GLU A 72 10.60 4.05 6.43
N ASN A 73 9.82 3.27 5.77
CA ASN A 73 9.38 3.54 4.43
C ASN A 73 8.48 4.78 4.42
N ASN A 74 8.73 5.70 3.48
CA ASN A 74 7.97 6.98 3.32
C ASN A 74 6.43 6.82 3.35
N VAL A 75 5.94 5.65 3.01
CA VAL A 75 4.51 5.39 2.95
C VAL A 75 3.98 4.88 4.29
N SER A 76 4.62 3.87 4.82
CA SER A 76 4.20 3.25 6.04
C SER A 76 4.57 4.07 7.27
N GLY A 77 5.55 4.97 7.06
CA GLY A 77 6.06 5.89 8.04
C GLY A 77 5.03 6.39 8.99
N PRO A 78 5.22 6.11 10.30
CA PRO A 78 4.29 6.48 11.38
C PRO A 78 3.98 7.98 11.46
N SER A 79 4.79 8.77 10.78
CA SER A 79 4.60 10.18 10.66
C SER A 79 3.24 10.48 9.98
N SER A 80 2.86 9.64 9.03
CA SER A 80 1.66 9.84 8.28
C SER A 80 0.65 8.70 8.45
N PHE A 81 0.99 7.50 7.99
CA PHE A 81 0.03 6.39 8.00
C PHE A 81 0.09 5.52 9.24
N ALA A 82 1.29 5.01 9.59
CA ALA A 82 1.50 4.11 10.76
C ALA A 82 0.83 2.74 10.55
N TYR A 83 1.63 1.74 10.25
CA TYR A 83 1.13 0.41 10.01
C TYR A 83 1.43 -0.53 11.15
N THR A 84 0.53 -1.46 11.33
CA THR A 84 0.62 -2.51 12.28
C THR A 84 1.21 -3.72 11.58
N ALA A 85 2.24 -4.30 12.16
CA ALA A 85 2.90 -5.44 11.57
C ALA A 85 2.36 -6.74 12.12
N MET A 86 2.05 -7.63 11.23
CA MET A 86 1.60 -8.96 11.55
C MET A 86 2.47 -9.97 10.80
N PRO A 87 3.14 -10.88 11.51
CA PRO A 87 3.97 -11.91 10.90
C PRO A 87 3.15 -12.89 10.03
N PHE A 88 3.86 -13.67 9.21
CA PHE A 88 3.31 -14.71 8.33
C PHE A 88 2.29 -15.56 9.10
N SER A 89 1.05 -15.52 8.68
CA SER A 89 -0.01 -16.25 9.33
C SER A 89 0.02 -17.71 8.89
N SER A 90 0.08 -17.92 7.57
CA SER A 90 0.22 -19.24 6.93
C SER A 90 -0.98 -20.18 7.23
N LYS A 91 -2.07 -19.60 7.67
CA LYS A 91 -3.26 -20.33 8.06
C LYS A 91 -4.23 -20.41 6.86
N GLY A 92 -5.07 -21.48 6.83
CA GLY A 92 -6.06 -21.68 5.75
C GLY A 92 -7.08 -20.57 5.72
N GLU A 93 -7.30 -19.98 6.88
CA GLU A 93 -8.16 -18.82 7.13
C GLU A 93 -7.78 -17.66 6.20
N PHE A 94 -6.49 -17.53 5.94
CA PHE A 94 -5.97 -16.49 5.10
C PHE A 94 -6.38 -16.73 3.64
N LYS A 95 -6.42 -17.99 3.23
CA LYS A 95 -6.80 -18.35 1.87
C LYS A 95 -8.27 -18.06 1.66
N SER A 96 -9.06 -18.32 2.69
CA SER A 96 -10.47 -18.04 2.69
C SER A 96 -10.70 -16.53 2.56
N TRP A 97 -9.86 -15.76 3.26
CA TRP A 97 -9.87 -14.31 3.20
C TRP A 97 -9.54 -13.83 1.78
N VAL A 98 -8.54 -14.46 1.15
CA VAL A 98 -8.13 -14.11 -0.21
C VAL A 98 -9.29 -14.24 -1.20
N LYS A 99 -10.11 -15.26 -1.00
CA LYS A 99 -11.26 -15.49 -1.86
C LYS A 99 -12.31 -14.37 -1.71
N ASP A 100 -12.50 -13.88 -0.49
CA ASP A 100 -13.40 -12.74 -0.22
C ASP A 100 -12.80 -11.46 -0.72
N TYR A 101 -11.50 -11.32 -0.54
CA TYR A 101 -10.75 -10.16 -0.97
C TYR A 101 -10.88 -9.98 -2.47
N VAL A 102 -10.54 -11.04 -3.22
CA VAL A 102 -10.62 -11.04 -4.67
C VAL A 102 -12.07 -10.81 -5.14
N ARG A 103 -13.03 -11.40 -4.41
CA ARG A 103 -14.46 -11.22 -4.69
C ARG A 103 -14.83 -9.73 -4.72
N ASN A 104 -14.56 -9.04 -3.61
CA ASN A 104 -14.91 -7.61 -3.46
C ASN A 104 -14.18 -6.76 -4.47
N VAL A 105 -12.94 -7.15 -4.76
CA VAL A 105 -12.15 -6.49 -5.78
C VAL A 105 -12.85 -6.61 -7.16
N ARG A 106 -13.35 -7.79 -7.49
CA ARG A 106 -14.02 -8.01 -8.77
C ARG A 106 -15.35 -7.26 -8.86
N GLN A 107 -15.99 -7.00 -7.70
CA GLN A 107 -17.19 -6.13 -7.69
C GLN A 107 -16.80 -4.69 -8.01
N ALA A 108 -15.63 -4.28 -7.54
CA ALA A 108 -15.11 -2.94 -7.82
C ALA A 108 -14.82 -2.81 -9.31
N LEU A 109 -14.28 -3.89 -9.91
CA LEU A 109 -14.00 -3.97 -11.35
C LEU A 109 -15.25 -3.68 -12.19
N LYS A 110 -16.29 -4.45 -11.98
CA LYS A 110 -17.51 -4.29 -12.76
C LYS A 110 -18.35 -3.07 -12.33
N GLY A 111 -18.19 -2.67 -11.09
CA GLY A 111 -18.92 -1.56 -10.53
C GLY A 111 -18.28 -0.20 -10.74
N SER A 112 -17.13 -0.18 -11.40
CA SER A 112 -16.32 1.03 -11.54
C SER A 112 -16.94 2.08 -12.48
N GLY A 113 -17.82 1.65 -13.38
CA GLY A 113 -18.45 2.56 -14.32
C GLY A 113 -17.51 2.99 -15.44
N VAL A 114 -16.49 2.21 -15.66
CA VAL A 114 -15.49 2.48 -16.69
C VAL A 114 -15.99 1.88 -18.05
N ALA A 115 -15.50 2.44 -19.17
CA ALA A 115 -15.86 2.02 -20.54
C ALA A 115 -15.72 0.51 -20.77
N VAL A 116 -16.54 -0.03 -21.67
CA VAL A 116 -16.64 -1.48 -21.95
C VAL A 116 -15.29 -2.10 -22.32
N GLU A 117 -14.60 -1.43 -23.20
CA GLU A 117 -13.30 -1.85 -23.72
C GLU A 117 -12.27 -1.91 -22.59
N ASP A 118 -12.36 -0.95 -21.70
CA ASP A 118 -11.50 -0.89 -20.55
C ASP A 118 -11.85 -1.98 -19.57
N ILE A 119 -13.14 -2.26 -19.41
CA ILE A 119 -13.64 -3.34 -18.53
C ILE A 119 -13.10 -4.69 -19.00
N LYS A 120 -12.97 -4.85 -20.31
CA LYS A 120 -12.41 -6.07 -20.89
C LYS A 120 -10.97 -6.27 -20.42
N LYS A 121 -10.17 -5.22 -20.55
CA LYS A 121 -8.77 -5.24 -20.12
C LYS A 121 -8.65 -5.32 -18.60
N PHE A 122 -9.64 -4.77 -17.94
CA PHE A 122 -9.74 -4.71 -16.50
C PHE A 122 -9.97 -6.13 -15.96
N MET A 123 -10.76 -6.91 -16.69
CA MET A 123 -11.04 -8.31 -16.34
C MET A 123 -9.87 -9.21 -16.72
N GLU A 124 -8.95 -8.67 -17.52
CA GLU A 124 -7.70 -9.35 -17.85
C GLU A 124 -6.66 -9.07 -16.77
N GLU A 125 -6.86 -7.98 -16.07
CA GLU A 125 -6.04 -7.61 -14.93
C GLU A 125 -6.37 -8.50 -13.72
N ALA A 126 -7.65 -8.93 -13.64
CA ALA A 126 -8.18 -9.78 -12.54
C ALA A 126 -7.34 -11.06 -12.22
N PRO A 127 -7.08 -11.99 -13.21
CA PRO A 127 -6.28 -13.20 -12.94
C PRO A 127 -4.84 -12.87 -12.54
N THR A 128 -4.38 -11.73 -12.98
CA THR A 128 -3.05 -11.28 -12.75
C THR A 128 -2.89 -10.71 -11.33
N PHE A 129 -4.01 -10.17 -10.77
CA PHE A 129 -4.00 -9.68 -9.37
C PHE A 129 -3.64 -10.84 -8.48
N VAL A 130 -4.41 -11.92 -8.65
CA VAL A 130 -4.27 -13.14 -7.88
C VAL A 130 -2.86 -13.71 -8.04
N LYS A 131 -2.40 -13.73 -9.29
CA LYS A 131 -1.10 -14.28 -9.65
C LYS A 131 0.06 -13.71 -8.80
N TRP A 132 0.24 -12.40 -8.84
CA TRP A 132 1.40 -11.78 -8.24
C TRP A 132 1.38 -11.84 -6.70
N LEU A 133 0.19 -11.87 -6.14
CA LEU A 133 0.04 -12.02 -4.69
C LEU A 133 0.55 -13.40 -4.27
N VAL A 134 0.19 -14.40 -5.05
CA VAL A 134 0.62 -15.77 -4.83
C VAL A 134 2.13 -15.93 -5.11
N ASP A 135 2.64 -15.17 -6.07
CA ASP A 135 4.07 -15.24 -6.42
C ASP A 135 4.97 -14.64 -5.34
N LYS A 136 4.46 -13.71 -4.56
CA LYS A 136 5.25 -13.17 -3.45
C LYS A 136 4.78 -13.69 -2.09
N TYR A 137 3.81 -14.59 -2.09
CA TYR A 137 3.19 -15.14 -0.85
C TYR A 137 4.19 -15.57 0.25
N ASP A 138 5.28 -16.23 -0.12
CA ASP A 138 6.24 -16.71 0.90
C ASP A 138 7.17 -15.60 1.39
N ASP A 139 6.99 -14.42 0.86
CA ASP A 139 7.81 -13.26 1.24
C ASP A 139 6.91 -12.22 1.92
N LEU A 140 5.60 -12.47 1.94
CA LEU A 140 4.64 -11.51 2.40
C LEU A 140 4.42 -11.51 3.90
N GLU A 141 4.62 -10.36 4.48
CA GLU A 141 4.23 -10.11 5.84
C GLU A 141 3.00 -9.25 5.73
N PHE A 142 2.24 -9.17 6.76
CA PHE A 142 0.96 -8.55 6.66
C PHE A 142 0.88 -7.30 7.48
N PHE A 143 0.38 -6.27 6.88
CA PHE A 143 0.29 -4.99 7.53
C PHE A 143 -1.10 -4.46 7.39
N MET A 144 -1.50 -3.67 8.32
CA MET A 144 -2.74 -2.96 8.24
C MET A 144 -2.44 -1.61 8.75
N SER A 145 -3.08 -0.58 8.27
CA SER A 145 -2.84 0.71 8.86
C SER A 145 -3.58 0.75 10.21
N LYS A 146 -3.24 1.68 11.07
CA LYS A 146 -3.82 1.74 12.41
C LYS A 146 -5.37 1.88 12.40
N SER A 147 -5.91 2.45 11.35
CA SER A 147 -7.32 2.63 11.20
C SER A 147 -8.03 1.34 10.67
N MET A 148 -7.27 0.45 10.07
CA MET A 148 -7.80 -0.76 9.42
C MET A 148 -7.94 -1.94 10.39
N ASN A 149 -8.37 -3.07 9.87
CA ASN A 149 -8.58 -4.30 10.64
C ASN A 149 -7.80 -5.43 10.00
N PRO A 150 -7.53 -6.55 10.72
CA PRO A 150 -6.85 -7.72 10.14
C PRO A 150 -7.70 -8.42 9.05
N ASP A 151 -9.00 -8.13 9.01
CA ASP A 151 -9.85 -8.67 7.94
C ASP A 151 -10.13 -7.60 6.92
N ALA A 152 -10.35 -6.39 7.38
CA ALA A 152 -10.63 -5.28 6.50
C ALA A 152 -9.42 -4.41 6.34
N GLY A 153 -8.73 -4.60 5.24
CA GLY A 153 -7.55 -3.84 4.98
C GLY A 153 -6.29 -4.57 5.41
N LEU A 154 -6.25 -5.87 5.12
CA LEU A 154 -5.06 -6.64 5.38
C LEU A 154 -4.17 -6.53 4.16
N ILE A 155 -3.09 -5.90 4.33
CA ILE A 155 -2.19 -5.54 3.28
C ILE A 155 -1.01 -6.51 3.20
N PHE A 156 -0.66 -6.86 1.99
CA PHE A 156 0.46 -7.73 1.69
C PHE A 156 1.70 -6.85 1.53
N SER A 157 2.81 -7.24 2.09
CA SER A 157 4.05 -6.50 1.89
C SER A 157 5.24 -7.44 1.93
N TYR A 158 6.25 -7.14 1.17
CA TYR A 158 7.47 -7.92 1.18
C TYR A 158 8.62 -6.96 1.25
N TYR A 159 9.81 -7.45 1.27
CA TYR A 159 10.96 -6.57 1.31
C TYR A 159 11.75 -6.77 0.03
N LYS A 160 11.76 -5.76 -0.83
CA LYS A 160 12.48 -5.84 -2.10
C LYS A 160 13.99 -5.63 -1.86
N GLU A 161 14.78 -5.72 -2.90
CA GLU A 161 16.21 -5.52 -2.80
C GLU A 161 16.54 -4.09 -2.44
N GLY A 162 17.26 -3.92 -1.36
CA GLY A 162 17.64 -2.61 -0.89
C GLY A 162 16.67 -2.08 0.15
N ALA A 163 15.60 -2.81 0.37
CA ALA A 163 14.59 -2.40 1.30
C ALA A 163 14.86 -2.97 2.68
N HIS A 164 14.87 -2.10 3.65
CA HIS A 164 15.00 -2.50 5.06
C HIS A 164 13.69 -2.16 5.75
N CYS A 165 12.74 -1.81 4.93
CA CYS A 165 11.43 -1.37 5.34
C CYS A 165 10.45 -2.02 4.36
N PRO A 166 9.18 -2.22 4.75
CA PRO A 166 8.19 -2.93 3.91
C PRO A 166 7.92 -2.28 2.53
N THR A 167 7.98 -3.11 1.53
CA THR A 167 7.63 -2.77 0.18
C THR A 167 6.17 -3.20 0.01
N PHE A 168 5.31 -2.27 -0.27
CA PHE A 168 3.90 -2.55 -0.28
C PHE A 168 3.37 -3.10 -1.58
N VAL A 169 2.61 -4.15 -1.42
CA VAL A 169 1.98 -4.89 -2.47
C VAL A 169 0.53 -4.44 -2.56
N TYR A 170 0.20 -3.73 -3.61
CA TYR A 170 -1.11 -3.19 -3.74
C TYR A 170 -1.76 -3.51 -5.08
N VAL A 171 -3.06 -3.62 -5.04
CA VAL A 171 -3.86 -3.92 -6.20
C VAL A 171 -4.36 -2.61 -6.83
N LYS A 172 -3.67 -2.15 -7.87
CA LYS A 172 -3.94 -0.85 -8.54
C LYS A 172 -5.37 -0.72 -8.98
N SER A 173 -5.77 -1.65 -9.78
CA SER A 173 -7.06 -1.60 -10.37
C SER A 173 -8.11 -2.28 -9.46
N GLY A 174 -7.68 -2.70 -8.29
CA GLY A 174 -8.57 -3.41 -7.42
C GLY A 174 -9.12 -2.53 -6.35
N TYR A 175 -8.48 -1.41 -6.12
CA TYR A 175 -8.96 -0.47 -5.15
C TYR A 175 -9.73 0.60 -5.86
N LYS A 176 -10.41 1.40 -5.11
CA LYS A 176 -11.18 2.46 -5.66
C LYS A 176 -10.28 3.66 -5.87
N VAL A 177 -10.00 3.93 -7.11
CA VAL A 177 -9.17 5.04 -7.49
C VAL A 177 -10.01 6.30 -7.38
N VAL A 178 -9.71 7.08 -6.39
CA VAL A 178 -10.44 8.28 -6.11
C VAL A 178 -9.50 9.46 -6.26
N LYS A 179 -9.98 10.56 -6.75
CA LYS A 179 -9.16 11.73 -6.87
C LYS A 179 -9.69 12.75 -5.89
N PHE A 180 -8.91 13.15 -4.93
CA PHE A 180 -9.35 14.18 -4.00
C PHE A 180 -9.03 15.54 -4.56
N LEU A 181 -10.02 16.37 -4.62
CA LEU A 181 -9.86 17.69 -5.16
C LEU A 181 -9.41 18.66 -4.09
N GLU A 182 -9.21 19.88 -4.49
CA GLU A 182 -8.72 20.90 -3.60
C GLU A 182 -9.85 21.71 -3.00
N HIS A 183 -9.64 22.12 -1.78
CA HIS A 183 -10.59 22.89 -1.02
C HIS A 183 -9.98 24.23 -0.66
N HIS A 184 -10.61 25.28 -1.10
CA HIS A 184 -10.11 26.63 -0.90
C HIS A 184 -10.83 27.35 0.20
N HIS A 185 -12.14 27.16 0.29
CA HIS A 185 -12.95 27.85 1.30
C HIS A 185 -12.65 27.23 2.66
N HIS A 186 -12.38 25.95 2.64
CA HIS A 186 -11.90 25.28 3.81
C HIS A 186 -10.39 25.35 3.72
N HIS A 187 -9.80 26.09 4.58
CA HIS A 187 -8.37 26.36 4.51
C HIS A 187 -7.58 25.30 5.25
N HIS A 188 -6.29 25.46 5.28
CA HIS A 188 -5.43 24.56 6.00
C HIS A 188 -4.97 25.23 7.26
N MET A 1 -4.63 15.29 -4.31
CA MET A 1 -4.16 14.07 -3.70
C MET A 1 -5.09 12.92 -4.10
N ILE A 2 -4.59 12.04 -4.90
CA ILE A 2 -5.33 10.89 -5.32
C ILE A 2 -5.09 9.83 -4.29
N VAL A 3 -6.13 9.23 -3.81
CA VAL A 3 -5.98 8.26 -2.77
C VAL A 3 -6.57 6.92 -3.20
N TYR A 4 -5.92 5.87 -2.79
CA TYR A 4 -6.38 4.54 -3.03
C TYR A 4 -7.09 4.06 -1.80
N LYS A 5 -8.33 3.74 -1.96
CA LYS A 5 -9.12 3.23 -0.88
C LYS A 5 -9.27 1.73 -1.07
N ASP A 6 -9.19 1.01 0.03
CA ASP A 6 -9.31 -0.44 0.05
C ASP A 6 -10.71 -0.88 -0.30
N VAL A 7 -10.81 -1.96 -1.01
CA VAL A 7 -12.08 -2.46 -1.50
C VAL A 7 -12.87 -3.18 -0.40
N ILE A 8 -12.19 -3.70 0.58
CA ILE A 8 -12.86 -4.52 1.59
C ILE A 8 -13.42 -3.63 2.71
N SER A 9 -12.64 -2.68 3.15
CA SER A 9 -13.05 -1.75 4.18
C SER A 9 -13.77 -0.53 3.57
N GLY A 10 -13.22 -0.03 2.48
CA GLY A 10 -13.77 1.12 1.84
C GLY A 10 -13.06 2.39 2.24
N ASP A 11 -12.03 2.28 3.06
CA ASP A 11 -11.32 3.47 3.54
C ASP A 11 -9.88 3.51 2.94
N GLU A 12 -9.06 4.46 3.33
CA GLU A 12 -7.82 4.80 2.64
C GLU A 12 -6.62 3.99 3.11
N VAL A 13 -5.82 3.54 2.15
CA VAL A 13 -4.63 2.77 2.45
C VAL A 13 -3.33 3.47 2.03
N VAL A 14 -3.36 4.21 0.92
CA VAL A 14 -2.15 4.86 0.41
C VAL A 14 -2.57 5.99 -0.56
N SER A 15 -1.78 7.03 -0.64
CA SER A 15 -2.08 8.17 -1.50
C SER A 15 -0.98 8.36 -2.55
N ASP A 16 -1.27 9.11 -3.62
CA ASP A 16 -0.32 9.36 -4.74
C ASP A 16 0.84 10.25 -4.31
N ALA A 17 0.71 10.81 -3.12
CA ALA A 17 1.74 11.63 -2.53
C ALA A 17 2.89 10.74 -2.01
N LEU A 18 2.60 9.47 -1.84
CA LEU A 18 3.56 8.50 -1.38
C LEU A 18 4.22 7.80 -2.57
N LYS A 19 4.99 6.76 -2.31
CA LYS A 19 5.74 6.06 -3.34
C LYS A 19 4.88 4.98 -4.04
N ILE A 20 4.48 5.24 -5.25
CA ILE A 20 3.75 4.28 -6.04
C ILE A 20 4.51 4.03 -7.33
N THR A 21 5.05 2.86 -7.46
CA THR A 21 5.79 2.48 -8.64
C THR A 21 5.12 1.33 -9.40
N PRO A 22 5.08 1.40 -10.75
CA PRO A 22 4.50 0.34 -11.57
C PRO A 22 5.36 -0.92 -11.49
N VAL A 23 4.72 -2.05 -11.37
CA VAL A 23 5.44 -3.30 -11.25
C VAL A 23 5.98 -3.71 -12.60
N MET A 24 7.27 -3.68 -12.74
CA MET A 24 7.88 -4.13 -13.96
C MET A 24 8.76 -5.32 -13.68
N GLU A 25 8.32 -6.46 -14.14
CA GLU A 25 9.04 -7.71 -13.95
C GLU A 25 9.03 -8.47 -15.26
N GLY A 26 10.21 -8.72 -15.79
CA GLY A 26 10.35 -9.51 -16.99
C GLY A 26 10.37 -8.70 -18.26
N GLY A 27 10.68 -7.42 -18.13
CA GLY A 27 10.75 -6.53 -19.29
C GLY A 27 9.42 -5.94 -19.65
N GLU A 28 8.44 -6.23 -18.86
CA GLU A 28 7.10 -5.79 -19.09
C GLU A 28 6.50 -5.42 -17.76
N GLU A 29 5.41 -4.69 -17.78
CA GLU A 29 4.75 -4.39 -16.55
C GLU A 29 3.84 -5.54 -16.19
N VAL A 30 3.58 -5.69 -14.94
CA VAL A 30 2.58 -6.60 -14.49
C VAL A 30 1.34 -5.73 -14.32
N PRO A 31 0.39 -5.82 -15.25
CA PRO A 31 -0.72 -4.87 -15.36
C PRO A 31 -1.70 -4.89 -14.20
N GLY A 32 -2.07 -3.70 -13.78
CA GLY A 32 -3.07 -3.53 -12.79
C GLY A 32 -2.56 -3.62 -11.37
N LEU A 33 -1.27 -3.56 -11.20
CA LEU A 33 -0.66 -3.71 -9.90
C LEU A 33 0.42 -2.68 -9.69
N PHE A 34 0.63 -2.28 -8.45
CA PHE A 34 1.69 -1.36 -8.14
C PHE A 34 2.42 -1.83 -6.92
N GLU A 35 3.70 -1.64 -6.93
CA GLU A 35 4.50 -1.99 -5.83
C GLU A 35 4.91 -0.68 -5.19
N VAL A 36 5.09 -0.70 -3.93
CA VAL A 36 5.47 0.47 -3.25
C VAL A 36 6.88 0.27 -2.81
N ASP A 37 7.75 1.07 -3.37
CA ASP A 37 9.14 0.97 -3.09
C ASP A 37 9.46 1.65 -1.78
N SER A 38 10.55 1.31 -1.20
CA SER A 38 10.85 1.75 0.09
C SER A 38 11.82 2.94 0.07
N ALA A 39 11.51 3.92 0.88
CA ALA A 39 12.33 5.09 1.09
C ALA A 39 12.16 5.50 2.54
N MET A 40 13.05 6.29 3.08
CA MET A 40 12.95 6.71 4.47
C MET A 40 12.70 8.19 4.62
N VAL A 41 11.96 8.55 5.66
CA VAL A 41 11.71 9.94 6.02
C VAL A 41 11.93 10.12 7.51
N ALA A 42 11.99 11.35 7.94
CA ALA A 42 12.21 11.69 9.33
C ALA A 42 10.96 11.44 10.15
N VAL A 43 11.06 10.56 11.10
CA VAL A 43 9.99 10.22 11.97
C VAL A 43 10.20 10.95 13.29
N GLY A 44 9.16 11.57 13.78
CA GLY A 44 9.20 12.24 15.04
C GLY A 44 8.23 11.59 15.97
N GLY A 45 7.45 12.36 16.66
CA GLY A 45 6.44 11.81 17.50
C GLY A 45 5.13 11.75 16.76
N GLY A 46 4.67 12.90 16.36
CA GLY A 46 3.42 13.01 15.64
C GLY A 46 2.50 13.98 16.32
N ASP A 47 2.56 13.98 17.67
CA ASP A 47 1.80 14.91 18.54
C ASP A 47 0.31 14.59 18.53
N ILE A 48 0.00 13.38 18.12
CA ILE A 48 -1.36 12.94 17.99
C ILE A 48 -1.74 12.06 19.18
N ASP A 49 -2.54 12.63 20.07
CA ASP A 49 -3.13 11.93 21.26
C ASP A 49 -2.13 11.57 22.38
N ILE A 50 -1.01 11.00 22.01
CA ILE A 50 0.00 10.57 22.97
C ILE A 50 0.64 11.79 23.64
N GLY A 51 0.55 11.83 24.95
CA GLY A 51 1.14 12.90 25.70
C GLY A 51 2.31 12.41 26.51
N CYS A 52 2.72 13.19 27.50
CA CYS A 52 3.83 12.89 28.45
C CYS A 52 5.23 12.98 27.81
N GLY A 53 5.32 12.68 26.52
CA GLY A 53 6.57 12.79 25.78
C GLY A 53 6.87 14.23 25.43
N ASN A 54 5.85 15.07 25.58
CA ASN A 54 5.95 16.50 25.32
C ASN A 54 6.62 17.15 26.49
N ALA A 55 7.59 18.01 26.21
CA ALA A 55 8.34 18.81 27.21
C ALA A 55 9.32 17.99 28.06
N PHE A 56 8.89 16.85 28.55
CA PHE A 56 9.70 16.00 29.38
C PHE A 56 10.60 15.14 28.52
N GLY A 57 11.86 15.50 28.42
CA GLY A 57 12.81 14.76 27.64
C GLY A 57 14.00 14.37 28.45
N GLY A 58 13.95 13.21 29.05
CA GLY A 58 15.03 12.73 29.86
C GLY A 58 14.55 11.73 30.88
N ALA A 59 14.10 10.60 30.40
CA ALA A 59 13.60 9.52 31.25
C ALA A 59 14.45 8.28 31.05
N GLY A 60 15.61 8.51 30.52
CA GLY A 60 16.49 7.45 30.15
C GLY A 60 16.55 7.45 28.68
N ASP A 61 15.44 7.04 28.07
CA ASP A 61 15.19 7.09 26.62
C ASP A 61 16.25 6.30 25.85
N ASP A 62 16.82 5.32 26.50
CA ASP A 62 17.90 4.51 25.94
C ASP A 62 17.36 3.60 24.86
N GLU A 63 16.14 3.18 25.04
CA GLU A 63 15.45 2.28 24.14
C GLU A 63 14.57 3.10 23.18
N GLY A 64 14.63 4.40 23.35
CA GLY A 64 13.84 5.28 22.56
C GLY A 64 14.68 6.03 21.55
N ALA A 65 15.58 6.84 22.03
CA ALA A 65 16.38 7.67 21.18
C ALA A 65 17.83 7.23 21.19
N ASP A 66 18.16 6.35 20.28
CA ASP A 66 19.55 5.94 20.06
C ASP A 66 20.12 6.71 18.87
N ASP A 67 19.20 7.31 18.14
CA ASP A 67 19.50 8.14 17.01
C ASP A 67 18.52 9.30 17.07
N ALA A 68 19.03 10.50 16.99
CA ALA A 68 18.20 11.69 17.08
C ALA A 68 17.47 11.90 15.75
N THR A 69 16.16 11.69 15.80
CA THR A 69 15.28 11.74 14.64
C THR A 69 15.53 10.50 13.76
N GLN A 70 14.75 9.48 14.04
CA GLN A 70 14.85 8.21 13.37
C GLN A 70 14.24 8.30 11.99
N LYS A 71 14.74 7.51 11.08
CA LYS A 71 14.19 7.51 9.75
C LYS A 71 13.63 6.15 9.49
N GLU A 72 12.39 6.11 9.20
CA GLU A 72 11.73 4.87 8.90
C GLU A 72 11.02 5.05 7.60
N ASN A 73 10.48 3.98 7.08
CA ASN A 73 9.81 3.98 5.80
C ASN A 73 8.74 5.09 5.68
N ASN A 74 8.82 5.74 4.56
CA ASN A 74 7.99 6.88 4.16
C ASN A 74 6.51 6.56 4.07
N VAL A 75 6.19 5.35 3.73
CA VAL A 75 4.83 4.95 3.53
C VAL A 75 4.24 4.41 4.84
N SER A 76 5.07 3.74 5.66
CA SER A 76 4.60 3.24 6.93
C SER A 76 4.26 4.40 7.86
N GLY A 77 5.19 5.39 7.91
CA GLY A 77 5.03 6.67 8.63
C GLY A 77 4.27 6.59 9.96
N PRO A 78 4.95 6.22 11.08
CA PRO A 78 4.31 6.09 12.41
C PRO A 78 3.56 7.35 12.87
N SER A 79 4.07 8.50 12.48
CA SER A 79 3.49 9.78 12.87
C SER A 79 2.34 10.21 11.90
N SER A 80 2.04 9.36 10.92
CA SER A 80 1.04 9.69 9.93
C SER A 80 0.03 8.54 9.70
N PHE A 81 0.46 7.51 8.98
CA PHE A 81 -0.43 6.41 8.60
C PHE A 81 -0.39 5.28 9.63
N ALA A 82 0.80 5.08 10.19
CA ALA A 82 1.09 4.07 11.22
C ALA A 82 0.77 2.64 10.77
N TYR A 83 1.69 2.07 10.01
CA TYR A 83 1.57 0.70 9.57
C TYR A 83 2.10 -0.25 10.63
N THR A 84 1.21 -0.98 11.22
CA THR A 84 1.53 -1.95 12.23
C THR A 84 1.74 -3.33 11.57
N ALA A 85 2.83 -3.98 11.87
CA ALA A 85 3.19 -5.25 11.27
C ALA A 85 2.61 -6.43 12.05
N MET A 86 2.27 -7.46 11.31
CA MET A 86 1.76 -8.71 11.83
C MET A 86 2.41 -9.87 11.05
N PRO A 87 2.92 -10.89 11.76
CA PRO A 87 3.52 -12.09 11.13
C PRO A 87 2.52 -12.93 10.31
N PHE A 88 3.08 -13.84 9.46
CA PHE A 88 2.30 -14.79 8.64
C PHE A 88 1.26 -15.54 9.46
N SER A 89 0.01 -15.38 9.11
CA SER A 89 -1.03 -16.15 9.71
C SER A 89 -1.26 -17.40 8.83
N SER A 90 -1.61 -17.14 7.56
CA SER A 90 -1.76 -18.17 6.51
C SER A 90 -2.80 -19.26 6.89
N LYS A 91 -3.76 -18.89 7.72
CA LYS A 91 -4.80 -19.81 8.19
C LYS A 91 -5.88 -19.98 7.12
N GLY A 92 -6.80 -20.91 7.34
CA GLY A 92 -7.90 -21.15 6.41
C GLY A 92 -8.78 -19.92 6.28
N GLU A 93 -8.90 -19.17 7.37
CA GLU A 93 -9.63 -17.90 7.39
C GLU A 93 -8.99 -16.89 6.45
N PHE A 94 -7.67 -16.97 6.30
CA PHE A 94 -6.94 -16.10 5.42
C PHE A 94 -7.17 -16.51 3.97
N LYS A 95 -7.40 -17.78 3.75
CA LYS A 95 -7.72 -18.29 2.42
C LYS A 95 -9.12 -17.86 2.02
N SER A 96 -10.01 -17.79 3.01
CA SER A 96 -11.35 -17.27 2.80
C SER A 96 -11.28 -15.77 2.54
N TRP A 97 -10.30 -15.11 3.17
CA TRP A 97 -10.06 -13.71 2.98
C TRP A 97 -9.57 -13.44 1.57
N VAL A 98 -8.60 -14.23 1.09
CA VAL A 98 -8.07 -14.12 -0.29
C VAL A 98 -9.20 -14.31 -1.31
N LYS A 99 -10.04 -15.30 -1.05
CA LYS A 99 -11.20 -15.59 -1.87
C LYS A 99 -12.18 -14.39 -1.92
N ASP A 100 -12.47 -13.80 -0.77
CA ASP A 100 -13.35 -12.63 -0.74
C ASP A 100 -12.67 -11.36 -1.20
N TYR A 101 -11.36 -11.36 -1.13
CA TYR A 101 -10.57 -10.25 -1.62
C TYR A 101 -10.76 -10.13 -3.12
N VAL A 102 -10.54 -11.25 -3.83
CA VAL A 102 -10.72 -11.32 -5.29
C VAL A 102 -12.21 -11.07 -5.64
N ARG A 103 -13.10 -11.62 -4.81
CA ARG A 103 -14.56 -11.45 -4.93
C ARG A 103 -14.94 -9.97 -4.99
N ASN A 104 -14.56 -9.24 -3.96
CA ASN A 104 -14.94 -7.83 -3.84
C ASN A 104 -14.25 -6.98 -4.88
N VAL A 105 -13.06 -7.38 -5.31
CA VAL A 105 -12.35 -6.70 -6.38
C VAL A 105 -13.14 -6.82 -7.70
N ARG A 106 -13.74 -7.99 -7.96
CA ARG A 106 -14.58 -8.21 -9.16
C ARG A 106 -15.74 -7.21 -9.21
N GLN A 107 -16.31 -6.91 -8.04
CA GLN A 107 -17.38 -5.90 -7.95
C GLN A 107 -16.85 -4.51 -8.26
N ALA A 108 -15.62 -4.22 -7.82
CA ALA A 108 -15.00 -2.92 -8.05
C ALA A 108 -14.73 -2.69 -9.53
N LEU A 109 -14.39 -3.77 -10.26
CA LEU A 109 -14.16 -3.74 -11.71
C LEU A 109 -15.41 -3.24 -12.45
N LYS A 110 -16.53 -3.83 -12.14
CA LYS A 110 -17.76 -3.55 -12.83
C LYS A 110 -18.46 -2.31 -12.28
N GLY A 111 -18.60 -2.28 -10.95
CA GLY A 111 -19.38 -1.28 -10.25
C GLY A 111 -18.86 0.13 -10.30
N SER A 112 -17.63 0.32 -10.72
CA SER A 112 -17.08 1.65 -10.80
C SER A 112 -17.58 2.40 -12.05
N GLY A 113 -18.20 1.65 -12.97
CA GLY A 113 -18.77 2.24 -14.17
C GLY A 113 -17.82 2.32 -15.33
N VAL A 114 -16.87 1.40 -15.36
CA VAL A 114 -15.86 1.35 -16.41
C VAL A 114 -16.50 0.86 -17.73
N ALA A 115 -15.94 1.28 -18.87
CA ALA A 115 -16.46 0.89 -20.19
C ALA A 115 -16.21 -0.60 -20.47
N VAL A 116 -17.07 -1.20 -21.30
CA VAL A 116 -17.00 -2.65 -21.66
C VAL A 116 -15.62 -3.05 -22.20
N GLU A 117 -15.09 -2.23 -23.11
CA GLU A 117 -13.78 -2.45 -23.73
C GLU A 117 -12.70 -2.57 -22.67
N ASP A 118 -12.77 -1.65 -21.74
CA ASP A 118 -11.84 -1.57 -20.64
C ASP A 118 -12.03 -2.70 -19.68
N ILE A 119 -13.30 -3.02 -19.36
CA ILE A 119 -13.61 -4.12 -18.44
C ILE A 119 -13.08 -5.46 -18.95
N LYS A 120 -13.10 -5.68 -20.25
CA LYS A 120 -12.52 -6.89 -20.84
C LYS A 120 -11.03 -6.99 -20.53
N LYS A 121 -10.33 -5.88 -20.72
CA LYS A 121 -8.89 -5.80 -20.43
C LYS A 121 -8.65 -5.90 -18.91
N PHE A 122 -9.54 -5.30 -18.18
CA PHE A 122 -9.53 -5.21 -16.73
C PHE A 122 -9.74 -6.63 -16.12
N MET A 123 -10.56 -7.44 -16.79
CA MET A 123 -10.82 -8.80 -16.34
C MET A 123 -9.65 -9.71 -16.65
N GLU A 124 -8.80 -9.30 -17.59
CA GLU A 124 -7.57 -10.00 -17.88
C GLU A 124 -6.53 -9.64 -16.80
N GLU A 125 -6.67 -8.45 -16.25
CA GLU A 125 -5.85 -8.00 -15.13
C GLU A 125 -6.24 -8.73 -13.83
N ALA A 126 -7.50 -9.15 -13.73
CA ALA A 126 -8.03 -9.84 -12.54
C ALA A 126 -7.21 -11.12 -12.12
N PRO A 127 -6.98 -12.15 -13.02
CA PRO A 127 -6.14 -13.30 -12.66
C PRO A 127 -4.67 -12.90 -12.49
N THR A 128 -4.30 -11.79 -13.09
CA THR A 128 -2.96 -11.24 -13.00
C THR A 128 -2.68 -10.78 -11.56
N PHE A 129 -3.72 -10.19 -10.92
CA PHE A 129 -3.63 -9.76 -9.52
C PHE A 129 -3.32 -10.97 -8.66
N VAL A 130 -4.12 -12.01 -8.89
CA VAL A 130 -4.02 -13.27 -8.15
C VAL A 130 -2.63 -13.89 -8.33
N LYS A 131 -2.18 -14.00 -9.59
CA LYS A 131 -0.88 -14.58 -9.91
C LYS A 131 0.27 -13.89 -9.20
N TRP A 132 0.35 -12.57 -9.33
CA TRP A 132 1.47 -11.82 -8.78
C TRP A 132 1.49 -11.87 -7.24
N LEU A 133 0.31 -11.90 -6.62
CA LEU A 133 0.20 -12.04 -5.17
C LEU A 133 0.73 -13.41 -4.72
N VAL A 134 0.37 -14.45 -5.48
CA VAL A 134 0.80 -15.81 -5.19
C VAL A 134 2.33 -15.97 -5.41
N ASP A 135 2.86 -15.27 -6.39
CA ASP A 135 4.32 -15.32 -6.66
C ASP A 135 5.13 -14.58 -5.59
N LYS A 136 4.51 -13.69 -4.85
CA LYS A 136 5.20 -12.96 -3.79
C LYS A 136 4.93 -13.59 -2.43
N TYR A 137 3.95 -14.51 -2.39
CA TYR A 137 3.38 -15.16 -1.16
C TYR A 137 4.45 -15.69 -0.20
N ASP A 138 5.56 -16.13 -0.76
CA ASP A 138 6.68 -16.70 -0.01
C ASP A 138 7.28 -15.71 0.98
N ASP A 139 7.21 -14.43 0.66
CA ASP A 139 7.81 -13.39 1.49
C ASP A 139 6.79 -12.42 2.08
N LEU A 140 5.51 -12.61 1.84
CA LEU A 140 4.54 -11.62 2.24
C LEU A 140 4.13 -11.72 3.69
N GLU A 141 4.41 -10.68 4.40
CA GLU A 141 3.98 -10.51 5.76
C GLU A 141 2.96 -9.41 5.76
N PHE A 142 2.29 -9.22 6.85
CA PHE A 142 1.15 -8.37 6.80
C PHE A 142 1.33 -7.10 7.59
N PHE A 143 0.85 -6.04 7.03
CA PHE A 143 0.84 -4.75 7.67
C PHE A 143 -0.56 -4.22 7.68
N MET A 144 -0.85 -3.40 8.62
CA MET A 144 -2.13 -2.76 8.72
C MET A 144 -1.91 -1.30 8.93
N SER A 145 -2.52 -0.50 8.13
CA SER A 145 -2.55 0.90 8.36
C SER A 145 -3.54 1.15 9.49
N LYS A 146 -3.34 2.21 10.26
CA LYS A 146 -4.13 2.42 11.49
C LYS A 146 -5.66 2.59 11.23
N SER A 147 -6.02 2.83 10.00
CA SER A 147 -7.41 2.96 9.60
C SER A 147 -8.06 1.59 9.21
N MET A 148 -7.23 0.56 8.99
CA MET A 148 -7.71 -0.73 8.45
C MET A 148 -7.95 -1.80 9.50
N ASN A 149 -8.59 -2.87 9.05
CA ASN A 149 -8.96 -4.03 9.86
C ASN A 149 -8.12 -5.20 9.37
N PRO A 150 -7.92 -6.27 10.18
CA PRO A 150 -7.21 -7.46 9.70
C PRO A 150 -7.93 -8.15 8.54
N ASP A 151 -9.26 -8.11 8.56
CA ASP A 151 -10.06 -8.75 7.51
C ASP A 151 -10.44 -7.76 6.43
N ALA A 152 -9.99 -6.53 6.55
CA ALA A 152 -10.34 -5.51 5.59
C ALA A 152 -9.20 -4.53 5.42
N GLY A 153 -8.43 -4.73 4.37
CA GLY A 153 -7.29 -3.89 4.13
C GLY A 153 -6.01 -4.46 4.72
N LEU A 154 -5.83 -5.75 4.57
CA LEU A 154 -4.65 -6.39 5.06
C LEU A 154 -3.57 -6.25 4.00
N ILE A 155 -2.57 -5.48 4.34
CA ILE A 155 -1.51 -5.11 3.44
C ILE A 155 -0.47 -6.21 3.35
N PHE A 156 -0.17 -6.60 2.13
CA PHE A 156 0.89 -7.58 1.87
C PHE A 156 2.18 -6.78 1.74
N SER A 157 3.25 -7.22 2.36
CA SER A 157 4.53 -6.52 2.25
C SER A 157 5.70 -7.50 2.33
N TYR A 158 6.79 -7.17 1.66
CA TYR A 158 7.98 -7.98 1.70
C TYR A 158 9.21 -7.10 1.58
N TYR A 159 10.36 -7.66 1.78
CA TYR A 159 11.60 -6.92 1.65
C TYR A 159 12.35 -7.45 0.45
N LYS A 160 12.30 -6.72 -0.66
CA LYS A 160 13.02 -7.16 -1.86
C LYS A 160 14.50 -6.79 -1.75
N GLU A 161 15.34 -7.49 -2.48
CA GLU A 161 16.76 -7.21 -2.47
C GLU A 161 17.08 -5.81 -3.00
N GLY A 162 17.75 -5.05 -2.16
CA GLY A 162 18.08 -3.67 -2.44
C GLY A 162 17.22 -2.74 -1.60
N ALA A 163 16.09 -3.23 -1.14
CA ALA A 163 15.22 -2.48 -0.26
C ALA A 163 15.46 -2.96 1.16
N HIS A 164 15.78 -2.05 2.05
CA HIS A 164 16.06 -2.43 3.44
C HIS A 164 15.00 -1.93 4.39
N CYS A 165 13.85 -1.71 3.83
CA CYS A 165 12.68 -1.27 4.53
C CYS A 165 11.50 -1.97 3.87
N PRO A 166 10.30 -2.02 4.48
CA PRO A 166 9.16 -2.74 3.92
C PRO A 166 8.71 -2.23 2.55
N THR A 167 8.63 -3.13 1.62
CA THR A 167 8.13 -2.88 0.31
C THR A 167 6.67 -3.34 0.30
N PHE A 168 5.76 -2.41 0.11
CA PHE A 168 4.35 -2.70 0.23
C PHE A 168 3.77 -3.11 -1.10
N VAL A 169 2.78 -3.96 -1.03
CA VAL A 169 2.14 -4.55 -2.19
C VAL A 169 0.65 -4.18 -2.19
N TYR A 170 0.17 -3.58 -3.29
CA TYR A 170 -1.23 -3.21 -3.44
C TYR A 170 -1.71 -3.50 -4.85
N VAL A 171 -3.00 -3.65 -4.98
CA VAL A 171 -3.61 -3.88 -6.26
C VAL A 171 -4.04 -2.52 -6.85
N LYS A 172 -3.48 -2.18 -8.01
CA LYS A 172 -3.67 -0.85 -8.61
C LYS A 172 -5.05 -0.68 -9.21
N SER A 173 -5.41 -1.56 -10.11
CA SER A 173 -6.68 -1.46 -10.80
C SER A 173 -7.82 -1.99 -9.95
N GLY A 174 -7.48 -2.74 -8.95
CA GLY A 174 -8.49 -3.38 -8.12
C GLY A 174 -9.03 -2.46 -7.06
N TYR A 175 -8.29 -1.43 -6.70
CA TYR A 175 -8.66 -0.54 -5.62
C TYR A 175 -9.36 0.70 -6.12
N LYS A 176 -9.88 1.45 -5.17
CA LYS A 176 -10.65 2.64 -5.45
C LYS A 176 -9.73 3.81 -5.63
N VAL A 177 -9.63 4.29 -6.83
CA VAL A 177 -8.81 5.43 -7.13
C VAL A 177 -9.70 6.66 -7.05
N VAL A 178 -9.57 7.40 -5.97
CA VAL A 178 -10.41 8.57 -5.76
C VAL A 178 -9.54 9.82 -5.70
N LYS A 179 -9.82 10.77 -6.54
CA LYS A 179 -9.05 11.99 -6.61
C LYS A 179 -9.61 13.03 -5.66
N PHE A 180 -8.86 13.36 -4.63
CA PHE A 180 -9.26 14.36 -3.69
C PHE A 180 -8.36 15.56 -3.76
N LEU A 181 -8.84 16.58 -4.39
CA LEU A 181 -8.18 17.86 -4.32
C LEU A 181 -8.92 18.71 -3.31
N GLU A 182 -10.16 18.24 -3.03
CA GLU A 182 -11.12 18.78 -2.05
C GLU A 182 -11.67 20.14 -2.43
N HIS A 183 -11.13 20.74 -3.49
CA HIS A 183 -11.51 22.07 -3.96
C HIS A 183 -11.24 23.10 -2.90
N HIS A 184 -9.98 23.19 -2.51
CA HIS A 184 -9.55 24.16 -1.54
C HIS A 184 -9.37 25.48 -2.24
N HIS A 185 -10.41 26.28 -2.18
CA HIS A 185 -10.44 27.53 -2.88
C HIS A 185 -10.97 28.59 -1.93
N HIS A 186 -10.09 29.13 -1.14
CA HIS A 186 -10.45 30.08 -0.11
C HIS A 186 -10.59 31.50 -0.65
N HIS A 187 -11.79 32.01 -0.69
CA HIS A 187 -12.03 33.38 -1.12
C HIS A 187 -12.46 34.23 0.08
N HIS A 188 -11.46 34.83 0.75
CA HIS A 188 -11.61 35.79 1.87
C HIS A 188 -10.23 35.88 2.51
N MET A 1 -4.99 15.28 -5.85
CA MET A 1 -4.49 14.22 -5.03
C MET A 1 -5.45 13.05 -5.15
N ILE A 2 -4.93 11.92 -5.48
CA ILE A 2 -5.70 10.74 -5.69
C ILE A 2 -5.40 9.76 -4.57
N VAL A 3 -6.37 8.98 -4.19
CA VAL A 3 -6.20 8.04 -3.14
C VAL A 3 -6.72 6.66 -3.58
N TYR A 4 -6.10 5.64 -3.09
CA TYR A 4 -6.50 4.29 -3.36
C TYR A 4 -7.21 3.75 -2.13
N LYS A 5 -8.47 3.47 -2.26
CA LYS A 5 -9.25 2.98 -1.16
C LYS A 5 -9.42 1.49 -1.26
N ASP A 6 -9.33 0.84 -0.12
CA ASP A 6 -9.47 -0.60 -0.03
C ASP A 6 -10.90 -1.00 -0.18
N VAL A 7 -11.12 -2.06 -0.91
CA VAL A 7 -12.44 -2.56 -1.21
C VAL A 7 -13.07 -3.24 0.01
N ILE A 8 -12.23 -3.83 0.83
CA ILE A 8 -12.72 -4.62 1.94
C ILE A 8 -13.07 -3.74 3.15
N SER A 9 -12.15 -2.90 3.57
CA SER A 9 -12.37 -2.02 4.71
C SER A 9 -13.09 -0.75 4.30
N GLY A 10 -12.69 -0.19 3.19
CA GLY A 10 -13.22 1.07 2.75
C GLY A 10 -12.32 2.21 3.18
N ASP A 11 -11.20 1.85 3.82
CA ASP A 11 -10.24 2.84 4.29
C ASP A 11 -9.22 3.09 3.16
N GLU A 12 -8.20 3.85 3.41
CA GLU A 12 -7.28 4.27 2.37
C GLU A 12 -5.93 3.63 2.59
N VAL A 13 -5.41 3.01 1.56
CA VAL A 13 -4.15 2.30 1.68
C VAL A 13 -2.93 3.12 1.25
N VAL A 14 -3.11 3.99 0.26
CA VAL A 14 -2.00 4.78 -0.25
C VAL A 14 -2.58 5.93 -1.08
N SER A 15 -1.79 6.93 -1.37
CA SER A 15 -2.22 8.06 -2.15
C SER A 15 -1.18 8.34 -3.24
N ASP A 16 -1.55 9.14 -4.24
CA ASP A 16 -0.67 9.41 -5.41
C ASP A 16 0.48 10.35 -5.05
N ALA A 17 0.45 10.86 -3.82
CA ALA A 17 1.49 11.73 -3.31
C ALA A 17 2.60 10.92 -2.64
N LEU A 18 2.37 9.62 -2.52
CA LEU A 18 3.34 8.72 -1.91
C LEU A 18 4.13 8.01 -3.02
N LYS A 19 5.04 7.15 -2.63
CA LYS A 19 5.88 6.46 -3.61
C LYS A 19 5.13 5.26 -4.20
N ILE A 20 4.71 5.41 -5.42
CA ILE A 20 4.00 4.37 -6.14
C ILE A 20 4.77 4.04 -7.40
N THR A 21 5.14 2.80 -7.54
CA THR A 21 5.86 2.36 -8.70
C THR A 21 5.12 1.25 -9.45
N PRO A 22 5.08 1.32 -10.79
CA PRO A 22 4.46 0.28 -11.60
C PRO A 22 5.25 -1.02 -11.50
N VAL A 23 4.56 -2.14 -11.40
CA VAL A 23 5.21 -3.42 -11.26
C VAL A 23 5.97 -3.78 -12.54
N MET A 24 7.26 -3.81 -12.44
CA MET A 24 8.11 -4.26 -13.50
C MET A 24 8.96 -5.38 -12.96
N GLU A 25 8.67 -6.58 -13.38
CA GLU A 25 9.33 -7.77 -12.89
C GLU A 25 9.77 -8.62 -14.07
N GLY A 26 11.06 -8.78 -14.23
CA GLY A 26 11.59 -9.58 -15.31
C GLY A 26 11.84 -8.75 -16.54
N GLY A 27 11.83 -7.44 -16.37
CA GLY A 27 12.04 -6.51 -17.46
C GLY A 27 10.72 -6.03 -18.05
N GLU A 28 9.70 -6.82 -17.87
CA GLU A 28 8.39 -6.54 -18.38
C GLU A 28 7.51 -5.96 -17.28
N GLU A 29 6.53 -5.17 -17.67
CA GLU A 29 5.60 -4.60 -16.72
C GLU A 29 4.45 -5.56 -16.47
N VAL A 30 3.87 -5.46 -15.32
CA VAL A 30 2.71 -6.22 -14.97
C VAL A 30 1.54 -5.23 -14.83
N PRO A 31 0.50 -5.36 -15.65
CA PRO A 31 -0.64 -4.45 -15.63
C PRO A 31 -1.61 -4.68 -14.45
N GLY A 32 -2.12 -3.59 -13.92
CA GLY A 32 -3.13 -3.66 -12.90
C GLY A 32 -2.59 -3.69 -11.49
N LEU A 33 -1.30 -3.62 -11.36
CA LEU A 33 -0.64 -3.77 -10.08
C LEU A 33 0.44 -2.72 -9.88
N PHE A 34 0.71 -2.40 -8.63
CA PHE A 34 1.78 -1.49 -8.30
C PHE A 34 2.47 -1.97 -7.03
N GLU A 35 3.75 -1.88 -7.02
CA GLU A 35 4.53 -2.27 -5.89
C GLU A 35 5.12 -0.98 -5.34
N VAL A 36 5.46 -0.95 -4.10
CA VAL A 36 5.94 0.28 -3.53
C VAL A 36 7.42 0.18 -3.20
N ASP A 37 8.18 0.97 -3.92
CA ASP A 37 9.60 1.11 -3.71
C ASP A 37 9.78 2.11 -2.56
N SER A 38 10.90 2.11 -1.91
CA SER A 38 11.03 2.89 -0.72
C SER A 38 11.71 4.24 -0.98
N ALA A 39 11.17 5.26 -0.36
CA ALA A 39 11.72 6.60 -0.41
C ALA A 39 11.67 7.16 0.99
N MET A 40 12.79 7.59 1.49
CA MET A 40 12.89 8.01 2.86
C MET A 40 12.69 9.50 3.00
N VAL A 41 11.83 9.86 3.89
CA VAL A 41 11.59 11.25 4.21
C VAL A 41 11.82 11.44 5.68
N ALA A 42 11.89 12.67 6.10
CA ALA A 42 11.99 13.00 7.49
C ALA A 42 10.71 12.62 8.22
N VAL A 43 10.83 11.68 9.10
CA VAL A 43 9.75 11.30 9.95
C VAL A 43 10.11 11.78 11.33
N GLY A 44 9.58 12.91 11.68
CA GLY A 44 9.94 13.56 12.89
C GLY A 44 8.90 13.41 13.95
N GLY A 45 9.27 13.79 15.14
CA GLY A 45 8.38 13.79 16.26
C GLY A 45 7.45 14.99 16.27
N GLY A 46 6.62 15.06 15.27
CA GLY A 46 5.64 16.07 15.16
C GLY A 46 4.33 15.49 15.55
N ASP A 47 3.86 15.85 16.72
CA ASP A 47 2.64 15.29 17.30
C ASP A 47 1.43 15.52 16.46
N ILE A 48 0.75 14.45 16.15
CA ILE A 48 -0.53 14.52 15.54
C ILE A 48 -1.52 14.60 16.69
N ASP A 49 -1.55 15.77 17.27
CA ASP A 49 -2.35 16.07 18.43
C ASP A 49 -3.65 16.66 17.99
N ILE A 50 -3.55 17.49 16.98
CA ILE A 50 -4.64 18.24 16.39
C ILE A 50 -5.28 19.17 17.41
N GLY A 51 -4.66 20.30 17.58
CA GLY A 51 -5.15 21.30 18.47
C GLY A 51 -5.07 22.63 17.81
N CYS A 52 -6.18 23.37 17.82
CA CYS A 52 -6.30 24.68 17.14
C CYS A 52 -6.07 24.54 15.62
N GLY A 53 -6.26 23.33 15.12
CA GLY A 53 -5.98 23.04 13.74
C GLY A 53 -7.00 22.13 13.16
N ASN A 54 -7.13 22.16 11.84
CA ASN A 54 -8.10 21.37 11.04
C ASN A 54 -9.53 21.84 11.20
N ALA A 55 -9.69 22.94 11.90
CA ALA A 55 -10.97 23.56 12.04
C ALA A 55 -11.09 24.63 10.98
N PHE A 56 -10.06 25.44 10.91
CA PHE A 56 -9.96 26.48 9.92
C PHE A 56 -8.62 26.32 9.21
N GLY A 57 -7.55 26.48 9.96
CA GLY A 57 -6.22 26.35 9.43
C GLY A 57 -5.69 24.93 9.50
N GLY A 58 -4.40 24.79 9.37
CA GLY A 58 -3.78 23.48 9.34
C GLY A 58 -3.47 22.95 10.72
N ALA A 59 -3.01 21.73 10.78
CA ALA A 59 -2.65 21.08 12.02
C ALA A 59 -1.35 20.33 11.84
N GLY A 60 -0.91 19.65 12.87
CA GLY A 60 0.33 18.92 12.82
C GLY A 60 1.37 19.67 13.58
N ASP A 61 2.30 20.21 12.87
CA ASP A 61 3.35 21.03 13.43
C ASP A 61 3.98 21.75 12.27
N ASP A 62 3.61 22.98 12.10
CA ASP A 62 4.10 23.77 10.98
C ASP A 62 5.41 24.43 11.34
N GLU A 63 5.55 24.75 12.61
CA GLU A 63 6.72 25.40 13.13
C GLU A 63 6.65 25.40 14.65
N GLY A 64 6.89 24.27 15.21
CA GLY A 64 6.94 24.13 16.63
C GLY A 64 8.11 23.26 17.01
N ALA A 65 7.95 21.99 16.83
CA ALA A 65 8.99 21.05 17.11
C ALA A 65 9.43 20.38 15.82
N ASP A 66 10.45 20.92 15.20
CA ASP A 66 10.96 20.39 13.95
C ASP A 66 12.00 19.33 14.20
N ASP A 67 11.68 18.13 13.81
CA ASP A 67 12.55 16.99 13.98
C ASP A 67 12.63 16.23 12.69
N ALA A 68 13.80 15.72 12.39
CA ALA A 68 14.06 15.00 11.15
C ALA A 68 15.14 13.96 11.38
N THR A 69 15.22 13.44 12.58
CA THR A 69 16.27 12.50 12.95
C THR A 69 16.11 11.11 12.26
N GLN A 70 14.89 10.67 12.06
CA GLN A 70 14.64 9.41 11.42
C GLN A 70 14.27 9.62 9.98
N LYS A 71 15.04 9.08 9.08
CA LYS A 71 14.64 9.08 7.70
C LYS A 71 14.21 7.68 7.36
N GLU A 72 13.00 7.56 6.95
CA GLU A 72 12.41 6.27 6.65
C GLU A 72 11.30 6.44 5.65
N ASN A 73 10.78 5.32 5.15
CA ASN A 73 9.81 5.30 4.06
C ASN A 73 8.55 6.12 4.36
N ASN A 74 8.28 7.05 3.46
CA ASN A 74 7.16 8.02 3.52
C ASN A 74 5.81 7.34 3.61
N VAL A 75 5.70 6.17 3.02
CA VAL A 75 4.47 5.43 2.97
C VAL A 75 4.15 4.85 4.36
N SER A 76 5.16 4.24 4.97
CA SER A 76 5.02 3.57 6.23
C SER A 76 4.96 4.54 7.44
N GLY A 77 5.43 5.78 7.21
CA GLY A 77 5.47 6.85 8.21
C GLY A 77 4.22 6.93 9.10
N PRO A 78 4.38 6.73 10.43
CA PRO A 78 3.27 6.73 11.39
C PRO A 78 2.63 8.10 11.56
N SER A 79 3.32 9.13 11.09
CA SER A 79 2.83 10.48 11.11
C SER A 79 1.64 10.64 10.14
N SER A 80 1.58 9.79 9.13
CA SER A 80 0.55 9.87 8.14
C SER A 80 -0.34 8.62 8.14
N PHE A 81 0.20 7.50 7.67
CA PHE A 81 -0.61 6.27 7.54
C PHE A 81 -0.56 5.36 8.76
N ALA A 82 0.67 5.04 9.21
CA ALA A 82 0.93 4.16 10.39
C ALA A 82 0.50 2.71 10.17
N TYR A 83 1.45 1.87 9.87
CA TYR A 83 1.18 0.46 9.67
C TYR A 83 1.83 -0.37 10.78
N THR A 84 1.11 -1.34 11.26
CA THR A 84 1.61 -2.28 12.24
C THR A 84 1.91 -3.60 11.51
N ALA A 85 3.05 -4.21 11.79
CA ALA A 85 3.44 -5.46 11.14
C ALA A 85 2.81 -6.65 11.84
N MET A 86 2.24 -7.53 11.05
CA MET A 86 1.61 -8.74 11.52
C MET A 86 2.22 -9.93 10.79
N PRO A 87 2.60 -10.98 11.54
CA PRO A 87 3.30 -12.16 10.99
C PRO A 87 2.47 -12.99 9.98
N PHE A 88 3.18 -13.86 9.24
CA PHE A 88 2.58 -14.79 8.27
C PHE A 88 1.57 -15.70 8.96
N SER A 89 0.34 -15.60 8.59
CA SER A 89 -0.68 -16.40 9.19
C SER A 89 -0.98 -17.65 8.35
N SER A 90 -1.56 -17.43 7.16
CA SER A 90 -2.00 -18.50 6.25
C SER A 90 -3.07 -19.40 6.88
N LYS A 91 -3.74 -18.84 7.89
CA LYS A 91 -4.73 -19.51 8.70
C LYS A 91 -6.03 -19.67 7.88
N GLY A 92 -6.95 -20.49 8.37
CA GLY A 92 -8.22 -20.74 7.68
C GLY A 92 -9.03 -19.48 7.42
N GLU A 93 -9.14 -18.65 8.44
CA GLU A 93 -9.85 -17.38 8.36
C GLU A 93 -9.14 -16.43 7.41
N PHE A 94 -7.83 -16.56 7.32
CA PHE A 94 -7.03 -15.78 6.41
C PHE A 94 -7.32 -16.21 4.97
N LYS A 95 -7.51 -17.51 4.78
CA LYS A 95 -7.84 -18.03 3.46
C LYS A 95 -9.19 -17.55 3.03
N SER A 96 -10.10 -17.46 3.99
CA SER A 96 -11.41 -16.89 3.77
C SER A 96 -11.27 -15.43 3.33
N TRP A 97 -10.33 -14.72 3.95
CA TRP A 97 -10.06 -13.35 3.59
C TRP A 97 -9.53 -13.27 2.16
N VAL A 98 -8.55 -14.13 1.83
CA VAL A 98 -7.95 -14.16 0.48
C VAL A 98 -9.00 -14.39 -0.61
N LYS A 99 -9.83 -15.40 -0.42
CA LYS A 99 -10.87 -15.76 -1.38
C LYS A 99 -11.86 -14.63 -1.57
N ASP A 100 -12.33 -14.07 -0.46
CA ASP A 100 -13.28 -12.98 -0.49
C ASP A 100 -12.65 -11.69 -0.99
N TYR A 101 -11.37 -11.51 -0.75
CA TYR A 101 -10.61 -10.38 -1.25
C TYR A 101 -10.57 -10.41 -2.76
N VAL A 102 -10.09 -11.53 -3.32
CA VAL A 102 -10.00 -11.74 -4.77
C VAL A 102 -11.38 -11.56 -5.43
N ARG A 103 -12.38 -12.14 -4.78
CA ARG A 103 -13.75 -12.08 -5.23
C ARG A 103 -14.22 -10.63 -5.29
N ASN A 104 -14.10 -9.92 -4.15
CA ASN A 104 -14.59 -8.54 -4.02
C ASN A 104 -13.84 -7.54 -4.85
N VAL A 105 -12.61 -7.89 -5.24
CA VAL A 105 -11.87 -7.07 -6.18
C VAL A 105 -12.63 -7.04 -7.51
N ARG A 106 -13.13 -8.19 -7.94
CA ARG A 106 -13.95 -8.27 -9.15
C ARG A 106 -15.32 -7.58 -8.97
N GLN A 107 -15.79 -7.49 -7.71
CA GLN A 107 -17.00 -6.73 -7.40
C GLN A 107 -16.74 -5.24 -7.57
N ALA A 108 -15.50 -4.81 -7.37
CA ALA A 108 -15.12 -3.42 -7.59
C ALA A 108 -15.03 -3.15 -9.08
N LEU A 109 -14.52 -4.14 -9.83
CA LEU A 109 -14.44 -4.07 -11.30
C LEU A 109 -15.82 -3.88 -11.95
N LYS A 110 -16.81 -4.61 -11.47
CA LYS A 110 -18.16 -4.48 -12.02
C LYS A 110 -18.93 -3.32 -11.37
N GLY A 111 -18.65 -3.04 -10.11
CA GLY A 111 -19.39 -2.04 -9.36
C GLY A 111 -18.97 -0.61 -9.65
N SER A 112 -17.97 -0.45 -10.48
CA SER A 112 -17.52 0.86 -10.88
C SER A 112 -18.24 1.32 -12.16
N GLY A 113 -18.88 0.38 -12.86
CA GLY A 113 -19.66 0.71 -14.06
C GLY A 113 -18.82 1.25 -15.21
N VAL A 114 -17.66 0.69 -15.40
CA VAL A 114 -16.73 1.12 -16.46
C VAL A 114 -17.26 0.67 -17.85
N ALA A 115 -16.89 1.39 -18.91
CA ALA A 115 -17.30 1.04 -20.28
C ALA A 115 -16.69 -0.31 -20.70
N VAL A 116 -17.41 -1.03 -21.57
CA VAL A 116 -17.07 -2.42 -21.97
C VAL A 116 -15.63 -2.60 -22.51
N GLU A 117 -15.18 -1.69 -23.35
CA GLU A 117 -13.83 -1.77 -23.93
C GLU A 117 -12.76 -1.68 -22.83
N ASP A 118 -12.99 -0.79 -21.88
CA ASP A 118 -12.10 -0.65 -20.72
C ASP A 118 -12.24 -1.85 -19.83
N ILE A 119 -13.46 -2.38 -19.72
CA ILE A 119 -13.76 -3.60 -18.96
C ILE A 119 -12.94 -4.77 -19.48
N LYS A 120 -12.78 -4.87 -20.79
CA LYS A 120 -11.94 -5.90 -21.39
C LYS A 120 -10.51 -5.84 -20.85
N LYS A 121 -9.94 -4.64 -20.87
CA LYS A 121 -8.60 -4.41 -20.33
C LYS A 121 -8.55 -4.67 -18.83
N PHE A 122 -9.61 -4.28 -18.16
CA PHE A 122 -9.74 -4.36 -16.73
C PHE A 122 -9.83 -5.86 -16.31
N MET A 123 -10.46 -6.66 -17.17
CA MET A 123 -10.59 -8.09 -16.97
C MET A 123 -9.32 -8.84 -17.37
N GLU A 124 -8.49 -8.23 -18.20
CA GLU A 124 -7.19 -8.81 -18.52
C GLU A 124 -6.29 -8.69 -17.30
N GLU A 125 -6.49 -7.62 -16.57
CA GLU A 125 -5.76 -7.31 -15.36
C GLU A 125 -6.22 -8.18 -14.18
N ALA A 126 -7.51 -8.55 -14.16
CA ALA A 126 -8.13 -9.32 -13.05
C ALA A 126 -7.38 -10.62 -12.63
N PRO A 127 -7.17 -11.63 -13.55
CA PRO A 127 -6.44 -12.85 -13.18
C PRO A 127 -4.97 -12.54 -12.89
N THR A 128 -4.48 -11.48 -13.51
CA THR A 128 -3.12 -11.04 -13.36
C THR A 128 -2.87 -10.52 -11.93
N PHE A 129 -3.92 -9.89 -11.33
CA PHE A 129 -3.85 -9.41 -9.95
C PHE A 129 -3.55 -10.59 -9.05
N VAL A 130 -4.36 -11.63 -9.22
CA VAL A 130 -4.28 -12.84 -8.40
C VAL A 130 -2.92 -13.52 -8.54
N LYS A 131 -2.49 -13.73 -9.78
CA LYS A 131 -1.24 -14.44 -10.10
C LYS A 131 -0.02 -13.83 -9.42
N TRP A 132 0.12 -12.53 -9.50
CA TRP A 132 1.27 -11.85 -8.95
C TRP A 132 1.26 -11.85 -7.42
N LEU A 133 0.07 -11.87 -6.83
CA LEU A 133 -0.06 -11.97 -5.38
C LEU A 133 0.41 -13.35 -4.92
N VAL A 134 0.11 -14.36 -5.74
CA VAL A 134 0.55 -15.73 -5.48
C VAL A 134 2.08 -15.81 -5.57
N ASP A 135 2.66 -15.06 -6.50
CA ASP A 135 4.12 -15.00 -6.71
C ASP A 135 4.88 -14.46 -5.50
N LYS A 136 4.29 -13.55 -4.76
CA LYS A 136 4.97 -13.04 -3.57
C LYS A 136 4.41 -13.58 -2.27
N TYR A 137 3.42 -14.48 -2.36
CA TYR A 137 2.70 -15.03 -1.17
C TYR A 137 3.64 -15.58 -0.06
N ASP A 138 4.76 -16.16 -0.44
CA ASP A 138 5.68 -16.73 0.55
C ASP A 138 6.69 -15.71 1.05
N ASP A 139 6.58 -14.49 0.59
CA ASP A 139 7.43 -13.40 1.04
C ASP A 139 6.62 -12.36 1.76
N LEU A 140 5.31 -12.40 1.59
CA LEU A 140 4.45 -11.38 2.11
C LEU A 140 4.11 -11.56 3.55
N GLU A 141 4.48 -10.59 4.31
CA GLU A 141 4.13 -10.48 5.66
C GLU A 141 3.07 -9.38 5.68
N PHE A 142 2.23 -9.37 6.64
CA PHE A 142 1.05 -8.57 6.54
C PHE A 142 1.10 -7.35 7.40
N PHE A 143 0.52 -6.30 6.91
CA PHE A 143 0.47 -5.05 7.63
C PHE A 143 -0.95 -4.59 7.73
N MET A 144 -1.21 -3.78 8.71
CA MET A 144 -2.52 -3.18 8.91
C MET A 144 -2.28 -1.78 9.30
N SER A 145 -3.12 -0.87 8.92
CA SER A 145 -3.00 0.44 9.47
C SER A 145 -3.78 0.45 10.79
N LYS A 146 -3.74 1.52 11.53
CA LYS A 146 -4.36 1.55 12.86
C LYS A 146 -5.89 1.41 12.78
N SER A 147 -6.46 1.87 11.70
CA SER A 147 -7.88 1.80 11.47
C SER A 147 -8.30 0.49 10.79
N MET A 148 -7.34 -0.35 10.43
CA MET A 148 -7.62 -1.56 9.66
C MET A 148 -7.63 -2.82 10.50
N ASN A 149 -8.30 -3.81 9.97
CA ASN A 149 -8.54 -5.08 10.64
C ASN A 149 -7.87 -6.19 9.83
N PRO A 150 -7.68 -7.39 10.41
CA PRO A 150 -7.18 -8.56 9.64
C PRO A 150 -8.22 -9.00 8.60
N ASP A 151 -9.46 -8.73 8.93
CA ASP A 151 -10.59 -9.12 8.12
C ASP A 151 -10.90 -8.09 7.05
N ALA A 152 -10.29 -6.92 7.17
CA ALA A 152 -10.55 -5.81 6.27
C ALA A 152 -9.41 -4.82 6.32
N GLY A 153 -8.68 -4.69 5.23
CA GLY A 153 -7.56 -3.77 5.23
C GLY A 153 -6.26 -4.46 5.61
N LEU A 154 -6.04 -5.62 5.06
CA LEU A 154 -4.82 -6.32 5.33
C LEU A 154 -3.86 -6.09 4.17
N ILE A 155 -2.78 -5.43 4.46
CA ILE A 155 -1.79 -5.03 3.49
C ILE A 155 -0.75 -6.13 3.30
N PHE A 156 -0.33 -6.33 2.07
CA PHE A 156 0.73 -7.27 1.74
C PHE A 156 2.04 -6.49 1.66
N SER A 157 3.09 -6.98 2.29
CA SER A 157 4.39 -6.33 2.18
C SER A 157 5.53 -7.33 2.30
N TYR A 158 6.66 -7.00 1.76
CA TYR A 158 7.84 -7.81 1.90
C TYR A 158 9.05 -6.89 1.84
N TYR A 159 10.22 -7.41 1.96
CA TYR A 159 11.42 -6.59 1.82
C TYR A 159 12.15 -6.99 0.59
N LYS A 160 12.17 -6.11 -0.37
CA LYS A 160 12.84 -6.38 -1.61
C LYS A 160 14.27 -5.87 -1.51
N GLU A 161 15.16 -6.46 -2.29
CA GLU A 161 16.56 -6.09 -2.27
C GLU A 161 16.74 -4.64 -2.69
N GLY A 162 17.35 -3.87 -1.82
CA GLY A 162 17.57 -2.47 -2.04
C GLY A 162 16.66 -1.66 -1.18
N ALA A 163 15.58 -2.27 -0.76
CA ALA A 163 14.65 -1.64 0.12
C ALA A 163 14.90 -2.12 1.54
N HIS A 164 15.11 -1.19 2.43
CA HIS A 164 15.31 -1.51 3.85
C HIS A 164 14.13 -1.02 4.62
N CYS A 165 13.10 -0.76 3.87
CA CYS A 165 11.83 -0.34 4.35
C CYS A 165 10.83 -1.33 3.79
N PRO A 166 9.62 -1.46 4.37
CA PRO A 166 8.61 -2.39 3.87
C PRO A 166 8.21 -2.06 2.42
N THR A 167 8.42 -3.01 1.55
CA THR A 167 8.03 -2.90 0.18
C THR A 167 6.56 -3.32 0.13
N PHE A 168 5.69 -2.37 -0.07
CA PHE A 168 4.27 -2.62 -0.03
C PHE A 168 3.79 -3.17 -1.35
N VAL A 169 2.84 -4.04 -1.27
CA VAL A 169 2.25 -4.69 -2.40
C VAL A 169 0.77 -4.39 -2.42
N TYR A 170 0.33 -3.73 -3.47
CA TYR A 170 -1.07 -3.37 -3.62
C TYR A 170 -1.52 -3.62 -5.04
N VAL A 171 -2.80 -3.66 -5.22
CA VAL A 171 -3.38 -3.84 -6.51
C VAL A 171 -3.83 -2.46 -7.04
N LYS A 172 -3.41 -2.10 -8.25
CA LYS A 172 -3.67 -0.75 -8.77
C LYS A 172 -5.12 -0.60 -9.20
N SER A 173 -5.54 -1.47 -10.07
CA SER A 173 -6.87 -1.38 -10.63
C SER A 173 -7.88 -2.16 -9.77
N GLY A 174 -7.37 -2.83 -8.75
CA GLY A 174 -8.21 -3.63 -7.90
C GLY A 174 -8.78 -2.83 -6.77
N TYR A 175 -8.09 -1.76 -6.42
CA TYR A 175 -8.52 -0.88 -5.38
C TYR A 175 -9.22 0.27 -6.03
N LYS A 176 -10.07 0.92 -5.28
CA LYS A 176 -10.88 1.95 -5.86
C LYS A 176 -10.12 3.25 -5.87
N VAL A 177 -9.75 3.66 -7.07
CA VAL A 177 -9.00 4.86 -7.30
C VAL A 177 -9.93 6.06 -7.24
N VAL A 178 -9.88 6.76 -6.14
CA VAL A 178 -10.75 7.87 -5.88
C VAL A 178 -9.93 9.14 -5.85
N LYS A 179 -10.43 10.15 -6.47
CA LYS A 179 -9.78 11.42 -6.48
C LYS A 179 -10.35 12.24 -5.34
N PHE A 180 -9.49 12.93 -4.58
CA PHE A 180 -9.98 13.74 -3.46
C PHE A 180 -10.75 14.94 -3.98
N LEU A 181 -12.03 14.95 -3.60
CA LEU A 181 -13.01 15.94 -3.98
C LEU A 181 -13.40 15.80 -5.45
N GLU A 182 -12.50 16.21 -6.34
CA GLU A 182 -12.72 16.25 -7.78
C GLU A 182 -14.00 17.00 -8.12
N HIS A 183 -13.91 18.29 -7.99
CA HIS A 183 -14.99 19.20 -8.28
C HIS A 183 -14.33 20.46 -8.75
N HIS A 184 -14.34 20.66 -10.09
CA HIS A 184 -13.69 21.82 -10.76
C HIS A 184 -12.15 21.70 -10.58
N HIS A 185 -11.73 20.46 -10.26
CA HIS A 185 -10.35 20.12 -9.89
C HIS A 185 -9.98 20.83 -8.57
N HIS A 186 -9.67 22.12 -8.68
CA HIS A 186 -9.28 23.06 -7.60
C HIS A 186 -8.69 24.29 -8.26
N HIS A 187 -7.46 24.18 -8.67
CA HIS A 187 -6.75 25.23 -9.34
C HIS A 187 -6.63 24.85 -10.80
N HIS A 188 -7.61 25.27 -11.59
CA HIS A 188 -7.75 24.96 -13.01
C HIS A 188 -7.99 23.47 -13.22
N MET A 1 -5.09 15.38 -4.93
CA MET A 1 -4.61 14.24 -4.16
C MET A 1 -5.25 12.99 -4.70
N ILE A 2 -4.46 12.02 -5.06
CA ILE A 2 -4.96 10.76 -5.56
C ILE A 2 -4.71 9.75 -4.46
N VAL A 3 -5.73 9.07 -4.03
CA VAL A 3 -5.54 8.12 -2.97
C VAL A 3 -6.22 6.80 -3.32
N TYR A 4 -5.65 5.73 -2.86
CA TYR A 4 -6.21 4.43 -3.08
C TYR A 4 -7.00 4.01 -1.87
N LYS A 5 -8.24 3.70 -2.10
CA LYS A 5 -9.15 3.27 -1.07
C LYS A 5 -9.24 1.77 -1.15
N ASP A 6 -8.95 1.11 -0.05
CA ASP A 6 -9.03 -0.35 0.02
C ASP A 6 -10.47 -0.80 -0.05
N VAL A 7 -10.70 -1.90 -0.71
CA VAL A 7 -12.05 -2.40 -0.89
C VAL A 7 -12.54 -3.15 0.35
N ILE A 8 -11.61 -3.66 1.13
CA ILE A 8 -11.99 -4.47 2.27
C ILE A 8 -12.33 -3.58 3.48
N SER A 9 -11.42 -2.70 3.84
CA SER A 9 -11.61 -1.79 4.96
C SER A 9 -12.34 -0.52 4.52
N GLY A 10 -11.95 -0.01 3.38
CA GLY A 10 -12.48 1.23 2.89
C GLY A 10 -11.65 2.39 3.31
N ASP A 11 -10.49 2.09 3.86
CA ASP A 11 -9.60 3.11 4.38
C ASP A 11 -8.49 3.39 3.34
N GLU A 12 -7.62 4.34 3.64
CA GLU A 12 -6.58 4.75 2.71
C GLU A 12 -5.33 3.93 2.89
N VAL A 13 -4.90 3.26 1.83
CA VAL A 13 -3.69 2.46 1.88
C VAL A 13 -2.45 3.24 1.43
N VAL A 14 -2.61 4.13 0.47
CA VAL A 14 -1.47 4.86 -0.07
C VAL A 14 -1.98 6.03 -0.90
N SER A 15 -1.21 7.08 -0.97
CA SER A 15 -1.55 8.24 -1.73
C SER A 15 -0.47 8.50 -2.78
N ASP A 16 -0.70 9.46 -3.65
CA ASP A 16 0.26 9.86 -4.70
C ASP A 16 1.46 10.58 -4.09
N ALA A 17 1.32 10.98 -2.84
CA ALA A 17 2.38 11.65 -2.11
C ALA A 17 3.46 10.65 -1.72
N LEU A 18 3.09 9.39 -1.60
CA LEU A 18 4.02 8.35 -1.23
C LEU A 18 4.66 7.76 -2.50
N LYS A 19 5.56 6.82 -2.35
CA LYS A 19 6.26 6.26 -3.49
C LYS A 19 5.51 5.14 -4.18
N ILE A 20 4.99 5.45 -5.33
CA ILE A 20 4.24 4.49 -6.13
C ILE A 20 5.11 4.07 -7.31
N THR A 21 5.30 2.79 -7.46
CA THR A 21 6.05 2.24 -8.56
C THR A 21 5.17 1.27 -9.37
N PRO A 22 5.26 1.27 -10.70
CA PRO A 22 4.56 0.28 -11.50
C PRO A 22 5.25 -1.07 -11.35
N VAL A 23 4.48 -2.12 -11.29
CA VAL A 23 5.05 -3.44 -11.09
C VAL A 23 5.80 -3.88 -12.31
N MET A 24 7.10 -3.93 -12.19
CA MET A 24 7.92 -4.42 -13.25
C MET A 24 8.72 -5.59 -12.78
N GLU A 25 8.37 -6.73 -13.29
CA GLU A 25 9.02 -7.97 -12.96
C GLU A 25 10.01 -8.30 -14.05
N GLY A 26 11.27 -8.09 -13.77
CA GLY A 26 12.34 -8.41 -14.71
C GLY A 26 12.30 -7.61 -16.01
N GLY A 27 11.62 -6.48 -16.00
CA GLY A 27 11.57 -5.65 -17.18
C GLY A 27 10.18 -5.52 -17.78
N GLU A 28 9.30 -6.45 -17.48
CA GLU A 28 7.94 -6.40 -18.03
C GLU A 28 7.03 -5.83 -16.96
N GLU A 29 6.00 -5.10 -17.33
CA GLU A 29 5.12 -4.63 -16.32
C GLU A 29 4.00 -5.60 -16.13
N VAL A 30 3.51 -5.68 -14.95
CA VAL A 30 2.39 -6.50 -14.65
C VAL A 30 1.17 -5.58 -14.61
N PRO A 31 0.26 -5.73 -15.60
CA PRO A 31 -0.88 -4.84 -15.77
C PRO A 31 -1.88 -4.91 -14.62
N GLY A 32 -2.28 -3.75 -14.15
CA GLY A 32 -3.29 -3.65 -13.15
C GLY A 32 -2.79 -3.66 -11.73
N LEU A 33 -1.50 -3.75 -11.55
CA LEU A 33 -0.93 -3.79 -10.21
C LEU A 33 0.06 -2.68 -10.01
N PHE A 34 0.33 -2.35 -8.76
CA PHE A 34 1.31 -1.35 -8.46
C PHE A 34 2.02 -1.74 -7.18
N GLU A 35 3.19 -1.26 -7.05
CA GLU A 35 4.00 -1.52 -5.94
C GLU A 35 4.17 -0.20 -5.23
N VAL A 36 4.32 -0.25 -3.95
CA VAL A 36 4.63 0.93 -3.22
C VAL A 36 6.03 0.75 -2.70
N ASP A 37 6.89 1.57 -3.19
CA ASP A 37 8.32 1.45 -2.97
C ASP A 37 8.71 1.89 -1.57
N SER A 38 9.82 1.39 -1.10
CA SER A 38 10.26 1.67 0.21
C SER A 38 11.30 2.77 0.15
N ALA A 39 11.17 3.71 1.02
CA ALA A 39 12.05 4.83 1.12
C ALA A 39 12.00 5.33 2.54
N MET A 40 13.13 5.41 3.18
CA MET A 40 13.19 5.83 4.56
C MET A 40 13.08 7.34 4.68
N VAL A 41 12.38 7.76 5.68
CA VAL A 41 12.27 9.16 6.06
C VAL A 41 12.38 9.20 7.57
N ALA A 42 12.71 10.34 8.11
CA ALA A 42 12.75 10.48 9.54
C ALA A 42 11.34 10.69 10.04
N VAL A 43 11.00 10.09 11.17
CA VAL A 43 9.68 10.23 11.76
C VAL A 43 9.43 11.69 12.14
N GLY A 44 10.42 12.30 12.72
CA GLY A 44 10.32 13.69 13.06
C GLY A 44 10.27 13.89 14.54
N GLY A 45 10.60 15.07 14.96
CA GLY A 45 10.65 15.37 16.36
C GLY A 45 12.06 15.32 16.86
N GLY A 46 12.21 15.39 18.16
CA GLY A 46 13.52 15.34 18.78
C GLY A 46 14.35 16.54 18.39
N ASP A 47 15.63 16.40 18.44
CA ASP A 47 16.49 17.47 18.01
C ASP A 47 17.35 17.00 16.88
N ILE A 48 17.63 15.68 16.86
CA ILE A 48 18.45 15.02 15.82
C ILE A 48 19.97 15.33 15.97
N ASP A 49 20.29 16.50 16.50
CA ASP A 49 21.67 16.97 16.70
C ASP A 49 22.40 16.23 17.82
N ILE A 50 21.70 15.34 18.50
CA ILE A 50 22.30 14.56 19.57
C ILE A 50 23.12 13.42 18.97
N GLY A 51 24.41 13.48 19.20
CA GLY A 51 25.29 12.46 18.74
C GLY A 51 25.60 12.57 17.28
N CYS A 52 25.43 11.50 16.59
CA CYS A 52 25.74 11.42 15.21
C CYS A 52 24.52 10.89 14.45
N GLY A 53 24.17 11.55 13.37
CA GLY A 53 22.96 11.23 12.61
C GLY A 53 23.03 9.92 11.84
N ASN A 54 24.21 9.38 11.67
CA ASN A 54 24.35 8.09 10.99
C ASN A 54 24.52 6.96 11.99
N ALA A 55 24.52 7.31 13.25
CA ALA A 55 24.68 6.33 14.30
C ALA A 55 23.31 5.97 14.83
N PHE A 56 23.03 4.70 14.83
CA PHE A 56 21.74 4.19 15.28
C PHE A 56 21.96 2.95 16.09
N GLY A 57 20.87 2.41 16.60
CA GLY A 57 20.95 1.22 17.39
C GLY A 57 20.92 -0.04 16.56
N GLY A 58 19.90 -0.85 16.75
CA GLY A 58 19.84 -2.13 16.10
C GLY A 58 20.65 -3.15 16.87
N ALA A 59 20.83 -2.86 18.14
CA ALA A 59 21.57 -3.69 19.08
C ALA A 59 21.16 -3.27 20.49
N GLY A 60 19.88 -3.02 20.64
CA GLY A 60 19.33 -2.53 21.88
C GLY A 60 18.16 -1.65 21.57
N ASP A 61 18.45 -0.45 21.13
CA ASP A 61 17.41 0.40 20.62
C ASP A 61 17.26 0.11 19.16
N ASP A 62 16.43 -0.85 18.89
CA ASP A 62 16.20 -1.33 17.54
C ASP A 62 15.14 -0.49 16.91
N GLU A 63 13.99 -0.48 17.55
CA GLU A 63 12.84 0.27 17.08
C GLU A 63 12.69 1.54 17.93
N GLY A 64 13.82 2.08 18.32
CA GLY A 64 13.87 3.26 19.13
C GLY A 64 15.22 3.89 19.06
N ALA A 65 15.44 4.89 19.90
CA ALA A 65 16.69 5.66 19.95
C ALA A 65 16.61 6.56 21.17
N ASP A 66 17.56 7.45 21.34
CA ASP A 66 17.54 8.39 22.47
C ASP A 66 17.01 9.76 22.01
N ASP A 67 16.64 9.82 20.76
CA ASP A 67 16.08 11.01 20.14
C ASP A 67 14.95 10.52 19.21
N ALA A 68 14.53 11.31 18.26
CA ALA A 68 13.46 10.94 17.34
C ALA A 68 14.01 10.93 15.91
N THR A 69 15.28 10.57 15.82
CA THR A 69 16.02 10.48 14.57
C THR A 69 15.64 9.17 13.78
N GLN A 70 14.69 8.40 14.37
CA GLN A 70 14.14 7.15 13.84
C GLN A 70 13.76 7.28 12.36
N LYS A 71 14.30 6.41 11.58
CA LYS A 71 14.01 6.37 10.17
C LYS A 71 13.11 5.20 9.88
N GLU A 72 12.04 5.48 9.22
CA GLU A 72 11.04 4.50 8.90
C GLU A 72 10.62 4.75 7.47
N ASN A 73 10.03 3.76 6.84
CA ASN A 73 9.56 3.89 5.48
C ASN A 73 8.37 4.86 5.46
N ASN A 74 8.35 5.73 4.46
CA ASN A 74 7.32 6.79 4.27
C ASN A 74 5.88 6.26 4.33
N VAL A 75 5.70 5.02 3.97
CA VAL A 75 4.37 4.40 3.90
C VAL A 75 3.96 3.87 5.29
N SER A 76 4.90 3.28 5.99
CA SER A 76 4.65 2.68 7.29
C SER A 76 4.68 3.71 8.43
N GLY A 77 5.28 4.88 8.11
CA GLY A 77 5.47 6.01 9.01
C GLY A 77 4.31 6.28 9.95
N PRO A 78 4.55 6.21 11.29
CA PRO A 78 3.52 6.43 12.33
C PRO A 78 3.01 7.87 12.37
N SER A 79 3.70 8.74 11.67
CA SER A 79 3.36 10.13 11.59
C SER A 79 2.14 10.38 10.68
N SER A 80 1.69 9.35 9.97
CA SER A 80 0.52 9.46 9.14
C SER A 80 -0.30 8.16 9.08
N PHE A 81 0.30 7.10 8.57
CA PHE A 81 -0.43 5.85 8.37
C PHE A 81 -0.34 4.91 9.55
N ALA A 82 0.87 4.77 10.10
CA ALA A 82 1.18 3.89 11.25
C ALA A 82 0.86 2.43 10.95
N TYR A 83 1.83 1.73 10.44
CA TYR A 83 1.65 0.35 10.09
C TYR A 83 2.11 -0.61 11.18
N THR A 84 1.23 -1.49 11.56
CA THR A 84 1.49 -2.52 12.53
C THR A 84 1.47 -3.88 11.79
N ALA A 85 2.42 -4.75 12.09
CA ALA A 85 2.57 -6.03 11.39
C ALA A 85 1.63 -7.12 11.91
N MET A 86 1.33 -8.05 11.03
CA MET A 86 0.50 -9.22 11.27
C MET A 86 1.16 -10.40 10.55
N PRO A 87 1.30 -11.55 11.20
CA PRO A 87 1.94 -12.71 10.59
C PRO A 87 0.95 -13.62 9.82
N PHE A 88 1.51 -14.53 9.03
CA PHE A 88 0.73 -15.55 8.33
C PHE A 88 0.05 -16.45 9.33
N SER A 89 -1.25 -16.48 9.32
CA SER A 89 -1.97 -17.44 10.10
C SER A 89 -2.04 -18.73 9.29
N SER A 90 -2.29 -18.54 7.97
CA SER A 90 -2.39 -19.62 6.96
C SER A 90 -3.56 -20.56 7.26
N LYS A 91 -4.44 -20.11 8.11
CA LYS A 91 -5.59 -20.85 8.54
C LYS A 91 -6.76 -20.48 7.67
N GLY A 92 -7.86 -21.19 7.86
CA GLY A 92 -9.07 -20.98 7.08
C GLY A 92 -9.57 -19.54 7.05
N GLU A 93 -9.29 -18.73 8.09
CA GLU A 93 -9.75 -17.35 8.11
C GLU A 93 -9.02 -16.52 7.05
N PHE A 94 -7.71 -16.72 6.96
CA PHE A 94 -6.86 -16.06 6.00
C PHE A 94 -7.20 -16.54 4.61
N LYS A 95 -7.47 -17.83 4.49
CA LYS A 95 -7.86 -18.41 3.20
C LYS A 95 -9.15 -17.80 2.72
N SER A 96 -10.10 -17.64 3.64
CA SER A 96 -11.37 -17.03 3.32
C SER A 96 -11.18 -15.55 2.98
N TRP A 97 -10.25 -14.89 3.68
CA TRP A 97 -9.94 -13.50 3.43
C TRP A 97 -9.38 -13.32 2.01
N VAL A 98 -8.48 -14.21 1.60
CA VAL A 98 -7.90 -14.21 0.25
C VAL A 98 -9.02 -14.36 -0.81
N LYS A 99 -9.94 -15.28 -0.56
CA LYS A 99 -11.06 -15.51 -1.46
C LYS A 99 -11.98 -14.29 -1.51
N ASP A 100 -12.24 -13.70 -0.35
CA ASP A 100 -13.04 -12.48 -0.23
C ASP A 100 -12.39 -11.33 -0.96
N TYR A 101 -11.08 -11.22 -0.82
CA TYR A 101 -10.30 -10.19 -1.47
C TYR A 101 -10.46 -10.28 -2.99
N VAL A 102 -10.30 -11.48 -3.53
CA VAL A 102 -10.46 -11.73 -4.96
C VAL A 102 -11.90 -11.39 -5.42
N ARG A 103 -12.88 -11.72 -4.60
CA ARG A 103 -14.27 -11.41 -4.87
C ARG A 103 -14.51 -9.90 -4.88
N ASN A 104 -14.11 -9.24 -3.80
CA ASN A 104 -14.35 -7.81 -3.59
C ASN A 104 -13.67 -6.96 -4.63
N VAL A 105 -12.48 -7.36 -5.05
CA VAL A 105 -11.78 -6.70 -6.14
C VAL A 105 -12.59 -6.82 -7.44
N ARG A 106 -13.12 -8.02 -7.70
CA ARG A 106 -13.92 -8.27 -8.90
C ARG A 106 -15.25 -7.51 -8.86
N GLN A 107 -15.70 -7.13 -7.66
CA GLN A 107 -16.94 -6.37 -7.53
C GLN A 107 -16.70 -4.95 -8.01
N ALA A 108 -15.49 -4.45 -7.73
CA ALA A 108 -15.08 -3.12 -8.14
C ALA A 108 -14.98 -3.05 -9.67
N LEU A 109 -14.48 -4.13 -10.28
CA LEU A 109 -14.38 -4.24 -11.74
C LEU A 109 -15.76 -4.10 -12.42
N LYS A 110 -16.76 -4.73 -11.85
CA LYS A 110 -18.09 -4.74 -12.42
C LYS A 110 -18.91 -3.48 -12.05
N GLY A 111 -18.79 -3.05 -10.81
CA GLY A 111 -19.61 -1.98 -10.30
C GLY A 111 -19.09 -0.56 -10.52
N SER A 112 -17.92 -0.42 -11.11
CA SER A 112 -17.34 0.91 -11.29
C SER A 112 -17.99 1.74 -12.42
N GLY A 113 -18.65 1.08 -13.34
CA GLY A 113 -19.33 1.78 -14.41
C GLY A 113 -18.39 2.17 -15.53
N VAL A 114 -17.44 1.31 -15.81
CA VAL A 114 -16.44 1.54 -16.84
C VAL A 114 -16.99 0.99 -18.18
N ALA A 115 -16.52 1.54 -19.30
CA ALA A 115 -16.97 1.13 -20.63
C ALA A 115 -16.52 -0.30 -20.98
N VAL A 116 -17.29 -0.94 -21.84
CA VAL A 116 -17.17 -2.37 -22.19
C VAL A 116 -15.77 -2.84 -22.63
N GLU A 117 -15.12 -2.13 -23.56
CA GLU A 117 -13.80 -2.55 -24.02
C GLU A 117 -12.76 -2.43 -22.91
N ASP A 118 -12.90 -1.39 -22.10
CA ASP A 118 -12.05 -1.23 -20.93
C ASP A 118 -12.29 -2.33 -19.93
N ILE A 119 -13.55 -2.76 -19.79
CA ILE A 119 -13.95 -3.88 -18.92
C ILE A 119 -13.21 -5.16 -19.33
N LYS A 120 -13.12 -5.41 -20.62
CA LYS A 120 -12.44 -6.60 -21.11
C LYS A 120 -10.96 -6.60 -20.73
N LYS A 121 -10.31 -5.45 -20.87
CA LYS A 121 -8.89 -5.32 -20.54
C LYS A 121 -8.70 -5.42 -19.02
N PHE A 122 -9.68 -4.86 -18.31
CA PHE A 122 -9.73 -4.80 -16.85
C PHE A 122 -9.85 -6.25 -16.30
N MET A 123 -10.58 -7.09 -17.02
CA MET A 123 -10.78 -8.48 -16.64
C MET A 123 -9.57 -9.34 -16.98
N GLU A 124 -8.69 -8.84 -17.87
CA GLU A 124 -7.43 -9.54 -18.16
C GLU A 124 -6.49 -9.31 -16.99
N GLU A 125 -6.62 -8.15 -16.40
CA GLU A 125 -5.86 -7.76 -15.24
C GLU A 125 -6.24 -8.59 -14.01
N ALA A 126 -7.50 -9.03 -13.94
CA ALA A 126 -8.02 -9.84 -12.81
C ALA A 126 -7.16 -11.10 -12.41
N PRO A 127 -6.92 -12.11 -13.32
CA PRO A 127 -6.10 -13.28 -12.98
C PRO A 127 -4.64 -12.88 -12.75
N THR A 128 -4.25 -11.79 -13.40
CA THR A 128 -2.93 -11.25 -13.33
C THR A 128 -2.66 -10.65 -11.93
N PHE A 129 -3.71 -10.10 -11.28
CA PHE A 129 -3.61 -9.59 -9.92
C PHE A 129 -3.20 -10.74 -9.02
N VAL A 130 -3.94 -11.83 -9.15
CA VAL A 130 -3.74 -13.02 -8.35
C VAL A 130 -2.34 -13.63 -8.56
N LYS A 131 -1.88 -13.66 -9.83
CA LYS A 131 -0.54 -14.23 -10.17
C LYS A 131 0.58 -13.60 -9.37
N TRP A 132 0.61 -12.28 -9.34
CA TRP A 132 1.69 -11.55 -8.69
C TRP A 132 1.58 -11.67 -7.17
N LEU A 133 0.35 -11.79 -6.67
CA LEU A 133 0.11 -11.98 -5.24
C LEU A 133 0.71 -13.32 -4.80
N VAL A 134 0.50 -14.35 -5.63
CA VAL A 134 1.05 -15.68 -5.38
C VAL A 134 2.58 -15.69 -5.56
N ASP A 135 3.08 -14.91 -6.50
CA ASP A 135 4.52 -14.78 -6.75
C ASP A 135 5.27 -14.08 -5.65
N LYS A 136 4.61 -13.20 -4.94
CA LYS A 136 5.26 -12.48 -3.84
C LYS A 136 4.82 -13.05 -2.50
N TYR A 137 3.94 -14.04 -2.55
CA TYR A 137 3.30 -14.66 -1.38
C TYR A 137 4.30 -15.20 -0.36
N ASP A 138 5.42 -15.68 -0.82
CA ASP A 138 6.39 -16.30 0.07
C ASP A 138 7.37 -15.27 0.61
N ASP A 139 7.26 -14.05 0.12
CA ASP A 139 8.10 -12.95 0.59
C ASP A 139 7.28 -11.98 1.40
N LEU A 140 6.03 -12.32 1.64
CA LEU A 140 5.11 -11.42 2.27
C LEU A 140 5.20 -11.42 3.77
N GLU A 141 4.81 -10.30 4.27
CA GLU A 141 4.58 -10.02 5.62
C GLU A 141 3.36 -9.15 5.61
N PHE A 142 2.55 -9.19 6.61
CA PHE A 142 1.33 -8.42 6.55
C PHE A 142 1.36 -7.25 7.49
N PHE A 143 0.66 -6.23 7.13
CA PHE A 143 0.54 -5.02 7.90
C PHE A 143 -0.88 -4.54 7.93
N MET A 144 -1.12 -3.59 8.76
CA MET A 144 -2.39 -2.91 8.88
C MET A 144 -2.04 -1.49 9.16
N SER A 145 -2.86 -0.55 8.83
CA SER A 145 -2.64 0.78 9.30
C SER A 145 -3.33 0.88 10.66
N LYS A 146 -3.15 1.98 11.35
CA LYS A 146 -3.73 2.16 12.67
C LYS A 146 -5.28 2.18 12.58
N SER A 147 -5.78 2.55 11.43
CA SER A 147 -7.18 2.57 11.13
C SER A 147 -7.73 1.23 10.55
N MET A 148 -6.87 0.25 10.31
CA MET A 148 -7.30 -1.01 9.68
C MET A 148 -7.34 -2.18 10.65
N ASN A 149 -7.69 -3.34 10.14
CA ASN A 149 -7.87 -4.55 10.92
C ASN A 149 -7.38 -5.71 10.03
N PRO A 150 -7.00 -6.89 10.57
CA PRO A 150 -6.59 -8.01 9.73
C PRO A 150 -7.76 -8.61 8.95
N ASP A 151 -8.98 -8.33 9.41
CA ASP A 151 -10.18 -8.80 8.73
C ASP A 151 -10.53 -7.84 7.62
N ALA A 152 -10.11 -6.61 7.76
CA ALA A 152 -10.45 -5.58 6.83
C ALA A 152 -9.29 -4.61 6.68
N GLY A 153 -8.58 -4.72 5.56
CA GLY A 153 -7.42 -3.88 5.36
C GLY A 153 -6.14 -4.57 5.76
N LEU A 154 -6.01 -5.83 5.39
CA LEU A 154 -4.79 -6.55 5.65
C LEU A 154 -3.85 -6.27 4.48
N ILE A 155 -2.81 -5.57 4.78
CA ILE A 155 -1.86 -5.07 3.83
C ILE A 155 -0.79 -6.12 3.50
N PHE A 156 -0.55 -6.30 2.22
CA PHE A 156 0.47 -7.20 1.73
C PHE A 156 1.77 -6.42 1.59
N SER A 157 2.87 -6.99 2.00
CA SER A 157 4.17 -6.35 1.79
C SER A 157 5.22 -7.39 1.63
N TYR A 158 6.26 -7.10 0.87
CA TYR A 158 7.35 -8.02 0.71
C TYR A 158 8.64 -7.25 0.79
N TYR A 159 9.72 -7.92 1.03
CA TYR A 159 11.00 -7.26 1.05
C TYR A 159 11.65 -7.37 -0.32
N LYS A 160 11.67 -6.25 -1.03
CA LYS A 160 12.29 -6.19 -2.36
C LYS A 160 13.80 -6.02 -2.19
N GLU A 161 14.57 -6.41 -3.20
CA GLU A 161 16.03 -6.32 -3.18
C GLU A 161 16.49 -4.89 -2.90
N GLY A 162 17.32 -4.74 -1.90
CA GLY A 162 17.86 -3.46 -1.54
C GLY A 162 17.04 -2.74 -0.49
N ALA A 163 15.79 -3.13 -0.36
CA ALA A 163 14.89 -2.48 0.57
C ALA A 163 15.02 -3.10 1.94
N HIS A 164 15.29 -2.27 2.93
CA HIS A 164 15.38 -2.74 4.32
C HIS A 164 14.06 -2.55 5.03
N CYS A 165 13.14 -1.95 4.35
CA CYS A 165 11.82 -1.75 4.86
C CYS A 165 10.85 -2.46 3.92
N PRO A 166 9.69 -2.91 4.41
CA PRO A 166 8.68 -3.58 3.59
C PRO A 166 8.23 -2.76 2.38
N THR A 167 8.19 -3.40 1.25
CA THR A 167 7.72 -2.84 0.01
C THR A 167 6.28 -3.31 -0.13
N PHE A 168 5.36 -2.41 -0.28
CA PHE A 168 3.95 -2.76 -0.18
C PHE A 168 3.34 -3.19 -1.50
N VAL A 169 2.50 -4.19 -1.39
CA VAL A 169 1.85 -4.86 -2.50
C VAL A 169 0.37 -4.52 -2.50
N TYR A 170 -0.08 -3.84 -3.54
CA TYR A 170 -1.48 -3.48 -3.68
C TYR A 170 -1.96 -3.68 -5.10
N VAL A 171 -3.24 -3.83 -5.25
CA VAL A 171 -3.84 -3.98 -6.54
C VAL A 171 -4.25 -2.59 -7.07
N LYS A 172 -3.70 -2.20 -8.20
CA LYS A 172 -3.90 -0.86 -8.76
C LYS A 172 -5.30 -0.67 -9.28
N SER A 173 -5.71 -1.53 -10.17
CA SER A 173 -7.01 -1.42 -10.79
C SER A 173 -8.11 -1.98 -9.88
N GLY A 174 -7.71 -2.62 -8.81
CA GLY A 174 -8.64 -3.29 -7.92
C GLY A 174 -9.05 -2.41 -6.78
N TYR A 175 -8.27 -1.41 -6.48
CA TYR A 175 -8.56 -0.50 -5.42
C TYR A 175 -9.21 0.71 -5.99
N LYS A 176 -9.95 1.41 -5.19
CA LYS A 176 -10.69 2.53 -5.67
C LYS A 176 -9.84 3.78 -5.64
N VAL A 177 -9.51 4.24 -6.81
CA VAL A 177 -8.80 5.47 -6.98
C VAL A 177 -9.76 6.61 -6.74
N VAL A 178 -9.64 7.20 -5.59
CA VAL A 178 -10.49 8.29 -5.19
C VAL A 178 -9.64 9.52 -5.10
N LYS A 179 -10.04 10.57 -5.73
CA LYS A 179 -9.27 11.76 -5.64
C LYS A 179 -9.89 12.74 -4.69
N PHE A 180 -9.06 13.34 -3.90
CA PHE A 180 -9.45 14.35 -2.98
C PHE A 180 -8.80 15.65 -3.32
N LEU A 181 -9.40 16.70 -2.87
CA LEU A 181 -8.91 18.03 -3.01
C LEU A 181 -9.39 18.75 -1.79
N GLU A 182 -8.73 19.80 -1.40
CA GLU A 182 -9.15 20.55 -0.27
C GLU A 182 -10.31 21.44 -0.73
N HIS A 183 -11.48 21.09 -0.32
CA HIS A 183 -12.69 21.75 -0.71
C HIS A 183 -13.72 21.73 0.44
N HIS A 184 -13.43 20.94 1.47
CA HIS A 184 -14.29 20.82 2.65
C HIS A 184 -13.45 20.65 3.91
N HIS A 185 -12.22 21.09 3.87
CA HIS A 185 -11.38 21.00 5.03
C HIS A 185 -10.95 22.42 5.43
N HIS A 186 -11.94 23.24 5.68
CA HIS A 186 -11.70 24.61 6.09
C HIS A 186 -11.97 24.74 7.56
N HIS A 187 -11.26 25.61 8.22
CA HIS A 187 -11.37 25.72 9.66
C HIS A 187 -12.14 26.96 10.08
N HIS A 188 -12.33 27.07 11.36
CA HIS A 188 -12.95 28.21 11.97
C HIS A 188 -12.22 28.47 13.26
N MET A 1 -4.77 15.43 -5.46
CA MET A 1 -3.98 14.36 -4.87
C MET A 1 -4.72 13.05 -4.99
N ILE A 2 -4.07 12.05 -5.54
CA ILE A 2 -4.65 10.74 -5.69
C ILE A 2 -4.45 9.97 -4.38
N VAL A 3 -5.45 9.31 -3.93
CA VAL A 3 -5.34 8.49 -2.77
C VAL A 3 -6.04 7.16 -3.06
N TYR A 4 -5.49 6.09 -2.56
CA TYR A 4 -6.04 4.79 -2.77
C TYR A 4 -6.70 4.29 -1.51
N LYS A 5 -7.96 3.98 -1.62
CA LYS A 5 -8.69 3.38 -0.52
C LYS A 5 -8.82 1.89 -0.75
N ASP A 6 -8.59 1.15 0.31
CA ASP A 6 -8.75 -0.30 0.28
C ASP A 6 -10.19 -0.67 0.05
N VAL A 7 -10.42 -1.70 -0.72
CA VAL A 7 -11.75 -2.12 -1.11
C VAL A 7 -12.55 -2.67 0.09
N ILE A 8 -11.89 -3.29 1.02
CA ILE A 8 -12.59 -3.96 2.08
C ILE A 8 -12.87 -2.99 3.25
N SER A 9 -11.88 -2.25 3.65
CA SER A 9 -12.01 -1.32 4.76
C SER A 9 -12.53 0.03 4.32
N GLY A 10 -12.01 0.51 3.21
CA GLY A 10 -12.29 1.83 2.77
C GLY A 10 -11.31 2.80 3.37
N ASP A 11 -10.25 2.28 3.97
CA ASP A 11 -9.24 3.11 4.61
C ASP A 11 -8.11 3.34 3.61
N GLU A 12 -7.35 4.39 3.81
CA GLU A 12 -6.32 4.79 2.87
C GLU A 12 -5.07 3.94 3.01
N VAL A 13 -4.62 3.41 1.89
CA VAL A 13 -3.45 2.55 1.86
C VAL A 13 -2.20 3.28 1.37
N VAL A 14 -2.37 4.29 0.54
CA VAL A 14 -1.24 5.04 -0.01
C VAL A 14 -1.79 6.28 -0.72
N SER A 15 -0.96 7.28 -0.93
CA SER A 15 -1.37 8.48 -1.58
C SER A 15 -0.32 8.92 -2.61
N ASP A 16 -0.68 9.93 -3.38
CA ASP A 16 0.18 10.56 -4.41
C ASP A 16 1.40 11.25 -3.77
N ALA A 17 1.30 11.53 -2.49
CA ALA A 17 2.38 12.16 -1.73
C ALA A 17 3.42 11.12 -1.31
N LEU A 18 3.10 9.87 -1.56
CA LEU A 18 3.97 8.78 -1.22
C LEU A 18 4.54 8.16 -2.50
N LYS A 19 5.15 7.01 -2.37
CA LYS A 19 5.77 6.31 -3.48
C LYS A 19 4.74 5.50 -4.27
N ILE A 20 4.58 5.83 -5.53
CA ILE A 20 3.71 5.07 -6.41
C ILE A 20 4.53 4.64 -7.63
N THR A 21 4.85 3.37 -7.71
CA THR A 21 5.65 2.86 -8.81
C THR A 21 4.99 1.64 -9.48
N PRO A 22 5.08 1.51 -10.80
CA PRO A 22 4.54 0.35 -11.51
C PRO A 22 5.35 -0.92 -11.19
N VAL A 23 4.68 -2.06 -11.15
CA VAL A 23 5.35 -3.31 -10.87
C VAL A 23 6.11 -3.75 -12.08
N MET A 24 7.40 -3.86 -11.96
CA MET A 24 8.20 -4.36 -13.03
C MET A 24 8.86 -5.63 -12.57
N GLU A 25 8.40 -6.73 -13.12
CA GLU A 25 8.88 -8.04 -12.77
C GLU A 25 9.06 -8.86 -14.01
N GLY A 26 10.28 -9.18 -14.31
CA GLY A 26 10.59 -9.98 -15.47
C GLY A 26 11.10 -9.13 -16.61
N GLY A 27 11.00 -7.84 -16.44
CA GLY A 27 11.41 -6.93 -17.46
C GLY A 27 10.26 -6.09 -17.92
N GLU A 28 9.09 -6.66 -17.94
CA GLU A 28 7.92 -5.93 -18.32
C GLU A 28 7.16 -5.49 -17.08
N GLU A 29 6.12 -4.75 -17.28
CA GLU A 29 5.31 -4.28 -16.19
C GLU A 29 4.15 -5.24 -15.99
N VAL A 30 3.65 -5.28 -14.80
CA VAL A 30 2.53 -6.09 -14.50
C VAL A 30 1.31 -5.14 -14.45
N PRO A 31 0.33 -5.34 -15.35
CA PRO A 31 -0.83 -4.45 -15.49
C PRO A 31 -1.80 -4.46 -14.31
N GLY A 32 -2.22 -3.25 -13.93
CA GLY A 32 -3.24 -3.05 -12.92
C GLY A 32 -2.75 -3.23 -11.50
N LEU A 33 -1.46 -3.32 -11.33
CA LEU A 33 -0.84 -3.50 -10.04
C LEU A 33 0.25 -2.48 -9.87
N PHE A 34 0.43 -1.99 -8.68
CA PHE A 34 1.49 -1.07 -8.45
C PHE A 34 2.19 -1.43 -7.17
N GLU A 35 3.46 -1.26 -7.18
CA GLU A 35 4.29 -1.57 -6.07
C GLU A 35 4.63 -0.26 -5.42
N VAL A 36 4.76 -0.26 -4.16
CA VAL A 36 5.14 0.92 -3.50
C VAL A 36 6.54 0.72 -3.00
N ASP A 37 7.43 1.47 -3.58
CA ASP A 37 8.84 1.35 -3.31
C ASP A 37 9.17 2.01 -1.99
N SER A 38 10.27 1.65 -1.41
CA SER A 38 10.60 2.12 -0.12
C SER A 38 11.58 3.30 -0.23
N ALA A 39 11.30 4.34 0.52
CA ALA A 39 12.09 5.55 0.55
C ALA A 39 12.06 6.09 1.94
N MET A 40 13.21 6.29 2.52
CA MET A 40 13.29 6.78 3.87
C MET A 40 13.28 8.28 3.91
N VAL A 41 12.41 8.81 4.73
CA VAL A 41 12.29 10.22 4.91
C VAL A 41 12.53 10.58 6.37
N ALA A 42 12.74 11.84 6.61
CA ALA A 42 12.96 12.37 7.92
C ALA A 42 11.70 12.30 8.76
N VAL A 43 11.77 11.52 9.80
CA VAL A 43 10.70 11.41 10.76
C VAL A 43 10.85 12.56 11.74
N GLY A 44 12.07 12.73 12.21
CA GLY A 44 12.39 13.74 13.14
C GLY A 44 13.63 13.37 13.86
N GLY A 45 13.81 13.92 15.03
CA GLY A 45 14.95 13.59 15.83
C GLY A 45 14.59 12.68 16.95
N GLY A 46 15.18 11.52 16.97
CA GLY A 46 14.92 10.55 17.99
C GLY A 46 16.03 10.52 18.99
N ASP A 47 16.00 9.59 19.91
CA ASP A 47 17.00 9.54 20.96
C ASP A 47 18.20 8.74 20.54
N ILE A 48 17.97 7.51 20.14
CA ILE A 48 19.07 6.60 19.87
C ILE A 48 19.49 6.66 18.39
N ASP A 49 20.25 7.69 18.07
CA ASP A 49 20.91 7.92 16.76
C ASP A 49 21.60 9.25 16.87
N ILE A 50 22.90 9.25 16.82
CA ILE A 50 23.63 10.47 17.03
C ILE A 50 24.39 10.90 15.78
N GLY A 51 23.74 11.73 14.99
CA GLY A 51 24.33 12.29 13.79
C GLY A 51 24.45 11.30 12.65
N CYS A 52 25.50 10.48 12.73
CA CYS A 52 25.82 9.41 11.78
C CYS A 52 26.19 9.97 10.39
N GLY A 53 26.49 9.07 9.45
CA GLY A 53 26.73 9.48 8.08
C GLY A 53 25.39 9.49 7.38
N ASN A 54 24.60 10.45 7.73
CA ASN A 54 23.22 10.53 7.36
C ASN A 54 22.95 11.82 6.62
N ALA A 55 22.21 11.72 5.53
CA ALA A 55 21.85 12.87 4.75
C ALA A 55 20.63 13.53 5.36
N PHE A 56 20.76 14.77 5.72
CA PHE A 56 19.70 15.50 6.39
C PHE A 56 18.82 16.26 5.39
N GLY A 57 19.05 16.05 4.12
CA GLY A 57 18.26 16.66 3.09
C GLY A 57 17.88 15.65 2.04
N GLY A 58 16.60 15.44 1.85
CA GLY A 58 16.15 14.47 0.91
C GLY A 58 15.36 15.09 -0.22
N ALA A 59 14.07 14.92 -0.18
CA ALA A 59 13.19 15.43 -1.22
C ALA A 59 12.08 16.27 -0.62
N GLY A 60 11.82 16.07 0.64
CA GLY A 60 10.79 16.81 1.34
C GLY A 60 11.01 16.66 2.81
N ASP A 61 12.26 16.81 3.16
CA ASP A 61 12.75 16.55 4.49
C ASP A 61 13.26 17.85 5.08
N ASP A 62 12.87 18.92 4.42
CA ASP A 62 13.30 20.28 4.71
C ASP A 62 12.93 20.70 6.11
N GLU A 63 11.67 20.57 6.44
CA GLU A 63 11.16 21.02 7.71
C GLU A 63 10.57 19.88 8.52
N GLY A 64 11.09 18.68 8.29
CA GLY A 64 10.66 17.51 9.05
C GLY A 64 10.96 17.70 10.52
N ALA A 65 12.17 18.17 10.77
CA ALA A 65 12.68 18.53 12.09
C ALA A 65 14.08 19.06 11.88
N ASP A 66 14.59 19.83 12.81
CA ASP A 66 15.94 20.35 12.66
C ASP A 66 16.94 19.48 13.40
N ASP A 67 17.04 18.29 12.87
CA ASP A 67 17.91 17.17 13.27
C ASP A 67 17.21 15.94 12.77
N ALA A 68 17.40 15.66 11.51
CA ALA A 68 16.74 14.53 10.90
C ALA A 68 17.56 13.26 11.07
N THR A 69 17.57 12.75 12.26
CA THR A 69 18.31 11.57 12.58
C THR A 69 17.50 10.30 12.31
N GLN A 70 16.24 10.31 12.69
CA GLN A 70 15.38 9.18 12.49
C GLN A 70 14.75 9.17 11.13
N LYS A 71 15.00 8.10 10.43
CA LYS A 71 14.44 7.87 9.12
C LYS A 71 13.64 6.61 9.09
N GLU A 72 12.58 6.65 8.37
CA GLU A 72 11.74 5.52 8.16
C GLU A 72 11.10 5.72 6.82
N ASN A 73 10.60 4.66 6.23
CA ASN A 73 9.94 4.72 4.94
C ASN A 73 8.72 5.59 5.02
N ASN A 74 8.62 6.52 4.08
CA ASN A 74 7.52 7.52 3.99
C ASN A 74 6.12 6.93 4.13
N VAL A 75 5.95 5.69 3.72
CA VAL A 75 4.65 5.05 3.77
C VAL A 75 4.38 4.47 5.17
N SER A 76 5.36 3.75 5.71
CA SER A 76 5.21 3.05 6.96
C SER A 76 5.27 3.97 8.19
N GLY A 77 5.85 5.18 7.98
CA GLY A 77 6.05 6.23 9.01
C GLY A 77 4.94 6.31 10.06
N PRO A 78 5.25 5.88 11.32
CA PRO A 78 4.28 5.81 12.43
C PRO A 78 3.64 7.15 12.82
N SER A 79 4.38 8.21 12.62
CA SER A 79 3.89 9.55 12.96
C SER A 79 2.80 10.01 11.97
N SER A 80 2.76 9.41 10.80
CA SER A 80 1.83 9.83 9.79
C SER A 80 0.77 8.74 9.50
N PHE A 81 1.15 7.69 8.80
CA PHE A 81 0.21 6.64 8.42
C PHE A 81 0.16 5.50 9.44
N ALA A 82 1.34 5.01 9.83
CA ALA A 82 1.51 3.92 10.81
C ALA A 82 0.96 2.57 10.34
N TYR A 83 1.80 1.82 9.65
CA TYR A 83 1.43 0.49 9.21
C TYR A 83 2.19 -0.54 10.03
N THR A 84 1.47 -1.38 10.71
CA THR A 84 2.04 -2.36 11.58
C THR A 84 2.06 -3.73 10.89
N ALA A 85 3.19 -4.41 10.95
CA ALA A 85 3.35 -5.71 10.35
C ALA A 85 2.80 -6.78 11.26
N MET A 86 1.95 -7.59 10.71
CA MET A 86 1.40 -8.71 11.41
C MET A 86 1.94 -9.97 10.73
N PRO A 87 2.26 -11.01 11.50
CA PRO A 87 2.90 -12.23 10.97
C PRO A 87 2.00 -13.07 10.03
N PHE A 88 2.64 -13.99 9.29
CA PHE A 88 1.94 -14.95 8.42
C PHE A 88 0.97 -15.79 9.23
N SER A 89 -0.20 -15.98 8.71
CA SER A 89 -1.18 -16.83 9.32
C SER A 89 -1.38 -18.08 8.46
N SER A 90 -1.86 -17.86 7.22
CA SER A 90 -2.09 -18.90 6.20
C SER A 90 -3.07 -19.99 6.66
N LYS A 91 -3.89 -19.64 7.65
CA LYS A 91 -4.85 -20.54 8.25
C LYS A 91 -6.09 -20.60 7.33
N GLY A 92 -6.96 -21.60 7.54
CA GLY A 92 -8.16 -21.80 6.71
C GLY A 92 -9.02 -20.55 6.54
N GLU A 93 -9.34 -19.90 7.66
CA GLU A 93 -10.12 -18.67 7.71
C GLU A 93 -9.44 -17.55 6.91
N PHE A 94 -8.12 -17.53 6.93
CA PHE A 94 -7.35 -16.55 6.21
C PHE A 94 -7.40 -16.82 4.71
N LYS A 95 -7.41 -18.10 4.35
CA LYS A 95 -7.49 -18.47 2.94
C LYS A 95 -8.85 -18.09 2.39
N SER A 96 -9.87 -18.18 3.25
CA SER A 96 -11.20 -17.71 2.92
C SER A 96 -11.18 -16.19 2.65
N TRP A 97 -10.37 -15.46 3.44
CA TRP A 97 -10.20 -14.02 3.26
C TRP A 97 -9.58 -13.72 1.91
N VAL A 98 -8.54 -14.49 1.55
CA VAL A 98 -7.84 -14.32 0.26
C VAL A 98 -8.82 -14.43 -0.90
N LYS A 99 -9.72 -15.40 -0.79
CA LYS A 99 -10.76 -15.61 -1.78
C LYS A 99 -11.67 -14.41 -1.85
N ASP A 100 -12.17 -14.00 -0.70
CA ASP A 100 -13.08 -12.85 -0.61
C ASP A 100 -12.44 -11.58 -1.09
N TYR A 101 -11.17 -11.39 -0.79
CA TYR A 101 -10.42 -10.24 -1.24
C TYR A 101 -10.41 -10.19 -2.77
N VAL A 102 -9.98 -11.28 -3.39
CA VAL A 102 -9.93 -11.41 -4.86
C VAL A 102 -11.32 -11.17 -5.49
N ARG A 103 -12.35 -11.72 -4.86
CA ARG A 103 -13.71 -11.56 -5.36
C ARG A 103 -14.25 -10.15 -5.19
N ASN A 104 -14.04 -9.55 -4.02
CA ASN A 104 -14.51 -8.17 -3.76
C ASN A 104 -13.82 -7.16 -4.64
N VAL A 105 -12.55 -7.43 -4.96
CA VAL A 105 -11.82 -6.62 -5.92
C VAL A 105 -12.50 -6.72 -7.30
N ARG A 106 -12.94 -7.92 -7.65
CA ARG A 106 -13.61 -8.17 -8.92
C ARG A 106 -14.99 -7.47 -8.94
N GLN A 107 -15.61 -7.30 -7.77
CA GLN A 107 -16.83 -6.51 -7.68
C GLN A 107 -16.54 -5.03 -7.95
N ALA A 108 -15.37 -4.56 -7.53
CA ALA A 108 -14.95 -3.18 -7.76
C ALA A 108 -14.69 -2.94 -9.26
N LEU A 109 -14.19 -3.99 -9.93
CA LEU A 109 -14.00 -3.99 -11.40
C LEU A 109 -15.32 -3.70 -12.11
N LYS A 110 -16.39 -4.26 -11.60
CA LYS A 110 -17.71 -4.10 -12.18
C LYS A 110 -18.37 -2.79 -11.72
N GLY A 111 -18.26 -2.51 -10.42
CA GLY A 111 -18.93 -1.37 -9.79
C GLY A 111 -18.41 -0.01 -10.23
N SER A 112 -17.23 0.02 -10.82
CA SER A 112 -16.65 1.26 -11.29
C SER A 112 -17.30 1.73 -12.61
N GLY A 113 -18.03 0.82 -13.28
CA GLY A 113 -18.75 1.20 -14.49
C GLY A 113 -17.85 1.54 -15.66
N VAL A 114 -16.78 0.81 -15.78
CA VAL A 114 -15.80 1.01 -16.84
C VAL A 114 -16.41 0.56 -18.20
N ALA A 115 -15.95 1.11 -19.32
CA ALA A 115 -16.50 0.78 -20.66
C ALA A 115 -16.31 -0.70 -21.04
N VAL A 116 -17.10 -1.19 -22.01
CA VAL A 116 -17.17 -2.63 -22.39
C VAL A 116 -15.80 -3.26 -22.74
N GLU A 117 -15.08 -2.70 -23.69
CA GLU A 117 -13.79 -3.26 -24.09
C GLU A 117 -12.75 -3.11 -23.00
N ASP A 118 -12.89 -2.08 -22.21
CA ASP A 118 -12.03 -1.88 -21.05
C ASP A 118 -12.28 -2.98 -20.04
N ILE A 119 -13.56 -3.33 -19.86
CA ILE A 119 -13.98 -4.43 -18.99
C ILE A 119 -13.36 -5.75 -19.45
N LYS A 120 -13.30 -5.94 -20.77
CA LYS A 120 -12.65 -7.12 -21.37
C LYS A 120 -11.24 -7.26 -20.84
N LYS A 121 -10.49 -6.19 -21.00
CA LYS A 121 -9.12 -6.11 -20.57
C LYS A 121 -9.01 -6.25 -19.07
N PHE A 122 -9.88 -5.54 -18.38
CA PHE A 122 -9.87 -5.41 -16.93
C PHE A 122 -10.05 -6.78 -16.27
N MET A 123 -10.93 -7.60 -16.86
CA MET A 123 -11.18 -8.94 -16.34
C MET A 123 -10.14 -9.95 -16.82
N GLU A 124 -9.36 -9.58 -17.83
CA GLU A 124 -8.25 -10.41 -18.29
C GLU A 124 -6.99 -10.08 -17.50
N GLU A 125 -6.95 -8.87 -17.00
CA GLU A 125 -5.89 -8.41 -16.10
C GLU A 125 -6.18 -8.86 -14.66
N ALA A 126 -7.44 -9.25 -14.41
CA ALA A 126 -7.89 -9.75 -13.12
C ALA A 126 -7.09 -10.99 -12.60
N PRO A 127 -6.87 -12.07 -13.45
CA PRO A 127 -6.01 -13.21 -13.05
C PRO A 127 -4.54 -12.78 -12.82
N THR A 128 -4.13 -11.70 -13.45
CA THR A 128 -2.79 -11.17 -13.30
C THR A 128 -2.60 -10.63 -11.88
N PHE A 129 -3.68 -10.05 -11.32
CA PHE A 129 -3.68 -9.54 -9.94
C PHE A 129 -3.44 -10.70 -9.00
N VAL A 130 -4.11 -11.80 -9.30
CA VAL A 130 -4.02 -13.02 -8.54
C VAL A 130 -2.60 -13.57 -8.59
N LYS A 131 -2.06 -13.69 -9.82
CA LYS A 131 -0.71 -14.22 -10.05
C LYS A 131 0.37 -13.56 -9.23
N TRP A 132 0.42 -12.24 -9.25
CA TRP A 132 1.46 -11.51 -8.55
C TRP A 132 1.36 -11.68 -7.03
N LEU A 133 0.14 -11.74 -6.51
CA LEU A 133 -0.09 -11.95 -5.09
C LEU A 133 0.35 -13.37 -4.70
N VAL A 134 -0.01 -14.33 -5.53
CA VAL A 134 0.33 -15.74 -5.30
C VAL A 134 1.86 -15.96 -5.41
N ASP A 135 2.49 -15.33 -6.38
CA ASP A 135 3.95 -15.44 -6.57
C ASP A 135 4.73 -14.84 -5.39
N LYS A 136 4.19 -13.80 -4.80
CA LYS A 136 4.85 -13.15 -3.68
C LYS A 136 4.32 -13.61 -2.32
N TYR A 137 3.37 -14.55 -2.31
CA TYR A 137 2.67 -15.01 -1.07
C TYR A 137 3.63 -15.30 0.11
N ASP A 138 4.70 -16.04 -0.15
CA ASP A 138 5.66 -16.43 0.91
C ASP A 138 6.56 -15.27 1.35
N ASP A 139 6.44 -14.14 0.69
CA ASP A 139 7.20 -12.95 1.04
C ASP A 139 6.31 -11.91 1.67
N LEU A 140 5.03 -12.01 1.44
CA LEU A 140 4.10 -10.99 1.86
C LEU A 140 3.68 -11.17 3.28
N GLU A 141 3.97 -10.17 4.07
CA GLU A 141 3.51 -10.13 5.41
C GLU A 141 2.40 -9.14 5.46
N PHE A 142 1.56 -9.27 6.42
CA PHE A 142 0.31 -8.60 6.38
C PHE A 142 0.28 -7.40 7.29
N PHE A 143 0.24 -6.26 6.69
CA PHE A 143 0.25 -5.01 7.39
C PHE A 143 -1.15 -4.51 7.60
N MET A 144 -1.36 -3.88 8.71
CA MET A 144 -2.62 -3.27 9.05
C MET A 144 -2.26 -1.91 9.56
N SER A 145 -2.97 -0.88 9.18
CA SER A 145 -2.70 0.40 9.75
C SER A 145 -3.34 0.48 11.11
N LYS A 146 -3.09 1.56 11.78
CA LYS A 146 -3.66 1.83 13.07
C LYS A 146 -5.22 1.90 12.97
N SER A 147 -5.70 2.36 11.83
CA SER A 147 -7.12 2.46 11.53
C SER A 147 -7.72 1.18 10.85
N MET A 148 -6.88 0.19 10.55
CA MET A 148 -7.36 -1.01 9.80
C MET A 148 -7.61 -2.22 10.68
N ASN A 149 -8.11 -3.28 10.05
CA ASN A 149 -8.50 -4.51 10.71
C ASN A 149 -7.97 -5.71 9.91
N PRO A 150 -7.91 -6.94 10.51
CA PRO A 150 -7.47 -8.14 9.78
C PRO A 150 -8.34 -8.50 8.59
N ASP A 151 -9.64 -8.29 8.70
CA ASP A 151 -10.55 -8.62 7.60
C ASP A 151 -10.65 -7.48 6.65
N ALA A 152 -10.56 -6.29 7.18
CA ALA A 152 -10.76 -5.11 6.40
C ALA A 152 -9.54 -4.23 6.46
N GLY A 153 -8.81 -4.16 5.37
CA GLY A 153 -7.61 -3.37 5.36
C GLY A 153 -6.38 -4.18 5.66
N LEU A 154 -6.29 -5.35 5.08
CA LEU A 154 -5.14 -6.16 5.28
C LEU A 154 -4.23 -6.00 4.08
N ILE A 155 -3.13 -5.39 4.32
CA ILE A 155 -2.17 -5.01 3.32
C ILE A 155 -1.10 -6.07 3.13
N PHE A 156 -0.80 -6.37 1.90
CA PHE A 156 0.31 -7.24 1.58
C PHE A 156 1.57 -6.38 1.43
N SER A 157 2.66 -6.77 2.03
CA SER A 157 3.93 -6.05 1.84
C SER A 157 5.09 -7.01 1.97
N TYR A 158 6.17 -6.75 1.28
CA TYR A 158 7.33 -7.61 1.36
C TYR A 158 8.59 -6.80 1.35
N TYR A 159 9.65 -7.40 1.76
CA TYR A 159 10.94 -6.80 1.72
C TYR A 159 11.68 -7.31 0.52
N LYS A 160 11.76 -6.49 -0.50
CA LYS A 160 12.49 -6.86 -1.69
C LYS A 160 13.98 -6.64 -1.48
N GLU A 161 14.78 -7.09 -2.42
CA GLU A 161 16.24 -7.00 -2.36
C GLU A 161 16.70 -5.56 -2.16
N GLY A 162 17.36 -5.32 -1.05
CA GLY A 162 17.91 -4.02 -0.76
C GLY A 162 16.98 -3.14 0.05
N ALA A 163 15.73 -3.55 0.19
CA ALA A 163 14.77 -2.77 0.93
C ALA A 163 14.97 -2.97 2.42
N HIS A 164 15.16 -1.88 3.12
CA HIS A 164 15.34 -1.90 4.57
C HIS A 164 14.00 -1.77 5.23
N CYS A 165 13.13 -1.10 4.55
CA CYS A 165 11.80 -0.87 5.00
C CYS A 165 10.85 -1.66 4.09
N PRO A 166 9.60 -1.93 4.52
CA PRO A 166 8.64 -2.72 3.73
C PRO A 166 8.27 -2.06 2.40
N THR A 167 8.17 -2.87 1.41
CA THR A 167 7.72 -2.51 0.11
C THR A 167 6.25 -2.94 0.01
N PHE A 168 5.37 -1.97 -0.15
CA PHE A 168 3.94 -2.22 -0.07
C PHE A 168 3.37 -2.72 -1.39
N VAL A 169 2.38 -3.58 -1.29
CA VAL A 169 1.75 -4.25 -2.42
C VAL A 169 0.27 -3.93 -2.47
N TYR A 170 -0.16 -3.27 -3.55
CA TYR A 170 -1.57 -2.91 -3.71
C TYR A 170 -2.00 -3.12 -5.15
N VAL A 171 -3.29 -3.33 -5.33
CA VAL A 171 -3.85 -3.47 -6.65
C VAL A 171 -4.27 -2.08 -7.12
N LYS A 172 -3.72 -1.64 -8.24
CA LYS A 172 -3.94 -0.28 -8.73
C LYS A 172 -5.36 -0.10 -9.22
N SER A 173 -5.73 -0.94 -10.15
CA SER A 173 -7.01 -0.83 -10.83
C SER A 173 -8.13 -1.45 -9.98
N GLY A 174 -7.75 -2.14 -8.94
CA GLY A 174 -8.73 -2.83 -8.13
C GLY A 174 -9.15 -2.02 -6.93
N TYR A 175 -8.38 -1.02 -6.58
CA TYR A 175 -8.65 -0.21 -5.41
C TYR A 175 -9.36 1.05 -5.78
N LYS A 176 -9.93 1.70 -4.79
CA LYS A 176 -10.72 2.87 -5.02
C LYS A 176 -9.84 4.10 -5.06
N VAL A 177 -9.65 4.57 -6.25
CA VAL A 177 -8.87 5.74 -6.54
C VAL A 177 -9.74 6.97 -6.30
N VAL A 178 -9.44 7.70 -5.28
CA VAL A 178 -10.19 8.89 -4.96
C VAL A 178 -9.24 10.08 -5.07
N LYS A 179 -9.69 11.14 -5.63
CA LYS A 179 -8.87 12.31 -5.77
C LYS A 179 -9.35 13.48 -4.92
N PHE A 180 -8.60 13.77 -3.89
CA PHE A 180 -8.87 14.90 -3.01
C PHE A 180 -7.85 15.98 -3.28
N LEU A 181 -8.25 17.21 -3.22
CA LEU A 181 -7.31 18.30 -3.41
C LEU A 181 -6.88 18.75 -2.01
N GLU A 182 -7.79 18.54 -1.08
CA GLU A 182 -7.56 18.81 0.31
C GLU A 182 -6.73 17.69 0.90
N HIS A 183 -6.04 17.97 1.97
CA HIS A 183 -5.21 16.99 2.59
C HIS A 183 -5.75 16.78 3.98
N HIS A 184 -5.97 15.54 4.37
CA HIS A 184 -6.54 15.25 5.70
C HIS A 184 -5.44 15.13 6.74
N HIS A 185 -4.28 15.55 6.34
CA HIS A 185 -3.12 15.68 7.15
C HIS A 185 -2.74 17.17 6.98
N HIS A 186 -3.35 17.99 7.80
CA HIS A 186 -3.26 19.44 7.64
C HIS A 186 -2.64 20.12 8.86
N HIS A 187 -2.47 19.37 9.92
CA HIS A 187 -1.88 19.91 11.14
C HIS A 187 -0.39 20.14 10.91
N HIS A 188 0.06 21.32 11.24
CA HIS A 188 1.45 21.70 11.11
C HIS A 188 1.69 22.92 12.00
N MET A 1 -6.39 15.46 -4.95
CA MET A 1 -5.88 14.35 -4.15
C MET A 1 -6.50 13.05 -4.61
N ILE A 2 -5.72 12.18 -5.17
CA ILE A 2 -6.19 10.88 -5.54
C ILE A 2 -5.65 9.91 -4.50
N VAL A 3 -6.53 9.17 -3.91
CA VAL A 3 -6.15 8.26 -2.86
C VAL A 3 -6.73 6.88 -3.12
N TYR A 4 -6.02 5.87 -2.71
CA TYR A 4 -6.45 4.52 -2.88
C TYR A 4 -6.97 3.98 -1.56
N LYS A 5 -8.21 3.56 -1.56
CA LYS A 5 -8.80 2.94 -0.41
C LYS A 5 -8.79 1.44 -0.59
N ASP A 6 -8.50 0.74 0.47
CA ASP A 6 -8.55 -0.71 0.48
C ASP A 6 -10.00 -1.15 0.33
N VAL A 7 -10.22 -2.16 -0.48
CA VAL A 7 -11.55 -2.62 -0.81
C VAL A 7 -12.30 -3.19 0.41
N ILE A 8 -11.59 -3.73 1.36
CA ILE A 8 -12.24 -4.41 2.46
C ILE A 8 -12.49 -3.43 3.63
N SER A 9 -11.52 -2.61 3.93
CA SER A 9 -11.65 -1.65 5.03
C SER A 9 -12.25 -0.34 4.60
N GLY A 10 -11.84 0.15 3.45
CA GLY A 10 -12.23 1.46 3.01
C GLY A 10 -11.29 2.50 3.58
N ASP A 11 -10.14 2.05 4.04
CA ASP A 11 -9.15 2.93 4.63
C ASP A 11 -8.06 3.19 3.61
N GLU A 12 -7.34 4.28 3.78
CA GLU A 12 -6.34 4.73 2.84
C GLU A 12 -5.08 3.87 2.89
N VAL A 13 -4.64 3.42 1.73
CA VAL A 13 -3.41 2.63 1.66
C VAL A 13 -2.23 3.46 1.13
N VAL A 14 -2.54 4.44 0.28
CA VAL A 14 -1.54 5.30 -0.32
C VAL A 14 -2.26 6.41 -1.09
N SER A 15 -1.61 7.52 -1.28
CA SER A 15 -2.14 8.62 -2.03
C SER A 15 -1.17 8.95 -3.16
N ASP A 16 -1.61 9.71 -4.17
CA ASP A 16 -0.79 10.03 -5.36
C ASP A 16 0.39 10.94 -5.05
N ALA A 17 0.37 11.57 -3.88
CA ALA A 17 1.47 12.43 -3.45
C ALA A 17 2.64 11.57 -2.96
N LEU A 18 2.34 10.32 -2.63
CA LEU A 18 3.33 9.39 -2.16
C LEU A 18 3.92 8.64 -3.36
N LYS A 19 4.95 7.86 -3.12
CA LYS A 19 5.66 7.16 -4.20
C LYS A 19 4.84 5.94 -4.66
N ILE A 20 4.24 6.04 -5.83
CA ILE A 20 3.47 4.97 -6.43
C ILE A 20 4.13 4.58 -7.75
N THR A 21 4.46 3.33 -7.89
CA THR A 21 5.04 2.81 -9.12
C THR A 21 4.26 1.61 -9.61
N PRO A 22 4.11 1.41 -10.92
CA PRO A 22 3.47 0.21 -11.46
C PRO A 22 4.40 -1.01 -11.23
N VAL A 23 3.82 -2.19 -11.11
CA VAL A 23 4.61 -3.39 -10.88
C VAL A 23 5.44 -3.73 -12.10
N MET A 24 6.73 -3.69 -11.93
CA MET A 24 7.61 -4.07 -12.99
C MET A 24 8.46 -5.23 -12.53
N GLU A 25 8.20 -6.38 -13.07
CA GLU A 25 8.94 -7.58 -12.79
C GLU A 25 10.09 -7.69 -13.78
N GLY A 26 10.81 -8.79 -13.74
CA GLY A 26 11.92 -8.98 -14.64
C GLY A 26 11.51 -9.17 -16.10
N GLY A 27 11.44 -8.07 -16.82
CA GLY A 27 11.13 -8.10 -18.22
C GLY A 27 9.88 -7.31 -18.58
N GLU A 28 8.76 -7.59 -17.95
CA GLU A 28 7.53 -6.90 -18.28
C GLU A 28 6.90 -6.30 -17.04
N GLU A 29 5.86 -5.52 -17.23
CA GLU A 29 5.10 -5.00 -16.13
C GLU A 29 3.97 -5.98 -15.86
N VAL A 30 3.50 -6.01 -14.66
CA VAL A 30 2.38 -6.80 -14.32
C VAL A 30 1.17 -5.86 -14.29
N PRO A 31 0.29 -5.95 -15.30
CA PRO A 31 -0.78 -5.01 -15.49
C PRO A 31 -1.85 -5.04 -14.41
N GLY A 32 -2.15 -3.86 -13.90
CA GLY A 32 -3.23 -3.71 -12.95
C GLY A 32 -2.79 -3.66 -11.53
N LEU A 33 -1.53 -3.81 -11.31
CA LEU A 33 -0.98 -3.82 -9.97
C LEU A 33 0.04 -2.72 -9.84
N PHE A 34 0.24 -2.25 -8.62
CA PHE A 34 1.24 -1.27 -8.39
C PHE A 34 2.04 -1.64 -7.16
N GLU A 35 3.29 -1.32 -7.22
CA GLU A 35 4.21 -1.60 -6.18
C GLU A 35 4.54 -0.29 -5.52
N VAL A 36 4.82 -0.33 -4.27
CA VAL A 36 5.21 0.86 -3.61
C VAL A 36 6.66 0.76 -3.26
N ASP A 37 7.40 1.62 -3.89
CA ASP A 37 8.82 1.71 -3.73
C ASP A 37 9.14 2.54 -2.50
N SER A 38 10.31 2.37 -1.94
CA SER A 38 10.63 3.05 -0.73
C SER A 38 11.45 4.29 -1.01
N ALA A 39 11.08 5.36 -0.36
CA ALA A 39 11.76 6.62 -0.44
C ALA A 39 11.96 7.10 0.97
N MET A 40 13.19 7.38 1.33
CA MET A 40 13.53 7.75 2.69
C MET A 40 13.31 9.22 2.93
N VAL A 41 12.40 9.52 3.81
CA VAL A 41 12.11 10.87 4.19
C VAL A 41 12.35 11.02 5.68
N ALA A 42 12.65 12.23 6.09
CA ALA A 42 12.82 12.52 7.48
C ALA A 42 11.45 12.66 8.09
N VAL A 43 11.23 12.02 9.23
CA VAL A 43 9.92 12.06 9.87
C VAL A 43 9.57 13.48 10.36
N GLY A 44 8.80 14.14 9.53
CA GLY A 44 8.29 15.45 9.79
C GLY A 44 7.10 15.68 8.88
N GLY A 45 5.95 15.22 9.32
CA GLY A 45 4.76 15.29 8.51
C GLY A 45 3.79 16.34 8.97
N GLY A 46 2.98 16.80 8.05
CA GLY A 46 2.01 17.80 8.33
C GLY A 46 1.75 18.60 7.09
N ASP A 47 1.23 19.79 7.24
CA ASP A 47 1.02 20.67 6.10
C ASP A 47 2.36 21.24 5.68
N ILE A 48 2.75 21.00 4.43
CA ILE A 48 4.08 21.33 3.92
C ILE A 48 5.11 20.42 4.64
N ASP A 49 5.00 19.17 4.31
CA ASP A 49 5.79 18.09 4.90
C ASP A 49 7.00 17.74 4.06
N ILE A 50 7.79 16.81 4.54
CA ILE A 50 8.92 16.33 3.81
C ILE A 50 8.48 15.15 2.95
N GLY A 51 8.08 15.46 1.75
CA GLY A 51 7.63 14.46 0.82
C GLY A 51 7.49 15.08 -0.54
N CYS A 52 7.10 14.27 -1.53
CA CYS A 52 6.96 14.67 -2.96
C CYS A 52 8.34 14.96 -3.59
N GLY A 53 9.00 15.98 -3.11
CA GLY A 53 10.33 16.31 -3.54
C GLY A 53 11.28 15.84 -2.50
N ASN A 54 11.28 14.53 -2.34
CA ASN A 54 12.01 13.78 -1.30
C ASN A 54 13.48 14.11 -1.30
N ALA A 55 14.08 14.03 -2.46
CA ALA A 55 15.49 14.31 -2.60
C ALA A 55 15.71 15.48 -3.52
N PHE A 56 14.93 15.54 -4.58
CA PHE A 56 15.05 16.58 -5.58
C PHE A 56 13.70 17.22 -5.75
N GLY A 57 13.68 18.51 -5.87
CA GLY A 57 12.43 19.22 -6.08
C GLY A 57 11.67 19.42 -4.79
N GLY A 58 12.39 19.72 -3.73
CA GLY A 58 11.75 19.92 -2.46
C GLY A 58 12.75 20.01 -1.33
N ALA A 59 13.72 19.12 -1.32
CA ALA A 59 14.73 19.13 -0.29
C ALA A 59 15.97 19.92 -0.73
N GLY A 60 15.98 21.20 -0.38
CA GLY A 60 17.10 22.05 -0.72
C GLY A 60 17.92 22.36 0.51
N ASP A 61 18.49 23.56 0.58
CA ASP A 61 19.30 23.94 1.75
C ASP A 61 18.44 24.59 2.84
N ASP A 62 17.49 23.83 3.32
CA ASP A 62 16.55 24.32 4.31
C ASP A 62 16.82 23.70 5.65
N GLU A 63 16.93 22.36 5.64
CA GLU A 63 17.03 21.55 6.85
C GLU A 63 15.76 21.65 7.67
N GLY A 64 14.70 21.06 7.15
CA GLY A 64 13.45 20.99 7.84
C GLY A 64 13.20 19.56 8.22
N ALA A 65 12.90 19.32 9.50
CA ALA A 65 12.66 17.98 10.08
C ALA A 65 13.95 17.16 10.22
N ASP A 66 14.79 17.18 9.20
CA ASP A 66 16.06 16.47 9.20
C ASP A 66 17.06 17.22 10.07
N ASP A 67 17.26 16.73 11.25
CA ASP A 67 18.22 17.24 12.22
C ASP A 67 18.65 16.07 13.07
N ALA A 68 17.70 15.51 13.78
CA ALA A 68 17.90 14.28 14.51
C ALA A 68 16.56 13.59 14.62
N THR A 69 16.22 12.88 13.58
CA THR A 69 14.95 12.22 13.50
C THR A 69 15.12 10.90 12.78
N GLN A 70 14.10 10.10 12.79
CA GLN A 70 14.07 8.85 12.10
C GLN A 70 13.84 9.12 10.62
N LYS A 71 14.37 8.28 9.80
CA LYS A 71 14.14 8.35 8.40
C LYS A 71 13.47 7.09 7.97
N GLU A 72 12.32 7.24 7.42
CA GLU A 72 11.48 6.13 7.12
C GLU A 72 10.90 6.32 5.74
N ASN A 73 10.24 5.30 5.27
CA ASN A 73 9.57 5.36 3.99
C ASN A 73 8.36 6.28 4.09
N ASN A 74 8.25 7.20 3.13
CA ASN A 74 7.13 8.18 3.05
C ASN A 74 5.72 7.53 3.12
N VAL A 75 5.61 6.30 2.65
CA VAL A 75 4.31 5.65 2.56
C VAL A 75 3.91 5.01 3.87
N SER A 76 4.88 4.53 4.61
CA SER A 76 4.60 3.92 5.85
C SER A 76 4.30 4.94 6.93
N GLY A 77 5.10 6.04 6.93
CA GLY A 77 4.91 7.22 7.78
C GLY A 77 4.41 6.94 9.19
N PRO A 78 5.31 6.69 10.18
CA PRO A 78 4.93 6.34 11.57
C PRO A 78 4.01 7.37 12.26
N SER A 79 4.11 8.61 11.86
CA SER A 79 3.31 9.67 12.44
C SER A 79 2.01 9.90 11.64
N SER A 80 1.81 9.12 10.60
CA SER A 80 0.68 9.33 9.73
C SER A 80 -0.14 8.04 9.54
N PHE A 81 0.43 7.09 8.83
CA PHE A 81 -0.26 5.87 8.49
C PHE A 81 0.00 4.79 9.55
N ALA A 82 1.30 4.59 9.84
CA ALA A 82 1.81 3.64 10.84
C ALA A 82 1.35 2.20 10.59
N TYR A 83 2.13 1.48 9.83
CA TYR A 83 1.79 0.12 9.49
C TYR A 83 2.43 -0.86 10.44
N THR A 84 1.64 -1.81 10.86
CA THR A 84 2.09 -2.84 11.76
C THR A 84 2.28 -4.14 10.96
N ALA A 85 3.46 -4.74 11.08
CA ALA A 85 3.81 -5.95 10.35
C ALA A 85 3.48 -7.19 11.16
N MET A 86 2.71 -8.06 10.58
CA MET A 86 2.36 -9.31 11.20
C MET A 86 3.00 -10.47 10.44
N PRO A 87 3.47 -11.51 11.17
CA PRO A 87 4.03 -12.74 10.58
C PRO A 87 2.96 -13.58 9.85
N PHE A 88 3.42 -14.57 9.06
CA PHE A 88 2.52 -15.49 8.35
C PHE A 88 1.52 -16.15 9.28
N SER A 89 0.28 -15.85 9.06
CA SER A 89 -0.78 -16.42 9.82
C SER A 89 -1.17 -17.77 9.22
N SER A 90 -1.41 -17.76 7.89
CA SER A 90 -1.74 -18.96 7.10
C SER A 90 -3.01 -19.66 7.65
N LYS A 91 -3.89 -18.87 8.23
CA LYS A 91 -5.10 -19.35 8.88
C LYS A 91 -6.20 -19.67 7.84
N GLY A 92 -7.18 -20.46 8.25
CA GLY A 92 -8.28 -20.84 7.37
C GLY A 92 -9.19 -19.66 7.08
N GLU A 93 -9.41 -18.82 8.08
CA GLU A 93 -10.21 -17.61 7.92
C GLU A 93 -9.45 -16.61 7.06
N PHE A 94 -8.13 -16.70 7.11
CA PHE A 94 -7.27 -15.89 6.28
C PHE A 94 -7.40 -16.33 4.81
N LYS A 95 -7.48 -17.62 4.58
CA LYS A 95 -7.64 -18.14 3.23
C LYS A 95 -9.02 -17.79 2.67
N SER A 96 -9.99 -17.73 3.57
CA SER A 96 -11.33 -17.32 3.24
C SER A 96 -11.33 -15.81 2.91
N TRP A 97 -10.50 -15.05 3.64
CA TRP A 97 -10.30 -13.63 3.39
C TRP A 97 -9.73 -13.44 2.00
N VAL A 98 -8.73 -14.26 1.63
CA VAL A 98 -8.09 -14.21 0.30
C VAL A 98 -9.15 -14.37 -0.80
N LYS A 99 -10.08 -15.29 -0.60
CA LYS A 99 -11.15 -15.51 -1.54
C LYS A 99 -12.05 -14.28 -1.66
N ASP A 100 -12.49 -13.75 -0.53
CA ASP A 100 -13.38 -12.58 -0.52
C ASP A 100 -12.68 -11.32 -0.96
N TYR A 101 -11.39 -11.27 -0.74
CA TYR A 101 -10.56 -10.18 -1.18
C TYR A 101 -10.62 -10.05 -2.69
N VAL A 102 -10.21 -11.12 -3.39
CA VAL A 102 -10.20 -11.12 -4.86
C VAL A 102 -11.64 -10.98 -5.41
N ARG A 103 -12.59 -11.55 -4.67
CA ARG A 103 -14.01 -11.48 -5.00
C ARG A 103 -14.48 -10.01 -5.02
N ASN A 104 -14.30 -9.31 -3.91
CA ASN A 104 -14.74 -7.92 -3.80
C ASN A 104 -13.94 -7.00 -4.70
N VAL A 105 -12.69 -7.37 -4.97
CA VAL A 105 -11.85 -6.68 -5.93
C VAL A 105 -12.46 -6.80 -7.34
N ARG A 106 -12.91 -8.01 -7.69
CA ARG A 106 -13.53 -8.26 -8.98
C ARG A 106 -14.87 -7.48 -9.11
N GLN A 107 -15.55 -7.30 -7.99
CA GLN A 107 -16.75 -6.47 -7.96
C GLN A 107 -16.42 -4.99 -8.07
N ALA A 108 -15.23 -4.60 -7.63
CA ALA A 108 -14.77 -3.22 -7.75
C ALA A 108 -14.45 -2.94 -9.22
N LEU A 109 -14.02 -3.97 -9.93
CA LEU A 109 -13.80 -3.91 -11.38
C LEU A 109 -15.12 -3.62 -12.11
N LYS A 110 -16.20 -4.13 -11.57
CA LYS A 110 -17.51 -3.90 -12.16
C LYS A 110 -18.10 -2.56 -11.70
N GLY A 111 -17.98 -2.28 -10.42
CA GLY A 111 -18.59 -1.09 -9.82
C GLY A 111 -17.90 0.21 -10.14
N SER A 112 -16.68 0.16 -10.63
CA SER A 112 -15.93 1.38 -10.94
C SER A 112 -16.48 2.10 -12.19
N GLY A 113 -17.20 1.37 -13.05
CA GLY A 113 -17.80 1.98 -14.22
C GLY A 113 -16.79 2.40 -15.26
N VAL A 114 -15.78 1.58 -15.45
CA VAL A 114 -14.75 1.83 -16.43
C VAL A 114 -15.29 1.48 -17.85
N ALA A 115 -14.74 2.11 -18.90
CA ALA A 115 -15.18 1.90 -20.30
C ALA A 115 -15.09 0.42 -20.70
N VAL A 116 -15.99 -0.02 -21.58
CA VAL A 116 -16.16 -1.44 -21.97
C VAL A 116 -14.87 -2.07 -22.50
N GLU A 117 -14.19 -1.37 -23.39
CA GLU A 117 -12.91 -1.82 -23.98
C GLU A 117 -11.86 -1.99 -22.90
N ASP A 118 -11.81 -1.01 -22.01
CA ASP A 118 -10.92 -1.04 -20.86
C ASP A 118 -11.26 -2.21 -19.98
N ILE A 119 -12.58 -2.45 -19.78
CA ILE A 119 -13.12 -3.57 -18.98
C ILE A 119 -12.60 -4.91 -19.49
N LYS A 120 -12.46 -5.05 -20.79
CA LYS A 120 -11.95 -6.28 -21.39
C LYS A 120 -10.55 -6.58 -20.89
N LYS A 121 -9.69 -5.57 -20.94
CA LYS A 121 -8.32 -5.72 -20.42
C LYS A 121 -8.28 -5.72 -18.90
N PHE A 122 -9.24 -5.05 -18.31
CA PHE A 122 -9.37 -4.87 -16.87
C PHE A 122 -9.70 -6.25 -16.25
N MET A 123 -10.45 -7.06 -17.01
CA MET A 123 -10.76 -8.43 -16.60
C MET A 123 -9.56 -9.33 -16.82
N GLU A 124 -8.71 -9.01 -17.79
CA GLU A 124 -7.46 -9.75 -17.99
C GLU A 124 -6.49 -9.45 -16.86
N GLU A 125 -6.60 -8.26 -16.31
CA GLU A 125 -5.84 -7.83 -15.16
C GLU A 125 -6.26 -8.65 -13.92
N ALA A 126 -7.54 -9.07 -13.86
CA ALA A 126 -8.08 -9.86 -12.72
C ALA A 126 -7.27 -11.15 -12.36
N PRO A 127 -7.05 -12.15 -13.29
CA PRO A 127 -6.25 -13.35 -12.97
C PRO A 127 -4.77 -13.00 -12.74
N THR A 128 -4.37 -11.87 -13.28
CA THR A 128 -3.03 -11.38 -13.19
C THR A 128 -2.76 -10.87 -11.76
N PHE A 129 -3.81 -10.28 -11.12
CA PHE A 129 -3.73 -9.85 -9.72
C PHE A 129 -3.39 -11.06 -8.87
N VAL A 130 -4.19 -12.10 -9.06
CA VAL A 130 -4.06 -13.37 -8.34
C VAL A 130 -2.67 -13.96 -8.52
N LYS A 131 -2.19 -13.98 -9.77
CA LYS A 131 -0.90 -14.54 -10.12
C LYS A 131 0.25 -13.93 -9.31
N TRP A 132 0.34 -12.60 -9.34
CA TRP A 132 1.44 -11.89 -8.69
C TRP A 132 1.35 -11.99 -7.17
N LEU A 133 0.12 -12.00 -6.65
CA LEU A 133 -0.09 -12.15 -5.21
C LEU A 133 0.42 -13.50 -4.74
N VAL A 134 0.15 -14.55 -5.51
CA VAL A 134 0.59 -15.90 -5.16
C VAL A 134 2.10 -16.07 -5.37
N ASP A 135 2.64 -15.46 -6.43
CA ASP A 135 4.08 -15.57 -6.72
C ASP A 135 4.91 -14.86 -5.67
N LYS A 136 4.40 -13.75 -5.17
CA LYS A 136 5.12 -12.93 -4.21
C LYS A 136 4.73 -13.31 -2.76
N TYR A 137 3.75 -14.23 -2.63
CA TYR A 137 3.16 -14.64 -1.33
C TYR A 137 4.17 -15.04 -0.26
N ASP A 138 5.21 -15.70 -0.66
CA ASP A 138 6.20 -16.24 0.29
C ASP A 138 7.09 -15.17 0.91
N ASP A 139 7.00 -13.97 0.40
CA ASP A 139 7.78 -12.85 0.93
C ASP A 139 6.89 -11.85 1.63
N LEU A 140 5.61 -12.12 1.68
CA LEU A 140 4.66 -11.19 2.21
C LEU A 140 4.52 -11.23 3.73
N GLU A 141 4.59 -10.07 4.32
CA GLU A 141 4.18 -9.87 5.69
C GLU A 141 2.87 -9.14 5.62
N PHE A 142 2.08 -9.26 6.64
CA PHE A 142 0.76 -8.71 6.60
C PHE A 142 0.68 -7.47 7.43
N PHE A 143 0.40 -6.37 6.79
CA PHE A 143 0.38 -5.07 7.42
C PHE A 143 -1.02 -4.53 7.52
N MET A 144 -1.22 -3.70 8.52
CA MET A 144 -2.46 -2.94 8.66
C MET A 144 -2.03 -1.54 9.00
N SER A 145 -2.81 -0.54 8.62
CA SER A 145 -2.54 0.81 9.06
C SER A 145 -3.05 0.92 10.49
N LYS A 146 -2.82 2.03 11.14
CA LYS A 146 -3.28 2.21 12.51
C LYS A 146 -4.82 2.12 12.60
N SER A 147 -5.51 2.59 11.57
CA SER A 147 -6.96 2.57 11.51
C SER A 147 -7.55 1.26 10.89
N MET A 148 -6.70 0.35 10.43
CA MET A 148 -7.17 -0.90 9.80
C MET A 148 -7.34 -2.04 10.79
N ASN A 149 -7.86 -3.15 10.30
CA ASN A 149 -8.17 -4.34 11.11
C ASN A 149 -7.61 -5.55 10.33
N PRO A 150 -7.21 -6.67 10.97
CA PRO A 150 -6.76 -7.89 10.26
C PRO A 150 -7.80 -8.43 9.27
N ASP A 151 -9.05 -8.12 9.52
CA ASP A 151 -10.16 -8.57 8.67
C ASP A 151 -10.41 -7.62 7.55
N ALA A 152 -9.98 -6.40 7.71
CA ALA A 152 -10.29 -5.37 6.78
C ALA A 152 -9.12 -4.44 6.65
N GLY A 153 -8.46 -4.48 5.51
CA GLY A 153 -7.27 -3.69 5.35
C GLY A 153 -6.04 -4.49 5.67
N LEU A 154 -6.02 -5.71 5.19
CA LEU A 154 -4.87 -6.53 5.38
C LEU A 154 -4.01 -6.35 4.15
N ILE A 155 -2.90 -5.73 4.36
CA ILE A 155 -2.01 -5.36 3.32
C ILE A 155 -0.88 -6.33 3.16
N PHE A 156 -0.62 -6.67 1.93
CA PHE A 156 0.49 -7.52 1.59
C PHE A 156 1.71 -6.62 1.36
N SER A 157 2.85 -7.00 1.88
CA SER A 157 4.09 -6.26 1.59
C SER A 157 5.28 -7.20 1.62
N TYR A 158 6.24 -6.95 0.77
CA TYR A 158 7.45 -7.76 0.70
C TYR A 158 8.65 -6.86 0.81
N TYR A 159 9.84 -7.39 0.80
CA TYR A 159 11.02 -6.55 0.87
C TYR A 159 11.88 -6.81 -0.33
N LYS A 160 11.87 -5.88 -1.26
CA LYS A 160 12.64 -6.04 -2.48
C LYS A 160 14.08 -5.58 -2.27
N GLU A 161 14.93 -5.93 -3.20
CA GLU A 161 16.32 -5.55 -3.16
C GLU A 161 16.46 -4.07 -3.48
N GLY A 162 17.08 -3.35 -2.59
CA GLY A 162 17.24 -1.92 -2.75
C GLY A 162 16.33 -1.17 -1.79
N ALA A 163 15.29 -1.83 -1.33
CA ALA A 163 14.36 -1.25 -0.39
C ALA A 163 14.69 -1.71 1.01
N HIS A 164 14.84 -0.79 1.92
CA HIS A 164 15.13 -1.15 3.31
C HIS A 164 13.88 -0.99 4.17
N CYS A 165 12.78 -0.78 3.52
CA CYS A 165 11.49 -0.62 4.13
C CYS A 165 10.51 -1.53 3.41
N PRO A 166 9.35 -1.85 4.03
CA PRO A 166 8.32 -2.67 3.39
C PRO A 166 7.90 -2.13 2.03
N THR A 167 8.00 -2.97 1.05
CA THR A 167 7.60 -2.69 -0.27
C THR A 167 6.14 -3.13 -0.35
N PHE A 168 5.25 -2.18 -0.47
CA PHE A 168 3.84 -2.48 -0.37
C PHE A 168 3.29 -3.04 -1.67
N VAL A 169 2.47 -4.03 -1.51
CA VAL A 169 1.84 -4.77 -2.57
C VAL A 169 0.37 -4.37 -2.62
N TYR A 170 -0.01 -3.67 -3.66
CA TYR A 170 -1.39 -3.22 -3.80
C TYR A 170 -1.90 -3.47 -5.20
N VAL A 171 -3.20 -3.53 -5.31
CA VAL A 171 -3.86 -3.73 -6.56
C VAL A 171 -4.35 -2.36 -7.07
N LYS A 172 -3.84 -1.94 -8.22
CA LYS A 172 -4.15 -0.61 -8.77
C LYS A 172 -5.57 -0.57 -9.28
N SER A 173 -5.84 -1.48 -10.19
CA SER A 173 -7.10 -1.55 -10.88
C SER A 173 -8.21 -2.16 -10.02
N GLY A 174 -7.82 -2.72 -8.90
CA GLY A 174 -8.76 -3.43 -8.08
C GLY A 174 -9.16 -2.72 -6.83
N TYR A 175 -8.47 -1.65 -6.50
CA TYR A 175 -8.77 -0.90 -5.30
C TYR A 175 -9.63 0.27 -5.62
N LYS A 176 -10.12 0.93 -4.60
CA LYS A 176 -10.99 2.04 -4.78
C LYS A 176 -10.17 3.28 -4.99
N VAL A 177 -10.09 3.68 -6.21
CA VAL A 177 -9.36 4.86 -6.55
C VAL A 177 -10.30 6.03 -6.35
N VAL A 178 -10.11 6.71 -5.26
CA VAL A 178 -10.94 7.81 -4.91
C VAL A 178 -10.24 9.04 -5.33
N LYS A 179 -10.75 9.65 -6.32
CA LYS A 179 -10.14 10.79 -6.87
C LYS A 179 -10.89 12.05 -6.42
N PHE A 180 -10.28 12.76 -5.49
CA PHE A 180 -10.86 13.98 -4.95
C PHE A 180 -10.48 15.17 -5.78
N LEU A 181 -11.45 15.59 -6.55
CA LEU A 181 -11.43 16.75 -7.43
C LEU A 181 -12.69 16.58 -8.24
N GLU A 182 -13.15 17.62 -8.90
CA GLU A 182 -14.39 17.56 -9.65
C GLU A 182 -14.36 16.49 -10.72
N HIS A 183 -13.29 16.48 -11.55
CA HIS A 183 -13.15 15.54 -12.67
C HIS A 183 -14.33 15.70 -13.59
N HIS A 184 -14.55 16.95 -13.94
CA HIS A 184 -15.74 17.40 -14.64
C HIS A 184 -15.78 16.96 -16.11
N HIS A 185 -14.66 16.44 -16.63
CA HIS A 185 -14.59 15.94 -18.02
C HIS A 185 -15.67 14.88 -18.26
N HIS A 186 -16.60 15.24 -19.09
CA HIS A 186 -17.76 14.40 -19.39
C HIS A 186 -17.59 13.64 -20.70
N HIS A 187 -16.79 14.19 -21.57
CA HIS A 187 -16.55 13.58 -22.85
C HIS A 187 -15.13 13.04 -22.88
N HIS A 188 -14.93 11.93 -23.53
CA HIS A 188 -13.61 11.41 -23.72
C HIS A 188 -13.20 11.57 -25.16
N MET A 1 -5.50 15.75 -4.05
CA MET A 1 -4.60 14.60 -3.93
C MET A 1 -5.31 13.34 -4.35
N ILE A 2 -4.57 12.39 -4.84
CA ILE A 2 -5.13 11.13 -5.31
C ILE A 2 -4.86 10.09 -4.24
N VAL A 3 -5.82 9.24 -3.98
CA VAL A 3 -5.64 8.24 -2.98
C VAL A 3 -6.32 6.93 -3.41
N TYR A 4 -5.67 5.83 -3.09
CA TYR A 4 -6.21 4.53 -3.35
C TYR A 4 -6.89 4.04 -2.11
N LYS A 5 -8.17 3.82 -2.22
CA LYS A 5 -8.94 3.38 -1.10
C LYS A 5 -9.38 1.94 -1.31
N ASP A 6 -9.17 1.14 -0.30
CA ASP A 6 -9.45 -0.29 -0.32
C ASP A 6 -10.93 -0.59 -0.52
N VAL A 7 -11.20 -1.71 -1.16
CA VAL A 7 -12.55 -2.16 -1.48
C VAL A 7 -13.20 -2.71 -0.23
N ILE A 8 -12.43 -3.38 0.58
CA ILE A 8 -12.95 -4.09 1.73
C ILE A 8 -13.25 -3.11 2.88
N SER A 9 -12.24 -2.38 3.31
CA SER A 9 -12.36 -1.43 4.42
C SER A 9 -13.01 -0.14 3.96
N GLY A 10 -12.60 0.32 2.80
CA GLY A 10 -13.03 1.59 2.31
C GLY A 10 -12.09 2.69 2.77
N ASP A 11 -10.99 2.29 3.39
CA ASP A 11 -10.05 3.24 3.94
C ASP A 11 -8.87 3.40 2.98
N GLU A 12 -7.84 4.08 3.40
CA GLU A 12 -6.74 4.44 2.54
C GLU A 12 -5.59 3.47 2.68
N VAL A 13 -5.10 3.00 1.55
CA VAL A 13 -3.96 2.11 1.55
C VAL A 13 -2.68 2.84 1.17
N VAL A 14 -2.81 3.92 0.38
CA VAL A 14 -1.65 4.71 -0.06
C VAL A 14 -2.18 5.93 -0.84
N SER A 15 -1.41 6.99 -0.87
CA SER A 15 -1.77 8.16 -1.61
C SER A 15 -0.71 8.40 -2.70
N ASP A 16 -1.02 9.26 -3.67
CA ASP A 16 -0.09 9.57 -4.78
C ASP A 16 1.08 10.45 -4.29
N ALA A 17 0.94 10.93 -3.06
CA ALA A 17 1.98 11.72 -2.40
C ALA A 17 3.08 10.79 -1.87
N LEU A 18 2.85 9.50 -1.96
CA LEU A 18 3.79 8.50 -1.52
C LEU A 18 4.47 7.87 -2.77
N LYS A 19 5.41 6.96 -2.56
CA LYS A 19 6.18 6.41 -3.69
C LYS A 19 5.44 5.23 -4.32
N ILE A 20 4.90 5.46 -5.49
CA ILE A 20 4.15 4.45 -6.20
C ILE A 20 4.91 4.03 -7.46
N THR A 21 5.30 2.80 -7.52
CA THR A 21 6.03 2.28 -8.65
C THR A 21 5.14 1.32 -9.45
N PRO A 22 5.09 1.46 -10.78
CA PRO A 22 4.37 0.51 -11.61
C PRO A 22 5.12 -0.82 -11.62
N VAL A 23 4.42 -1.94 -11.46
CA VAL A 23 5.11 -3.22 -11.35
C VAL A 23 5.69 -3.65 -12.68
N MET A 24 6.98 -3.57 -12.75
CA MET A 24 7.72 -4.05 -13.88
C MET A 24 8.76 -5.01 -13.35
N GLU A 25 8.60 -6.28 -13.60
CA GLU A 25 9.54 -7.25 -13.10
C GLU A 25 10.16 -8.05 -14.24
N GLY A 26 11.03 -8.97 -13.91
CA GLY A 26 11.73 -9.75 -14.91
C GLY A 26 10.81 -10.64 -15.73
N GLY A 27 10.81 -10.40 -17.02
CA GLY A 27 10.03 -11.21 -17.91
C GLY A 27 8.86 -10.47 -18.47
N GLU A 28 8.08 -9.83 -17.62
CA GLU A 28 6.86 -9.20 -18.04
C GLU A 28 6.62 -7.91 -17.28
N GLU A 29 5.97 -6.97 -17.92
CA GLU A 29 5.48 -5.81 -17.21
C GLU A 29 4.15 -6.24 -16.62
N VAL A 30 3.82 -5.78 -15.47
CA VAL A 30 2.64 -6.26 -14.82
C VAL A 30 1.58 -5.15 -14.72
N PRO A 31 0.55 -5.20 -15.58
CA PRO A 31 -0.54 -4.25 -15.58
C PRO A 31 -1.56 -4.52 -14.45
N GLY A 32 -2.13 -3.46 -13.94
CA GLY A 32 -3.15 -3.57 -12.95
C GLY A 32 -2.63 -3.53 -11.54
N LEU A 33 -1.34 -3.53 -11.40
CA LEU A 33 -0.71 -3.61 -10.11
C LEU A 33 0.36 -2.55 -9.95
N PHE A 34 0.55 -2.11 -8.73
CA PHE A 34 1.60 -1.17 -8.43
C PHE A 34 2.24 -1.61 -7.14
N GLU A 35 3.44 -1.28 -6.99
CA GLU A 35 4.18 -1.61 -5.85
C GLU A 35 4.52 -0.30 -5.16
N VAL A 36 4.76 -0.34 -3.91
CA VAL A 36 5.14 0.85 -3.22
C VAL A 36 6.54 0.69 -2.71
N ASP A 37 7.41 1.52 -3.25
CA ASP A 37 8.81 1.54 -2.90
C ASP A 37 8.97 2.15 -1.54
N SER A 38 9.79 1.57 -0.73
CA SER A 38 10.00 2.06 0.56
C SER A 38 11.28 2.91 0.61
N ALA A 39 11.17 4.07 1.24
CA ALA A 39 12.25 5.01 1.36
C ALA A 39 12.14 5.68 2.71
N MET A 40 13.24 5.74 3.39
CA MET A 40 13.29 6.24 4.75
C MET A 40 13.35 7.75 4.84
N VAL A 41 12.80 8.22 5.92
CA VAL A 41 12.85 9.61 6.34
C VAL A 41 13.25 9.63 7.81
N ALA A 42 13.94 10.66 8.23
CA ALA A 42 14.36 10.80 9.61
C ALA A 42 13.17 11.19 10.49
N VAL A 43 12.80 10.30 11.38
CA VAL A 43 11.70 10.51 12.28
C VAL A 43 12.25 10.60 13.71
N GLY A 44 11.68 11.48 14.49
CA GLY A 44 12.03 11.57 15.88
C GLY A 44 11.33 10.48 16.64
N GLY A 45 12.05 9.72 17.41
CA GLY A 45 11.48 8.61 18.09
C GLY A 45 11.73 8.66 19.57
N GLY A 46 11.56 9.83 20.13
CA GLY A 46 11.75 10.02 21.53
C GLY A 46 13.21 10.08 21.91
N ASP A 47 13.60 9.29 22.87
CA ASP A 47 14.97 9.27 23.36
C ASP A 47 15.82 8.41 22.45
N ILE A 48 15.21 7.32 21.98
CA ILE A 48 15.78 6.36 21.01
C ILE A 48 16.84 5.42 21.65
N ASP A 49 17.79 6.01 22.38
CA ASP A 49 18.91 5.31 23.09
C ASP A 49 19.97 4.76 22.16
N ILE A 50 19.58 3.80 21.34
CA ILE A 50 20.46 3.08 20.41
C ILE A 50 21.45 2.19 21.16
N GLY A 51 21.12 0.93 21.22
CA GLY A 51 21.97 -0.03 21.84
C GLY A 51 22.29 -1.12 20.86
N CYS A 52 23.55 -1.45 20.74
CA CYS A 52 23.98 -2.52 19.89
C CYS A 52 23.48 -3.85 20.43
N GLY A 53 22.64 -4.51 19.65
CA GLY A 53 21.98 -5.72 20.07
C GLY A 53 22.85 -6.95 19.95
N ASN A 54 23.92 -6.96 20.70
CA ASN A 54 24.88 -8.06 20.73
C ASN A 54 24.22 -9.30 21.29
N ALA A 55 23.36 -9.10 22.28
CA ALA A 55 22.69 -10.19 22.97
C ALA A 55 21.54 -10.77 22.13
N PHE A 56 21.21 -10.10 21.04
CA PHE A 56 20.18 -10.56 20.11
C PHE A 56 20.83 -11.35 18.99
N GLY A 57 22.09 -11.03 18.71
CA GLY A 57 22.82 -11.67 17.66
C GLY A 57 22.67 -10.91 16.37
N GLY A 58 21.54 -11.05 15.74
CA GLY A 58 21.27 -10.36 14.51
C GLY A 58 20.35 -9.19 14.72
N ALA A 59 20.89 -8.16 15.34
CA ALA A 59 20.15 -6.94 15.58
C ALA A 59 20.15 -6.11 14.33
N GLY A 60 18.99 -5.84 13.84
CA GLY A 60 18.85 -5.16 12.59
C GLY A 60 18.55 -6.16 11.54
N ASP A 61 17.29 -6.51 11.43
CA ASP A 61 16.81 -7.57 10.55
C ASP A 61 17.05 -7.21 9.10
N ASP A 62 16.66 -6.01 8.76
CA ASP A 62 16.85 -5.48 7.41
C ASP A 62 18.27 -4.95 7.25
N GLU A 63 18.90 -4.72 8.39
CA GLU A 63 20.24 -4.15 8.51
C GLU A 63 20.29 -2.73 7.94
N GLY A 64 19.83 -1.80 8.73
CA GLY A 64 19.80 -0.42 8.35
C GLY A 64 19.86 0.45 9.56
N ALA A 65 18.67 0.81 10.07
CA ALA A 65 18.49 1.66 11.26
C ALA A 65 19.16 3.05 11.09
N ASP A 66 19.31 3.74 12.20
CA ASP A 66 20.01 5.04 12.25
C ASP A 66 20.33 5.30 13.69
N ASP A 67 21.44 5.97 13.96
CA ASP A 67 21.90 6.18 15.33
C ASP A 67 21.38 7.46 15.95
N ALA A 68 20.98 8.40 15.14
CA ALA A 68 20.55 9.69 15.66
C ALA A 68 19.05 9.79 15.68
N THR A 69 18.44 9.27 14.66
CA THR A 69 17.01 9.33 14.50
C THR A 69 16.50 7.94 14.21
N GLN A 70 15.22 7.79 14.15
CA GLN A 70 14.66 6.58 13.72
C GLN A 70 14.25 6.78 12.30
N LYS A 71 14.89 6.13 11.40
CA LYS A 71 14.54 6.29 10.03
C LYS A 71 13.62 5.21 9.63
N GLU A 72 12.47 5.61 9.19
CA GLU A 72 11.43 4.71 8.82
C GLU A 72 10.88 5.21 7.50
N ASN A 73 10.13 4.38 6.85
CA ASN A 73 9.58 4.67 5.54
C ASN A 73 8.50 5.73 5.60
N ASN A 74 8.53 6.63 4.62
CA ASN A 74 7.59 7.75 4.50
C ASN A 74 6.17 7.27 4.23
N VAL A 75 6.07 6.09 3.67
CA VAL A 75 4.80 5.51 3.30
C VAL A 75 4.10 4.94 4.54
N SER A 76 4.87 4.33 5.41
CA SER A 76 4.34 3.74 6.58
C SER A 76 4.12 4.79 7.66
N GLY A 77 5.19 5.54 7.99
CA GLY A 77 5.15 6.64 8.96
C GLY A 77 4.43 6.28 10.26
N PRO A 78 5.14 5.76 11.28
CA PRO A 78 4.53 5.33 12.57
C PRO A 78 3.71 6.44 13.26
N SER A 79 4.08 7.67 13.01
CA SER A 79 3.41 8.82 13.56
C SER A 79 2.17 9.24 12.73
N SER A 80 2.13 8.86 11.46
CA SER A 80 1.03 9.28 10.60
C SER A 80 0.05 8.14 10.28
N PHE A 81 0.44 7.23 9.40
CA PHE A 81 -0.44 6.15 8.97
C PHE A 81 -0.34 4.97 9.92
N ALA A 82 0.89 4.71 10.39
CA ALA A 82 1.20 3.63 11.34
C ALA A 82 0.83 2.24 10.81
N TYR A 83 1.76 1.64 10.14
CA TYR A 83 1.55 0.31 9.59
C TYR A 83 1.86 -0.71 10.64
N THR A 84 0.84 -1.36 11.11
CA THR A 84 0.94 -2.31 12.18
C THR A 84 1.04 -3.73 11.61
N ALA A 85 2.07 -4.45 12.03
CA ALA A 85 2.36 -5.78 11.52
C ALA A 85 1.45 -6.86 12.10
N MET A 86 1.08 -7.77 11.24
CA MET A 86 0.30 -8.95 11.54
C MET A 86 0.93 -10.12 10.78
N PRO A 87 1.43 -11.14 11.48
CA PRO A 87 2.08 -12.27 10.84
C PRO A 87 1.10 -13.35 10.33
N PHE A 88 1.19 -13.66 9.07
CA PHE A 88 0.40 -14.71 8.44
C PHE A 88 1.25 -15.42 7.42
N SER A 89 1.27 -16.72 7.48
CA SER A 89 1.97 -17.50 6.50
C SER A 89 0.94 -18.03 5.50
N SER A 90 0.03 -18.83 6.02
CA SER A 90 -1.09 -19.38 5.29
C SER A 90 -2.07 -20.02 6.27
N LYS A 91 -2.84 -19.17 6.90
CA LYS A 91 -3.79 -19.59 7.91
C LYS A 91 -5.12 -19.96 7.26
N GLY A 92 -5.86 -20.88 7.85
CA GLY A 92 -7.11 -21.38 7.28
C GLY A 92 -8.17 -20.31 7.06
N GLU A 93 -8.42 -19.51 8.09
CA GLU A 93 -9.41 -18.44 7.99
C GLU A 93 -8.86 -17.29 7.13
N PHE A 94 -7.56 -17.25 7.03
CA PHE A 94 -6.86 -16.30 6.16
C PHE A 94 -7.12 -16.66 4.70
N LYS A 95 -7.26 -17.95 4.42
CA LYS A 95 -7.59 -18.43 3.08
C LYS A 95 -8.98 -17.94 2.70
N SER A 96 -9.89 -17.93 3.67
CA SER A 96 -11.23 -17.43 3.47
C SER A 96 -11.17 -15.94 3.11
N TRP A 97 -10.26 -15.22 3.77
CA TRP A 97 -10.04 -13.81 3.49
C TRP A 97 -9.53 -13.63 2.07
N VAL A 98 -8.56 -14.46 1.67
CA VAL A 98 -7.98 -14.41 0.31
C VAL A 98 -9.06 -14.55 -0.77
N LYS A 99 -9.93 -15.53 -0.60
CA LYS A 99 -11.03 -15.76 -1.55
C LYS A 99 -12.00 -14.59 -1.58
N ASP A 100 -12.37 -14.09 -0.41
CA ASP A 100 -13.27 -12.93 -0.29
C ASP A 100 -12.65 -11.69 -0.90
N TYR A 101 -11.37 -11.50 -0.67
CA TYR A 101 -10.63 -10.37 -1.18
C TYR A 101 -10.67 -10.33 -2.71
N VAL A 102 -10.23 -11.42 -3.32
CA VAL A 102 -10.16 -11.53 -4.79
C VAL A 102 -11.58 -11.42 -5.41
N ARG A 103 -12.57 -11.94 -4.69
CA ARG A 103 -13.95 -11.87 -5.12
C ARG A 103 -14.44 -10.44 -5.11
N ASN A 104 -14.18 -9.72 -4.00
CA ASN A 104 -14.61 -8.31 -3.85
C ASN A 104 -13.93 -7.41 -4.86
N VAL A 105 -12.72 -7.78 -5.26
CA VAL A 105 -12.02 -7.06 -6.31
C VAL A 105 -12.82 -7.13 -7.63
N ARG A 106 -13.45 -8.28 -7.89
CA ARG A 106 -14.33 -8.42 -9.06
C ARG A 106 -15.55 -7.50 -8.97
N GLN A 107 -16.03 -7.26 -7.74
CA GLN A 107 -17.13 -6.32 -7.53
C GLN A 107 -16.69 -4.90 -7.84
N ALA A 108 -15.45 -4.58 -7.49
CA ALA A 108 -14.88 -3.26 -7.76
C ALA A 108 -14.67 -3.04 -9.26
N LEU A 109 -14.30 -4.12 -9.96
CA LEU A 109 -14.17 -4.11 -11.41
C LEU A 109 -15.49 -3.79 -12.10
N LYS A 110 -16.56 -4.39 -11.61
CA LYS A 110 -17.89 -4.16 -12.19
C LYS A 110 -18.49 -2.84 -11.71
N GLY A 111 -18.27 -2.51 -10.45
CA GLY A 111 -18.84 -1.33 -9.83
C GLY A 111 -18.14 -0.03 -10.21
N SER A 112 -17.10 -0.14 -11.01
CA SER A 112 -16.36 1.04 -11.43
C SER A 112 -17.16 1.86 -12.45
N GLY A 113 -18.11 1.20 -13.14
CA GLY A 113 -18.95 1.86 -14.11
C GLY A 113 -18.18 2.35 -15.33
N VAL A 114 -17.13 1.65 -15.67
CA VAL A 114 -16.28 1.98 -16.81
C VAL A 114 -16.83 1.28 -18.07
N ALA A 115 -16.56 1.86 -19.25
CA ALA A 115 -16.98 1.32 -20.55
C ALA A 115 -16.61 -0.16 -20.71
N VAL A 116 -17.50 -0.91 -21.39
CA VAL A 116 -17.40 -2.38 -21.55
C VAL A 116 -16.06 -2.83 -22.13
N GLU A 117 -15.59 -2.08 -23.10
CA GLU A 117 -14.35 -2.38 -23.80
C GLU A 117 -13.17 -2.31 -22.83
N ASP A 118 -13.17 -1.30 -21.99
CA ASP A 118 -12.16 -1.14 -20.95
C ASP A 118 -12.34 -2.20 -19.88
N ILE A 119 -13.58 -2.59 -19.62
CA ILE A 119 -13.90 -3.65 -18.64
C ILE A 119 -13.26 -4.97 -19.08
N LYS A 120 -13.25 -5.24 -20.37
CA LYS A 120 -12.64 -6.46 -20.90
C LYS A 120 -11.13 -6.45 -20.67
N LYS A 121 -10.53 -5.28 -20.77
CA LYS A 121 -9.10 -5.12 -20.49
C LYS A 121 -8.83 -5.16 -19.00
N PHE A 122 -9.78 -4.67 -18.26
CA PHE A 122 -9.76 -4.63 -16.81
C PHE A 122 -9.84 -6.11 -16.30
N MET A 123 -10.60 -6.92 -17.02
CA MET A 123 -10.73 -8.36 -16.76
C MET A 123 -9.43 -9.08 -17.08
N GLU A 124 -8.65 -8.53 -17.98
CA GLU A 124 -7.35 -9.09 -18.32
C GLU A 124 -6.35 -8.80 -17.21
N GLU A 125 -6.57 -7.72 -16.52
CA GLU A 125 -5.75 -7.35 -15.38
C GLU A 125 -6.09 -8.24 -14.16
N ALA A 126 -7.30 -8.78 -14.14
CA ALA A 126 -7.78 -9.64 -13.04
C ALA A 126 -6.88 -10.88 -12.70
N PRO A 127 -6.53 -11.79 -13.67
CA PRO A 127 -5.64 -12.95 -13.39
C PRO A 127 -4.21 -12.46 -13.09
N THR A 128 -3.90 -11.28 -13.59
CA THR A 128 -2.61 -10.68 -13.42
C THR A 128 -2.44 -10.25 -11.95
N PHE A 129 -3.54 -9.77 -11.33
CA PHE A 129 -3.55 -9.41 -9.90
C PHE A 129 -3.16 -10.63 -9.10
N VAL A 130 -3.82 -11.73 -9.40
CA VAL A 130 -3.62 -12.99 -8.70
C VAL A 130 -2.18 -13.50 -8.84
N LYS A 131 -1.64 -13.44 -10.07
CA LYS A 131 -0.28 -13.92 -10.37
C LYS A 131 0.77 -13.33 -9.42
N TRP A 132 0.81 -12.01 -9.37
CA TRP A 132 1.83 -11.29 -8.62
C TRP A 132 1.65 -11.48 -7.11
N LEU A 133 0.40 -11.59 -6.66
CA LEU A 133 0.12 -11.85 -5.25
C LEU A 133 0.64 -13.24 -4.85
N VAL A 134 0.44 -14.21 -5.75
CA VAL A 134 0.90 -15.58 -5.52
C VAL A 134 2.44 -15.66 -5.50
N ASP A 135 3.10 -14.91 -6.37
CA ASP A 135 4.56 -14.92 -6.43
C ASP A 135 5.23 -14.32 -5.21
N LYS A 136 4.53 -13.43 -4.53
CA LYS A 136 5.10 -12.80 -3.35
C LYS A 136 4.57 -13.45 -2.07
N TYR A 137 3.56 -14.33 -2.22
CA TYR A 137 2.75 -14.93 -1.13
C TYR A 137 3.58 -15.43 0.07
N ASP A 138 4.58 -16.25 -0.18
CA ASP A 138 5.40 -16.84 0.88
C ASP A 138 6.45 -15.88 1.46
N ASP A 139 6.47 -14.66 0.99
CA ASP A 139 7.36 -13.64 1.53
C ASP A 139 6.58 -12.51 2.15
N LEU A 140 5.28 -12.67 2.23
CA LEU A 140 4.44 -11.62 2.69
C LEU A 140 4.31 -11.50 4.20
N GLU A 141 4.51 -10.30 4.64
CA GLU A 141 4.21 -9.88 5.97
C GLU A 141 3.06 -8.96 5.83
N PHE A 142 2.19 -8.95 6.76
CA PHE A 142 0.99 -8.19 6.60
C PHE A 142 0.96 -7.03 7.52
N PHE A 143 0.47 -5.95 7.00
CA PHE A 143 0.36 -4.72 7.73
C PHE A 143 -1.04 -4.16 7.59
N MET A 144 -1.32 -3.17 8.37
CA MET A 144 -2.60 -2.46 8.33
C MET A 144 -2.27 -1.04 8.64
N SER A 145 -3.07 -0.10 8.22
CA SER A 145 -2.88 1.24 8.67
C SER A 145 -3.63 1.38 10.00
N LYS A 146 -3.43 2.47 10.70
CA LYS A 146 -4.03 2.70 12.01
C LYS A 146 -5.58 2.64 11.93
N SER A 147 -6.11 3.02 10.80
CA SER A 147 -7.52 3.04 10.54
C SER A 147 -8.10 1.72 9.95
N MET A 148 -7.27 0.72 9.66
CA MET A 148 -7.79 -0.51 9.02
C MET A 148 -7.86 -1.72 9.96
N ASN A 149 -8.31 -2.86 9.42
CA ASN A 149 -8.56 -4.09 10.20
C ASN A 149 -7.95 -5.26 9.40
N PRO A 150 -7.57 -6.40 10.01
CA PRO A 150 -7.03 -7.55 9.24
C PRO A 150 -8.08 -8.19 8.32
N ASP A 151 -9.34 -7.92 8.59
CA ASP A 151 -10.43 -8.41 7.75
C ASP A 151 -10.69 -7.47 6.61
N ALA A 152 -10.32 -6.22 6.79
CA ALA A 152 -10.60 -5.19 5.84
C ALA A 152 -9.44 -4.23 5.78
N GLY A 153 -8.64 -4.32 4.73
CA GLY A 153 -7.47 -3.47 4.63
C GLY A 153 -6.22 -4.14 5.15
N LEU A 154 -6.04 -5.41 4.81
CA LEU A 154 -4.85 -6.11 5.20
C LEU A 154 -3.83 -5.98 4.06
N ILE A 155 -2.77 -5.29 4.36
CA ILE A 155 -1.74 -4.92 3.41
C ILE A 155 -0.73 -6.05 3.24
N PHE A 156 -0.45 -6.39 2.00
CA PHE A 156 0.56 -7.37 1.65
C PHE A 156 1.90 -6.63 1.56
N SER A 157 2.94 -7.14 2.16
CA SER A 157 4.26 -6.49 2.10
C SER A 157 5.36 -7.54 2.09
N TYR A 158 6.48 -7.24 1.46
CA TYR A 158 7.63 -8.13 1.48
C TYR A 158 8.88 -7.28 1.48
N TYR A 159 10.01 -7.86 1.78
CA TYR A 159 11.25 -7.09 1.77
C TYR A 159 11.99 -7.36 0.50
N LYS A 160 12.02 -6.38 -0.38
CA LYS A 160 12.81 -6.51 -1.57
C LYS A 160 14.29 -6.29 -1.21
N GLU A 161 15.19 -6.85 -1.99
CA GLU A 161 16.61 -6.68 -1.78
C GLU A 161 17.01 -5.20 -1.82
N GLY A 162 17.57 -4.73 -0.74
CA GLY A 162 17.99 -3.36 -0.64
C GLY A 162 16.97 -2.51 0.09
N ALA A 163 15.75 -2.98 0.16
CA ALA A 163 14.69 -2.27 0.83
C ALA A 163 14.75 -2.62 2.29
N HIS A 164 14.83 -1.63 3.12
CA HIS A 164 14.94 -1.82 4.54
C HIS A 164 13.59 -1.86 5.20
N CYS A 165 12.71 -1.06 4.69
CA CYS A 165 11.37 -1.06 5.16
C CYS A 165 10.55 -1.92 4.21
N PRO A 166 9.45 -2.53 4.70
CA PRO A 166 8.57 -3.36 3.88
C PRO A 166 8.11 -2.69 2.58
N THR A 167 8.28 -3.38 1.50
CA THR A 167 7.87 -2.95 0.20
C THR A 167 6.41 -3.40 0.07
N PHE A 168 5.52 -2.48 -0.17
CA PHE A 168 4.10 -2.79 -0.10
C PHE A 168 3.55 -3.23 -1.44
N VAL A 169 2.76 -4.27 -1.39
CA VAL A 169 2.17 -4.89 -2.53
C VAL A 169 0.70 -4.48 -2.61
N TYR A 170 0.35 -3.74 -3.65
CA TYR A 170 -1.00 -3.24 -3.82
C TYR A 170 -1.59 -3.50 -5.20
N VAL A 171 -2.89 -3.49 -5.26
CA VAL A 171 -3.61 -3.73 -6.50
C VAL A 171 -4.08 -2.37 -7.09
N LYS A 172 -3.44 -1.93 -8.18
CA LYS A 172 -3.70 -0.59 -8.78
C LYS A 172 -5.12 -0.45 -9.24
N SER A 173 -5.52 -1.35 -10.09
CA SER A 173 -6.82 -1.29 -10.67
C SER A 173 -7.88 -1.98 -9.78
N GLY A 174 -7.46 -2.45 -8.63
CA GLY A 174 -8.36 -3.20 -7.79
C GLY A 174 -9.04 -2.32 -6.79
N TYR A 175 -8.38 -1.25 -6.41
CA TYR A 175 -8.95 -0.36 -5.41
C TYR A 175 -9.62 0.78 -6.09
N LYS A 176 -10.35 1.55 -5.34
CA LYS A 176 -11.04 2.67 -5.87
C LYS A 176 -10.13 3.88 -5.84
N VAL A 177 -9.92 4.46 -6.99
CA VAL A 177 -9.09 5.62 -7.10
C VAL A 177 -9.95 6.83 -6.90
N VAL A 178 -9.86 7.41 -5.73
CA VAL A 178 -10.69 8.53 -5.39
C VAL A 178 -9.84 9.78 -5.43
N LYS A 179 -10.36 10.80 -6.07
CA LYS A 179 -9.63 12.02 -6.24
C LYS A 179 -10.19 13.06 -5.30
N PHE A 180 -9.45 13.39 -4.28
CA PHE A 180 -9.88 14.42 -3.38
C PHE A 180 -9.41 15.77 -3.81
N LEU A 181 -10.21 16.78 -3.46
CA LEU A 181 -10.05 18.20 -3.86
C LEU A 181 -10.62 18.42 -5.28
N GLU A 182 -11.29 17.38 -5.78
CA GLU A 182 -11.95 17.40 -7.05
C GLU A 182 -13.39 17.87 -6.92
N HIS A 183 -14.13 17.87 -8.01
CA HIS A 183 -15.46 18.49 -8.03
C HIS A 183 -16.58 17.50 -7.75
N HIS A 184 -16.22 16.39 -7.15
CA HIS A 184 -17.19 15.37 -6.73
C HIS A 184 -16.93 15.15 -5.24
N HIS A 185 -16.46 16.20 -4.60
CA HIS A 185 -16.03 16.13 -3.23
C HIS A 185 -17.18 16.34 -2.25
N HIS A 186 -18.00 15.32 -2.14
CA HIS A 186 -19.07 15.29 -1.14
C HIS A 186 -18.63 14.35 -0.03
N HIS A 187 -17.47 13.77 -0.23
CA HIS A 187 -16.85 12.87 0.72
C HIS A 187 -16.02 13.68 1.68
N HIS A 188 -15.43 13.03 2.65
CA HIS A 188 -14.58 13.69 3.62
C HIS A 188 -13.29 14.12 2.94
N MET A 1 -6.31 15.40 -4.33
CA MET A 1 -5.35 14.31 -4.31
C MET A 1 -6.08 13.00 -4.58
N ILE A 2 -5.44 12.13 -5.31
CA ILE A 2 -5.95 10.85 -5.64
C ILE A 2 -5.53 9.88 -4.56
N VAL A 3 -6.46 9.14 -4.06
CA VAL A 3 -6.19 8.20 -3.03
C VAL A 3 -6.81 6.85 -3.40
N TYR A 4 -6.09 5.80 -3.12
CA TYR A 4 -6.57 4.47 -3.31
C TYR A 4 -7.14 3.99 -2.00
N LYS A 5 -8.42 3.77 -1.97
CA LYS A 5 -9.06 3.28 -0.78
C LYS A 5 -9.30 1.79 -0.93
N ASP A 6 -9.13 1.08 0.16
CA ASP A 6 -9.34 -0.36 0.18
C ASP A 6 -10.83 -0.67 0.13
N VAL A 7 -11.16 -1.75 -0.51
CA VAL A 7 -12.53 -2.15 -0.72
C VAL A 7 -13.06 -2.83 0.55
N ILE A 8 -12.18 -3.48 1.28
CA ILE A 8 -12.59 -4.26 2.43
C ILE A 8 -12.81 -3.34 3.67
N SER A 9 -11.78 -2.61 4.05
CA SER A 9 -11.83 -1.73 5.21
C SER A 9 -12.52 -0.42 4.91
N GLY A 10 -12.28 0.08 3.72
CA GLY A 10 -12.77 1.37 3.34
C GLY A 10 -11.81 2.43 3.75
N ASP A 11 -10.62 2.02 4.15
CA ASP A 11 -9.59 2.93 4.62
C ASP A 11 -8.62 3.23 3.45
N GLU A 12 -7.58 3.98 3.69
CA GLU A 12 -6.72 4.46 2.60
C GLU A 12 -5.38 3.75 2.62
N VAL A 13 -5.01 3.17 1.49
CA VAL A 13 -3.76 2.41 1.38
C VAL A 13 -2.59 3.23 0.83
N VAL A 14 -2.88 4.22 -0.03
CA VAL A 14 -1.83 5.04 -0.62
C VAL A 14 -2.46 6.27 -1.33
N SER A 15 -1.69 7.32 -1.56
CA SER A 15 -2.15 8.51 -2.23
C SER A 15 -1.01 9.09 -3.09
N ASP A 16 -1.27 10.21 -3.82
CA ASP A 16 -0.24 10.89 -4.69
C ASP A 16 0.99 11.28 -3.91
N ALA A 17 0.81 11.57 -2.63
CA ALA A 17 1.89 12.03 -1.77
C ALA A 17 2.90 10.93 -1.49
N LEU A 18 2.51 9.71 -1.77
CA LEU A 18 3.33 8.57 -1.48
C LEU A 18 3.85 7.99 -2.78
N LYS A 19 4.81 7.10 -2.67
CA LYS A 19 5.42 6.46 -3.82
C LYS A 19 4.53 5.40 -4.45
N ILE A 20 4.00 5.74 -5.59
CA ILE A 20 3.24 4.83 -6.39
C ILE A 20 4.10 4.49 -7.60
N THR A 21 4.59 3.30 -7.62
CA THR A 21 5.47 2.84 -8.65
C THR A 21 4.86 1.62 -9.37
N PRO A 22 5.27 1.32 -10.60
CA PRO A 22 4.76 0.17 -11.32
C PRO A 22 5.46 -1.13 -10.91
N VAL A 23 4.87 -2.21 -11.31
CA VAL A 23 5.41 -3.53 -11.05
C VAL A 23 6.31 -3.94 -12.20
N MET A 24 7.58 -4.04 -11.96
CA MET A 24 8.47 -4.54 -12.97
C MET A 24 8.82 -5.97 -12.67
N GLU A 25 8.30 -6.87 -13.47
CA GLU A 25 8.58 -8.28 -13.38
C GLU A 25 9.11 -8.72 -14.72
N GLY A 26 10.35 -9.16 -14.74
CA GLY A 26 10.97 -9.58 -15.98
C GLY A 26 11.32 -8.40 -16.89
N GLY A 27 11.25 -7.20 -16.33
CA GLY A 27 11.54 -6.01 -17.07
C GLY A 27 10.30 -5.34 -17.64
N GLU A 28 9.17 -5.99 -17.55
CA GLU A 28 7.93 -5.44 -18.07
C GLU A 28 6.98 -5.12 -16.94
N GLU A 29 5.91 -4.40 -17.24
CA GLU A 29 4.93 -4.08 -16.23
C GLU A 29 3.98 -5.23 -16.05
N VAL A 30 3.42 -5.32 -14.90
CA VAL A 30 2.38 -6.25 -14.65
C VAL A 30 1.09 -5.45 -14.54
N PRO A 31 0.18 -5.59 -15.53
CA PRO A 31 -1.03 -4.79 -15.61
C PRO A 31 -2.01 -4.99 -14.45
N GLY A 32 -2.47 -3.87 -13.91
CA GLY A 32 -3.49 -3.91 -12.89
C GLY A 32 -2.93 -3.84 -11.48
N LEU A 33 -1.65 -3.86 -11.38
CA LEU A 33 -0.99 -3.86 -10.11
C LEU A 33 0.01 -2.74 -10.04
N PHE A 34 0.39 -2.38 -8.82
CA PHE A 34 1.42 -1.42 -8.61
C PHE A 34 2.15 -1.79 -7.35
N GLU A 35 3.43 -1.69 -7.39
CA GLU A 35 4.23 -2.03 -6.26
C GLU A 35 4.67 -0.74 -5.66
N VAL A 36 4.86 -0.71 -4.40
CA VAL A 36 5.31 0.48 -3.81
C VAL A 36 6.71 0.28 -3.36
N ASP A 37 7.60 0.99 -3.99
CA ASP A 37 8.99 0.92 -3.67
C ASP A 37 9.17 1.82 -2.47
N SER A 38 10.00 1.43 -1.56
CA SER A 38 10.06 2.14 -0.33
C SER A 38 11.21 3.14 -0.31
N ALA A 39 10.92 4.31 0.18
CA ALA A 39 11.86 5.40 0.20
C ALA A 39 11.78 6.11 1.54
N MET A 40 12.92 6.29 2.15
CA MET A 40 13.02 6.89 3.46
C MET A 40 13.04 8.39 3.33
N VAL A 41 12.05 9.01 3.87
CA VAL A 41 11.94 10.45 3.81
C VAL A 41 12.17 11.03 5.18
N ALA A 42 12.32 12.31 5.24
CA ALA A 42 12.57 12.99 6.46
C ALA A 42 11.31 13.09 7.29
N VAL A 43 11.38 12.55 8.48
CA VAL A 43 10.30 12.63 9.42
C VAL A 43 10.78 13.53 10.55
N GLY A 44 10.44 14.77 10.45
CA GLY A 44 10.85 15.72 11.43
C GLY A 44 9.74 16.03 12.37
N GLY A 45 10.10 16.36 13.59
CA GLY A 45 9.11 16.74 14.58
C GLY A 45 8.67 18.17 14.38
N GLY A 46 7.72 18.37 13.48
CA GLY A 46 7.26 19.70 13.14
C GLY A 46 6.16 20.20 14.04
N ASP A 47 6.05 19.59 15.22
CA ASP A 47 5.09 19.94 16.28
C ASP A 47 5.28 21.40 16.66
N ILE A 48 6.53 21.77 16.83
CA ILE A 48 6.93 23.14 17.07
C ILE A 48 7.93 23.45 15.98
N ASP A 49 7.53 24.21 14.99
CA ASP A 49 8.39 24.48 13.85
C ASP A 49 8.20 25.89 13.35
N ILE A 50 9.26 26.45 12.78
CA ILE A 50 9.24 27.80 12.27
C ILE A 50 8.77 27.77 10.83
N GLY A 51 7.50 27.95 10.64
CA GLY A 51 6.93 27.98 9.32
C GLY A 51 6.00 29.15 9.17
N CYS A 52 4.77 28.86 8.86
CA CYS A 52 3.76 29.88 8.69
C CYS A 52 2.70 29.72 9.78
N GLY A 53 2.82 28.64 10.55
CA GLY A 53 1.84 28.31 11.56
C GLY A 53 0.74 27.50 10.93
N ASN A 54 0.01 28.17 10.08
CA ASN A 54 -1.02 27.58 9.26
C ASN A 54 -1.16 28.49 8.05
N ALA A 55 -0.66 28.02 6.92
CA ALA A 55 -0.70 28.81 5.70
C ALA A 55 -2.10 28.84 5.12
N PHE A 56 -2.54 27.74 4.56
CA PHE A 56 -3.89 27.64 4.02
C PHE A 56 -4.77 26.92 5.03
N GLY A 57 -4.12 26.42 6.04
CA GLY A 57 -4.75 25.66 7.07
C GLY A 57 -3.84 24.53 7.42
N GLY A 58 -4.13 23.37 6.91
CA GLY A 58 -3.26 22.24 7.06
C GLY A 58 -2.22 22.26 5.96
N ALA A 59 -2.61 22.84 4.84
CA ALA A 59 -1.73 22.95 3.70
C ALA A 59 -0.77 24.11 3.92
N GLY A 60 0.48 23.85 3.66
CA GLY A 60 1.52 24.80 3.82
C GLY A 60 2.86 24.11 3.79
N ASP A 61 3.73 24.45 4.71
CA ASP A 61 5.07 23.85 4.76
C ASP A 61 5.54 23.78 6.22
N ASP A 62 4.59 23.65 7.11
CA ASP A 62 4.89 23.63 8.54
C ASP A 62 5.23 22.27 9.06
N GLU A 63 6.43 21.85 8.73
CA GLU A 63 7.06 20.65 9.20
C GLU A 63 8.46 20.59 8.63
N GLY A 64 9.28 21.48 9.09
CA GLY A 64 10.65 21.48 8.71
C GLY A 64 11.47 20.81 9.78
N ALA A 65 11.55 21.45 10.95
CA ALA A 65 12.26 20.98 12.16
C ALA A 65 13.78 21.01 12.02
N ASP A 66 14.27 20.33 11.02
CA ASP A 66 15.69 20.17 10.73
C ASP A 66 15.69 19.54 9.34
N ASP A 67 16.76 18.90 8.94
CA ASP A 67 16.77 18.21 7.66
C ASP A 67 16.04 16.91 7.78
N ALA A 68 16.06 16.35 9.00
CA ALA A 68 15.35 15.14 9.36
C ALA A 68 15.54 14.87 10.82
N THR A 69 14.51 14.44 11.49
CA THR A 69 14.65 13.97 12.83
C THR A 69 14.84 12.45 12.70
N GLN A 70 13.78 11.75 12.36
CA GLN A 70 13.85 10.36 11.98
C GLN A 70 13.75 10.28 10.45
N LYS A 71 13.91 9.09 9.92
CA LYS A 71 13.60 8.81 8.54
C LYS A 71 12.81 7.56 8.54
N GLU A 72 11.83 7.49 7.72
CA GLU A 72 11.01 6.32 7.62
C GLU A 72 10.43 6.33 6.24
N ASN A 73 9.88 5.24 5.82
CA ASN A 73 9.27 5.14 4.52
C ASN A 73 8.06 6.07 4.48
N ASN A 74 8.00 6.86 3.44
CA ASN A 74 6.93 7.86 3.23
C ASN A 74 5.56 7.24 3.23
N VAL A 75 5.48 6.02 2.75
CA VAL A 75 4.23 5.32 2.58
C VAL A 75 3.69 4.81 3.92
N SER A 76 4.59 4.43 4.82
CA SER A 76 4.17 3.97 6.10
C SER A 76 3.86 5.13 7.03
N GLY A 77 4.78 6.13 7.06
CA GLY A 77 4.61 7.38 7.79
C GLY A 77 4.01 7.23 9.19
N PRO A 78 4.82 6.94 10.24
CA PRO A 78 4.33 6.73 11.63
C PRO A 78 3.50 7.89 12.19
N SER A 79 3.77 9.08 11.71
CA SER A 79 3.10 10.27 12.15
C SER A 79 1.79 10.51 11.36
N SER A 80 1.60 9.78 10.27
CA SER A 80 0.44 9.98 9.42
C SER A 80 -0.45 8.74 9.37
N PHE A 81 0.04 7.68 8.75
CA PHE A 81 -0.72 6.45 8.55
C PHE A 81 -0.51 5.46 9.68
N ALA A 82 0.78 5.17 9.95
CA ALA A 82 1.24 4.24 10.99
C ALA A 82 0.81 2.79 10.71
N TYR A 83 1.72 2.01 10.18
CA TYR A 83 1.45 0.63 9.85
C TYR A 83 2.02 -0.31 10.89
N THR A 84 1.25 -1.30 11.23
CA THR A 84 1.63 -2.31 12.20
C THR A 84 1.81 -3.64 11.46
N ALA A 85 2.79 -4.42 11.88
CA ALA A 85 3.13 -5.67 11.23
C ALA A 85 2.38 -6.86 11.82
N MET A 86 2.08 -7.78 10.94
CA MET A 86 1.46 -9.04 11.22
C MET A 86 2.21 -10.12 10.45
N PRO A 87 2.99 -10.97 11.13
CA PRO A 87 3.67 -12.09 10.49
C PRO A 87 2.67 -13.18 10.07
N PHE A 88 3.11 -14.11 9.21
CA PHE A 88 2.28 -15.23 8.72
C PHE A 88 1.50 -15.91 9.82
N SER A 89 0.20 -15.80 9.73
CA SER A 89 -0.70 -16.46 10.60
C SER A 89 -0.99 -17.85 10.01
N SER A 90 -1.12 -17.87 8.67
CA SER A 90 -1.26 -19.07 7.86
C SER A 90 -2.53 -19.90 8.13
N LYS A 91 -3.54 -19.31 8.80
CA LYS A 91 -4.79 -20.03 9.05
C LYS A 91 -5.56 -20.23 7.76
N GLY A 92 -6.46 -21.19 7.73
CA GLY A 92 -7.30 -21.45 6.57
C GLY A 92 -8.28 -20.30 6.33
N GLU A 93 -8.49 -19.52 7.38
CA GLU A 93 -9.32 -18.34 7.36
C GLU A 93 -8.69 -17.26 6.49
N PHE A 94 -7.38 -17.34 6.29
CA PHE A 94 -6.68 -16.41 5.43
C PHE A 94 -7.04 -16.71 3.98
N LYS A 95 -7.34 -17.97 3.69
CA LYS A 95 -7.75 -18.37 2.36
C LYS A 95 -9.18 -17.90 2.11
N SER A 96 -9.98 -17.92 3.16
CA SER A 96 -11.33 -17.40 3.12
C SER A 96 -11.28 -15.87 2.94
N TRP A 97 -10.27 -15.25 3.54
CA TRP A 97 -10.03 -13.83 3.40
C TRP A 97 -9.66 -13.49 1.96
N VAL A 98 -8.71 -14.24 1.37
CA VAL A 98 -8.28 -14.03 -0.03
C VAL A 98 -9.47 -14.19 -0.98
N LYS A 99 -10.30 -15.18 -0.68
CA LYS A 99 -11.53 -15.49 -1.41
C LYS A 99 -12.44 -14.25 -1.43
N ASP A 100 -12.66 -13.69 -0.26
CA ASP A 100 -13.48 -12.49 -0.09
C ASP A 100 -12.83 -11.27 -0.68
N TYR A 101 -11.53 -11.15 -0.49
CA TYR A 101 -10.74 -10.05 -1.00
C TYR A 101 -10.87 -9.95 -2.51
N VAL A 102 -10.57 -11.04 -3.21
CA VAL A 102 -10.62 -11.07 -4.67
C VAL A 102 -12.06 -10.87 -5.17
N ARG A 103 -13.03 -11.42 -4.46
CA ARG A 103 -14.44 -11.29 -4.84
C ARG A 103 -14.91 -9.84 -4.72
N ASN A 104 -14.55 -9.18 -3.62
CA ASN A 104 -14.89 -7.76 -3.41
C ASN A 104 -14.21 -6.90 -4.46
N VAL A 105 -12.98 -7.30 -4.82
CA VAL A 105 -12.22 -6.67 -5.89
C VAL A 105 -12.97 -6.80 -7.22
N ARG A 106 -13.53 -7.98 -7.50
CA ARG A 106 -14.31 -8.23 -8.73
C ARG A 106 -15.50 -7.28 -8.82
N GLN A 107 -16.13 -7.00 -7.70
CA GLN A 107 -17.24 -6.06 -7.67
C GLN A 107 -16.76 -4.62 -7.76
N ALA A 108 -15.51 -4.37 -7.41
CA ALA A 108 -14.92 -3.04 -7.55
C ALA A 108 -14.63 -2.76 -9.03
N LEU A 109 -14.24 -3.82 -9.75
CA LEU A 109 -14.04 -3.77 -11.22
C LEU A 109 -15.33 -3.32 -11.90
N LYS A 110 -16.44 -3.83 -11.42
CA LYS A 110 -17.74 -3.56 -11.99
C LYS A 110 -18.28 -2.22 -11.47
N GLY A 111 -18.18 -2.02 -10.16
CA GLY A 111 -18.73 -0.85 -9.49
C GLY A 111 -18.03 0.46 -9.77
N SER A 112 -16.85 0.39 -10.35
CA SER A 112 -16.16 1.61 -10.72
C SER A 112 -16.74 2.19 -12.00
N GLY A 113 -17.46 1.35 -12.76
CA GLY A 113 -18.12 1.78 -13.98
C GLY A 113 -17.16 2.23 -15.05
N VAL A 114 -16.05 1.56 -15.17
CA VAL A 114 -15.05 1.88 -16.18
C VAL A 114 -15.57 1.44 -17.56
N ALA A 115 -15.09 2.10 -18.63
CA ALA A 115 -15.50 1.84 -20.02
C ALA A 115 -15.42 0.35 -20.40
N VAL A 116 -16.33 -0.08 -21.29
CA VAL A 116 -16.48 -1.51 -21.72
C VAL A 116 -15.16 -2.07 -22.23
N GLU A 117 -14.52 -1.27 -23.06
CA GLU A 117 -13.27 -1.61 -23.67
C GLU A 117 -12.17 -1.87 -22.65
N ASP A 118 -12.11 -0.99 -21.66
CA ASP A 118 -11.16 -1.13 -20.56
C ASP A 118 -11.50 -2.33 -19.75
N ILE A 119 -12.80 -2.57 -19.53
CA ILE A 119 -13.30 -3.72 -18.76
C ILE A 119 -12.81 -5.05 -19.33
N LYS A 120 -12.70 -5.14 -20.66
CA LYS A 120 -12.18 -6.35 -21.31
C LYS A 120 -10.74 -6.58 -20.86
N LYS A 121 -9.93 -5.54 -20.97
CA LYS A 121 -8.52 -5.61 -20.58
C LYS A 121 -8.38 -5.76 -19.05
N PHE A 122 -9.32 -5.18 -18.34
CA PHE A 122 -9.39 -5.13 -16.89
C PHE A 122 -9.65 -6.54 -16.35
N MET A 123 -10.49 -7.28 -17.05
CA MET A 123 -10.78 -8.65 -16.65
C MET A 123 -9.62 -9.58 -16.95
N GLU A 124 -8.74 -9.16 -17.85
CA GLU A 124 -7.50 -9.88 -18.11
C GLU A 124 -6.51 -9.62 -16.97
N GLU A 125 -6.67 -8.48 -16.32
CA GLU A 125 -5.85 -8.10 -15.19
C GLU A 125 -6.26 -8.91 -13.95
N ALA A 126 -7.50 -9.41 -13.94
CA ALA A 126 -8.04 -10.22 -12.81
C ALA A 126 -7.15 -11.46 -12.41
N PRO A 127 -6.82 -12.43 -13.35
CA PRO A 127 -5.93 -13.56 -12.98
C PRO A 127 -4.48 -13.08 -12.76
N THR A 128 -4.18 -11.93 -13.34
CA THR A 128 -2.89 -11.31 -13.23
C THR A 128 -2.65 -10.84 -11.77
N PHE A 129 -3.73 -10.35 -11.12
CA PHE A 129 -3.68 -9.97 -9.71
C PHE A 129 -3.34 -11.19 -8.88
N VAL A 130 -4.08 -12.27 -9.14
CA VAL A 130 -3.98 -13.53 -8.41
C VAL A 130 -2.56 -14.10 -8.46
N LYS A 131 -2.02 -14.29 -9.66
CA LYS A 131 -0.70 -14.89 -9.83
C LYS A 131 0.43 -14.09 -9.15
N TRP A 132 0.38 -12.77 -9.24
CA TRP A 132 1.46 -11.96 -8.69
C TRP A 132 1.43 -11.99 -7.15
N LEU A 133 0.22 -12.10 -6.59
CA LEU A 133 0.07 -12.22 -5.15
C LEU A 133 0.63 -13.56 -4.67
N VAL A 134 0.43 -14.60 -5.49
CA VAL A 134 0.94 -15.93 -5.20
C VAL A 134 2.47 -15.96 -5.32
N ASP A 135 3.01 -15.24 -6.30
CA ASP A 135 4.46 -15.21 -6.53
C ASP A 135 5.25 -14.55 -5.40
N LYS A 136 4.62 -13.67 -4.64
CA LYS A 136 5.29 -13.09 -3.47
C LYS A 136 4.70 -13.60 -2.16
N TYR A 137 3.70 -14.51 -2.24
CA TYR A 137 2.92 -15.03 -1.08
C TYR A 137 3.78 -15.41 0.13
N ASP A 138 4.74 -16.30 -0.08
CA ASP A 138 5.60 -16.80 1.03
C ASP A 138 6.67 -15.80 1.46
N ASP A 139 6.66 -14.65 0.87
CA ASP A 139 7.60 -13.59 1.22
C ASP A 139 6.88 -12.44 1.89
N LEU A 140 5.57 -12.54 2.00
CA LEU A 140 4.76 -11.44 2.45
C LEU A 140 4.65 -11.29 3.96
N GLU A 141 4.84 -10.08 4.37
CA GLU A 141 4.57 -9.60 5.68
C GLU A 141 3.32 -8.81 5.57
N PHE A 142 2.52 -8.85 6.54
CA PHE A 142 1.26 -8.20 6.44
C PHE A 142 1.25 -6.96 7.30
N PHE A 143 0.65 -5.92 6.81
CA PHE A 143 0.59 -4.66 7.53
C PHE A 143 -0.81 -4.12 7.48
N MET A 144 -1.16 -3.33 8.44
CA MET A 144 -2.43 -2.61 8.44
C MET A 144 -2.13 -1.26 8.98
N SER A 145 -2.88 -0.25 8.61
CA SER A 145 -2.69 1.04 9.23
C SER A 145 -3.37 1.02 10.60
N LYS A 146 -3.21 2.06 11.39
CA LYS A 146 -3.78 2.11 12.74
C LYS A 146 -5.33 1.95 12.68
N SER A 147 -5.94 2.56 11.69
CA SER A 147 -7.38 2.55 11.55
C SER A 147 -7.93 1.29 10.83
N MET A 148 -7.06 0.42 10.37
CA MET A 148 -7.47 -0.79 9.66
C MET A 148 -7.56 -2.01 10.58
N ASN A 149 -7.89 -3.14 10.02
CA ASN A 149 -8.00 -4.42 10.73
C ASN A 149 -7.28 -5.46 9.90
N PRO A 150 -6.86 -6.60 10.48
CA PRO A 150 -6.24 -7.67 9.69
C PRO A 150 -7.28 -8.38 8.79
N ASP A 151 -8.55 -8.24 9.14
CA ASP A 151 -9.65 -8.82 8.37
C ASP A 151 -10.06 -7.86 7.27
N ALA A 152 -9.75 -6.61 7.45
CA ALA A 152 -10.17 -5.57 6.54
C ALA A 152 -9.12 -4.50 6.47
N GLY A 153 -8.42 -4.45 5.36
CA GLY A 153 -7.33 -3.52 5.25
C GLY A 153 -6.03 -4.19 5.59
N LEU A 154 -5.85 -5.40 5.10
CA LEU A 154 -4.63 -6.12 5.33
C LEU A 154 -3.76 -5.95 4.09
N ILE A 155 -2.69 -5.25 4.27
CA ILE A 155 -1.78 -4.92 3.22
C ILE A 155 -0.73 -6.02 3.08
N PHE A 156 -0.48 -6.39 1.85
CA PHE A 156 0.58 -7.33 1.54
C PHE A 156 1.86 -6.51 1.36
N SER A 157 2.94 -6.92 1.96
CA SER A 157 4.19 -6.22 1.79
C SER A 157 5.31 -7.24 1.91
N TYR A 158 6.48 -6.89 1.49
CA TYR A 158 7.63 -7.73 1.67
C TYR A 158 8.85 -6.85 1.64
N TYR A 159 9.98 -7.38 1.99
CA TYR A 159 11.20 -6.62 1.91
C TYR A 159 11.88 -6.90 0.59
N LYS A 160 11.80 -5.95 -0.30
CA LYS A 160 12.39 -6.05 -1.61
C LYS A 160 13.90 -5.94 -1.46
N GLU A 161 14.62 -6.63 -2.31
CA GLU A 161 16.08 -6.66 -2.24
C GLU A 161 16.66 -5.27 -2.43
N GLY A 162 17.30 -4.77 -1.39
CA GLY A 162 17.89 -3.46 -1.43
C GLY A 162 17.11 -2.45 -0.61
N ALA A 163 15.88 -2.78 -0.29
CA ALA A 163 15.01 -1.89 0.47
C ALA A 163 15.08 -2.24 1.94
N HIS A 164 15.20 -1.24 2.80
CA HIS A 164 15.29 -1.47 4.25
C HIS A 164 13.92 -1.34 4.89
N CYS A 165 13.03 -0.72 4.16
CA CYS A 165 11.68 -0.51 4.62
C CYS A 165 10.74 -1.40 3.80
N PRO A 166 9.56 -1.77 4.35
CA PRO A 166 8.57 -2.64 3.68
C PRO A 166 8.14 -2.11 2.30
N THR A 167 8.19 -2.99 1.34
CA THR A 167 7.79 -2.73 0.00
C THR A 167 6.36 -3.21 -0.13
N PHE A 168 5.45 -2.30 -0.30
CA PHE A 168 4.04 -2.63 -0.27
C PHE A 168 3.54 -3.16 -1.60
N VAL A 169 2.72 -4.15 -1.51
CA VAL A 169 2.13 -4.82 -2.63
C VAL A 169 0.66 -4.44 -2.69
N TYR A 170 0.30 -3.69 -3.69
CA TYR A 170 -1.07 -3.23 -3.82
C TYR A 170 -1.67 -3.61 -5.16
N VAL A 171 -2.95 -3.80 -5.15
CA VAL A 171 -3.68 -4.10 -6.34
C VAL A 171 -4.29 -2.81 -6.89
N LYS A 172 -3.65 -2.24 -7.92
CA LYS A 172 -4.02 -0.93 -8.49
C LYS A 172 -5.46 -0.89 -8.92
N SER A 173 -5.79 -1.79 -9.78
CA SER A 173 -7.10 -1.84 -10.35
C SER A 173 -8.10 -2.58 -9.45
N GLY A 174 -7.64 -2.98 -8.27
CA GLY A 174 -8.48 -3.70 -7.37
C GLY A 174 -9.03 -2.86 -6.27
N TYR A 175 -8.38 -1.74 -6.03
CA TYR A 175 -8.86 -0.81 -5.04
C TYR A 175 -9.65 0.28 -5.71
N LYS A 176 -10.30 1.10 -4.94
CA LYS A 176 -11.09 2.15 -5.51
C LYS A 176 -10.27 3.43 -5.59
N VAL A 177 -10.09 3.89 -6.79
CA VAL A 177 -9.37 5.10 -7.05
C VAL A 177 -10.32 6.27 -6.82
N VAL A 178 -10.14 6.97 -5.73
CA VAL A 178 -10.97 8.09 -5.41
C VAL A 178 -10.16 9.35 -5.55
N LYS A 179 -10.53 10.16 -6.49
CA LYS A 179 -9.83 11.38 -6.75
C LYS A 179 -10.52 12.52 -6.03
N PHE A 180 -9.93 13.01 -4.97
CA PHE A 180 -10.50 14.11 -4.24
C PHE A 180 -10.07 15.42 -4.83
N LEU A 181 -11.04 16.31 -5.01
CA LEU A 181 -10.86 17.65 -5.54
C LEU A 181 -10.17 17.61 -6.91
N GLU A 182 -10.88 17.10 -7.89
CA GLU A 182 -10.37 17.03 -9.24
C GLU A 182 -10.37 18.41 -9.86
N HIS A 183 -11.34 19.20 -9.46
CA HIS A 183 -11.44 20.56 -9.94
C HIS A 183 -10.54 21.51 -9.15
N HIS A 184 -9.26 21.44 -9.45
CA HIS A 184 -8.29 22.32 -8.86
C HIS A 184 -7.51 22.99 -9.96
N HIS A 185 -7.86 24.20 -10.28
CA HIS A 185 -7.16 24.94 -11.30
C HIS A 185 -6.61 26.21 -10.71
N HIS A 186 -7.43 27.23 -10.66
CA HIS A 186 -7.04 28.46 -10.03
C HIS A 186 -7.75 28.54 -8.70
N HIS A 187 -8.99 28.15 -8.72
CA HIS A 187 -9.82 28.19 -7.56
C HIS A 187 -9.92 26.83 -6.92
N HIS A 188 -9.83 26.84 -5.63
CA HIS A 188 -10.03 25.72 -4.79
C HIS A 188 -10.74 26.22 -3.55
N MET A 1 -5.09 14.80 -4.71
CA MET A 1 -4.33 13.58 -4.85
C MET A 1 -5.27 12.42 -5.04
N ILE A 2 -4.80 11.44 -5.74
CA ILE A 2 -5.55 10.26 -6.03
C ILE A 2 -5.29 9.29 -4.92
N VAL A 3 -6.29 8.83 -4.30
CA VAL A 3 -6.13 7.93 -3.21
C VAL A 3 -6.70 6.57 -3.57
N TYR A 4 -6.07 5.56 -3.08
CA TYR A 4 -6.50 4.22 -3.28
C TYR A 4 -7.15 3.72 -2.02
N LYS A 5 -8.45 3.50 -2.09
CA LYS A 5 -9.23 3.06 -0.96
C LYS A 5 -9.47 1.57 -1.06
N ASP A 6 -9.40 0.89 0.05
CA ASP A 6 -9.60 -0.54 0.11
C ASP A 6 -11.07 -0.89 -0.08
N VAL A 7 -11.31 -2.01 -0.71
CA VAL A 7 -12.64 -2.47 -0.98
C VAL A 7 -13.22 -3.22 0.23
N ILE A 8 -12.34 -3.81 1.03
CA ILE A 8 -12.78 -4.61 2.17
C ILE A 8 -13.17 -3.71 3.35
N SER A 9 -12.22 -2.91 3.83
CA SER A 9 -12.45 -2.03 4.96
C SER A 9 -13.15 -0.75 4.52
N GLY A 10 -12.75 -0.25 3.37
CA GLY A 10 -13.31 0.97 2.87
C GLY A 10 -12.47 2.16 3.28
N ASP A 11 -11.31 1.90 3.89
CA ASP A 11 -10.42 2.96 4.35
C ASP A 11 -9.29 3.16 3.30
N GLU A 12 -8.32 4.01 3.57
CA GLU A 12 -7.32 4.35 2.55
C GLU A 12 -5.99 3.68 2.83
N VAL A 13 -5.31 3.24 1.78
CA VAL A 13 -4.02 2.58 1.93
C VAL A 13 -2.84 3.47 1.50
N VAL A 14 -3.03 4.28 0.47
CA VAL A 14 -1.94 5.07 -0.07
C VAL A 14 -2.52 6.07 -1.07
N SER A 15 -1.79 7.12 -1.34
CA SER A 15 -2.19 8.11 -2.31
C SER A 15 -1.09 8.25 -3.34
N ASP A 16 -1.37 8.93 -4.45
CA ASP A 16 -0.40 9.11 -5.54
C ASP A 16 0.62 10.20 -5.18
N ALA A 17 0.48 10.77 -4.01
CA ALA A 17 1.42 11.72 -3.49
C ALA A 17 2.55 10.97 -2.78
N LEU A 18 2.31 9.71 -2.51
CA LEU A 18 3.28 8.85 -1.90
C LEU A 18 3.97 8.04 -3.01
N LYS A 19 5.09 7.44 -2.69
CA LYS A 19 5.89 6.69 -3.67
C LYS A 19 5.16 5.48 -4.26
N ILE A 20 4.88 5.60 -5.54
CA ILE A 20 4.23 4.58 -6.30
C ILE A 20 5.09 4.29 -7.53
N THR A 21 5.45 3.07 -7.70
CA THR A 21 6.21 2.66 -8.85
C THR A 21 5.47 1.57 -9.61
N PRO A 22 5.65 1.47 -10.93
CA PRO A 22 5.05 0.38 -11.70
C PRO A 22 5.71 -0.95 -11.34
N VAL A 23 4.95 -2.02 -11.33
CA VAL A 23 5.51 -3.32 -11.03
C VAL A 23 6.23 -3.83 -12.24
N MET A 24 7.52 -3.87 -12.17
CA MET A 24 8.31 -4.41 -13.22
C MET A 24 9.09 -5.57 -12.70
N GLU A 25 8.68 -6.74 -13.12
CA GLU A 25 9.26 -7.98 -12.67
C GLU A 25 9.65 -8.79 -13.88
N GLY A 26 10.94 -8.89 -14.11
CA GLY A 26 11.43 -9.61 -15.25
C GLY A 26 11.77 -8.67 -16.38
N GLY A 27 11.65 -7.40 -16.11
CA GLY A 27 11.92 -6.39 -17.09
C GLY A 27 10.68 -5.63 -17.48
N GLU A 28 9.59 -6.35 -17.70
CA GLU A 28 8.36 -5.72 -18.12
C GLU A 28 7.40 -5.55 -16.96
N GLU A 29 6.36 -4.77 -17.19
CA GLU A 29 5.39 -4.50 -16.16
C GLU A 29 4.38 -5.62 -16.00
N VAL A 30 3.85 -5.70 -14.82
CA VAL A 30 2.76 -6.57 -14.53
C VAL A 30 1.56 -5.63 -14.39
N PRO A 31 0.57 -5.76 -15.28
CA PRO A 31 -0.51 -4.76 -15.42
C PRO A 31 -1.47 -4.65 -14.23
N GLY A 32 -1.90 -3.41 -13.98
CA GLY A 32 -2.92 -3.09 -12.98
C GLY A 32 -2.44 -3.21 -11.56
N LEU A 33 -1.15 -3.14 -11.37
CA LEU A 33 -0.53 -3.33 -10.08
C LEU A 33 0.52 -2.28 -9.86
N PHE A 34 0.72 -1.89 -8.62
CA PHE A 34 1.78 -0.98 -8.35
C PHE A 34 2.61 -1.44 -7.20
N GLU A 35 3.87 -1.19 -7.33
CA GLU A 35 4.87 -1.57 -6.39
C GLU A 35 5.15 -0.33 -5.60
N VAL A 36 5.47 -0.45 -4.37
CA VAL A 36 5.68 0.72 -3.60
C VAL A 36 7.13 0.90 -3.22
N ASP A 37 7.68 1.97 -3.76
CA ASP A 37 9.03 2.37 -3.53
C ASP A 37 9.08 3.12 -2.21
N SER A 38 10.21 3.22 -1.60
CA SER A 38 10.27 3.88 -0.35
C SER A 38 10.88 5.27 -0.47
N ALA A 39 10.22 6.21 0.16
CA ALA A 39 10.69 7.55 0.31
C ALA A 39 10.75 7.78 1.77
N MET A 40 11.71 8.51 2.20
CA MET A 40 11.94 8.68 3.60
C MET A 40 11.38 10.00 4.06
N VAL A 41 10.45 9.94 4.98
CA VAL A 41 9.83 11.12 5.54
C VAL A 41 10.13 11.20 7.02
N ALA A 42 10.37 12.40 7.50
CA ALA A 42 10.67 12.64 8.90
C ALA A 42 9.50 12.22 9.79
N VAL A 43 9.79 11.36 10.75
CA VAL A 43 8.83 10.89 11.71
C VAL A 43 8.44 12.03 12.63
N GLY A 44 9.42 12.86 12.95
CA GLY A 44 9.21 14.01 13.79
C GLY A 44 8.81 15.20 12.96
N GLY A 45 7.65 15.08 12.37
CA GLY A 45 7.09 16.11 11.55
C GLY A 45 5.75 15.69 11.06
N GLY A 46 5.04 14.97 11.91
CA GLY A 46 3.74 14.46 11.56
C GLY A 46 2.70 14.77 12.59
N ASP A 47 2.98 15.75 13.43
CA ASP A 47 2.03 16.19 14.44
C ASP A 47 1.16 17.26 13.85
N ILE A 48 0.07 16.81 13.21
CA ILE A 48 -0.85 17.69 12.46
C ILE A 48 -0.10 18.21 11.23
N ASP A 49 -0.49 17.77 10.04
CA ASP A 49 0.32 18.03 8.86
C ASP A 49 0.12 19.42 8.24
N ILE A 50 0.67 20.37 8.93
CA ILE A 50 0.87 21.72 8.46
C ILE A 50 2.27 22.05 8.93
N GLY A 51 3.24 21.63 8.16
CA GLY A 51 4.62 21.84 8.49
C GLY A 51 5.42 22.13 7.25
N CYS A 52 4.89 23.02 6.47
CA CYS A 52 5.49 23.40 5.22
C CYS A 52 6.64 24.37 5.47
N GLY A 53 6.32 25.52 6.04
CA GLY A 53 7.29 26.56 6.20
C GLY A 53 7.07 27.62 5.15
N ASN A 54 7.51 28.82 5.43
CA ASN A 54 7.23 29.96 4.54
C ASN A 54 8.01 29.88 3.22
N ALA A 55 9.21 29.38 3.27
CA ALA A 55 10.06 29.27 2.09
C ALA A 55 9.95 27.89 1.45
N PHE A 56 9.05 27.06 1.95
CA PHE A 56 8.94 25.72 1.45
C PHE A 56 7.63 25.45 0.78
N GLY A 57 7.50 25.98 -0.40
CA GLY A 57 6.36 25.74 -1.23
C GLY A 57 6.83 25.14 -2.53
N GLY A 58 7.45 24.00 -2.43
CA GLY A 58 8.02 23.34 -3.57
C GLY A 58 9.36 22.74 -3.22
N ALA A 59 10.15 23.47 -2.42
CA ALA A 59 11.45 23.01 -1.97
C ALA A 59 11.30 21.84 -0.99
N GLY A 60 10.76 22.10 0.17
CA GLY A 60 10.48 21.05 1.12
C GLY A 60 11.62 20.80 2.10
N ASP A 61 12.72 20.21 1.58
CA ASP A 61 13.91 19.81 2.37
C ASP A 61 13.47 18.70 3.39
N ASP A 62 14.27 18.44 4.38
CA ASP A 62 13.94 17.49 5.41
C ASP A 62 13.13 18.23 6.46
N GLU A 63 13.42 19.53 6.59
CA GLU A 63 12.67 20.43 7.44
C GLU A 63 12.98 21.88 7.06
N GLY A 64 14.26 22.21 7.01
CA GLY A 64 14.65 23.56 6.69
C GLY A 64 15.87 23.58 5.81
N ALA A 65 16.98 23.13 6.34
CA ALA A 65 18.23 23.06 5.60
C ALA A 65 19.14 22.11 6.33
N ASP A 66 18.53 21.22 7.05
CA ASP A 66 19.22 20.37 7.99
C ASP A 66 18.51 19.06 8.14
N ASP A 67 19.11 18.19 8.91
CA ASP A 67 18.52 16.92 9.24
C ASP A 67 17.78 17.09 10.54
N ALA A 68 16.48 17.01 10.49
CA ALA A 68 15.68 17.25 11.65
C ALA A 68 15.54 16.03 12.53
N THR A 69 14.80 15.05 12.05
CA THR A 69 14.50 13.86 12.82
C THR A 69 14.69 12.61 11.96
N GLN A 70 14.44 11.44 12.55
CA GLN A 70 14.57 10.17 11.85
C GLN A 70 13.55 10.07 10.74
N LYS A 71 13.89 9.37 9.70
CA LYS A 71 13.00 9.24 8.59
C LYS A 71 12.57 7.80 8.46
N GLU A 72 11.34 7.62 8.08
CA GLU A 72 10.75 6.30 7.88
C GLU A 72 10.02 6.25 6.56
N ASN A 73 9.57 5.06 6.20
CA ASN A 73 8.85 4.82 4.94
C ASN A 73 7.57 5.66 4.87
N ASN A 74 7.50 6.48 3.85
CA ASN A 74 6.35 7.38 3.56
C ASN A 74 4.94 6.73 3.57
N VAL A 75 4.84 5.44 3.28
CA VAL A 75 3.54 4.80 3.16
C VAL A 75 3.11 4.19 4.49
N SER A 76 4.05 3.62 5.21
CA SER A 76 3.78 3.09 6.51
C SER A 76 3.52 4.22 7.48
N GLY A 77 4.36 5.28 7.37
CA GLY A 77 4.26 6.53 8.11
C GLY A 77 3.83 6.36 9.56
N PRO A 78 4.75 6.01 10.48
CA PRO A 78 4.41 5.73 11.90
C PRO A 78 3.78 6.93 12.61
N SER A 79 4.07 8.12 12.13
CA SER A 79 3.54 9.34 12.68
C SER A 79 2.24 9.78 11.93
N SER A 80 1.74 8.95 11.01
CA SER A 80 0.56 9.31 10.24
C SER A 80 -0.39 8.11 10.02
N PHE A 81 0.02 7.15 9.18
CA PHE A 81 -0.80 6.00 8.85
C PHE A 81 -0.66 4.90 9.91
N ALA A 82 0.59 4.72 10.36
CA ALA A 82 1.00 3.77 11.37
C ALA A 82 0.72 2.31 11.00
N TYR A 83 1.67 1.72 10.33
CA TYR A 83 1.56 0.34 9.90
C TYR A 83 2.01 -0.65 10.93
N THR A 84 1.09 -1.49 11.28
CA THR A 84 1.27 -2.53 12.24
C THR A 84 1.72 -3.80 11.49
N ALA A 85 2.71 -4.49 12.02
CA ALA A 85 3.24 -5.68 11.38
C ALA A 85 2.46 -6.93 11.77
N MET A 86 2.19 -7.76 10.80
CA MET A 86 1.47 -9.00 10.95
C MET A 86 2.26 -10.17 10.34
N PRO A 87 2.35 -11.29 11.06
CA PRO A 87 3.01 -12.52 10.59
C PRO A 87 2.06 -13.40 9.74
N PHE A 88 2.62 -14.41 9.05
CA PHE A 88 1.83 -15.36 8.24
C PHE A 88 0.75 -16.03 9.09
N SER A 89 -0.48 -15.78 8.74
CA SER A 89 -1.58 -16.40 9.38
C SER A 89 -1.84 -17.74 8.70
N SER A 90 -2.25 -17.68 7.43
CA SER A 90 -2.44 -18.85 6.56
C SER A 90 -3.53 -19.86 7.04
N LYS A 91 -4.33 -19.47 8.03
CA LYS A 91 -5.45 -20.30 8.51
C LYS A 91 -6.60 -20.29 7.51
N GLY A 92 -7.59 -21.14 7.75
CA GLY A 92 -8.76 -21.26 6.86
C GLY A 92 -9.49 -19.96 6.68
N GLU A 93 -9.62 -19.21 7.77
CA GLU A 93 -10.23 -17.88 7.74
C GLU A 93 -9.46 -16.92 6.83
N PHE A 94 -8.14 -17.07 6.80
CA PHE A 94 -7.30 -16.24 5.96
C PHE A 94 -7.44 -16.66 4.51
N LYS A 95 -7.61 -17.94 4.28
CA LYS A 95 -7.81 -18.44 2.92
C LYS A 95 -9.15 -17.98 2.40
N SER A 96 -10.13 -17.96 3.27
CA SER A 96 -11.43 -17.41 2.95
C SER A 96 -11.31 -15.89 2.72
N TRP A 97 -10.44 -15.23 3.50
CA TRP A 97 -10.16 -13.80 3.33
C TRP A 97 -9.57 -13.54 1.93
N VAL A 98 -8.65 -14.40 1.50
CA VAL A 98 -8.03 -14.31 0.16
C VAL A 98 -9.11 -14.39 -0.92
N LYS A 99 -10.02 -15.33 -0.74
CA LYS A 99 -11.13 -15.53 -1.67
C LYS A 99 -12.09 -14.33 -1.62
N ASP A 100 -12.31 -13.82 -0.42
CA ASP A 100 -13.14 -12.63 -0.18
C ASP A 100 -12.55 -11.42 -0.86
N TYR A 101 -11.24 -11.31 -0.78
CA TYR A 101 -10.51 -10.23 -1.41
C TYR A 101 -10.75 -10.28 -2.91
N VAL A 102 -10.53 -11.44 -3.51
CA VAL A 102 -10.74 -11.65 -4.94
C VAL A 102 -12.18 -11.33 -5.34
N ARG A 103 -13.15 -11.81 -4.55
CA ARG A 103 -14.57 -11.57 -4.82
C ARG A 103 -14.95 -10.09 -4.71
N ASN A 104 -14.58 -9.45 -3.61
CA ASN A 104 -14.93 -8.02 -3.41
C ASN A 104 -14.27 -7.14 -4.44
N VAL A 105 -13.02 -7.45 -4.76
CA VAL A 105 -12.30 -6.73 -5.80
C VAL A 105 -12.98 -6.94 -7.17
N ARG A 106 -13.42 -8.16 -7.42
CA ARG A 106 -14.12 -8.53 -8.66
C ARG A 106 -15.41 -7.70 -8.83
N GLN A 107 -16.12 -7.47 -7.73
CA GLN A 107 -17.33 -6.65 -7.75
C GLN A 107 -17.00 -5.16 -7.82
N ALA A 108 -15.81 -4.79 -7.37
CA ALA A 108 -15.35 -3.42 -7.48
C ALA A 108 -15.02 -3.13 -8.94
N LEU A 109 -14.33 -4.07 -9.57
CA LEU A 109 -13.99 -4.02 -10.99
C LEU A 109 -15.21 -3.82 -11.86
N LYS A 110 -16.12 -4.77 -11.78
CA LYS A 110 -17.30 -4.76 -12.61
C LYS A 110 -18.29 -3.68 -12.21
N GLY A 111 -18.37 -3.41 -10.92
CA GLY A 111 -19.34 -2.47 -10.42
C GLY A 111 -18.89 -1.02 -10.44
N SER A 112 -17.66 -0.75 -10.83
CA SER A 112 -17.13 0.61 -10.80
C SER A 112 -17.75 1.49 -11.90
N GLY A 113 -18.27 0.83 -12.93
CA GLY A 113 -18.90 1.55 -14.02
C GLY A 113 -17.92 2.22 -14.95
N VAL A 114 -16.75 1.64 -15.06
CA VAL A 114 -15.74 2.13 -15.99
C VAL A 114 -16.10 1.64 -17.40
N ALA A 115 -15.66 2.37 -18.43
CA ALA A 115 -15.93 2.07 -19.84
C ALA A 115 -15.71 0.59 -20.21
N VAL A 116 -16.54 0.09 -21.12
CA VAL A 116 -16.58 -1.33 -21.53
C VAL A 116 -15.22 -1.86 -22.02
N GLU A 117 -14.51 -1.08 -22.81
CA GLU A 117 -13.20 -1.47 -23.32
C GLU A 117 -12.19 -1.63 -22.19
N ASP A 118 -12.35 -0.80 -21.16
CA ASP A 118 -11.53 -0.92 -19.97
C ASP A 118 -11.89 -2.16 -19.23
N ILE A 119 -13.21 -2.43 -19.12
CA ILE A 119 -13.74 -3.64 -18.45
C ILE A 119 -13.13 -4.92 -19.05
N LYS A 120 -12.91 -4.92 -20.39
CA LYS A 120 -12.25 -6.03 -21.10
C LYS A 120 -10.92 -6.32 -20.45
N LYS A 121 -10.11 -5.28 -20.42
CA LYS A 121 -8.77 -5.33 -19.87
C LYS A 121 -8.80 -5.65 -18.39
N PHE A 122 -9.63 -4.91 -17.70
CA PHE A 122 -9.78 -4.87 -16.25
C PHE A 122 -10.05 -6.29 -15.71
N MET A 123 -10.93 -7.01 -16.40
CA MET A 123 -11.29 -8.36 -15.98
C MET A 123 -10.27 -9.42 -16.43
N GLU A 124 -9.55 -9.19 -17.51
CA GLU A 124 -8.56 -10.18 -17.97
C GLU A 124 -7.25 -10.04 -17.22
N GLU A 125 -6.96 -8.83 -16.83
CA GLU A 125 -5.80 -8.51 -16.03
C GLU A 125 -6.05 -8.88 -14.55
N ALA A 126 -7.34 -9.02 -14.17
CA ALA A 126 -7.76 -9.41 -12.80
C ALA A 126 -7.08 -10.69 -12.23
N PRO A 127 -7.08 -11.87 -12.94
CA PRO A 127 -6.40 -13.07 -12.45
C PRO A 127 -4.88 -12.88 -12.35
N THR A 128 -4.36 -11.95 -13.15
CA THR A 128 -2.95 -11.65 -13.16
C THR A 128 -2.56 -10.91 -11.86
N PHE A 129 -3.50 -10.13 -11.30
CA PHE A 129 -3.30 -9.44 -10.02
C PHE A 129 -3.09 -10.49 -8.93
N VAL A 130 -4.02 -11.44 -8.92
CA VAL A 130 -4.04 -12.53 -7.95
C VAL A 130 -2.80 -13.42 -8.12
N LYS A 131 -2.45 -13.70 -9.36
CA LYS A 131 -1.31 -14.55 -9.69
C LYS A 131 0.00 -13.96 -9.19
N TRP A 132 0.12 -12.65 -9.31
CA TRP A 132 1.30 -11.93 -8.86
C TRP A 132 1.40 -11.94 -7.32
N LEU A 133 0.23 -11.89 -6.67
CA LEU A 133 0.17 -11.99 -5.20
C LEU A 133 0.67 -13.36 -4.77
N VAL A 134 0.29 -14.38 -5.54
CA VAL A 134 0.71 -15.76 -5.31
C VAL A 134 2.24 -15.91 -5.51
N ASP A 135 2.79 -15.15 -6.47
CA ASP A 135 4.25 -15.17 -6.74
C ASP A 135 5.04 -14.73 -5.53
N LYS A 136 4.52 -13.72 -4.85
CA LYS A 136 5.22 -13.14 -3.70
C LYS A 136 4.66 -13.59 -2.37
N TYR A 137 3.71 -14.53 -2.37
CA TYR A 137 2.99 -14.99 -1.16
C TYR A 137 3.92 -15.33 0.02
N ASP A 138 4.91 -16.16 -0.23
CA ASP A 138 5.82 -16.61 0.83
C ASP A 138 6.89 -15.57 1.18
N ASP A 139 6.85 -14.45 0.51
CA ASP A 139 7.77 -13.35 0.79
C ASP A 139 7.07 -12.21 1.47
N LEU A 140 5.78 -12.35 1.65
CA LEU A 140 4.98 -11.30 2.19
C LEU A 140 4.99 -11.27 3.70
N GLU A 141 4.98 -10.07 4.18
CA GLU A 141 4.68 -9.77 5.54
C GLU A 141 3.46 -8.91 5.46
N PHE A 142 2.59 -9.08 6.37
CA PHE A 142 1.34 -8.41 6.29
C PHE A 142 1.36 -7.19 7.14
N PHE A 143 0.71 -6.17 6.70
CA PHE A 143 0.64 -4.93 7.42
C PHE A 143 -0.77 -4.44 7.50
N MET A 144 -0.99 -3.51 8.37
CA MET A 144 -2.28 -2.91 8.60
C MET A 144 -2.03 -1.47 8.93
N SER A 145 -2.90 -0.60 8.55
CA SER A 145 -2.82 0.76 9.02
C SER A 145 -3.59 0.80 10.35
N LYS A 146 -3.47 1.87 11.11
CA LYS A 146 -4.16 1.96 12.40
C LYS A 146 -5.70 1.88 12.24
N SER A 147 -6.18 2.35 11.13
CA SER A 147 -7.59 2.37 10.85
C SER A 147 -8.12 1.04 10.27
N MET A 148 -7.24 0.08 10.05
CA MET A 148 -7.62 -1.19 9.44
C MET A 148 -7.53 -2.36 10.39
N ASN A 149 -7.91 -3.52 9.90
CA ASN A 149 -7.97 -4.76 10.67
C ASN A 149 -7.36 -5.85 9.80
N PRO A 150 -6.97 -7.02 10.36
CA PRO A 150 -6.48 -8.12 9.53
C PRO A 150 -7.65 -8.75 8.75
N ASP A 151 -8.84 -8.52 9.27
CA ASP A 151 -10.11 -8.95 8.70
C ASP A 151 -10.44 -8.09 7.50
N ALA A 152 -10.07 -6.83 7.59
CA ALA A 152 -10.44 -5.85 6.61
C ALA A 152 -9.33 -4.83 6.46
N GLY A 153 -8.62 -4.89 5.36
CA GLY A 153 -7.50 -4.00 5.16
C GLY A 153 -6.19 -4.62 5.57
N LEU A 154 -6.00 -5.88 5.21
CA LEU A 154 -4.75 -6.55 5.47
C LEU A 154 -3.87 -6.35 4.24
N ILE A 155 -2.83 -5.62 4.43
CA ILE A 155 -1.95 -5.17 3.38
C ILE A 155 -0.79 -6.15 3.18
N PHE A 156 -0.47 -6.41 1.94
CA PHE A 156 0.62 -7.27 1.57
C PHE A 156 1.88 -6.42 1.37
N SER A 157 3.02 -6.86 1.84
CA SER A 157 4.26 -6.19 1.57
C SER A 157 5.39 -7.22 1.56
N TYR A 158 6.38 -7.01 0.74
CA TYR A 158 7.53 -7.88 0.71
C TYR A 158 8.76 -7.03 0.65
N TYR A 159 9.91 -7.62 0.65
CA TYR A 159 11.12 -6.86 0.57
C TYR A 159 11.77 -7.17 -0.73
N LYS A 160 11.75 -6.24 -1.64
CA LYS A 160 12.35 -6.47 -2.91
C LYS A 160 13.72 -5.84 -2.96
N GLU A 161 14.61 -6.47 -3.72
CA GLU A 161 15.96 -5.98 -3.96
C GLU A 161 15.90 -4.52 -4.44
N GLY A 162 16.65 -3.67 -3.76
CA GLY A 162 16.66 -2.27 -4.08
C GLY A 162 15.92 -1.45 -3.06
N ALA A 163 15.03 -2.09 -2.33
CA ALA A 163 14.28 -1.45 -1.28
C ALA A 163 14.92 -1.76 0.07
N HIS A 164 15.03 -0.75 0.90
CA HIS A 164 15.57 -0.91 2.25
C HIS A 164 14.41 -1.11 3.20
N CYS A 165 13.36 -0.39 2.94
CA CYS A 165 12.14 -0.48 3.70
C CYS A 165 11.19 -1.45 2.98
N PRO A 166 10.14 -1.98 3.68
CA PRO A 166 9.14 -2.87 3.09
C PRO A 166 8.52 -2.31 1.80
N THR A 167 8.46 -3.15 0.80
CA THR A 167 7.92 -2.82 -0.48
C THR A 167 6.45 -3.18 -0.45
N PHE A 168 5.59 -2.20 -0.43
CA PHE A 168 4.18 -2.44 -0.26
C PHE A 168 3.51 -2.83 -1.55
N VAL A 169 2.63 -3.77 -1.42
CA VAL A 169 1.95 -4.40 -2.52
C VAL A 169 0.50 -3.95 -2.57
N TYR A 170 0.12 -3.26 -3.62
CA TYR A 170 -1.25 -2.83 -3.79
C TYR A 170 -1.66 -3.04 -5.22
N VAL A 171 -2.90 -3.39 -5.40
CA VAL A 171 -3.46 -3.59 -6.70
C VAL A 171 -4.03 -2.25 -7.19
N LYS A 172 -3.43 -1.71 -8.24
CA LYS A 172 -3.79 -0.38 -8.78
C LYS A 172 -5.26 -0.37 -9.20
N SER A 173 -5.63 -1.36 -9.94
CA SER A 173 -6.97 -1.46 -10.45
C SER A 173 -7.91 -2.22 -9.49
N GLY A 174 -7.39 -2.64 -8.35
CA GLY A 174 -8.19 -3.45 -7.43
C GLY A 174 -8.75 -2.65 -6.30
N TYR A 175 -8.14 -1.54 -6.04
CA TYR A 175 -8.59 -0.63 -5.02
C TYR A 175 -9.41 0.46 -5.66
N LYS A 176 -10.10 1.24 -4.86
CA LYS A 176 -10.97 2.26 -5.40
C LYS A 176 -10.14 3.49 -5.65
N VAL A 177 -10.03 3.85 -6.89
CA VAL A 177 -9.27 5.00 -7.32
C VAL A 177 -10.15 6.24 -7.21
N VAL A 178 -9.92 7.03 -6.19
CA VAL A 178 -10.70 8.23 -5.95
C VAL A 178 -9.80 9.46 -6.01
N LYS A 179 -10.20 10.44 -6.79
CA LYS A 179 -9.42 11.64 -6.98
C LYS A 179 -9.93 12.73 -6.05
N PHE A 180 -9.16 13.06 -5.04
CA PHE A 180 -9.51 14.13 -4.12
C PHE A 180 -8.92 15.43 -4.56
N LEU A 181 -9.73 16.47 -4.46
CA LEU A 181 -9.38 17.88 -4.76
C LEU A 181 -9.32 18.17 -6.27
N GLU A 182 -9.22 17.13 -7.07
CA GLU A 182 -9.16 17.27 -8.49
C GLU A 182 -10.48 17.07 -9.19
N HIS A 183 -10.68 17.87 -10.20
CA HIS A 183 -11.84 17.84 -11.07
C HIS A 183 -11.32 17.94 -12.50
N HIS A 184 -9.99 17.70 -12.63
CA HIS A 184 -9.19 17.87 -13.87
C HIS A 184 -8.94 19.37 -14.14
N HIS A 185 -9.97 20.17 -13.96
CA HIS A 185 -9.86 21.61 -13.98
C HIS A 185 -9.53 22.03 -12.57
N HIS A 186 -8.33 22.51 -12.36
CA HIS A 186 -7.90 22.86 -11.04
C HIS A 186 -7.99 24.36 -10.84
N HIS A 187 -9.01 24.79 -10.16
CA HIS A 187 -9.17 26.19 -9.86
C HIS A 187 -8.31 26.53 -8.65
N HIS A 188 -7.27 27.27 -8.89
CA HIS A 188 -6.36 27.70 -7.86
C HIS A 188 -6.92 28.92 -7.17
N MET A 1 -5.17 15.73 -4.15
CA MET A 1 -4.79 14.43 -3.61
C MET A 1 -5.47 13.32 -4.39
N ILE A 2 -4.68 12.43 -4.89
CA ILE A 2 -5.16 11.25 -5.56
C ILE A 2 -4.98 10.13 -4.56
N VAL A 3 -6.06 9.57 -4.10
CA VAL A 3 -5.95 8.58 -3.06
C VAL A 3 -6.60 7.26 -3.46
N TYR A 4 -5.92 6.19 -3.16
CA TYR A 4 -6.42 4.87 -3.41
C TYR A 4 -7.06 4.34 -2.15
N LYS A 5 -8.34 4.19 -2.20
CA LYS A 5 -9.08 3.69 -1.08
C LYS A 5 -9.44 2.25 -1.31
N ASP A 6 -9.29 1.46 -0.28
CA ASP A 6 -9.61 0.06 -0.34
C ASP A 6 -11.13 -0.13 -0.34
N VAL A 7 -11.58 -1.16 -1.00
CA VAL A 7 -12.99 -1.43 -1.13
C VAL A 7 -13.45 -2.28 0.07
N ILE A 8 -12.52 -3.04 0.62
CA ILE A 8 -12.83 -3.96 1.70
C ILE A 8 -12.98 -3.21 3.03
N SER A 9 -12.01 -2.42 3.39
CA SER A 9 -12.03 -1.65 4.62
C SER A 9 -12.63 -0.27 4.41
N GLY A 10 -12.36 0.30 3.26
CA GLY A 10 -12.72 1.66 3.00
C GLY A 10 -11.67 2.60 3.57
N ASP A 11 -10.49 2.06 3.80
CA ASP A 11 -9.38 2.82 4.35
C ASP A 11 -8.50 3.32 3.20
N GLU A 12 -7.44 4.01 3.50
CA GLU A 12 -6.63 4.60 2.46
C GLU A 12 -5.31 3.86 2.40
N VAL A 13 -5.04 3.25 1.28
CA VAL A 13 -3.85 2.43 1.14
C VAL A 13 -2.62 3.27 0.76
N VAL A 14 -2.83 4.35 0.02
CA VAL A 14 -1.74 5.21 -0.44
C VAL A 14 -2.35 6.46 -1.08
N SER A 15 -1.56 7.50 -1.20
CA SER A 15 -1.98 8.72 -1.84
C SER A 15 -0.85 9.22 -2.71
N ASP A 16 -1.07 10.31 -3.44
CA ASP A 16 -0.05 10.90 -4.32
C ASP A 16 0.96 11.71 -3.50
N ALA A 17 0.73 11.77 -2.20
CA ALA A 17 1.66 12.40 -1.26
C ALA A 17 2.75 11.40 -0.91
N LEU A 18 2.50 10.16 -1.32
CA LEU A 18 3.39 9.07 -1.10
C LEU A 18 3.92 8.60 -2.45
N LYS A 19 4.78 7.61 -2.46
CA LYS A 19 5.34 7.12 -3.70
C LYS A 19 4.52 5.97 -4.25
N ILE A 20 4.22 6.05 -5.52
CA ILE A 20 3.40 5.05 -6.21
C ILE A 20 4.14 4.60 -7.47
N THR A 21 4.57 3.38 -7.48
CA THR A 21 5.29 2.82 -8.60
C THR A 21 4.55 1.62 -9.21
N PRO A 22 4.76 1.31 -10.50
CA PRO A 22 4.19 0.12 -11.11
C PRO A 22 4.92 -1.14 -10.61
N VAL A 23 4.35 -2.30 -10.86
CA VAL A 23 5.00 -3.54 -10.46
C VAL A 23 6.00 -3.92 -11.53
N MET A 24 7.25 -3.79 -11.22
CA MET A 24 8.28 -4.12 -12.18
C MET A 24 9.01 -5.38 -11.75
N GLU A 25 8.80 -6.42 -12.51
CA GLU A 25 9.38 -7.72 -12.26
C GLU A 25 10.37 -8.04 -13.34
N GLY A 26 11.65 -7.93 -13.03
CA GLY A 26 12.71 -8.28 -13.96
C GLY A 26 12.75 -7.41 -15.22
N GLY A 27 12.09 -6.28 -15.19
CA GLY A 27 12.11 -5.40 -16.34
C GLY A 27 10.75 -5.21 -16.97
N GLU A 28 9.85 -6.14 -16.75
CA GLU A 28 8.50 -6.02 -17.29
C GLU A 28 7.56 -5.56 -16.19
N GLU A 29 6.45 -4.98 -16.55
CA GLU A 29 5.50 -4.58 -15.56
C GLU A 29 4.38 -5.61 -15.46
N VAL A 30 3.77 -5.66 -14.32
CA VAL A 30 2.62 -6.48 -14.10
C VAL A 30 1.39 -5.54 -14.01
N PRO A 31 0.54 -5.52 -15.05
CA PRO A 31 -0.59 -4.57 -15.16
C PRO A 31 -1.72 -4.80 -14.14
N GLY A 32 -2.28 -3.70 -13.65
CA GLY A 32 -3.41 -3.76 -12.74
C GLY A 32 -3.00 -3.68 -11.30
N LEU A 33 -1.73 -3.84 -11.08
CA LEU A 33 -1.18 -3.85 -9.77
C LEU A 33 -0.16 -2.74 -9.65
N PHE A 34 0.10 -2.28 -8.45
CA PHE A 34 1.13 -1.32 -8.24
C PHE A 34 1.88 -1.73 -7.01
N GLU A 35 3.06 -1.29 -6.92
CA GLU A 35 3.93 -1.69 -5.88
C GLU A 35 4.57 -0.44 -5.34
N VAL A 36 5.01 -0.46 -4.14
CA VAL A 36 5.62 0.72 -3.61
C VAL A 36 7.09 0.52 -3.40
N ASP A 37 7.84 1.26 -4.19
CA ASP A 37 9.28 1.34 -4.08
C ASP A 37 9.62 2.27 -2.92
N SER A 38 10.80 2.18 -2.40
CA SER A 38 11.11 2.92 -1.24
C SER A 38 11.86 4.18 -1.63
N ALA A 39 11.44 5.26 -1.03
CA ALA A 39 12.10 6.50 -1.16
C ALA A 39 12.26 7.01 0.23
N MET A 40 13.48 7.28 0.60
CA MET A 40 13.79 7.61 1.96
C MET A 40 13.84 9.09 2.16
N VAL A 41 12.90 9.55 2.91
CA VAL A 41 12.77 10.94 3.20
C VAL A 41 13.09 11.16 4.66
N ALA A 42 13.41 12.38 4.99
CA ALA A 42 13.66 12.76 6.33
C ALA A 42 12.34 12.82 7.07
N VAL A 43 12.26 12.13 8.18
CA VAL A 43 11.04 12.11 8.99
C VAL A 43 10.89 13.44 9.71
N GLY A 44 12.00 13.95 10.15
CA GLY A 44 12.01 15.18 10.88
C GLY A 44 12.30 14.93 12.31
N GLY A 45 13.33 15.56 12.80
CA GLY A 45 13.76 15.33 14.15
C GLY A 45 14.94 14.41 14.19
N GLY A 46 15.89 14.74 15.02
CA GLY A 46 17.04 13.91 15.20
C GLY A 46 17.00 13.30 16.56
N ASP A 47 17.93 12.41 16.87
CA ASP A 47 17.91 11.68 18.15
C ASP A 47 18.37 12.49 19.33
N ILE A 48 18.72 13.73 19.08
CA ILE A 48 19.03 14.66 20.13
C ILE A 48 17.68 15.16 20.71
N ASP A 49 16.64 15.06 19.91
CA ASP A 49 15.29 15.42 20.32
C ASP A 49 14.47 14.16 20.51
N ILE A 50 14.25 13.45 19.42
CA ILE A 50 13.45 12.23 19.43
C ILE A 50 14.37 11.03 19.57
N GLY A 51 14.36 10.42 20.73
CA GLY A 51 15.14 9.22 20.94
C GLY A 51 14.42 8.01 20.41
N CYS A 52 14.37 7.89 19.11
CA CYS A 52 13.69 6.81 18.45
C CYS A 52 14.59 5.60 18.41
N GLY A 53 15.86 5.84 18.25
CA GLY A 53 16.80 4.78 18.21
C GLY A 53 17.47 4.63 19.53
N ASN A 54 17.46 3.46 20.06
CA ASN A 54 18.12 3.20 21.31
C ASN A 54 18.86 1.90 21.21
N ALA A 55 20.14 2.02 20.96
CA ALA A 55 21.02 0.89 20.86
C ALA A 55 22.41 1.34 21.23
N PHE A 56 23.28 0.41 21.52
CA PHE A 56 24.65 0.73 21.80
C PHE A 56 25.31 1.08 20.50
N GLY A 57 25.76 2.30 20.43
CA GLY A 57 26.28 2.83 19.22
C GLY A 57 25.26 3.76 18.64
N GLY A 58 24.98 4.81 19.39
CA GLY A 58 23.99 5.79 18.96
C GLY A 58 24.56 6.72 17.91
N ALA A 59 25.87 6.94 18.00
CA ALA A 59 26.64 7.81 17.11
C ALA A 59 26.23 9.26 17.23
N GLY A 60 26.77 9.91 18.22
CA GLY A 60 26.50 11.29 18.45
C GLY A 60 27.47 12.15 17.69
N ASP A 61 27.12 12.46 16.45
CA ASP A 61 27.97 13.26 15.57
C ASP A 61 28.03 14.71 16.07
N ASP A 62 29.14 15.36 15.81
CA ASP A 62 29.38 16.71 16.27
C ASP A 62 28.64 17.72 15.40
N GLU A 63 28.62 17.47 14.12
CA GLU A 63 28.02 18.39 13.20
C GLU A 63 26.76 17.81 12.58
N GLY A 64 25.76 18.61 12.44
CA GLY A 64 24.52 18.18 11.89
C GLY A 64 23.51 19.27 12.00
N ALA A 65 23.49 20.15 11.02
CA ALA A 65 22.56 21.27 10.98
C ALA A 65 21.18 20.77 10.59
N ASP A 66 21.15 19.63 9.93
CA ASP A 66 19.93 19.00 9.53
C ASP A 66 19.43 18.17 10.68
N ASP A 67 18.47 18.69 11.42
CA ASP A 67 17.91 17.96 12.55
C ASP A 67 16.84 17.04 12.10
N ALA A 68 17.24 16.03 11.39
CA ALA A 68 16.38 15.01 10.89
C ALA A 68 17.22 13.80 10.59
N THR A 69 17.63 13.15 11.64
CA THR A 69 18.51 12.01 11.55
C THR A 69 17.72 10.77 11.06
N GLN A 70 16.41 10.78 11.29
CA GLN A 70 15.55 9.72 10.86
C GLN A 70 15.22 9.81 9.38
N LYS A 71 15.51 8.75 8.66
CA LYS A 71 15.15 8.63 7.28
C LYS A 71 14.40 7.35 7.09
N GLU A 72 13.21 7.48 6.62
CA GLU A 72 12.29 6.38 6.49
C GLU A 72 11.63 6.52 5.15
N ASN A 73 11.07 5.45 4.63
CA ASN A 73 10.33 5.51 3.41
C ASN A 73 9.09 6.34 3.70
N ASN A 74 8.83 7.32 2.86
CA ASN A 74 7.71 8.28 3.02
C ASN A 74 6.36 7.59 3.21
N VAL A 75 6.26 6.41 2.64
CA VAL A 75 5.06 5.62 2.70
C VAL A 75 4.92 4.96 4.08
N SER A 76 5.96 4.26 4.52
CA SER A 76 5.94 3.55 5.80
C SER A 76 5.98 4.50 7.01
N GLY A 77 6.41 5.74 6.76
CA GLY A 77 6.52 6.83 7.72
C GLY A 77 5.43 6.87 8.79
N PRO A 78 5.83 6.82 10.09
CA PRO A 78 4.89 6.89 11.22
C PRO A 78 4.28 8.30 11.38
N SER A 79 4.81 9.23 10.61
CA SER A 79 4.38 10.59 10.64
C SER A 79 3.03 10.79 9.93
N SER A 80 2.71 9.95 8.97
CA SER A 80 1.50 10.12 8.24
C SER A 80 0.57 8.90 8.38
N PHE A 81 0.80 7.85 7.60
CA PHE A 81 -0.07 6.68 7.58
C PHE A 81 0.22 5.71 8.70
N ALA A 82 1.52 5.56 9.04
CA ALA A 82 1.99 4.66 10.14
C ALA A 82 1.55 3.21 9.94
N TYR A 83 2.41 2.44 9.35
CA TYR A 83 2.10 1.07 9.07
C TYR A 83 2.41 0.17 10.24
N THR A 84 1.45 -0.63 10.56
CA THR A 84 1.53 -1.57 11.62
C THR A 84 1.99 -2.93 11.05
N ALA A 85 3.04 -3.47 11.62
CA ALA A 85 3.66 -4.70 11.13
C ALA A 85 2.98 -5.95 11.67
N MET A 86 2.70 -6.89 10.79
CA MET A 86 2.08 -8.17 11.14
C MET A 86 2.94 -9.32 10.57
N PRO A 87 3.04 -10.44 11.30
CA PRO A 87 3.77 -11.64 10.85
C PRO A 87 2.98 -12.50 9.85
N PHE A 88 3.67 -13.43 9.17
CA PHE A 88 3.05 -14.39 8.24
C PHE A 88 2.02 -15.25 8.98
N SER A 89 0.79 -15.22 8.53
CA SER A 89 -0.23 -16.03 9.11
C SER A 89 -0.31 -17.40 8.42
N SER A 90 -0.82 -17.41 7.18
CA SER A 90 -0.99 -18.62 6.35
C SER A 90 -1.94 -19.64 6.99
N LYS A 91 -2.90 -19.15 7.75
CA LYS A 91 -3.91 -19.99 8.40
C LYS A 91 -5.07 -20.29 7.44
N GLY A 92 -5.94 -21.23 7.83
CA GLY A 92 -7.08 -21.64 7.00
C GLY A 92 -8.08 -20.52 6.80
N GLU A 93 -8.30 -19.74 7.85
CA GLU A 93 -9.21 -18.60 7.79
C GLU A 93 -8.67 -17.50 6.89
N PHE A 94 -7.37 -17.53 6.63
CA PHE A 94 -6.76 -16.58 5.74
C PHE A 94 -7.17 -16.88 4.30
N LYS A 95 -7.35 -18.16 3.99
CA LYS A 95 -7.79 -18.59 2.67
C LYS A 95 -9.21 -18.09 2.42
N SER A 96 -10.01 -18.13 3.48
CA SER A 96 -11.36 -17.64 3.46
C SER A 96 -11.37 -16.11 3.23
N TRP A 97 -10.40 -15.41 3.84
CA TRP A 97 -10.22 -13.97 3.66
C TRP A 97 -9.94 -13.66 2.19
N VAL A 98 -9.00 -14.40 1.59
CA VAL A 98 -8.61 -14.23 0.19
C VAL A 98 -9.81 -14.36 -0.74
N LYS A 99 -10.65 -15.34 -0.47
CA LYS A 99 -11.82 -15.60 -1.29
C LYS A 99 -12.85 -14.48 -1.24
N ASP A 100 -13.04 -13.87 -0.07
CA ASP A 100 -13.94 -12.70 0.03
C ASP A 100 -13.30 -11.49 -0.59
N TYR A 101 -12.00 -11.33 -0.33
CA TYR A 101 -11.20 -10.21 -0.84
C TYR A 101 -11.31 -10.13 -2.37
N VAL A 102 -10.92 -11.21 -3.04
CA VAL A 102 -10.93 -11.25 -4.51
C VAL A 102 -12.35 -11.11 -5.07
N ARG A 103 -13.31 -11.73 -4.38
CA ARG A 103 -14.72 -11.67 -4.78
C ARG A 103 -15.25 -10.23 -4.78
N ASN A 104 -15.10 -9.57 -3.65
CA ASN A 104 -15.63 -8.22 -3.46
C ASN A 104 -14.92 -7.23 -4.37
N VAL A 105 -13.62 -7.45 -4.57
CA VAL A 105 -12.86 -6.65 -5.50
C VAL A 105 -13.38 -6.85 -6.94
N ARG A 106 -13.67 -8.10 -7.30
CA ARG A 106 -14.15 -8.47 -8.63
C ARG A 106 -15.52 -7.78 -8.93
N GLN A 107 -16.35 -7.65 -7.91
CA GLN A 107 -17.61 -6.92 -8.07
C GLN A 107 -17.38 -5.43 -8.21
N ALA A 108 -16.33 -4.93 -7.58
CA ALA A 108 -15.96 -3.53 -7.67
C ALA A 108 -15.43 -3.20 -9.06
N LEU A 109 -14.76 -4.19 -9.69
CA LEU A 109 -14.30 -4.10 -11.09
C LEU A 109 -15.44 -3.73 -12.02
N LYS A 110 -16.45 -4.57 -12.04
CA LYS A 110 -17.56 -4.41 -12.97
C LYS A 110 -18.61 -3.39 -12.48
N GLY A 111 -18.74 -3.22 -11.17
CA GLY A 111 -19.78 -2.37 -10.61
C GLY A 111 -19.42 -0.90 -10.50
N SER A 112 -18.21 -0.54 -10.87
CA SER A 112 -17.81 0.85 -10.79
C SER A 112 -18.19 1.64 -12.05
N GLY A 113 -18.58 0.91 -13.09
CA GLY A 113 -19.02 1.54 -14.31
C GLY A 113 -17.88 2.01 -15.17
N VAL A 114 -16.81 1.23 -15.22
CA VAL A 114 -15.68 1.55 -16.08
C VAL A 114 -16.08 1.17 -17.52
N ALA A 115 -15.50 1.86 -18.53
CA ALA A 115 -15.82 1.62 -19.95
C ALA A 115 -15.57 0.17 -20.33
N VAL A 116 -16.37 -0.35 -21.26
CA VAL A 116 -16.35 -1.76 -21.67
C VAL A 116 -14.99 -2.18 -22.21
N GLU A 117 -14.35 -1.31 -22.98
CA GLU A 117 -13.03 -1.62 -23.54
C GLU A 117 -11.98 -1.70 -22.42
N ASP A 118 -12.16 -0.89 -21.38
CA ASP A 118 -11.29 -0.93 -20.21
C ASP A 118 -11.56 -2.19 -19.44
N ILE A 119 -12.84 -2.57 -19.34
CA ILE A 119 -13.28 -3.80 -18.69
C ILE A 119 -12.61 -5.04 -19.32
N LYS A 120 -12.42 -5.02 -20.64
CA LYS A 120 -11.73 -6.12 -21.32
C LYS A 120 -10.30 -6.26 -20.80
N LYS A 121 -9.60 -5.13 -20.74
CA LYS A 121 -8.23 -5.08 -20.24
C LYS A 121 -8.20 -5.41 -18.75
N PHE A 122 -9.26 -5.02 -18.07
CA PHE A 122 -9.39 -5.14 -16.63
C PHE A 122 -9.62 -6.64 -16.29
N MET A 123 -10.22 -7.36 -17.22
CA MET A 123 -10.43 -8.80 -17.08
C MET A 123 -9.17 -9.56 -17.47
N GLU A 124 -8.24 -8.88 -18.09
CA GLU A 124 -6.92 -9.43 -18.31
C GLU A 124 -6.11 -9.20 -17.03
N GLU A 125 -6.32 -8.02 -16.44
CA GLU A 125 -5.72 -7.63 -15.16
C GLU A 125 -6.15 -8.58 -14.03
N ALA A 126 -7.43 -8.99 -14.05
CA ALA A 126 -8.03 -9.86 -13.01
C ALA A 126 -7.21 -11.17 -12.69
N PRO A 127 -6.99 -12.11 -13.66
CA PRO A 127 -6.19 -13.32 -13.39
C PRO A 127 -4.71 -12.99 -13.13
N THR A 128 -4.28 -11.83 -13.60
CA THR A 128 -2.94 -11.35 -13.40
C THR A 128 -2.73 -10.98 -11.90
N PHE A 129 -3.79 -10.39 -11.28
CA PHE A 129 -3.79 -10.06 -9.84
C PHE A 129 -3.51 -11.31 -9.04
N VAL A 130 -4.39 -12.29 -9.25
CA VAL A 130 -4.39 -13.56 -8.51
C VAL A 130 -3.05 -14.28 -8.62
N LYS A 131 -2.54 -14.40 -9.85
CA LYS A 131 -1.31 -15.15 -10.10
C LYS A 131 -0.13 -14.56 -9.32
N TRP A 132 0.11 -13.26 -9.51
CA TRP A 132 1.28 -12.60 -8.92
C TRP A 132 1.19 -12.55 -7.39
N LEU A 133 -0.03 -12.47 -6.85
CA LEU A 133 -0.22 -12.49 -5.41
C LEU A 133 0.21 -13.84 -4.82
N VAL A 134 -0.12 -14.92 -5.52
CA VAL A 134 0.26 -16.27 -5.10
C VAL A 134 1.76 -16.51 -5.35
N ASP A 135 2.27 -15.93 -6.42
CA ASP A 135 3.69 -16.03 -6.76
C ASP A 135 4.57 -15.34 -5.75
N LYS A 136 4.17 -14.15 -5.34
CA LYS A 136 4.98 -13.37 -4.42
C LYS A 136 4.66 -13.74 -2.97
N TYR A 137 3.61 -14.55 -2.76
CA TYR A 137 3.09 -14.92 -1.43
C TYR A 137 4.16 -15.46 -0.48
N ASP A 138 5.14 -16.16 -1.03
CA ASP A 138 6.25 -16.73 -0.25
C ASP A 138 7.11 -15.63 0.42
N ASP A 139 7.03 -14.44 -0.11
CA ASP A 139 7.74 -13.30 0.41
C ASP A 139 6.79 -12.33 1.09
N LEU A 140 5.49 -12.55 0.96
CA LEU A 140 4.54 -11.56 1.42
C LEU A 140 4.25 -11.68 2.90
N GLU A 141 4.59 -10.61 3.56
CA GLU A 141 4.40 -10.41 4.94
C GLU A 141 3.27 -9.40 5.05
N PHE A 142 2.74 -9.16 6.22
CA PHE A 142 1.55 -8.36 6.30
C PHE A 142 1.74 -7.06 7.05
N PHE A 143 1.07 -6.05 6.57
CA PHE A 143 1.05 -4.71 7.16
C PHE A 143 -0.36 -4.18 7.11
N MET A 144 -0.57 -3.10 7.80
CA MET A 144 -1.85 -2.41 7.85
C MET A 144 -1.54 -0.97 8.08
N SER A 145 -2.47 -0.07 7.82
CA SER A 145 -2.29 1.28 8.27
C SER A 145 -2.73 1.28 9.74
N LYS A 146 -2.55 2.37 10.44
CA LYS A 146 -2.91 2.42 11.86
C LYS A 146 -4.43 2.19 12.07
N SER A 147 -5.21 2.61 11.08
CA SER A 147 -6.65 2.47 11.12
C SER A 147 -7.19 1.13 10.50
N MET A 148 -6.32 0.30 9.93
CA MET A 148 -6.76 -0.94 9.24
C MET A 148 -6.97 -2.14 10.16
N ASN A 149 -7.68 -3.14 9.63
CA ASN A 149 -8.09 -4.34 10.35
C ASN A 149 -7.54 -5.57 9.61
N PRO A 150 -7.46 -6.77 10.26
CA PRO A 150 -7.03 -8.00 9.57
C PRO A 150 -8.12 -8.52 8.63
N ASP A 151 -9.36 -8.19 8.98
CA ASP A 151 -10.54 -8.57 8.19
C ASP A 151 -10.60 -7.73 6.96
N ALA A 152 -10.21 -6.49 7.10
CA ALA A 152 -10.35 -5.52 6.07
C ALA A 152 -9.19 -4.56 6.09
N GLY A 153 -8.43 -4.54 5.01
CA GLY A 153 -7.26 -3.69 4.96
C GLY A 153 -5.99 -4.43 5.37
N LEU A 154 -5.84 -5.64 4.91
CA LEU A 154 -4.63 -6.39 5.21
C LEU A 154 -3.70 -6.28 4.01
N ILE A 155 -2.62 -5.60 4.21
CA ILE A 155 -1.67 -5.27 3.17
C ILE A 155 -0.56 -6.32 3.07
N PHE A 156 -0.29 -6.73 1.85
CA PHE A 156 0.83 -7.61 1.57
C PHE A 156 2.08 -6.74 1.33
N SER A 157 3.21 -7.15 1.83
CA SER A 157 4.47 -6.43 1.57
C SER A 157 5.65 -7.41 1.58
N TYR A 158 6.78 -7.01 1.04
CA TYR A 158 7.99 -7.82 1.05
C TYR A 158 9.19 -6.91 0.83
N TYR A 159 10.39 -7.43 0.85
CA TYR A 159 11.55 -6.62 0.50
C TYR A 159 11.99 -6.95 -0.90
N LYS A 160 11.86 -6.00 -1.77
CA LYS A 160 12.24 -6.18 -3.15
C LYS A 160 13.70 -5.78 -3.31
N GLU A 161 14.38 -6.36 -4.27
CA GLU A 161 15.74 -5.99 -4.57
C GLU A 161 15.79 -4.55 -5.07
N GLY A 162 16.58 -3.74 -4.41
CA GLY A 162 16.70 -2.35 -4.77
C GLY A 162 15.86 -1.48 -3.86
N ALA A 163 14.91 -2.09 -3.18
CA ALA A 163 14.06 -1.39 -2.25
C ALA A 163 14.72 -1.40 -0.90
N HIS A 164 14.72 -0.28 -0.23
CA HIS A 164 15.44 -0.14 1.03
C HIS A 164 14.54 -0.32 2.23
N CYS A 165 13.26 -0.32 1.99
CA CYS A 165 12.28 -0.43 3.02
C CYS A 165 11.24 -1.45 2.55
N PRO A 166 10.31 -1.91 3.44
CA PRO A 166 9.21 -2.80 3.05
C PRO A 166 8.48 -2.29 1.80
N THR A 167 8.48 -3.11 0.79
CA THR A 167 7.89 -2.84 -0.47
C THR A 167 6.42 -3.25 -0.38
N PHE A 168 5.54 -2.28 -0.42
CA PHE A 168 4.13 -2.54 -0.24
C PHE A 168 3.50 -3.01 -1.53
N VAL A 169 2.66 -4.00 -1.40
CA VAL A 169 2.00 -4.65 -2.50
C VAL A 169 0.54 -4.26 -2.51
N TYR A 170 0.08 -3.71 -3.62
CA TYR A 170 -1.28 -3.23 -3.73
C TYR A 170 -1.91 -3.58 -5.06
N VAL A 171 -3.21 -3.72 -5.06
CA VAL A 171 -3.96 -3.98 -6.27
C VAL A 171 -4.52 -2.65 -6.80
N LYS A 172 -3.82 -2.07 -7.77
CA LYS A 172 -4.10 -0.72 -8.31
C LYS A 172 -5.54 -0.57 -8.75
N SER A 173 -5.93 -1.44 -9.62
CA SER A 173 -7.23 -1.37 -10.23
C SER A 173 -8.30 -2.00 -9.32
N GLY A 174 -7.87 -2.61 -8.23
CA GLY A 174 -8.81 -3.26 -7.34
C GLY A 174 -9.38 -2.28 -6.37
N TYR A 175 -8.62 -1.24 -6.13
CA TYR A 175 -9.00 -0.23 -5.19
C TYR A 175 -9.64 0.90 -5.93
N LYS A 176 -10.19 1.83 -5.22
CA LYS A 176 -10.90 2.91 -5.81
C LYS A 176 -10.12 4.18 -5.71
N VAL A 177 -9.88 4.77 -6.85
CA VAL A 177 -9.10 5.96 -6.98
C VAL A 177 -10.02 7.16 -6.79
N VAL A 178 -9.94 7.76 -5.64
CA VAL A 178 -10.72 8.91 -5.34
C VAL A 178 -9.83 10.12 -5.47
N LYS A 179 -10.22 11.03 -6.30
CA LYS A 179 -9.42 12.17 -6.55
C LYS A 179 -10.02 13.38 -5.88
N PHE A 180 -9.39 13.81 -4.84
CA PHE A 180 -9.77 15.01 -4.17
C PHE A 180 -8.97 16.13 -4.74
N LEU A 181 -9.57 16.91 -5.59
CA LEU A 181 -8.92 18.07 -6.16
C LEU A 181 -9.10 19.20 -5.18
N GLU A 182 -10.17 19.11 -4.45
CA GLU A 182 -10.53 19.98 -3.40
C GLU A 182 -11.20 19.13 -2.33
N HIS A 183 -11.63 19.72 -1.24
CA HIS A 183 -12.15 18.94 -0.12
C HIS A 183 -13.49 18.26 -0.50
N HIS A 184 -14.54 19.05 -0.59
CA HIS A 184 -15.88 18.57 -0.98
C HIS A 184 -16.69 19.72 -1.52
N HIS A 185 -17.31 19.52 -2.65
CA HIS A 185 -18.16 20.55 -3.23
C HIS A 185 -19.47 20.55 -2.52
N HIS A 186 -19.81 21.67 -1.93
CA HIS A 186 -21.11 21.80 -1.31
C HIS A 186 -22.12 22.05 -2.42
N HIS A 187 -23.32 21.55 -2.26
CA HIS A 187 -24.29 21.63 -3.34
C HIS A 187 -24.86 23.05 -3.49
N HIS A 188 -24.19 23.84 -4.34
CA HIS A 188 -24.52 25.24 -4.65
C HIS A 188 -24.16 26.16 -3.51
N MET A 1 -5.77 15.48 -4.13
CA MET A 1 -4.96 14.34 -3.68
C MET A 1 -5.61 13.04 -4.11
N ILE A 2 -4.85 12.21 -4.77
CA ILE A 2 -5.31 10.88 -5.14
C ILE A 2 -5.03 9.96 -3.95
N VAL A 3 -5.93 9.09 -3.65
CA VAL A 3 -5.74 8.15 -2.59
C VAL A 3 -6.33 6.81 -3.02
N TYR A 4 -5.81 5.75 -2.49
CA TYR A 4 -6.30 4.44 -2.82
C TYR A 4 -6.94 3.83 -1.60
N LYS A 5 -8.21 3.53 -1.73
CA LYS A 5 -8.96 2.92 -0.66
C LYS A 5 -9.12 1.45 -0.88
N ASP A 6 -9.05 0.73 0.21
CA ASP A 6 -9.29 -0.71 0.21
C ASP A 6 -10.78 -0.97 0.09
N VAL A 7 -11.13 -1.99 -0.64
CA VAL A 7 -12.51 -2.34 -0.89
C VAL A 7 -13.10 -3.03 0.35
N ILE A 8 -12.26 -3.68 1.12
CA ILE A 8 -12.72 -4.45 2.25
C ILE A 8 -13.00 -3.52 3.45
N SER A 9 -12.02 -2.72 3.82
CA SER A 9 -12.15 -1.80 4.94
C SER A 9 -12.84 -0.50 4.55
N GLY A 10 -12.47 0.02 3.41
CA GLY A 10 -12.95 1.32 3.00
C GLY A 10 -12.00 2.40 3.49
N ASP A 11 -10.83 1.98 3.94
CA ASP A 11 -9.84 2.90 4.49
C ASP A 11 -8.69 3.08 3.47
N GLU A 12 -7.72 3.89 3.80
CA GLU A 12 -6.67 4.29 2.86
C GLU A 12 -5.45 3.38 2.98
N VAL A 13 -4.92 2.95 1.84
CA VAL A 13 -3.71 2.14 1.85
C VAL A 13 -2.46 2.96 1.51
N VAL A 14 -2.61 3.94 0.61
CA VAL A 14 -1.50 4.76 0.15
C VAL A 14 -2.09 6.02 -0.51
N SER A 15 -1.35 7.12 -0.49
CA SER A 15 -1.84 8.35 -1.04
C SER A 15 -0.85 8.93 -2.06
N ASP A 16 -1.28 9.98 -2.74
CA ASP A 16 -0.49 10.71 -3.77
C ASP A 16 0.74 11.41 -3.17
N ALA A 17 0.76 11.55 -1.86
CA ALA A 17 1.87 12.17 -1.16
C ALA A 17 3.00 11.16 -0.92
N LEU A 18 2.73 9.91 -1.24
CA LEU A 18 3.69 8.85 -1.04
C LEU A 18 4.28 8.43 -2.39
N LYS A 19 5.30 7.59 -2.36
CA LYS A 19 6.01 7.17 -3.56
C LYS A 19 5.22 6.07 -4.28
N ILE A 20 4.61 6.41 -5.39
CA ILE A 20 3.78 5.50 -6.15
C ILE A 20 4.45 5.14 -7.47
N THR A 21 4.65 3.86 -7.66
CA THR A 21 5.21 3.30 -8.87
C THR A 21 4.33 2.11 -9.36
N PRO A 22 4.41 1.70 -10.64
CA PRO A 22 3.73 0.50 -11.11
C PRO A 22 4.57 -0.75 -10.79
N VAL A 23 3.98 -1.94 -10.86
CA VAL A 23 4.74 -3.16 -10.63
C VAL A 23 5.62 -3.46 -11.83
N MET A 24 6.90 -3.28 -11.68
CA MET A 24 7.82 -3.59 -12.75
C MET A 24 8.73 -4.72 -12.34
N GLU A 25 8.51 -5.85 -12.95
CA GLU A 25 9.24 -7.06 -12.67
C GLU A 25 9.95 -7.51 -13.92
N GLY A 26 11.25 -7.37 -13.93
CA GLY A 26 12.04 -7.80 -15.06
C GLY A 26 12.16 -6.69 -16.10
N GLY A 27 11.41 -5.64 -15.91
CA GLY A 27 11.41 -4.55 -16.85
C GLY A 27 10.04 -4.33 -17.43
N GLU A 28 9.20 -5.35 -17.35
CA GLU A 28 7.84 -5.25 -17.83
C GLU A 28 6.94 -4.98 -16.64
N GLU A 29 5.80 -4.40 -16.89
CA GLU A 29 4.89 -4.16 -15.82
C GLU A 29 3.87 -5.27 -15.76
N VAL A 30 3.44 -5.57 -14.58
CA VAL A 30 2.40 -6.52 -14.41
C VAL A 30 1.09 -5.71 -14.36
N PRO A 31 0.21 -5.92 -15.35
CA PRO A 31 -0.99 -5.09 -15.54
C PRO A 31 -1.99 -5.10 -14.37
N GLY A 32 -2.43 -3.90 -14.02
CA GLY A 32 -3.43 -3.69 -13.00
C GLY A 32 -2.87 -3.70 -11.60
N LEU A 33 -1.57 -3.72 -11.49
CA LEU A 33 -0.91 -3.76 -10.21
C LEU A 33 0.09 -2.63 -10.08
N PHE A 34 0.27 -2.12 -8.87
CA PHE A 34 1.25 -1.10 -8.64
C PHE A 34 1.98 -1.40 -7.35
N GLU A 35 3.21 -1.05 -7.32
CA GLU A 35 4.05 -1.39 -6.22
C GLU A 35 4.56 -0.12 -5.61
N VAL A 36 4.69 -0.08 -4.35
CA VAL A 36 5.12 1.09 -3.70
C VAL A 36 6.52 0.88 -3.17
N ASP A 37 7.41 1.63 -3.74
CA ASP A 37 8.82 1.59 -3.46
C ASP A 37 9.15 2.49 -2.28
N SER A 38 10.28 2.25 -1.67
CA SER A 38 10.63 2.93 -0.49
C SER A 38 11.55 4.09 -0.79
N ALA A 39 11.24 5.19 -0.16
CA ALA A 39 12.00 6.40 -0.27
C ALA A 39 12.16 6.93 1.12
N MET A 40 13.39 7.16 1.51
CA MET A 40 13.71 7.56 2.85
C MET A 40 13.46 9.03 3.03
N VAL A 41 12.74 9.35 4.05
CA VAL A 41 12.48 10.72 4.42
C VAL A 41 13.05 10.99 5.78
N ALA A 42 13.55 12.17 5.98
CA ALA A 42 14.12 12.57 7.23
C ALA A 42 13.00 12.91 8.20
N VAL A 43 13.01 12.25 9.32
CA VAL A 43 11.97 12.40 10.32
C VAL A 43 12.08 13.71 11.08
N GLY A 44 11.31 14.67 10.63
CA GLY A 44 11.13 15.90 11.36
C GLY A 44 9.70 15.94 11.88
N GLY A 45 9.09 14.75 11.84
CA GLY A 45 7.73 14.53 12.32
C GLY A 45 6.67 14.86 11.28
N GLY A 46 7.04 15.67 10.32
CA GLY A 46 6.08 16.17 9.37
C GLY A 46 5.73 17.59 9.75
N ASP A 47 6.42 18.08 10.76
CA ASP A 47 6.28 19.41 11.26
C ASP A 47 7.25 20.27 10.52
N ILE A 48 6.89 20.59 9.28
CA ILE A 48 7.71 21.34 8.33
C ILE A 48 8.85 20.43 7.79
N ASP A 49 9.11 20.52 6.53
CA ASP A 49 10.16 19.74 5.92
C ASP A 49 11.45 20.53 6.04
N ILE A 50 12.46 19.95 6.70
CA ILE A 50 13.71 20.67 6.89
C ILE A 50 14.61 20.50 5.66
N GLY A 51 14.29 21.28 4.68
CA GLY A 51 15.02 21.32 3.46
C GLY A 51 14.81 22.64 2.81
N CYS A 52 15.84 23.42 2.75
CA CYS A 52 15.77 24.76 2.18
C CYS A 52 16.14 24.73 0.70
N GLY A 53 16.23 23.53 0.14
CA GLY A 53 16.58 23.37 -1.24
C GLY A 53 16.80 21.92 -1.59
N ASN A 54 17.45 21.19 -0.73
CA ASN A 54 17.75 19.77 -0.94
C ASN A 54 17.89 19.09 0.41
N ALA A 55 17.79 17.76 0.42
CA ALA A 55 17.98 16.94 1.61
C ALA A 55 19.33 17.24 2.29
N PHE A 56 20.36 17.44 1.49
CA PHE A 56 21.68 17.75 1.98
C PHE A 56 21.82 19.27 2.13
N GLY A 57 21.64 19.76 3.33
CA GLY A 57 21.79 21.17 3.59
C GLY A 57 22.97 21.42 4.49
N GLY A 58 23.33 22.66 4.69
CA GLY A 58 24.47 22.99 5.50
C GLY A 58 25.63 23.43 4.63
N ALA A 59 26.13 24.61 4.89
CA ALA A 59 27.19 25.19 4.07
C ALA A 59 28.54 24.98 4.75
N GLY A 60 28.49 24.76 6.04
CA GLY A 60 29.68 24.57 6.81
C GLY A 60 30.08 25.87 7.45
N ASP A 61 29.08 26.63 7.86
CA ASP A 61 29.31 27.94 8.44
C ASP A 61 29.33 27.86 9.96
N ASP A 62 28.16 27.71 10.55
CA ASP A 62 28.00 27.64 11.98
C ASP A 62 27.64 26.24 12.39
N GLU A 63 26.86 25.61 11.49
CA GLU A 63 26.23 24.28 11.62
C GLU A 63 27.07 23.26 12.40
N GLY A 64 26.87 23.22 13.70
CA GLY A 64 27.57 22.29 14.54
C GLY A 64 26.70 21.13 14.90
N ALA A 65 25.40 21.35 14.80
CA ALA A 65 24.46 20.32 15.09
C ALA A 65 24.14 19.54 13.82
N ASP A 66 25.10 18.81 13.36
CA ASP A 66 24.95 17.90 12.26
C ASP A 66 24.85 16.52 12.86
N ASP A 67 23.64 16.12 13.08
CA ASP A 67 23.37 14.91 13.82
C ASP A 67 22.75 13.88 12.90
N ALA A 68 22.91 12.61 13.25
CA ALA A 68 22.35 11.52 12.49
C ALA A 68 20.83 11.51 12.56
N THR A 69 20.22 12.15 11.59
CA THR A 69 18.80 12.29 11.51
C THR A 69 18.15 10.93 11.21
N GLN A 70 16.99 10.70 11.75
CA GLN A 70 16.30 9.44 11.52
C GLN A 70 15.65 9.47 10.15
N LYS A 71 15.79 8.40 9.42
CA LYS A 71 15.15 8.27 8.15
C LYS A 71 14.26 7.08 8.16
N GLU A 72 13.05 7.27 7.74
CA GLU A 72 12.12 6.19 7.61
C GLU A 72 11.55 6.23 6.24
N ASN A 73 11.01 5.15 5.79
CA ASN A 73 10.33 5.12 4.52
C ASN A 73 9.07 5.97 4.64
N ASN A 74 8.86 6.84 3.66
CA ASN A 74 7.72 7.76 3.61
C ASN A 74 6.37 7.05 3.82
N VAL A 75 6.30 5.80 3.41
CA VAL A 75 5.10 5.01 3.51
C VAL A 75 5.01 4.32 4.88
N SER A 76 5.91 3.35 5.13
CA SER A 76 5.88 2.52 6.33
C SER A 76 6.21 3.26 7.61
N GLY A 77 6.85 4.41 7.47
CA GLY A 77 7.22 5.24 8.57
C GLY A 77 6.02 5.63 9.41
N PRO A 78 6.03 5.30 10.72
CA PRO A 78 4.95 5.66 11.66
C PRO A 78 4.82 7.17 11.84
N SER A 79 5.78 7.90 11.32
CA SER A 79 5.75 9.33 11.28
C SER A 79 4.75 9.82 10.21
N SER A 80 4.31 8.91 9.34
CA SER A 80 3.33 9.21 8.35
C SER A 80 1.97 8.56 8.71
N PHE A 81 1.67 7.40 8.15
CA PHE A 81 0.39 6.73 8.37
C PHE A 81 0.41 5.74 9.53
N ALA A 82 1.59 5.15 9.77
CA ALA A 82 1.80 4.10 10.80
C ALA A 82 1.15 2.79 10.41
N TYR A 83 1.96 1.79 10.24
CA TYR A 83 1.51 0.50 9.83
C TYR A 83 1.76 -0.52 10.92
N THR A 84 0.90 -1.47 10.98
CA THR A 84 0.98 -2.54 11.94
C THR A 84 1.42 -3.78 11.16
N ALA A 85 2.44 -4.47 11.64
CA ALA A 85 2.95 -5.66 10.97
C ALA A 85 2.29 -6.92 11.51
N MET A 86 1.80 -7.75 10.62
CA MET A 86 1.15 -9.00 10.96
C MET A 86 1.67 -10.12 10.07
N PRO A 87 2.15 -11.22 10.65
CA PRO A 87 2.59 -12.36 9.87
C PRO A 87 1.45 -13.35 9.56
N PHE A 88 1.31 -13.73 8.31
CA PHE A 88 0.30 -14.70 7.87
C PHE A 88 0.91 -15.66 6.89
N SER A 89 0.97 -16.91 7.24
CA SER A 89 1.42 -17.91 6.34
C SER A 89 0.23 -18.73 5.86
N SER A 90 -0.53 -19.31 6.78
CA SER A 90 -1.71 -20.07 6.46
C SER A 90 -2.71 -20.13 7.61
N LYS A 91 -3.46 -19.08 7.81
CA LYS A 91 -4.59 -19.13 8.72
C LYS A 91 -5.81 -19.42 7.86
N GLY A 92 -6.72 -20.25 8.33
CA GLY A 92 -7.94 -20.55 7.57
C GLY A 92 -8.78 -19.31 7.34
N GLU A 93 -8.82 -18.47 8.36
CA GLU A 93 -9.51 -17.19 8.35
C GLU A 93 -8.95 -16.31 7.24
N PHE A 94 -7.65 -16.38 7.07
CA PHE A 94 -6.93 -15.64 6.06
C PHE A 94 -7.24 -16.19 4.67
N LYS A 95 -7.34 -17.50 4.57
CA LYS A 95 -7.68 -18.15 3.30
C LYS A 95 -9.10 -17.81 2.88
N SER A 96 -9.98 -17.67 3.86
CA SER A 96 -11.32 -17.24 3.63
C SER A 96 -11.32 -15.76 3.17
N TRP A 97 -10.44 -14.96 3.78
CA TRP A 97 -10.25 -13.56 3.42
C TRP A 97 -9.82 -13.44 1.95
N VAL A 98 -8.87 -14.30 1.54
CA VAL A 98 -8.37 -14.33 0.16
C VAL A 98 -9.50 -14.46 -0.88
N LYS A 99 -10.42 -15.38 -0.64
CA LYS A 99 -11.57 -15.59 -1.55
C LYS A 99 -12.51 -14.38 -1.57
N ASP A 100 -12.81 -13.84 -0.39
CA ASP A 100 -13.70 -12.68 -0.28
C ASP A 100 -13.03 -11.42 -0.85
N TYR A 101 -11.72 -11.37 -0.75
CA TYR A 101 -10.94 -10.28 -1.30
C TYR A 101 -11.11 -10.23 -2.81
N VAL A 102 -10.85 -11.36 -3.49
CA VAL A 102 -10.96 -11.45 -4.96
C VAL A 102 -12.40 -11.12 -5.40
N ARG A 103 -13.37 -11.59 -4.62
CA ARG A 103 -14.78 -11.33 -4.86
C ARG A 103 -15.08 -9.83 -4.86
N ASN A 104 -14.70 -9.16 -3.78
CA ASN A 104 -14.95 -7.72 -3.62
C ASN A 104 -14.17 -6.88 -4.60
N VAL A 105 -12.99 -7.38 -4.98
CA VAL A 105 -12.18 -6.73 -5.99
C VAL A 105 -12.91 -6.74 -7.35
N ARG A 106 -13.58 -7.85 -7.67
CA ARG A 106 -14.38 -7.92 -8.89
C ARG A 106 -15.55 -6.92 -8.86
N GLN A 107 -16.12 -6.72 -7.68
CA GLN A 107 -17.20 -5.74 -7.51
C GLN A 107 -16.68 -4.30 -7.65
N ALA A 108 -15.40 -4.11 -7.41
CA ALA A 108 -14.77 -2.82 -7.62
C ALA A 108 -14.55 -2.61 -9.11
N LEU A 109 -13.96 -3.63 -9.75
CA LEU A 109 -13.68 -3.62 -11.20
C LEU A 109 -14.94 -3.40 -12.04
N LYS A 110 -15.99 -4.07 -11.69
CA LYS A 110 -17.21 -3.98 -12.44
C LYS A 110 -18.05 -2.77 -12.01
N GLY A 111 -17.81 -2.30 -10.80
CA GLY A 111 -18.57 -1.16 -10.28
C GLY A 111 -17.99 0.21 -10.63
N SER A 112 -16.76 0.25 -11.13
CA SER A 112 -16.08 1.51 -11.42
C SER A 112 -16.59 2.23 -12.69
N GLY A 113 -17.22 1.51 -13.59
CA GLY A 113 -17.77 2.13 -14.79
C GLY A 113 -16.75 2.29 -15.89
N VAL A 114 -15.90 1.30 -16.03
CA VAL A 114 -14.87 1.29 -17.05
C VAL A 114 -15.49 0.88 -18.42
N ALA A 115 -14.95 1.43 -19.51
CA ALA A 115 -15.44 1.14 -20.88
C ALA A 115 -15.27 -0.34 -21.22
N VAL A 116 -16.14 -0.86 -22.08
CA VAL A 116 -16.22 -2.29 -22.42
C VAL A 116 -14.86 -2.88 -22.88
N GLU A 117 -14.18 -2.16 -23.76
CA GLU A 117 -12.87 -2.57 -24.31
C GLU A 117 -11.89 -2.76 -23.17
N ASP A 118 -11.89 -1.79 -22.29
CA ASP A 118 -10.98 -1.78 -21.18
C ASP A 118 -11.37 -2.80 -20.16
N ILE A 119 -12.67 -3.08 -20.04
CA ILE A 119 -13.20 -4.15 -19.18
C ILE A 119 -12.62 -5.49 -19.55
N LYS A 120 -12.46 -5.72 -20.85
CA LYS A 120 -11.86 -6.97 -21.35
C LYS A 120 -10.48 -7.13 -20.75
N LYS A 121 -9.71 -6.06 -20.88
CA LYS A 121 -8.32 -5.99 -20.40
C LYS A 121 -8.30 -6.09 -18.87
N PHE A 122 -9.28 -5.45 -18.27
CA PHE A 122 -9.41 -5.22 -16.84
C PHE A 122 -9.76 -6.54 -16.15
N MET A 123 -10.58 -7.35 -16.81
CA MET A 123 -10.95 -8.66 -16.31
C MET A 123 -9.81 -9.66 -16.55
N GLU A 124 -8.92 -9.32 -17.49
CA GLU A 124 -7.70 -10.11 -17.72
C GLU A 124 -6.67 -9.77 -16.66
N GLU A 125 -6.76 -8.56 -16.15
CA GLU A 125 -5.94 -8.11 -15.05
C GLU A 125 -6.25 -8.93 -13.79
N ALA A 126 -7.53 -9.27 -13.61
CA ALA A 126 -8.01 -10.03 -12.43
C ALA A 126 -7.23 -11.36 -12.13
N PRO A 127 -7.10 -12.35 -13.09
CA PRO A 127 -6.30 -13.56 -12.84
C PRO A 127 -4.81 -13.25 -12.73
N THR A 128 -4.41 -12.12 -13.30
CA THR A 128 -3.03 -11.69 -13.26
C THR A 128 -2.69 -11.23 -11.83
N PHE A 129 -3.67 -10.60 -11.15
CA PHE A 129 -3.54 -10.19 -9.74
C PHE A 129 -3.24 -11.42 -8.93
N VAL A 130 -4.11 -12.41 -9.09
CA VAL A 130 -4.03 -13.67 -8.37
C VAL A 130 -2.69 -14.37 -8.63
N LYS A 131 -2.34 -14.49 -9.91
CA LYS A 131 -1.11 -15.16 -10.37
C LYS A 131 0.13 -14.58 -9.69
N TRP A 132 0.28 -13.27 -9.78
CA TRP A 132 1.42 -12.57 -9.25
C TRP A 132 1.42 -12.58 -7.71
N LEU A 133 0.24 -12.47 -7.09
CA LEU A 133 0.12 -12.54 -5.63
C LEU A 133 0.51 -13.92 -5.11
N VAL A 134 0.28 -14.96 -5.90
CA VAL A 134 0.67 -16.33 -5.54
C VAL A 134 2.20 -16.47 -5.53
N ASP A 135 2.87 -15.84 -6.47
CA ASP A 135 4.34 -15.91 -6.52
C ASP A 135 4.97 -15.09 -5.42
N LYS A 136 4.41 -13.94 -5.17
CA LYS A 136 4.93 -13.06 -4.13
C LYS A 136 4.56 -13.53 -2.73
N TYR A 137 3.55 -14.39 -2.65
CA TYR A 137 2.94 -14.91 -1.41
C TYR A 137 3.96 -15.43 -0.40
N ASP A 138 5.02 -16.07 -0.90
CA ASP A 138 6.08 -16.64 -0.06
C ASP A 138 6.81 -15.57 0.74
N ASP A 139 6.92 -14.40 0.15
CA ASP A 139 7.65 -13.29 0.76
C ASP A 139 6.72 -12.27 1.36
N LEU A 140 5.43 -12.53 1.38
CA LEU A 140 4.51 -11.52 1.81
C LEU A 140 4.37 -11.47 3.31
N GLU A 141 4.69 -10.32 3.80
CA GLU A 141 4.52 -9.95 5.15
C GLU A 141 3.42 -8.94 5.13
N PHE A 142 2.49 -9.07 6.02
CA PHE A 142 1.30 -8.31 5.92
C PHE A 142 1.31 -7.13 6.83
N PHE A 143 0.72 -6.08 6.37
CA PHE A 143 0.62 -4.87 7.10
C PHE A 143 -0.80 -4.41 7.12
N MET A 144 -1.06 -3.52 7.98
CA MET A 144 -2.34 -2.88 8.14
C MET A 144 -2.02 -1.46 8.44
N SER A 145 -2.84 -0.54 8.08
CA SER A 145 -2.59 0.81 8.49
C SER A 145 -3.13 0.97 9.93
N LYS A 146 -2.91 2.12 10.55
CA LYS A 146 -3.30 2.34 11.93
C LYS A 146 -4.83 2.17 12.13
N SER A 147 -5.58 2.57 11.14
CA SER A 147 -7.02 2.48 11.15
C SER A 147 -7.58 1.15 10.59
N MET A 148 -6.72 0.27 10.12
CA MET A 148 -7.18 -0.97 9.49
C MET A 148 -7.26 -2.15 10.43
N ASN A 149 -7.78 -3.23 9.91
CA ASN A 149 -8.04 -4.45 10.66
C ASN A 149 -7.44 -5.62 9.91
N PRO A 150 -7.17 -6.77 10.56
CA PRO A 150 -6.64 -7.96 9.87
C PRO A 150 -7.70 -8.56 8.92
N ASP A 151 -8.95 -8.28 9.24
CA ASP A 151 -10.11 -8.73 8.47
C ASP A 151 -10.41 -7.80 7.33
N ALA A 152 -9.90 -6.59 7.41
CA ALA A 152 -10.23 -5.57 6.45
C ALA A 152 -9.10 -4.56 6.36
N GLY A 153 -8.45 -4.52 5.23
CA GLY A 153 -7.32 -3.65 5.09
C GLY A 153 -6.03 -4.38 5.36
N LEU A 154 -5.93 -5.58 4.86
CA LEU A 154 -4.74 -6.34 5.04
C LEU A 154 -3.88 -6.15 3.80
N ILE A 155 -2.79 -5.49 4.01
CA ILE A 155 -1.88 -5.06 2.99
C ILE A 155 -0.75 -6.08 2.78
N PHE A 156 -0.47 -6.35 1.53
CA PHE A 156 0.61 -7.25 1.15
C PHE A 156 1.91 -6.42 1.02
N SER A 157 3.02 -6.91 1.55
CA SER A 157 4.31 -6.23 1.37
C SER A 157 5.44 -7.27 1.40
N TYR A 158 6.62 -6.93 0.87
CA TYR A 158 7.77 -7.84 0.89
C TYR A 158 9.05 -7.06 0.68
N TYR A 159 10.17 -7.72 0.79
CA TYR A 159 11.46 -7.11 0.53
C TYR A 159 12.03 -7.68 -0.75
N LYS A 160 12.12 -6.86 -1.77
CA LYS A 160 12.77 -7.28 -3.00
C LYS A 160 14.26 -6.94 -2.97
N GLU A 161 14.97 -7.32 -4.03
CA GLU A 161 16.40 -7.07 -4.12
C GLU A 161 16.66 -5.59 -4.29
N GLY A 162 17.30 -5.02 -3.29
CA GLY A 162 17.63 -3.61 -3.34
C GLY A 162 16.74 -2.80 -2.43
N ALA A 163 15.74 -3.44 -1.84
CA ALA A 163 14.81 -2.74 -0.97
C ALA A 163 15.32 -2.75 0.46
N HIS A 164 15.42 -1.56 1.04
CA HIS A 164 15.87 -1.42 2.44
C HIS A 164 14.69 -1.37 3.39
N CYS A 165 13.52 -1.22 2.85
CA CYS A 165 12.30 -1.11 3.61
C CYS A 165 11.24 -1.99 2.92
N PRO A 166 10.15 -2.37 3.64
CA PRO A 166 9.05 -3.15 3.07
C PRO A 166 8.45 -2.47 1.84
N THR A 167 8.50 -3.18 0.74
CA THR A 167 7.98 -2.72 -0.50
C THR A 167 6.51 -3.15 -0.56
N PHE A 168 5.62 -2.20 -0.60
CA PHE A 168 4.22 -2.47 -0.50
C PHE A 168 3.60 -2.89 -1.81
N VAL A 169 2.76 -3.86 -1.72
CA VAL A 169 2.10 -4.48 -2.83
C VAL A 169 0.64 -4.08 -2.85
N TYR A 170 0.22 -3.48 -3.94
CA TYR A 170 -1.14 -3.04 -4.08
C TYR A 170 -1.69 -3.35 -5.46
N VAL A 171 -2.97 -3.46 -5.53
CA VAL A 171 -3.65 -3.71 -6.77
C VAL A 171 -4.20 -2.38 -7.30
N LYS A 172 -3.64 -1.93 -8.40
CA LYS A 172 -3.93 -0.62 -8.99
C LYS A 172 -5.38 -0.51 -9.42
N SER A 173 -5.86 -1.55 -10.03
CA SER A 173 -7.20 -1.61 -10.51
C SER A 173 -8.15 -2.18 -9.44
N GLY A 174 -7.57 -2.72 -8.38
CA GLY A 174 -8.35 -3.41 -7.37
C GLY A 174 -8.69 -2.56 -6.19
N TYR A 175 -7.90 -1.55 -5.96
CA TYR A 175 -8.16 -0.61 -4.92
C TYR A 175 -8.85 0.58 -5.53
N LYS A 176 -9.68 1.22 -4.78
CA LYS A 176 -10.48 2.29 -5.32
C LYS A 176 -9.73 3.59 -5.30
N VAL A 177 -9.43 4.05 -6.49
CA VAL A 177 -8.78 5.32 -6.69
C VAL A 177 -9.79 6.42 -6.41
N VAL A 178 -9.66 7.05 -5.29
CA VAL A 178 -10.56 8.11 -4.89
C VAL A 178 -9.76 9.39 -4.81
N LYS A 179 -10.32 10.47 -5.24
CA LYS A 179 -9.64 11.72 -5.19
C LYS A 179 -10.27 12.66 -4.20
N PHE A 180 -9.50 13.07 -3.24
CA PHE A 180 -9.93 14.05 -2.31
C PHE A 180 -9.30 15.35 -2.67
N LEU A 181 -10.11 16.21 -3.23
CA LEU A 181 -9.68 17.53 -3.65
C LEU A 181 -10.13 18.56 -2.63
N GLU A 182 -10.06 18.14 -1.39
CA GLU A 182 -10.45 18.92 -0.26
C GLU A 182 -9.58 18.49 0.90
N HIS A 183 -8.83 19.42 1.48
CA HIS A 183 -8.08 19.13 2.67
C HIS A 183 -8.99 19.25 3.86
N HIS A 184 -9.15 18.17 4.54
CA HIS A 184 -10.04 18.12 5.67
C HIS A 184 -9.37 18.71 6.88
N HIS A 185 -9.86 19.86 7.30
CA HIS A 185 -9.24 20.61 8.39
C HIS A 185 -10.23 21.63 8.95
N HIS A 186 -10.91 22.34 8.07
CA HIS A 186 -11.89 23.32 8.51
C HIS A 186 -13.28 22.72 8.42
N HIS A 187 -13.99 22.72 9.51
CA HIS A 187 -15.31 22.14 9.57
C HIS A 187 -16.34 23.25 9.39
N HIS A 188 -17.42 22.94 8.74
CA HIS A 188 -18.52 23.85 8.60
C HIS A 188 -19.76 23.13 9.06
N MET A 1 -5.07 15.41 -3.78
CA MET A 1 -4.12 14.37 -4.11
C MET A 1 -4.86 13.16 -4.65
N ILE A 2 -4.12 12.22 -5.18
CA ILE A 2 -4.69 10.98 -5.68
C ILE A 2 -4.49 9.95 -4.58
N VAL A 3 -5.54 9.39 -4.09
CA VAL A 3 -5.40 8.43 -3.04
C VAL A 3 -6.07 7.11 -3.39
N TYR A 4 -5.39 6.04 -3.10
CA TYR A 4 -5.89 4.73 -3.33
C TYR A 4 -6.54 4.25 -2.07
N LYS A 5 -7.81 4.01 -2.14
CA LYS A 5 -8.51 3.51 -1.00
C LYS A 5 -8.84 2.06 -1.20
N ASP A 6 -8.76 1.31 -0.14
CA ASP A 6 -9.05 -0.10 -0.14
C ASP A 6 -10.54 -0.32 -0.29
N VAL A 7 -10.91 -1.40 -0.91
CA VAL A 7 -12.29 -1.73 -1.15
C VAL A 7 -12.85 -2.50 0.05
N ILE A 8 -11.99 -3.21 0.74
CA ILE A 8 -12.43 -4.06 1.83
C ILE A 8 -12.76 -3.18 3.06
N SER A 9 -11.83 -2.35 3.47
CA SER A 9 -12.02 -1.44 4.60
C SER A 9 -12.69 -0.13 4.14
N GLY A 10 -12.24 0.39 3.02
CA GLY A 10 -12.77 1.62 2.51
C GLY A 10 -11.89 2.81 2.81
N ASP A 11 -10.81 2.59 3.56
CA ASP A 11 -9.97 3.71 3.98
C ASP A 11 -8.68 3.78 3.11
N GLU A 12 -7.78 4.69 3.44
CA GLU A 12 -6.59 5.02 2.65
C GLU A 12 -5.46 4.03 2.90
N VAL A 13 -4.88 3.52 1.83
CA VAL A 13 -3.73 2.62 1.94
C VAL A 13 -2.43 3.30 1.47
N VAL A 14 -2.56 4.26 0.54
CA VAL A 14 -1.41 4.99 0.01
C VAL A 14 -1.92 6.12 -0.90
N SER A 15 -1.20 7.21 -0.96
CA SER A 15 -1.54 8.31 -1.82
C SER A 15 -0.36 8.59 -2.75
N ASP A 16 -0.58 9.44 -3.75
CA ASP A 16 0.47 9.80 -4.74
C ASP A 16 1.51 10.72 -4.12
N ALA A 17 1.21 11.19 -2.92
CA ALA A 17 2.11 12.00 -2.14
C ALA A 17 3.21 11.12 -1.53
N LEU A 18 2.94 9.82 -1.51
CA LEU A 18 3.88 8.84 -1.03
C LEU A 18 4.63 8.24 -2.22
N LYS A 19 5.43 7.22 -2.00
CA LYS A 19 6.27 6.66 -3.06
C LYS A 19 5.50 5.58 -3.83
N ILE A 20 5.12 5.88 -5.05
CA ILE A 20 4.38 4.94 -5.89
C ILE A 20 5.21 4.53 -7.10
N THR A 21 5.33 3.25 -7.31
CA THR A 21 6.02 2.68 -8.46
C THR A 21 5.14 1.65 -9.20
N PRO A 22 5.31 1.47 -10.49
CA PRO A 22 4.62 0.40 -11.19
C PRO A 22 5.29 -0.96 -10.88
N VAL A 23 4.54 -2.05 -10.97
CA VAL A 23 5.11 -3.37 -10.72
C VAL A 23 6.02 -3.76 -11.87
N MET A 24 7.28 -3.92 -11.60
CA MET A 24 8.22 -4.29 -12.60
C MET A 24 8.72 -5.70 -12.36
N GLU A 25 8.29 -6.59 -13.22
CA GLU A 25 8.72 -7.97 -13.20
C GLU A 25 9.44 -8.21 -14.50
N GLY A 26 10.75 -8.32 -14.42
CA GLY A 26 11.55 -8.52 -15.61
C GLY A 26 11.87 -7.21 -16.31
N GLY A 27 11.47 -6.11 -15.69
CA GLY A 27 11.70 -4.79 -16.25
C GLY A 27 10.43 -4.17 -16.81
N GLU A 28 9.48 -4.99 -17.15
CA GLU A 28 8.24 -4.50 -17.70
C GLU A 28 7.19 -4.45 -16.62
N GLU A 29 6.17 -3.65 -16.84
CA GLU A 29 5.16 -3.47 -15.84
C GLU A 29 4.10 -4.54 -15.95
N VAL A 30 3.58 -4.90 -14.83
CA VAL A 30 2.52 -5.85 -14.75
C VAL A 30 1.20 -5.08 -14.59
N PRO A 31 0.29 -5.20 -15.59
CA PRO A 31 -0.98 -4.46 -15.62
C PRO A 31 -1.90 -4.75 -14.45
N GLY A 32 -2.48 -3.68 -13.94
CA GLY A 32 -3.46 -3.79 -12.90
C GLY A 32 -2.90 -3.72 -11.52
N LEU A 33 -1.60 -3.68 -11.41
CA LEU A 33 -0.94 -3.73 -10.14
C LEU A 33 0.05 -2.61 -10.02
N PHE A 34 0.28 -2.16 -8.79
CA PHE A 34 1.26 -1.15 -8.55
C PHE A 34 1.96 -1.49 -7.27
N GLU A 35 3.18 -1.13 -7.18
CA GLU A 35 3.98 -1.46 -6.06
C GLU A 35 4.32 -0.19 -5.33
N VAL A 36 4.43 -0.27 -4.07
CA VAL A 36 4.84 0.85 -3.34
C VAL A 36 6.21 0.55 -2.83
N ASP A 37 7.12 1.28 -3.36
CA ASP A 37 8.51 1.09 -3.09
C ASP A 37 8.89 1.91 -1.87
N SER A 38 9.97 1.60 -1.26
CA SER A 38 10.26 2.15 0.01
C SER A 38 11.17 3.38 -0.14
N ALA A 39 10.82 4.40 0.60
CA ALA A 39 11.57 5.63 0.66
C ALA A 39 11.74 5.94 2.11
N MET A 40 12.95 6.10 2.53
CA MET A 40 13.27 6.27 3.92
C MET A 40 13.26 7.74 4.33
N VAL A 41 12.46 8.04 5.34
CA VAL A 41 12.34 9.38 5.88
C VAL A 41 12.96 9.43 7.26
N ALA A 42 13.37 10.59 7.66
CA ALA A 42 14.13 10.78 8.87
C ALA A 42 13.26 11.04 10.09
N VAL A 43 13.33 10.13 11.02
CA VAL A 43 12.71 10.29 12.31
C VAL A 43 13.83 10.66 13.29
N GLY A 44 13.91 11.93 13.60
CA GLY A 44 14.95 12.41 14.49
C GLY A 44 14.44 12.61 15.88
N GLY A 45 15.28 12.30 16.84
CA GLY A 45 14.94 12.43 18.23
C GLY A 45 14.36 11.16 18.78
N GLY A 46 13.39 10.61 18.08
CA GLY A 46 12.73 9.40 18.52
C GLY A 46 11.66 9.75 19.49
N ASP A 47 10.48 9.94 19.00
CA ASP A 47 9.40 10.37 19.85
C ASP A 47 8.48 9.26 20.23
N ILE A 48 8.64 8.80 21.43
CA ILE A 48 7.78 7.79 21.98
C ILE A 48 6.80 8.55 22.86
N ASP A 49 5.66 8.95 22.25
CA ASP A 49 4.63 9.81 22.90
C ASP A 49 5.19 11.20 23.17
N ILE A 50 6.06 11.65 22.24
CA ILE A 50 6.76 12.93 22.32
C ILE A 50 7.86 12.88 23.37
N GLY A 51 9.08 12.84 22.89
CA GLY A 51 10.22 12.72 23.76
C GLY A 51 10.58 11.26 24.00
N CYS A 52 11.73 11.05 24.61
CA CYS A 52 12.20 9.74 24.99
C CYS A 52 13.30 9.90 26.03
N GLY A 53 14.23 10.81 25.75
CA GLY A 53 15.32 11.08 26.64
C GLY A 53 15.77 12.49 26.54
N ASN A 54 14.81 13.40 26.44
CA ASN A 54 15.11 14.81 26.32
C ASN A 54 15.35 15.40 27.70
N ALA A 55 16.59 15.48 28.06
CA ALA A 55 16.98 16.03 29.33
C ALA A 55 17.84 17.24 29.07
N PHE A 56 17.16 18.40 28.96
CA PHE A 56 17.78 19.72 28.70
C PHE A 56 18.48 19.76 27.33
N GLY A 57 18.02 18.90 26.44
CA GLY A 57 18.60 18.81 25.13
C GLY A 57 18.35 17.45 24.57
N GLY A 58 18.63 17.26 23.31
CA GLY A 58 18.41 15.97 22.69
C GLY A 58 19.18 15.79 21.41
N ALA A 59 18.61 16.22 20.32
CA ALA A 59 19.22 16.02 19.02
C ALA A 59 20.11 17.17 18.62
N GLY A 60 21.03 16.90 17.72
CA GLY A 60 21.93 17.89 17.21
C GLY A 60 22.28 17.53 15.79
N ASP A 61 22.56 18.52 14.97
CA ASP A 61 22.81 18.28 13.54
C ASP A 61 24.32 18.19 13.27
N ASP A 62 25.07 18.01 14.32
CA ASP A 62 26.54 17.90 14.26
C ASP A 62 26.97 16.43 14.19
N GLU A 63 26.03 15.58 13.86
CA GLU A 63 26.26 14.17 13.79
C GLU A 63 25.53 13.64 12.59
N GLY A 64 26.06 12.62 11.97
CA GLY A 64 25.39 12.01 10.87
C GLY A 64 26.11 12.15 9.57
N ALA A 65 27.08 11.30 9.34
CA ALA A 65 27.79 11.26 8.06
C ALA A 65 26.83 10.73 7.02
N ASP A 66 26.13 9.69 7.39
CA ASP A 66 25.08 9.10 6.60
C ASP A 66 23.82 9.85 6.96
N ASP A 67 23.53 9.81 8.26
CA ASP A 67 22.41 10.48 8.91
C ASP A 67 22.48 10.13 10.37
N ALA A 68 21.82 10.89 11.21
CA ALA A 68 21.82 10.66 12.65
C ALA A 68 20.41 10.38 13.13
N THR A 69 19.62 9.88 12.26
CA THR A 69 18.22 9.69 12.52
C THR A 69 17.83 8.23 12.41
N GLN A 70 16.61 7.92 12.69
CA GLN A 70 16.06 6.62 12.44
C GLN A 70 15.28 6.73 11.17
N LYS A 71 15.66 6.02 10.15
CA LYS A 71 15.01 6.19 8.89
C LYS A 71 14.21 4.97 8.49
N GLU A 72 12.95 5.20 8.28
CA GLU A 72 12.02 4.16 7.89
C GLU A 72 11.22 4.61 6.70
N ASN A 73 10.48 3.70 6.12
CA ASN A 73 9.69 4.00 4.93
C ASN A 73 8.54 4.94 5.23
N ASN A 74 8.42 5.98 4.41
CA ASN A 74 7.34 7.00 4.51
C ASN A 74 5.94 6.40 4.46
N VAL A 75 5.80 5.24 3.86
CA VAL A 75 4.49 4.62 3.73
C VAL A 75 4.15 3.83 4.99
N SER A 76 5.14 3.17 5.59
CA SER A 76 4.90 2.43 6.80
C SER A 76 4.70 3.39 7.96
N GLY A 77 5.62 4.41 8.02
CA GLY A 77 5.58 5.54 8.94
C GLY A 77 4.98 5.25 10.29
N PRO A 78 5.75 4.70 11.26
CA PRO A 78 5.24 4.35 12.60
C PRO A 78 4.62 5.55 13.33
N SER A 79 5.14 6.72 13.05
CA SER A 79 4.68 7.95 13.66
C SER A 79 3.45 8.54 12.91
N SER A 80 3.04 7.90 11.83
CA SER A 80 1.99 8.43 10.99
C SER A 80 0.89 7.38 10.70
N PHE A 81 1.16 6.49 9.74
CA PHE A 81 0.20 5.48 9.32
C PHE A 81 0.23 4.29 10.25
N ALA A 82 1.44 3.94 10.69
CA ALA A 82 1.71 2.85 11.60
C ALA A 82 1.24 1.50 11.07
N TYR A 83 1.97 0.99 10.10
CA TYR A 83 1.69 -0.30 9.56
C TYR A 83 2.39 -1.35 10.38
N THR A 84 1.60 -2.13 11.07
CA THR A 84 2.07 -3.17 11.94
C THR A 84 2.06 -4.49 11.18
N ALA A 85 3.11 -5.26 11.31
CA ALA A 85 3.23 -6.53 10.62
C ALA A 85 2.54 -7.63 11.40
N MET A 86 1.99 -8.57 10.68
CA MET A 86 1.34 -9.74 11.22
C MET A 86 1.90 -10.97 10.51
N PRO A 87 2.10 -12.09 11.22
CA PRO A 87 2.65 -13.31 10.65
C PRO A 87 1.59 -14.21 10.01
N PHE A 88 2.03 -15.17 9.22
CA PHE A 88 1.14 -16.15 8.59
C PHE A 88 0.45 -16.97 9.67
N SER A 89 -0.84 -16.87 9.74
CA SER A 89 -1.58 -17.65 10.68
C SER A 89 -1.81 -19.05 10.12
N SER A 90 -1.76 -19.16 8.77
CA SER A 90 -1.98 -20.41 8.02
C SER A 90 -3.38 -21.00 8.36
N LYS A 91 -4.28 -20.10 8.70
CA LYS A 91 -5.61 -20.41 9.15
C LYS A 91 -6.57 -20.43 7.95
N GLY A 92 -7.61 -21.24 8.03
CA GLY A 92 -8.62 -21.33 6.97
C GLY A 92 -9.36 -20.02 6.79
N GLU A 93 -9.60 -19.36 7.91
CA GLU A 93 -10.24 -18.04 7.97
C GLU A 93 -9.39 -17.00 7.23
N PHE A 94 -8.08 -17.19 7.30
CA PHE A 94 -7.14 -16.29 6.65
C PHE A 94 -7.23 -16.47 5.13
N LYS A 95 -7.43 -17.72 4.71
CA LYS A 95 -7.57 -18.05 3.29
C LYS A 95 -8.91 -17.53 2.79
N SER A 96 -9.90 -17.52 3.69
CA SER A 96 -11.21 -16.98 3.40
C SER A 96 -11.10 -15.49 3.09
N TRP A 97 -10.21 -14.79 3.82
CA TRP A 97 -9.95 -13.38 3.57
C TRP A 97 -9.40 -13.20 2.17
N VAL A 98 -8.40 -14.01 1.84
CA VAL A 98 -7.72 -13.98 0.54
C VAL A 98 -8.72 -14.18 -0.61
N LYS A 99 -9.64 -15.11 -0.42
CA LYS A 99 -10.66 -15.39 -1.41
C LYS A 99 -11.71 -14.27 -1.49
N ASP A 100 -12.12 -13.74 -0.34
CA ASP A 100 -13.08 -12.63 -0.28
C ASP A 100 -12.49 -11.34 -0.82
N TYR A 101 -11.18 -11.23 -0.72
CA TYR A 101 -10.45 -10.12 -1.27
C TYR A 101 -10.65 -10.10 -2.77
N VAL A 102 -10.43 -11.25 -3.40
CA VAL A 102 -10.62 -11.42 -4.85
C VAL A 102 -12.09 -11.12 -5.24
N ARG A 103 -13.03 -11.54 -4.37
CA ARG A 103 -14.47 -11.28 -4.58
C ARG A 103 -14.75 -9.80 -4.68
N ASN A 104 -14.41 -9.06 -3.61
CA ASN A 104 -14.68 -7.61 -3.51
C ASN A 104 -13.98 -6.83 -4.59
N VAL A 105 -12.76 -7.25 -4.92
CA VAL A 105 -11.99 -6.65 -6.00
C VAL A 105 -12.73 -6.82 -7.33
N ARG A 106 -13.16 -8.04 -7.64
CA ARG A 106 -13.90 -8.31 -8.88
C ARG A 106 -15.23 -7.58 -8.95
N GLN A 107 -15.81 -7.26 -7.81
CA GLN A 107 -17.06 -6.52 -7.77
C GLN A 107 -16.80 -5.07 -8.13
N ALA A 108 -15.62 -4.59 -7.79
CA ALA A 108 -15.20 -3.23 -8.15
C ALA A 108 -14.90 -3.16 -9.64
N LEU A 109 -14.36 -4.26 -10.18
CA LEU A 109 -14.07 -4.38 -11.63
C LEU A 109 -15.33 -4.19 -12.47
N LYS A 110 -16.37 -4.95 -12.19
CA LYS A 110 -17.60 -4.84 -12.97
C LYS A 110 -18.48 -3.66 -12.52
N GLY A 111 -18.28 -3.22 -11.31
CA GLY A 111 -19.04 -2.12 -10.73
C GLY A 111 -18.46 -0.75 -11.04
N SER A 112 -17.36 -0.72 -11.75
CA SER A 112 -16.62 0.52 -12.00
C SER A 112 -17.34 1.48 -12.96
N GLY A 113 -18.24 0.95 -13.79
CA GLY A 113 -18.97 1.77 -14.73
C GLY A 113 -18.09 2.20 -15.90
N VAL A 114 -17.11 1.37 -16.19
CA VAL A 114 -16.20 1.59 -17.29
C VAL A 114 -16.75 0.85 -18.54
N ALA A 115 -16.39 1.32 -19.75
CA ALA A 115 -16.82 0.74 -21.04
C ALA A 115 -16.52 -0.76 -21.12
N VAL A 116 -17.36 -1.49 -21.84
CA VAL A 116 -17.30 -2.97 -21.94
C VAL A 116 -15.96 -3.46 -22.52
N GLU A 117 -15.46 -2.76 -23.52
CA GLU A 117 -14.19 -3.13 -24.17
C GLU A 117 -13.03 -2.96 -23.19
N ASP A 118 -13.16 -1.97 -22.35
CA ASP A 118 -12.20 -1.68 -21.31
C ASP A 118 -12.35 -2.68 -20.19
N ILE A 119 -13.58 -3.14 -19.95
CA ILE A 119 -13.86 -4.19 -18.97
C ILE A 119 -13.18 -5.51 -19.41
N LYS A 120 -13.06 -5.72 -20.71
CA LYS A 120 -12.33 -6.88 -21.24
C LYS A 120 -10.88 -6.82 -20.78
N LYS A 121 -10.29 -5.62 -20.89
CA LYS A 121 -8.90 -5.37 -20.47
C LYS A 121 -8.80 -5.49 -18.95
N PHE A 122 -9.81 -4.97 -18.29
CA PHE A 122 -9.91 -4.90 -16.83
C PHE A 122 -10.01 -6.34 -16.26
N MET A 123 -10.74 -7.20 -16.96
CA MET A 123 -10.87 -8.59 -16.55
C MET A 123 -9.63 -9.40 -16.91
N GLU A 124 -8.76 -8.85 -17.75
CA GLU A 124 -7.46 -9.47 -18.06
C GLU A 124 -6.52 -9.20 -16.89
N GLU A 125 -6.72 -8.06 -16.27
CA GLU A 125 -5.97 -7.65 -15.10
C GLU A 125 -6.31 -8.56 -13.91
N ALA A 126 -7.57 -9.02 -13.87
CA ALA A 126 -8.10 -9.87 -12.77
C ALA A 126 -7.24 -11.14 -12.45
N PRO A 127 -6.99 -12.09 -13.42
CA PRO A 127 -6.15 -13.26 -13.13
C PRO A 127 -4.72 -12.85 -12.84
N THR A 128 -4.31 -11.70 -13.41
CA THR A 128 -2.97 -11.17 -13.24
C THR A 128 -2.73 -10.77 -11.78
N PHE A 129 -3.78 -10.20 -11.14
CA PHE A 129 -3.74 -9.84 -9.71
C PHE A 129 -3.39 -11.07 -8.90
N VAL A 130 -4.24 -12.10 -9.06
CA VAL A 130 -4.12 -13.37 -8.35
C VAL A 130 -2.75 -14.01 -8.62
N LYS A 131 -2.39 -14.05 -9.88
CA LYS A 131 -1.14 -14.65 -10.39
C LYS A 131 0.06 -14.04 -9.65
N TRP A 132 0.16 -12.74 -9.66
CA TRP A 132 1.30 -12.05 -9.08
C TRP A 132 1.30 -12.15 -7.54
N LEU A 133 0.10 -12.10 -6.93
CA LEU A 133 -0.03 -12.22 -5.47
C LEU A 133 0.42 -13.61 -4.98
N VAL A 134 0.19 -14.64 -5.80
CA VAL A 134 0.60 -16.01 -5.45
C VAL A 134 2.14 -16.15 -5.39
N ASP A 135 2.83 -15.55 -6.34
CA ASP A 135 4.30 -15.67 -6.36
C ASP A 135 4.99 -14.81 -5.34
N LYS A 136 4.36 -13.72 -4.96
CA LYS A 136 4.94 -12.83 -3.94
C LYS A 136 4.58 -13.31 -2.54
N TYR A 137 3.57 -14.19 -2.45
CA TYR A 137 2.94 -14.64 -1.18
C TYR A 137 3.93 -15.08 -0.11
N ASP A 138 4.95 -15.80 -0.53
CA ASP A 138 5.99 -16.33 0.37
C ASP A 138 6.75 -15.20 1.08
N ASP A 139 6.94 -14.11 0.39
CA ASP A 139 7.71 -12.99 0.91
C ASP A 139 6.83 -11.92 1.51
N LEU A 140 5.53 -12.13 1.46
CA LEU A 140 4.60 -11.15 1.97
C LEU A 140 4.40 -11.30 3.46
N GLU A 141 4.55 -10.21 4.15
CA GLU A 141 4.14 -10.10 5.51
C GLU A 141 2.90 -9.26 5.46
N PHE A 142 1.99 -9.51 6.34
CA PHE A 142 0.72 -8.87 6.24
C PHE A 142 0.63 -7.72 7.20
N PHE A 143 0.52 -6.55 6.67
CA PHE A 143 0.50 -5.35 7.45
C PHE A 143 -0.88 -4.83 7.64
N MET A 144 -1.08 -4.19 8.73
CA MET A 144 -2.32 -3.54 9.07
C MET A 144 -1.98 -2.15 9.51
N SER A 145 -2.71 -1.18 9.06
CA SER A 145 -2.55 0.13 9.59
C SER A 145 -3.36 0.15 10.89
N LYS A 146 -3.05 1.05 11.79
CA LYS A 146 -3.73 1.08 13.08
C LYS A 146 -5.24 1.38 12.94
N SER A 147 -5.60 1.99 11.84
CA SER A 147 -6.97 2.33 11.55
C SER A 147 -7.73 1.20 10.82
N MET A 148 -7.07 0.11 10.49
CA MET A 148 -7.69 -0.97 9.76
C MET A 148 -7.84 -2.25 10.57
N ASN A 149 -8.38 -3.27 9.94
CA ASN A 149 -8.69 -4.55 10.57
C ASN A 149 -8.06 -5.67 9.75
N PRO A 150 -7.90 -6.89 10.31
CA PRO A 150 -7.35 -8.01 9.53
C PRO A 150 -8.34 -8.52 8.49
N ASP A 151 -9.62 -8.31 8.77
CA ASP A 151 -10.71 -8.71 7.89
C ASP A 151 -10.92 -7.69 6.81
N ALA A 152 -10.52 -6.47 7.07
CA ALA A 152 -10.73 -5.38 6.17
C ALA A 152 -9.60 -4.40 6.28
N GLY A 153 -8.78 -4.34 5.25
CA GLY A 153 -7.62 -3.49 5.33
C GLY A 153 -6.38 -4.24 5.74
N LEU A 154 -6.20 -5.41 5.16
CA LEU A 154 -5.00 -6.18 5.40
C LEU A 154 -4.10 -5.98 4.18
N ILE A 155 -2.95 -5.45 4.42
CA ILE A 155 -2.02 -5.04 3.40
C ILE A 155 -0.94 -6.10 3.16
N PHE A 156 -0.57 -6.29 1.92
CA PHE A 156 0.51 -7.19 1.54
C PHE A 156 1.80 -6.38 1.45
N SER A 157 2.89 -6.88 1.97
CA SER A 157 4.16 -6.18 1.80
C SER A 157 5.31 -7.18 1.79
N TYR A 158 6.28 -6.97 0.91
CA TYR A 158 7.48 -7.78 0.89
C TYR A 158 8.64 -6.84 0.96
N TYR A 159 9.84 -7.32 0.97
CA TYR A 159 10.97 -6.44 1.11
C TYR A 159 11.85 -6.50 -0.11
N LYS A 160 12.09 -5.35 -0.72
CA LYS A 160 13.08 -5.25 -1.80
C LYS A 160 14.44 -5.74 -1.33
N GLU A 161 15.20 -6.27 -2.23
CA GLU A 161 16.50 -6.79 -1.91
C GLU A 161 17.45 -5.65 -1.59
N GLY A 162 17.77 -5.53 -0.33
CA GLY A 162 18.60 -4.45 0.14
C GLY A 162 17.79 -3.41 0.90
N ALA A 163 16.49 -3.63 1.00
CA ALA A 163 15.62 -2.73 1.70
C ALA A 163 15.43 -3.19 3.13
N HIS A 164 15.53 -2.27 4.04
CA HIS A 164 15.37 -2.53 5.47
C HIS A 164 13.93 -2.23 5.86
N CYS A 165 13.28 -1.44 5.06
CA CYS A 165 11.93 -1.02 5.29
C CYS A 165 11.00 -1.80 4.37
N PRO A 166 9.72 -2.00 4.76
CA PRO A 166 8.75 -2.78 3.97
C PRO A 166 8.35 -2.12 2.64
N THR A 167 8.25 -2.94 1.62
CA THR A 167 7.85 -2.55 0.30
C THR A 167 6.40 -3.01 0.13
N PHE A 168 5.50 -2.07 0.04
CA PHE A 168 4.09 -2.37 0.07
C PHE A 168 3.53 -2.81 -1.27
N VAL A 169 2.62 -3.71 -1.20
CA VAL A 169 2.03 -4.36 -2.34
C VAL A 169 0.53 -4.06 -2.38
N TYR A 170 0.09 -3.47 -3.48
CA TYR A 170 -1.31 -3.14 -3.64
C TYR A 170 -1.77 -3.43 -5.05
N VAL A 171 -3.05 -3.50 -5.23
CA VAL A 171 -3.63 -3.70 -6.52
C VAL A 171 -4.09 -2.36 -7.08
N LYS A 172 -3.71 -2.03 -8.29
CA LYS A 172 -4.03 -0.71 -8.88
C LYS A 172 -5.48 -0.65 -9.29
N SER A 173 -5.87 -1.57 -10.10
CA SER A 173 -7.20 -1.58 -10.66
C SER A 173 -8.20 -2.31 -9.75
N GLY A 174 -7.70 -2.77 -8.61
CA GLY A 174 -8.55 -3.48 -7.69
C GLY A 174 -8.97 -2.62 -6.54
N TYR A 175 -8.31 -1.51 -6.40
CA TYR A 175 -8.61 -0.55 -5.37
C TYR A 175 -9.32 0.62 -5.98
N LYS A 176 -9.95 1.42 -5.17
CA LYS A 176 -10.65 2.53 -5.67
C LYS A 176 -9.80 3.77 -5.62
N VAL A 177 -9.42 4.22 -6.80
CA VAL A 177 -8.64 5.41 -6.97
C VAL A 177 -9.55 6.60 -6.75
N VAL A 178 -9.37 7.28 -5.66
CA VAL A 178 -10.18 8.40 -5.32
C VAL A 178 -9.33 9.64 -5.43
N LYS A 179 -9.70 10.53 -6.30
CA LYS A 179 -8.96 11.74 -6.44
C LYS A 179 -9.67 12.89 -5.77
N PHE A 180 -9.06 13.40 -4.74
CA PHE A 180 -9.57 14.54 -4.05
C PHE A 180 -8.91 15.77 -4.61
N LEU A 181 -9.69 16.60 -5.25
CA LEU A 181 -9.18 17.83 -5.82
C LEU A 181 -9.21 18.91 -4.76
N GLU A 182 -8.74 20.10 -5.11
CA GLU A 182 -8.71 21.23 -4.21
C GLU A 182 -10.17 21.62 -3.89
N HIS A 183 -10.51 21.60 -2.63
CA HIS A 183 -11.86 21.85 -2.24
C HIS A 183 -11.99 22.89 -1.14
N HIS A 184 -12.28 24.09 -1.55
CA HIS A 184 -12.64 25.17 -0.67
C HIS A 184 -14.06 25.52 -0.98
N HIS A 185 -14.93 25.27 -0.04
CA HIS A 185 -16.33 25.51 -0.26
C HIS A 185 -16.62 26.98 -0.03
N HIS A 186 -16.66 27.72 -1.10
CA HIS A 186 -16.88 29.13 -1.06
C HIS A 186 -17.94 29.53 -2.05
N HIS A 187 -17.82 29.04 -3.25
CA HIS A 187 -18.78 29.33 -4.28
C HIS A 187 -19.61 28.09 -4.59
N HIS A 188 -20.79 28.08 -4.05
CA HIS A 188 -21.75 27.04 -4.34
C HIS A 188 -23.09 27.60 -3.94
N MET A 1 -4.02 14.59 -6.73
CA MET A 1 -3.75 13.59 -5.73
C MET A 1 -4.56 12.35 -5.99
N ILE A 2 -3.93 11.36 -6.55
CA ILE A 2 -4.58 10.11 -6.78
C ILE A 2 -4.44 9.29 -5.50
N VAL A 3 -5.52 8.78 -5.00
CA VAL A 3 -5.49 8.01 -3.80
C VAL A 3 -6.09 6.63 -4.04
N TYR A 4 -5.44 5.63 -3.49
CA TYR A 4 -5.87 4.27 -3.62
C TYR A 4 -6.54 3.83 -2.33
N LYS A 5 -7.80 3.56 -2.41
CA LYS A 5 -8.57 3.14 -1.27
C LYS A 5 -8.86 1.64 -1.38
N ASP A 6 -8.72 0.94 -0.27
CA ASP A 6 -8.99 -0.50 -0.19
C ASP A 6 -10.47 -0.78 -0.42
N VAL A 7 -10.76 -1.89 -1.06
CA VAL A 7 -12.13 -2.24 -1.43
C VAL A 7 -12.99 -2.61 -0.23
N ILE A 8 -12.39 -3.22 0.76
CA ILE A 8 -13.16 -3.74 1.87
C ILE A 8 -13.38 -2.65 2.92
N SER A 9 -12.32 -1.97 3.29
CA SER A 9 -12.37 -0.94 4.30
C SER A 9 -12.79 0.42 3.74
N GLY A 10 -12.23 0.75 2.60
CA GLY A 10 -12.41 2.07 2.06
C GLY A 10 -11.28 2.98 2.49
N ASP A 11 -10.35 2.42 3.26
CA ASP A 11 -9.23 3.18 3.77
C ASP A 11 -8.17 3.38 2.74
N GLU A 12 -7.47 4.46 2.89
CA GLU A 12 -6.45 4.86 1.95
C GLU A 12 -5.18 4.11 2.25
N VAL A 13 -4.75 3.33 1.28
CA VAL A 13 -3.57 2.49 1.43
C VAL A 13 -2.29 3.24 1.06
N VAL A 14 -2.45 4.28 0.23
CA VAL A 14 -1.35 5.09 -0.25
C VAL A 14 -1.96 6.17 -1.16
N SER A 15 -1.20 7.22 -1.42
CA SER A 15 -1.62 8.24 -2.33
C SER A 15 -0.42 8.68 -3.15
N ASP A 16 -0.68 9.43 -4.22
CA ASP A 16 0.35 9.98 -5.13
C ASP A 16 1.34 10.91 -4.40
N ALA A 17 0.94 11.39 -3.23
CA ALA A 17 1.78 12.24 -2.40
C ALA A 17 2.88 11.42 -1.71
N LEU A 18 2.69 10.12 -1.68
CA LEU A 18 3.64 9.20 -1.11
C LEU A 18 4.45 8.57 -2.26
N LYS A 19 5.28 7.58 -1.96
CA LYS A 19 6.16 6.99 -2.97
C LYS A 19 5.46 5.79 -3.61
N ILE A 20 5.01 5.95 -4.85
CA ILE A 20 4.33 4.88 -5.57
C ILE A 20 5.12 4.51 -6.82
N THR A 21 5.42 3.26 -6.96
CA THR A 21 6.05 2.75 -8.15
C THR A 21 5.11 1.68 -8.76
N PRO A 22 5.14 1.45 -10.07
CA PRO A 22 4.32 0.37 -10.67
C PRO A 22 4.97 -0.99 -10.41
N VAL A 23 4.26 -2.06 -10.64
CA VAL A 23 4.86 -3.38 -10.52
C VAL A 23 5.62 -3.69 -11.77
N MET A 24 6.90 -3.83 -11.62
CA MET A 24 7.77 -4.14 -12.71
C MET A 24 8.52 -5.39 -12.40
N GLU A 25 8.17 -6.43 -13.11
CA GLU A 25 8.74 -7.73 -12.93
C GLU A 25 9.33 -8.18 -14.26
N GLY A 26 10.62 -8.14 -14.39
CA GLY A 26 11.27 -8.60 -15.60
C GLY A 26 11.41 -7.50 -16.63
N GLY A 27 11.46 -6.27 -16.19
CA GLY A 27 11.66 -5.15 -17.09
C GLY A 27 10.36 -4.53 -17.56
N GLU A 28 9.32 -5.34 -17.64
CA GLU A 28 8.02 -4.88 -18.07
C GLU A 28 7.13 -4.70 -16.86
N GLU A 29 6.01 -4.04 -17.04
CA GLU A 29 5.09 -3.86 -15.96
C GLU A 29 4.15 -5.04 -15.90
N VAL A 30 3.63 -5.29 -14.75
CA VAL A 30 2.61 -6.25 -14.58
C VAL A 30 1.31 -5.43 -14.47
N PRO A 31 0.41 -5.59 -15.44
CA PRO A 31 -0.78 -4.74 -15.58
C PRO A 31 -1.74 -4.78 -14.39
N GLY A 32 -2.04 -3.61 -13.90
CA GLY A 32 -3.02 -3.45 -12.87
C GLY A 32 -2.48 -3.56 -11.47
N LEU A 33 -1.18 -3.47 -11.31
CA LEU A 33 -0.56 -3.64 -10.02
C LEU A 33 0.50 -2.57 -9.76
N PHE A 34 0.69 -2.20 -8.51
CA PHE A 34 1.72 -1.25 -8.15
C PHE A 34 2.46 -1.71 -6.89
N GLU A 35 3.67 -1.32 -6.77
CA GLU A 35 4.53 -1.72 -5.69
C GLU A 35 4.94 -0.47 -4.94
N VAL A 36 5.10 -0.54 -3.68
CA VAL A 36 5.47 0.63 -2.96
C VAL A 36 6.87 0.49 -2.44
N ASP A 37 7.73 1.32 -2.95
CA ASP A 37 9.11 1.38 -2.56
C ASP A 37 9.21 2.33 -1.38
N SER A 38 10.26 2.23 -0.63
CA SER A 38 10.38 2.97 0.58
C SER A 38 11.21 4.23 0.38
N ALA A 39 10.80 5.28 1.03
CA ALA A 39 11.54 6.51 1.05
C ALA A 39 11.42 7.07 2.43
N MET A 40 12.54 7.30 3.06
CA MET A 40 12.56 7.81 4.41
C MET A 40 12.48 9.30 4.42
N VAL A 41 11.68 9.81 5.30
CA VAL A 41 11.55 11.22 5.51
C VAL A 41 11.84 11.51 6.97
N ALA A 42 11.98 12.77 7.31
CA ALA A 42 12.25 13.14 8.67
C ALA A 42 10.95 13.31 9.42
N VAL A 43 10.74 12.46 10.37
CA VAL A 43 9.55 12.44 11.18
C VAL A 43 9.89 13.04 12.55
N GLY A 44 8.96 13.75 13.14
CA GLY A 44 9.16 14.33 14.42
C GLY A 44 8.24 15.51 14.63
N GLY A 45 8.29 16.43 13.70
CA GLY A 45 7.46 17.60 13.75
C GLY A 45 8.04 18.64 14.65
N GLY A 46 7.69 18.57 15.90
CA GLY A 46 8.17 19.48 16.89
C GLY A 46 8.06 18.86 18.24
N ASP A 47 8.87 19.31 19.16
CA ASP A 47 8.86 18.77 20.52
C ASP A 47 7.80 19.45 21.35
N ILE A 48 7.44 20.68 20.94
CA ILE A 48 6.44 21.51 21.63
C ILE A 48 6.94 21.76 23.08
N ASP A 49 8.19 22.23 23.13
CA ASP A 49 8.95 22.47 24.36
C ASP A 49 9.34 21.17 25.04
N ILE A 50 8.42 20.65 25.86
CA ILE A 50 8.62 19.49 26.73
C ILE A 50 10.02 19.50 27.35
N GLY A 51 10.29 20.59 28.05
CA GLY A 51 11.55 20.77 28.72
C GLY A 51 11.56 20.03 30.02
N CYS A 52 11.63 18.74 29.94
CA CYS A 52 11.58 17.89 31.09
C CYS A 52 12.94 17.25 31.33
N GLY A 53 13.55 17.63 32.42
CA GLY A 53 14.80 17.03 32.82
C GLY A 53 14.53 15.72 33.50
N ASN A 54 14.56 14.66 32.74
CA ASN A 54 14.20 13.32 33.19
C ASN A 54 15.12 12.81 34.29
N ALA A 55 14.59 11.96 35.12
CA ALA A 55 15.32 11.37 36.20
C ALA A 55 15.21 9.86 36.11
N PHE A 56 16.37 9.20 36.11
CA PHE A 56 16.53 7.73 36.07
C PHE A 56 16.00 7.08 34.78
N GLY A 57 14.71 6.99 34.66
CA GLY A 57 14.09 6.38 33.51
C GLY A 57 12.60 6.55 33.58
N GLY A 58 11.90 6.28 32.51
CA GLY A 58 10.47 6.41 32.52
C GLY A 58 9.89 6.62 31.14
N ALA A 59 8.91 7.48 31.05
CA ALA A 59 8.24 7.77 29.82
C ALA A 59 8.77 9.05 29.22
N GLY A 60 9.54 8.91 28.18
CA GLY A 60 10.09 10.03 27.48
C GLY A 60 9.89 9.90 26.01
N ASP A 61 8.85 9.13 25.62
CA ASP A 61 8.46 8.84 24.22
C ASP A 61 9.46 7.97 23.46
N ASP A 62 8.93 7.13 22.60
CA ASP A 62 9.76 6.35 21.69
C ASP A 62 10.08 7.19 20.49
N GLU A 63 9.19 8.13 20.24
CA GLU A 63 9.36 9.10 19.19
C GLU A 63 10.28 10.19 19.73
N GLY A 64 11.53 10.13 19.38
CA GLY A 64 12.45 11.09 19.89
C GLY A 64 13.56 11.36 18.92
N ALA A 65 14.25 12.45 19.14
CA ALA A 65 15.38 12.86 18.32
C ALA A 65 16.68 12.24 18.85
N ASP A 66 16.53 11.10 19.54
CA ASP A 66 17.63 10.34 20.17
C ASP A 66 18.69 9.94 19.14
N ASP A 67 18.23 9.64 17.93
CA ASP A 67 19.10 9.37 16.78
C ASP A 67 19.75 10.69 16.36
N ALA A 68 18.88 11.58 15.91
CA ALA A 68 19.17 12.94 15.46
C ALA A 68 17.85 13.49 15.01
N THR A 69 17.20 12.72 14.16
CA THR A 69 15.88 12.97 13.67
C THR A 69 15.34 11.57 13.33
N GLN A 70 14.05 11.38 13.28
CA GLN A 70 13.52 10.05 13.00
C GLN A 70 13.40 9.87 11.51
N LYS A 71 14.09 8.92 10.96
CA LYS A 71 13.90 8.61 9.57
C LYS A 71 13.22 7.29 9.40
N GLU A 72 12.10 7.32 8.75
CA GLU A 72 11.31 6.15 8.51
C GLU A 72 10.59 6.42 7.20
N ASN A 73 10.08 5.39 6.58
CA ASN A 73 9.39 5.49 5.30
C ASN A 73 8.14 6.34 5.43
N ASN A 74 8.00 7.31 4.53
CA ASN A 74 6.84 8.22 4.48
C ASN A 74 5.49 7.50 4.32
N VAL A 75 5.51 6.31 3.76
CA VAL A 75 4.28 5.55 3.53
C VAL A 75 3.82 4.90 4.84
N SER A 76 4.76 4.48 5.65
CA SER A 76 4.45 3.86 6.90
C SER A 76 4.23 4.90 7.98
N GLY A 77 5.19 5.83 8.12
CA GLY A 77 5.12 6.99 9.05
C GLY A 77 4.49 6.68 10.40
N PRO A 78 5.26 6.20 11.40
CA PRO A 78 4.73 5.78 12.73
C PRO A 78 3.82 6.81 13.42
N SER A 79 4.14 8.08 13.25
CA SER A 79 3.38 9.14 13.88
C SER A 79 2.12 9.53 13.04
N SER A 80 1.99 8.95 11.85
CA SER A 80 0.90 9.32 10.97
C SER A 80 0.02 8.12 10.58
N PHE A 81 0.57 7.18 9.82
CA PHE A 81 -0.19 6.04 9.34
C PHE A 81 -0.07 4.86 10.31
N ALA A 82 1.17 4.61 10.77
CA ALA A 82 1.51 3.56 11.77
C ALA A 82 1.17 2.13 11.31
N TYR A 83 2.17 1.44 10.85
CA TYR A 83 1.99 0.11 10.30
C TYR A 83 2.24 -0.98 11.32
N THR A 84 1.17 -1.64 11.68
CA THR A 84 1.17 -2.74 12.62
C THR A 84 1.35 -4.04 11.82
N ALA A 85 2.17 -4.94 12.31
CA ALA A 85 2.47 -6.17 11.60
C ALA A 85 1.63 -7.35 12.10
N MET A 86 1.27 -8.23 11.17
CA MET A 86 0.56 -9.46 11.45
C MET A 86 1.16 -10.59 10.61
N PRO A 87 1.57 -11.68 11.23
CA PRO A 87 2.12 -12.82 10.51
C PRO A 87 1.03 -13.78 9.99
N PHE A 88 1.16 -14.17 8.74
CA PHE A 88 0.31 -15.18 8.14
C PHE A 88 1.19 -16.01 7.25
N SER A 89 1.35 -17.26 7.57
CA SER A 89 2.16 -18.14 6.78
C SER A 89 1.30 -19.03 5.88
N SER A 90 0.47 -19.84 6.48
CA SER A 90 -0.40 -20.74 5.75
C SER A 90 -1.81 -20.72 6.34
N LYS A 91 -2.14 -19.58 6.96
CA LYS A 91 -3.42 -19.35 7.62
C LYS A 91 -4.63 -19.57 6.73
N GLY A 92 -5.52 -20.41 7.21
CA GLY A 92 -6.77 -20.69 6.53
C GLY A 92 -7.66 -19.48 6.58
N GLU A 93 -7.56 -18.73 7.69
CA GLU A 93 -8.24 -17.46 7.86
C GLU A 93 -7.88 -16.53 6.71
N PHE A 94 -6.60 -16.50 6.38
CA PHE A 94 -6.10 -15.64 5.33
C PHE A 94 -6.55 -16.13 3.97
N LYS A 95 -6.56 -17.44 3.77
CA LYS A 95 -6.97 -18.00 2.49
C LYS A 95 -8.44 -17.76 2.22
N SER A 96 -9.22 -17.79 3.28
CA SER A 96 -10.63 -17.49 3.19
C SER A 96 -10.82 -15.99 2.90
N TRP A 97 -9.96 -15.17 3.50
CA TRP A 97 -9.93 -13.74 3.26
C TRP A 97 -9.64 -13.46 1.79
N VAL A 98 -8.68 -14.21 1.20
CA VAL A 98 -8.31 -14.10 -0.22
C VAL A 98 -9.53 -14.31 -1.11
N LYS A 99 -10.31 -15.34 -0.80
CA LYS A 99 -11.54 -15.66 -1.54
C LYS A 99 -12.47 -14.46 -1.55
N ASP A 100 -12.80 -14.00 -0.35
CA ASP A 100 -13.69 -12.85 -0.14
C ASP A 100 -13.15 -11.59 -0.76
N TYR A 101 -11.84 -11.40 -0.65
CA TYR A 101 -11.18 -10.22 -1.16
C TYR A 101 -11.30 -10.18 -2.66
N VAL A 102 -10.84 -11.24 -3.34
CA VAL A 102 -10.91 -11.34 -4.80
C VAL A 102 -12.35 -11.20 -5.30
N ARG A 103 -13.30 -11.83 -4.61
CA ARG A 103 -14.72 -11.74 -4.96
C ARG A 103 -15.23 -10.30 -4.90
N ASN A 104 -14.97 -9.61 -3.80
CA ASN A 104 -15.40 -8.20 -3.65
C ASN A 104 -14.70 -7.29 -4.63
N VAL A 105 -13.45 -7.61 -4.96
CA VAL A 105 -12.71 -6.87 -5.97
C VAL A 105 -13.36 -7.07 -7.35
N ARG A 106 -13.84 -8.28 -7.63
CA ARG A 106 -14.56 -8.58 -8.89
C ARG A 106 -15.81 -7.70 -9.03
N GLN A 107 -16.56 -7.52 -7.94
CA GLN A 107 -17.72 -6.64 -7.94
C GLN A 107 -17.30 -5.17 -8.07
N ALA A 108 -16.11 -4.86 -7.59
CA ALA A 108 -15.56 -3.51 -7.68
C ALA A 108 -15.27 -3.15 -9.13
N LEU A 109 -14.66 -4.11 -9.84
CA LEU A 109 -14.33 -3.98 -11.28
C LEU A 109 -15.53 -3.57 -12.12
N LYS A 110 -16.62 -4.30 -12.00
CA LYS A 110 -17.80 -4.00 -12.82
C LYS A 110 -18.66 -2.87 -12.20
N GLY A 111 -18.49 -2.66 -10.91
CA GLY A 111 -19.27 -1.67 -10.19
C GLY A 111 -18.72 -0.27 -10.32
N SER A 112 -17.63 -0.14 -11.03
CA SER A 112 -16.94 1.13 -11.21
C SER A 112 -17.67 2.03 -12.23
N GLY A 113 -18.56 1.41 -13.02
CA GLY A 113 -19.28 2.14 -14.04
C GLY A 113 -18.41 2.40 -15.27
N VAL A 114 -17.39 1.60 -15.42
CA VAL A 114 -16.47 1.69 -16.54
C VAL A 114 -17.08 0.99 -17.79
N ALA A 115 -16.74 1.49 -18.98
CA ALA A 115 -17.28 1.00 -20.25
C ALA A 115 -16.91 -0.46 -20.51
N VAL A 116 -17.77 -1.17 -21.23
CA VAL A 116 -17.64 -2.62 -21.51
C VAL A 116 -16.26 -3.01 -22.10
N GLU A 117 -15.80 -2.24 -23.07
CA GLU A 117 -14.50 -2.50 -23.73
C GLU A 117 -13.34 -2.32 -22.73
N ASP A 118 -13.50 -1.39 -21.82
CA ASP A 118 -12.50 -1.16 -20.81
C ASP A 118 -12.56 -2.23 -19.76
N ILE A 119 -13.78 -2.71 -19.48
CA ILE A 119 -14.01 -3.82 -18.54
C ILE A 119 -13.30 -5.08 -19.04
N LYS A 120 -13.27 -5.28 -20.35
CA LYS A 120 -12.56 -6.42 -20.96
C LYS A 120 -11.08 -6.38 -20.59
N LYS A 121 -10.49 -5.20 -20.77
CA LYS A 121 -9.08 -4.98 -20.48
C LYS A 121 -8.82 -5.03 -18.97
N PHE A 122 -9.79 -4.56 -18.22
CA PHE A 122 -9.77 -4.52 -16.77
C PHE A 122 -9.78 -5.97 -16.21
N MET A 123 -10.48 -6.85 -16.93
CA MET A 123 -10.55 -8.25 -16.58
C MET A 123 -9.33 -9.03 -17.02
N GLU A 124 -8.52 -8.41 -17.88
CA GLU A 124 -7.22 -8.98 -18.23
C GLU A 124 -6.26 -8.79 -17.08
N GLU A 125 -6.44 -7.67 -16.39
CA GLU A 125 -5.66 -7.32 -15.23
C GLU A 125 -6.04 -8.23 -14.04
N ALA A 126 -7.32 -8.61 -13.97
CA ALA A 126 -7.91 -9.39 -12.85
C ALA A 126 -7.14 -10.70 -12.45
N PRO A 127 -6.92 -11.70 -13.37
CA PRO A 127 -6.19 -12.92 -13.01
C PRO A 127 -4.71 -12.63 -12.78
N THR A 128 -4.24 -11.56 -13.36
CA THR A 128 -2.88 -11.13 -13.26
C THR A 128 -2.60 -10.66 -11.80
N PHE A 129 -3.63 -10.06 -11.17
CA PHE A 129 -3.54 -9.65 -9.75
C PHE A 129 -3.30 -10.88 -8.92
N VAL A 130 -4.19 -11.86 -9.12
CA VAL A 130 -4.22 -13.11 -8.36
C VAL A 130 -2.88 -13.85 -8.44
N LYS A 131 -2.40 -14.09 -9.65
CA LYS A 131 -1.14 -14.83 -9.84
C LYS A 131 0.07 -14.15 -9.20
N TRP A 132 0.14 -12.84 -9.32
CA TRP A 132 1.27 -12.11 -8.77
C TRP A 132 1.25 -12.12 -7.23
N LEU A 133 0.04 -12.09 -6.66
CA LEU A 133 -0.14 -12.19 -5.21
C LEU A 133 0.37 -13.56 -4.73
N VAL A 134 0.10 -14.60 -5.52
CA VAL A 134 0.54 -15.97 -5.22
C VAL A 134 2.08 -16.06 -5.28
N ASP A 135 2.67 -15.48 -6.30
CA ASP A 135 4.14 -15.48 -6.47
C ASP A 135 4.86 -14.81 -5.31
N LYS A 136 4.42 -13.63 -4.96
CA LYS A 136 5.07 -12.86 -3.89
C LYS A 136 4.73 -13.39 -2.50
N TYR A 137 3.68 -14.23 -2.40
CA TYR A 137 3.13 -14.74 -1.12
C TYR A 137 4.18 -15.37 -0.19
N ASP A 138 5.19 -16.01 -0.77
CA ASP A 138 6.23 -16.67 0.01
C ASP A 138 7.14 -15.69 0.72
N ASP A 139 7.07 -14.44 0.34
CA ASP A 139 7.85 -13.38 0.96
C ASP A 139 6.95 -12.38 1.67
N LEU A 140 5.64 -12.54 1.53
CA LEU A 140 4.70 -11.57 2.05
C LEU A 140 4.39 -11.75 3.51
N GLU A 141 4.51 -10.66 4.20
CA GLU A 141 4.10 -10.50 5.55
C GLU A 141 2.97 -9.49 5.49
N PHE A 142 2.23 -9.32 6.53
CA PHE A 142 1.06 -8.51 6.42
C PHE A 142 1.02 -7.40 7.43
N PHE A 143 0.48 -6.29 7.03
CA PHE A 143 0.40 -5.11 7.84
C PHE A 143 -0.99 -4.52 7.86
N MET A 144 -1.16 -3.59 8.75
CA MET A 144 -2.38 -2.82 8.92
C MET A 144 -1.95 -1.44 9.28
N SER A 145 -2.63 -0.44 8.81
CA SER A 145 -2.35 0.88 9.31
C SER A 145 -3.24 1.10 10.53
N LYS A 146 -3.04 2.20 11.22
CA LYS A 146 -3.75 2.55 12.45
C LYS A 146 -5.29 2.53 12.27
N SER A 147 -5.77 3.00 11.15
CA SER A 147 -7.20 3.05 10.90
C SER A 147 -7.77 1.75 10.25
N MET A 148 -6.90 0.79 9.94
CA MET A 148 -7.33 -0.42 9.22
C MET A 148 -7.65 -1.59 10.15
N ASN A 149 -8.06 -2.70 9.54
CA ASN A 149 -8.49 -3.90 10.24
C ASN A 149 -7.92 -5.11 9.51
N PRO A 150 -7.82 -6.31 10.15
CA PRO A 150 -7.36 -7.52 9.46
C PRO A 150 -8.35 -7.98 8.35
N ASP A 151 -9.63 -7.73 8.58
CA ASP A 151 -10.68 -8.07 7.60
C ASP A 151 -10.72 -7.07 6.49
N ALA A 152 -10.53 -5.83 6.85
CA ALA A 152 -10.68 -4.74 5.95
C ALA A 152 -9.44 -3.89 5.92
N GLY A 153 -8.69 -3.95 4.84
CA GLY A 153 -7.46 -3.21 4.77
C GLY A 153 -6.24 -4.00 5.26
N LEU A 154 -6.16 -5.27 4.88
CA LEU A 154 -5.01 -6.06 5.24
C LEU A 154 -3.97 -5.89 4.15
N ILE A 155 -2.89 -5.30 4.53
CA ILE A 155 -1.83 -4.89 3.64
C ILE A 155 -0.83 -6.01 3.41
N PHE A 156 -0.53 -6.26 2.16
CA PHE A 156 0.49 -7.23 1.75
C PHE A 156 1.85 -6.48 1.75
N SER A 157 2.90 -7.05 2.29
CA SER A 157 4.22 -6.39 2.27
C SER A 157 5.36 -7.42 2.23
N TYR A 158 6.54 -6.99 1.78
CA TYR A 158 7.75 -7.83 1.80
C TYR A 158 8.94 -6.92 1.76
N TYR A 159 10.14 -7.44 1.80
CA TYR A 159 11.32 -6.61 1.70
C TYR A 159 12.08 -6.96 0.45
N LYS A 160 12.09 -6.05 -0.49
CA LYS A 160 12.88 -6.24 -1.69
C LYS A 160 14.18 -5.47 -1.51
N GLU A 161 15.15 -5.76 -2.33
CA GLU A 161 16.39 -5.04 -2.28
C GLU A 161 16.22 -3.61 -2.78
N GLY A 162 16.90 -2.71 -2.13
CA GLY A 162 16.79 -1.31 -2.47
C GLY A 162 15.86 -0.59 -1.52
N ALA A 163 15.00 -1.35 -0.87
CA ALA A 163 14.03 -0.81 0.05
C ALA A 163 14.57 -0.93 1.45
N HIS A 164 14.58 0.17 2.17
CA HIS A 164 15.07 0.18 3.56
C HIS A 164 13.97 -0.17 4.53
N CYS A 165 12.76 -0.10 4.06
CA CYS A 165 11.60 -0.34 4.89
C CYS A 165 10.73 -1.40 4.17
N PRO A 166 9.57 -1.84 4.74
CA PRO A 166 8.69 -2.79 4.07
C PRO A 166 8.18 -2.25 2.72
N THR A 167 8.30 -3.08 1.73
CA THR A 167 7.83 -2.82 0.40
C THR A 167 6.38 -3.24 0.38
N PHE A 168 5.49 -2.29 0.21
CA PHE A 168 4.08 -2.58 0.29
C PHE A 168 3.55 -3.04 -1.05
N VAL A 169 2.70 -4.00 -0.99
CA VAL A 169 2.14 -4.64 -2.15
C VAL A 169 0.66 -4.35 -2.21
N TYR A 170 0.23 -3.71 -3.28
CA TYR A 170 -1.15 -3.38 -3.45
C TYR A 170 -1.57 -3.61 -4.88
N VAL A 171 -2.84 -3.79 -5.07
CA VAL A 171 -3.40 -3.97 -6.39
C VAL A 171 -3.82 -2.58 -6.91
N LYS A 172 -3.39 -2.20 -8.11
CA LYS A 172 -3.66 -0.86 -8.62
C LYS A 172 -5.10 -0.71 -9.08
N SER A 173 -5.48 -1.54 -10.01
CA SER A 173 -6.76 -1.40 -10.67
C SER A 173 -7.89 -2.05 -9.89
N GLY A 174 -7.53 -2.88 -8.94
CA GLY A 174 -8.51 -3.62 -8.18
C GLY A 174 -9.04 -2.83 -7.00
N TYR A 175 -8.38 -1.74 -6.67
CA TYR A 175 -8.76 -0.92 -5.52
C TYR A 175 -9.58 0.24 -6.00
N LYS A 176 -10.12 0.98 -5.07
CA LYS A 176 -10.90 2.13 -5.42
C LYS A 176 -9.99 3.30 -5.61
N VAL A 177 -9.72 3.56 -6.85
CA VAL A 177 -8.85 4.63 -7.25
C VAL A 177 -9.68 5.88 -7.35
N VAL A 178 -9.39 6.85 -6.54
CA VAL A 178 -10.13 8.08 -6.55
C VAL A 178 -9.15 9.22 -6.75
N LYS A 179 -9.49 10.15 -7.60
CA LYS A 179 -8.61 11.26 -7.89
C LYS A 179 -9.15 12.53 -7.25
N PHE A 180 -8.40 13.10 -6.35
CA PHE A 180 -8.76 14.34 -5.70
C PHE A 180 -7.79 15.43 -6.05
N LEU A 181 -8.18 16.65 -5.85
CA LEU A 181 -7.30 17.76 -6.03
C LEU A 181 -6.98 18.37 -4.68
N GLU A 182 -5.76 18.29 -4.28
CA GLU A 182 -5.36 18.79 -2.99
C GLU A 182 -4.95 20.22 -3.19
N HIS A 183 -5.62 21.13 -2.53
CA HIS A 183 -5.35 22.52 -2.75
C HIS A 183 -5.09 23.24 -1.42
N HIS A 184 -4.90 22.48 -0.35
CA HIS A 184 -4.68 23.09 0.97
C HIS A 184 -3.19 23.34 1.18
N HIS A 185 -2.79 24.60 1.07
CA HIS A 185 -1.38 25.06 1.24
C HIS A 185 -0.44 24.40 0.25
N HIS A 186 -0.45 24.87 -0.97
CA HIS A 186 0.45 24.38 -2.01
C HIS A 186 0.71 25.53 -2.93
N HIS A 187 1.94 25.96 -3.01
CA HIS A 187 2.29 27.06 -3.90
C HIS A 187 2.35 26.55 -5.32
N HIS A 188 1.26 26.69 -6.02
CA HIS A 188 1.19 26.26 -7.38
C HIS A 188 1.40 27.47 -8.27
#